data_9K75
#
_entry.id   9K75
#
_cell.length_a   1.00
_cell.length_b   1.00
_cell.length_c   1.00
_cell.angle_alpha   90.00
_cell.angle_beta   90.00
_cell.angle_gamma   90.00
#
_symmetry.space_group_name_H-M   'P 1'
#
loop_
_entity.id
_entity.type
_entity.pdbx_description
1 polymer 'Spike glycoprotein'
2 non-polymer 2-acetamido-2-deoxy-beta-D-glucopyranose
#
_entity_poly.entity_id   1
_entity_poly.type   'polypeptide(L)'
_entity_poly.pdbx_seq_one_letter_code
;MLFFFFLCFASVNSQCVNLTGRATIQPSFTNSSHRGVYYPDTIFRSNSLVLSQGYFLPFYSNISWYYALTKTNGAEKRVD
NPILDFKDGIYFAATEKSNIVRGWIFGTTLDNTSQSLLIVNNATNVIIKVCNFQFCYDPYLSGYFHNNKTWSTREFAVYS
SYANCTFEYVSKPFMLDISGKSGLFDTLREFVFRNVDGYFKIYSKYSPVNVNSNLPTGFSALEPLVELPAGINITRFRTL
LTIHRGDPMPNNGWTVFSAAYYVGYLAPRTFMLKYNENGTITDAVDCSLDPLSEAKCTLKSFTVEKGIYQTSNFRVQPTD
SIVRFPNITNLCPFGEVFNATTFASVYAWNRKRISNCVADYSVLYNSTSFSTFKCYGVSPTKLNDLCFTNVYADSFVVRG
DEVRQIAPGQTGKIADYNYKLPDDFTGCVIAWNSNNLDSKVGGNYNYLYRLFRKSNLKPFERDISTEIYQAGSTPCNGVE
GFNCYFPLQSYGFHPTNGVGYQPYRVVVLSFELLNAPATVCGPKKSTNLIKNKCVNFNFNGLTGTGVLTESNKKFLPFQQ
FGRDIADTTDAVRDPQTLEILDITPCSFGGVSVITPGTNASNQVAVLYQDVNCTEVPVAIHADQLTPTWRVYSTGSNVFQ
TRAGCLIGAEHVNNSYECDIPIGAGICASYQTQTNSRSVASQSIIAYTMSLGAQNSVAYSNNSIAIPTNFTISVTTEILP
VSMTKTSVDCTMYICGDSTECSNLLLQYGSFCTQLNRALTGIAVEQDKNTQEVFAQVKQIYKTPQIKDFGGFNFSQILPD
PSKPSKRSFIEDLLFNKVTLADAGFIKQYGDCLGDIAARDLICAQKFNGLTVLPPLLTDEMIAQYTSALLAGTITSGWTF
GAGAALQIPFAMQMAYRFNGIGVTQNVLYENQKLIANQFNSAIGKIQDSLSSTASALGKLQDVVNQNAQALNTLVKQLSS
NFGAISSVLNDILSRLDPPEAEVQIDRLITGRLQSLQTYVTQQLIRAAEIRASANLAATKMSECVLGQSKRVDFCGKGYH
LMSFPQSAPHGVVFLHVTYVPAQEKNFTTAPAICHDGKAHFPREGVFVSNGTHWFVTQRNFYEPQIITTDNTFVSGNCDV
VIGIVNNTVYDPLQPELDSFKEELDKYFKNHTSPDVDLGDISGINASVVNIQKEIDRLNEVAKNLNESLIDLQELGKYEQ
YIKGSGSGYIPEAPRDGQAYVRKDGEWVLLSTFLGHHHHHHHH
;
_entity_poly.pdbx_strand_id   A,B,C
#
# COMPACT_ATOMS: atom_id res chain seq x y z
N GLN A 15 25.70 -66.35 10.21
CA GLN A 15 24.86 -67.53 10.25
C GLN A 15 23.43 -67.17 10.66
N CYS A 16 22.47 -67.98 10.22
CA CYS A 16 21.05 -67.72 10.50
C CYS A 16 20.68 -68.55 11.73
N VAL A 17 20.85 -67.96 12.91
CA VAL A 17 20.68 -68.66 14.17
C VAL A 17 19.79 -67.84 15.08
N ASN A 18 18.73 -68.45 15.61
CA ASN A 18 17.87 -67.80 16.58
C ASN A 18 18.55 -67.73 17.95
N LEU A 19 18.14 -66.76 18.75
CA LEU A 19 18.66 -66.60 20.10
C LEU A 19 17.67 -67.17 21.12
N THR A 20 18.22 -67.74 22.18
CA THR A 20 17.42 -68.38 23.21
C THR A 20 17.76 -67.82 24.58
N GLY A 21 16.74 -67.71 25.43
CA GLY A 21 16.93 -67.21 26.78
C GLY A 21 16.60 -65.75 27.00
N ARG A 22 15.92 -65.10 26.06
CA ARG A 22 15.53 -63.71 26.23
C ARG A 22 14.16 -63.63 26.90
N ALA A 23 14.00 -62.62 27.77
CA ALA A 23 12.79 -62.50 28.59
C ALA A 23 11.79 -61.54 27.95
N THR A 24 11.40 -61.86 26.71
CA THR A 24 10.32 -61.18 25.99
C THR A 24 10.66 -59.71 25.76
N ILE A 25 9.88 -59.02 24.92
CA ILE A 25 10.06 -57.60 24.65
C ILE A 25 8.96 -56.84 25.38
N GLN A 26 9.34 -55.99 26.33
CA GLN A 26 8.39 -55.19 27.10
C GLN A 26 9.02 -53.83 27.37
N PRO A 27 8.76 -52.85 26.52
CA PRO A 27 9.39 -51.53 26.69
C PRO A 27 8.74 -50.70 27.79
N SER A 28 9.55 -49.86 28.41
CA SER A 28 9.06 -48.81 29.30
C SER A 28 9.00 -47.49 28.54
N PHE A 29 8.43 -46.48 29.18
CA PHE A 29 8.21 -45.19 28.54
C PHE A 29 8.75 -44.06 29.41
N THR A 30 9.14 -42.97 28.73
CA THR A 30 9.65 -41.79 29.38
C THR A 30 9.28 -40.57 28.53
N ASN A 31 9.90 -39.44 28.80
CA ASN A 31 9.63 -38.21 28.08
C ASN A 31 10.93 -37.46 27.79
N SER A 32 11.01 -36.86 26.61
CA SER A 32 12.19 -36.12 26.16
C SER A 32 11.91 -34.63 26.32
N SER A 33 12.61 -33.99 27.25
CA SER A 33 12.31 -32.60 27.60
C SER A 33 12.51 -31.67 26.42
N HIS A 34 13.75 -31.53 25.95
CA HIS A 34 14.06 -30.53 24.92
C HIS A 34 15.00 -31.06 23.85
N ARG A 35 15.25 -32.36 23.79
CA ARG A 35 16.19 -32.92 22.83
C ARG A 35 15.53 -33.07 21.46
N GLY A 36 16.36 -33.29 20.45
CA GLY A 36 15.90 -33.63 19.12
C GLY A 36 15.78 -32.49 18.14
N VAL A 37 16.30 -31.31 18.45
CA VAL A 37 16.23 -30.18 17.52
C VAL A 37 17.35 -30.34 16.49
N TYR A 38 16.99 -30.27 15.21
CA TYR A 38 17.97 -30.36 14.13
C TYR A 38 17.80 -29.19 13.18
N TYR A 39 18.47 -29.22 12.03
CA TYR A 39 18.46 -28.10 11.12
C TYR A 39 17.50 -28.37 9.97
N PRO A 40 16.37 -27.67 9.89
CA PRO A 40 15.54 -27.77 8.69
C PRO A 40 16.22 -27.10 7.51
N ASP A 41 15.86 -27.55 6.31
CA ASP A 41 16.39 -27.07 5.04
C ASP A 41 17.92 -27.05 5.04
N THR A 42 18.51 -26.24 4.15
CA THR A 42 19.96 -26.15 4.08
C THR A 42 20.46 -24.71 3.90
N ILE A 43 19.57 -23.71 3.93
CA ILE A 43 19.99 -22.33 3.77
C ILE A 43 20.84 -21.90 4.96
N PHE A 44 21.95 -21.21 4.69
CA PHE A 44 22.77 -20.70 5.76
C PHE A 44 22.10 -19.52 6.44
N ARG A 45 22.07 -19.55 7.77
CA ARG A 45 21.52 -18.47 8.57
C ARG A 45 22.42 -18.21 9.77
N SER A 46 22.50 -16.95 10.18
CA SER A 46 23.37 -16.57 11.28
C SER A 46 22.82 -15.32 11.95
N ASN A 47 22.75 -15.36 13.29
CA ASN A 47 22.35 -14.21 14.10
C ASN A 47 20.95 -13.71 13.73
N SER A 48 19.98 -14.62 13.78
CA SER A 48 18.61 -14.28 13.44
C SER A 48 17.65 -15.23 14.13
N LEU A 49 16.40 -14.79 14.25
CA LEU A 49 15.31 -15.59 14.79
C LEU A 49 14.31 -15.87 13.67
N VAL A 50 14.03 -17.14 13.42
CA VAL A 50 13.14 -17.53 12.33
C VAL A 50 12.10 -18.51 12.85
N LEU A 51 10.96 -18.52 12.17
CA LEU A 51 9.90 -19.50 12.40
C LEU A 51 9.92 -20.49 11.25
N SER A 52 10.00 -21.78 11.56
CA SER A 52 10.11 -22.81 10.55
C SER A 52 9.08 -23.90 10.78
N GLN A 53 8.49 -24.39 9.69
CA GLN A 53 7.54 -25.48 9.72
C GLN A 53 8.23 -26.74 9.22
N GLY A 54 8.25 -27.78 10.05
CA GLY A 54 8.91 -29.00 9.68
C GLY A 54 8.52 -30.12 10.62
N TYR A 55 9.12 -31.28 10.38
CA TYR A 55 8.84 -32.49 11.16
C TYR A 55 9.84 -32.55 12.30
N PHE A 56 9.45 -32.00 13.44
CA PHE A 56 10.28 -31.99 14.65
C PHE A 56 9.75 -32.98 15.66
N LEU A 57 10.59 -33.27 16.65
CA LEU A 57 10.17 -34.06 17.80
C LEU A 57 9.58 -33.12 18.85
N PRO A 58 8.28 -33.19 19.13
CA PRO A 58 7.67 -32.23 20.06
C PRO A 58 8.23 -32.39 21.47
N PHE A 59 8.29 -31.27 22.19
CA PHE A 59 8.83 -31.27 23.54
C PHE A 59 7.95 -32.09 24.46
N TYR A 60 8.60 -32.84 25.37
CA TYR A 60 7.91 -33.67 26.36
C TYR A 60 7.01 -34.70 25.70
N SER A 61 7.50 -35.35 24.65
CA SER A 61 6.77 -36.41 23.96
C SER A 61 7.19 -37.77 24.49
N ASN A 62 6.24 -38.72 24.47
CA ASN A 62 6.50 -40.05 24.99
C ASN A 62 7.59 -40.74 24.17
N ILE A 63 8.53 -41.37 24.88
CA ILE A 63 9.70 -41.98 24.27
C ILE A 63 9.76 -43.44 24.68
N SER A 64 9.75 -44.33 23.70
CA SER A 64 9.87 -45.76 23.97
C SER A 64 11.28 -46.08 24.46
N TRP A 65 11.35 -46.95 25.47
CA TRP A 65 12.61 -47.28 26.14
C TRP A 65 12.84 -48.78 26.07
N TYR A 66 14.00 -49.18 25.59
CA TYR A 66 14.38 -50.58 25.46
C TYR A 66 15.68 -50.85 26.20
N TYR A 67 15.84 -52.07 26.69
CA TYR A 67 16.98 -52.44 27.51
C TYR A 67 17.81 -53.52 26.84
N ALA A 68 19.05 -53.67 27.32
CA ALA A 68 19.93 -54.73 26.87
C ALA A 68 20.90 -55.01 28.03
N LEU A 69 20.60 -56.05 28.81
CA LEU A 69 21.42 -56.38 29.97
C LEU A 69 21.19 -57.83 30.36
N THR A 70 22.13 -58.36 31.14
CA THR A 70 22.00 -59.70 31.71
C THR A 70 22.25 -59.63 33.21
N LYS A 71 21.47 -60.39 33.95
CA LYS A 71 21.55 -60.37 35.41
C LYS A 71 21.73 -61.78 35.98
N ALA A 75 20.45 -65.04 35.99
CA ALA A 75 21.22 -65.00 34.75
C ALA A 75 20.28 -64.90 33.54
N GLU A 76 19.19 -64.19 33.71
CA GLU A 76 18.21 -64.02 32.63
C GLU A 76 18.69 -62.96 31.65
N LYS A 77 18.73 -63.32 30.37
CA LYS A 77 19.16 -62.41 29.33
C LYS A 77 18.03 -61.45 28.96
N ARG A 78 18.42 -60.32 28.36
CA ARG A 78 17.45 -59.32 27.91
C ARG A 78 18.02 -58.63 26.68
N VAL A 79 17.49 -58.98 25.51
CA VAL A 79 17.89 -58.36 24.25
C VAL A 79 16.63 -57.85 23.57
N ASP A 80 16.57 -56.54 23.36
CA ASP A 80 15.40 -55.88 22.79
C ASP A 80 15.73 -55.41 21.37
N ASN A 81 15.30 -56.17 20.37
CA ASN A 81 15.44 -55.80 18.96
C ASN A 81 14.13 -56.03 18.23
N PRO A 82 13.09 -55.26 18.54
CA PRO A 82 11.81 -55.42 17.86
C PRO A 82 11.77 -54.62 16.55
N ILE A 83 10.69 -54.83 15.81
CA ILE A 83 10.46 -54.13 14.55
C ILE A 83 9.51 -52.97 14.82
N LEU A 84 9.97 -51.76 14.54
CA LEU A 84 9.21 -50.55 14.81
C LEU A 84 8.88 -49.83 13.52
N ASP A 85 7.86 -48.98 13.56
CA ASP A 85 7.43 -48.25 12.39
C ASP A 85 8.31 -47.02 12.17
N PHE A 86 8.43 -46.62 10.90
CA PHE A 86 9.23 -45.48 10.49
C PHE A 86 8.31 -44.53 9.71
N LYS A 87 7.67 -43.62 10.45
CA LYS A 87 6.70 -42.70 9.86
C LYS A 87 7.18 -41.27 10.04
N ASP A 88 7.47 -40.59 8.93
CA ASP A 88 7.92 -39.21 8.91
C ASP A 88 9.23 -39.01 9.65
N GLY A 89 10.00 -40.06 9.86
CA GLY A 89 11.26 -39.96 10.55
C GLY A 89 11.14 -40.23 12.04
N ILE A 90 12.28 -40.58 12.65
CA ILE A 90 12.34 -40.94 14.05
C ILE A 90 13.49 -40.21 14.73
N TYR A 91 13.44 -40.17 16.05
CA TYR A 91 14.54 -39.72 16.89
C TYR A 91 15.11 -40.93 17.61
N PHE A 92 16.42 -41.11 17.54
CA PHE A 92 17.09 -42.25 18.15
C PHE A 92 18.19 -41.75 19.07
N ALA A 93 18.15 -42.15 20.33
CA ALA A 93 19.17 -41.83 21.31
C ALA A 93 19.55 -43.08 22.08
N ALA A 94 20.79 -43.14 22.54
CA ALA A 94 21.29 -44.34 23.20
C ALA A 94 22.34 -43.95 24.23
N THR A 95 21.97 -43.98 25.51
CA THR A 95 22.96 -43.98 26.58
C THR A 95 23.63 -45.34 26.60
N GLU A 96 24.96 -45.35 26.70
CA GLU A 96 25.67 -46.59 26.44
C GLU A 96 26.98 -46.63 27.22
N LYS A 97 27.42 -47.86 27.50
CA LYS A 97 28.77 -48.14 27.97
C LYS A 97 29.22 -49.44 27.32
N SER A 98 30.45 -49.43 26.80
CA SER A 98 31.08 -50.54 26.09
C SER A 98 30.48 -50.79 24.71
N ASN A 99 29.64 -49.89 24.20
CA ASN A 99 29.23 -49.87 22.80
C ASN A 99 28.55 -51.17 22.36
N ILE A 100 27.38 -51.43 22.94
CA ILE A 100 26.60 -52.60 22.53
C ILE A 100 25.86 -52.31 21.22
N VAL A 101 25.29 -51.12 21.08
CA VAL A 101 24.54 -50.75 19.89
C VAL A 101 25.51 -50.40 18.77
N ARG A 102 25.32 -51.00 17.60
CA ARG A 102 26.28 -50.86 16.51
C ARG A 102 25.67 -50.56 15.14
N GLY A 103 24.36 -50.58 14.98
CA GLY A 103 23.80 -50.29 13.68
C GLY A 103 22.29 -50.44 13.66
N TRP A 104 21.73 -50.20 12.47
CA TRP A 104 20.29 -50.23 12.25
C TRP A 104 19.98 -50.92 10.93
N ILE A 105 18.73 -51.35 10.79
CA ILE A 105 18.21 -51.89 9.54
C ILE A 105 17.00 -51.06 9.13
N PHE A 106 17.00 -50.57 7.89
CA PHE A 106 15.90 -49.78 7.36
C PHE A 106 15.35 -50.44 6.10
N GLY A 107 14.04 -50.42 5.95
CA GLY A 107 13.42 -51.03 4.79
C GLY A 107 11.91 -50.98 4.89
N THR A 108 11.27 -51.73 4.01
CA THR A 108 9.81 -51.82 3.98
C THR A 108 9.28 -53.24 4.16
N THR A 109 9.97 -54.25 3.62
CA THR A 109 9.60 -55.63 3.82
C THR A 109 10.68 -56.47 4.47
N LEU A 110 11.92 -55.97 4.53
CA LEU A 110 13.03 -56.62 5.25
C LEU A 110 13.25 -58.05 4.77
N ASP A 111 13.16 -58.25 3.46
CA ASP A 111 13.44 -59.55 2.85
C ASP A 111 13.87 -59.31 1.40
N ASN A 112 14.01 -60.40 0.64
CA ASN A 112 14.54 -60.33 -0.71
C ASN A 112 13.62 -59.63 -1.70
N THR A 113 12.35 -59.42 -1.35
CA THR A 113 11.41 -58.83 -2.30
C THR A 113 11.78 -57.39 -2.65
N SER A 114 12.19 -56.61 -1.65
CA SER A 114 12.42 -55.18 -1.84
C SER A 114 13.78 -54.79 -1.29
N GLN A 115 14.30 -53.67 -1.78
CA GLN A 115 15.59 -53.16 -1.32
C GLN A 115 15.50 -52.68 0.13
N SER A 116 16.62 -52.77 0.82
CA SER A 116 16.71 -52.34 2.21
C SER A 116 18.02 -51.61 2.43
N LEU A 117 18.06 -50.79 3.47
CA LEU A 117 19.25 -50.03 3.84
C LEU A 117 19.85 -50.64 5.10
N LEU A 118 21.16 -50.90 5.07
CA LEU A 118 21.87 -51.49 6.19
C LEU A 118 22.99 -50.56 6.62
N ILE A 119 22.96 -50.15 7.89
CA ILE A 119 24.01 -49.32 8.47
C ILE A 119 24.67 -50.14 9.56
N VAL A 120 25.94 -50.48 9.36
CA VAL A 120 26.68 -51.33 10.29
C VAL A 120 28.05 -50.70 10.54
N ASN A 121 28.42 -50.59 11.81
CA ASN A 121 29.75 -50.13 12.21
C ASN A 121 30.50 -51.31 12.81
N ASN A 122 31.57 -51.74 12.14
CA ASN A 122 32.45 -52.75 12.71
C ASN A 122 33.59 -52.04 13.45
N ALA A 123 34.64 -52.79 13.80
CA ALA A 123 35.65 -52.29 14.71
C ALA A 123 36.39 -51.06 14.20
N THR A 124 36.38 -50.79 12.90
CA THR A 124 37.17 -49.69 12.35
C THR A 124 36.43 -48.75 11.42
N ASN A 125 35.33 -49.17 10.79
CA ASN A 125 34.66 -48.30 9.82
C ASN A 125 33.16 -48.52 9.89
N VAL A 126 32.41 -47.51 9.45
CA VAL A 126 30.97 -47.61 9.29
C VAL A 126 30.68 -47.97 7.83
N ILE A 127 29.84 -48.99 7.64
CA ILE A 127 29.53 -49.52 6.32
C ILE A 127 28.05 -49.28 6.05
N ILE A 128 27.75 -48.53 5.00
CA ILE A 128 26.39 -48.24 4.57
C ILE A 128 26.23 -48.74 3.16
N LYS A 129 25.18 -49.53 2.92
CA LYS A 129 24.90 -50.02 1.57
C LYS A 129 23.41 -50.24 1.42
N VAL A 130 22.82 -49.58 0.42
CA VAL A 130 21.45 -49.87 0.01
C VAL A 130 21.50 -51.08 -0.90
N CYS A 131 20.83 -52.16 -0.50
CA CYS A 131 20.98 -53.43 -1.19
C CYS A 131 19.69 -54.22 -1.03
N ASN A 132 19.68 -55.42 -1.58
CA ASN A 132 18.51 -56.30 -1.52
C ASN A 132 18.85 -57.50 -0.64
N PHE A 133 18.75 -57.31 0.66
CA PHE A 133 19.17 -58.32 1.62
C PHE A 133 18.05 -59.33 1.89
N GLN A 134 18.45 -60.47 2.44
CA GLN A 134 17.52 -61.46 3.01
C GLN A 134 17.87 -61.56 4.48
N PHE A 135 17.18 -60.79 5.31
CA PHE A 135 17.47 -60.76 6.74
C PHE A 135 16.89 -61.99 7.42
N CYS A 136 17.54 -62.40 8.50
CA CYS A 136 17.09 -63.54 9.28
C CYS A 136 16.11 -63.10 10.36
N TYR A 137 15.53 -64.09 11.05
CA TYR A 137 14.51 -63.80 12.04
C TYR A 137 15.06 -62.98 13.21
N ASP A 138 16.28 -63.28 13.64
CA ASP A 138 16.90 -62.62 14.79
C ASP A 138 18.26 -62.08 14.38
N PRO A 139 18.30 -60.90 13.76
CA PRO A 139 19.59 -60.30 13.39
C PRO A 139 20.32 -59.74 14.60
N TYR A 140 21.62 -59.99 14.65
CA TYR A 140 22.47 -59.45 15.70
C TYR A 140 23.93 -59.67 15.32
N LEU A 141 24.81 -58.89 15.93
CA LEU A 141 26.24 -59.05 15.81
C LEU A 141 26.80 -59.71 17.07
N SER A 142 28.04 -60.17 16.98
CA SER A 142 28.67 -60.85 18.10
C SER A 142 30.16 -60.54 18.11
N GLY A 143 30.78 -60.75 19.27
CA GLY A 143 32.21 -60.51 19.42
C GLY A 143 32.81 -61.29 20.56
N TYR A 144 33.93 -61.97 20.30
CA TYR A 144 34.59 -62.78 21.32
C TYR A 144 35.63 -61.95 22.07
N SER A 152 38.85 -60.13 20.39
CA SER A 152 38.36 -61.00 19.33
C SER A 152 36.94 -60.61 18.93
N THR A 153 36.54 -60.99 17.71
CA THR A 153 35.21 -60.64 17.22
C THR A 153 34.75 -61.70 16.23
N ARG A 154 33.42 -61.85 16.14
CA ARG A 154 32.80 -62.78 15.19
C ARG A 154 31.42 -62.23 14.86
N GLU A 155 31.31 -61.52 13.73
CA GLU A 155 30.11 -60.72 13.46
C GLU A 155 29.47 -61.05 12.12
N PHE A 156 28.52 -60.21 11.71
CA PHE A 156 27.80 -60.34 10.44
C PHE A 156 26.94 -61.61 10.41
N ALA A 157 26.15 -61.79 11.46
CA ALA A 157 25.18 -62.88 11.54
C ALA A 157 23.75 -62.39 11.34
N VAL A 158 23.58 -61.32 10.56
CA VAL A 158 22.27 -60.70 10.39
C VAL A 158 21.60 -61.03 9.06
N TYR A 159 22.39 -61.30 8.01
CA TYR A 159 21.82 -61.61 6.70
C TYR A 159 22.50 -62.86 6.15
N SER A 160 21.98 -63.33 5.02
CA SER A 160 22.54 -64.48 4.31
C SER A 160 23.14 -64.10 2.96
N SER A 161 22.43 -63.28 2.18
CA SER A 161 22.92 -62.85 0.87
C SER A 161 22.22 -61.55 0.49
N TYR A 162 22.80 -60.84 -0.47
CA TYR A 162 22.22 -59.59 -0.92
C TYR A 162 22.04 -59.51 -2.43
N ALA A 163 22.89 -60.22 -3.18
CA ALA A 163 22.74 -60.35 -4.64
C ALA A 163 22.76 -58.96 -5.26
N ASN A 164 21.74 -58.58 -6.05
CA ASN A 164 21.72 -57.29 -6.74
C ASN A 164 21.86 -56.14 -5.76
N CYS A 165 22.74 -55.20 -6.08
CA CYS A 165 23.08 -54.15 -5.12
C CYS A 165 23.18 -52.83 -5.86
N THR A 166 22.91 -51.74 -5.13
CA THR A 166 22.85 -50.42 -5.73
C THR A 166 23.86 -49.44 -5.14
N PHE A 167 23.94 -49.34 -3.82
CA PHE A 167 24.70 -48.29 -3.16
C PHE A 167 25.72 -48.87 -2.20
N GLU A 168 26.80 -48.11 -1.98
CA GLU A 168 27.84 -48.47 -1.03
C GLU A 168 28.49 -47.20 -0.53
N TYR A 169 28.85 -47.19 0.76
CA TYR A 169 29.42 -46.00 1.38
C TYR A 169 30.17 -46.41 2.64
N VAL A 170 31.43 -45.98 2.75
CA VAL A 170 32.26 -46.27 3.91
C VAL A 170 32.92 -44.96 4.36
N SER A 171 32.87 -44.68 5.66
CA SER A 171 33.40 -43.45 6.21
C SER A 171 33.91 -43.71 7.63
N LYS A 172 34.18 -42.63 8.35
CA LYS A 172 34.70 -42.75 9.71
C LYS A 172 33.63 -43.32 10.63
N PRO A 173 34.04 -44.13 11.61
CA PRO A 173 33.06 -44.76 12.51
C PRO A 173 32.48 -43.78 13.51
N PHE A 174 31.36 -44.19 14.10
CA PHE A 174 30.75 -43.46 15.21
C PHE A 174 30.91 -44.17 16.55
N MET A 175 30.96 -45.49 16.56
CA MET A 175 30.93 -46.27 17.79
C MET A 175 32.33 -46.81 18.08
N LEU A 176 32.52 -47.25 19.32
CA LEU A 176 33.83 -47.70 19.79
C LEU A 176 33.85 -49.22 19.95
N ASP A 177 34.95 -49.73 20.49
CA ASP A 177 35.14 -51.17 20.60
C ASP A 177 34.15 -51.79 21.57
N ILE A 178 33.68 -53.00 21.21
CA ILE A 178 32.65 -53.68 22.00
C ILE A 178 33.16 -54.15 23.35
N SER A 179 34.48 -54.18 23.56
CA SER A 179 35.02 -54.68 24.82
C SER A 179 34.96 -53.59 25.89
N GLY A 180 34.97 -54.03 27.15
CA GLY A 180 34.97 -53.11 28.27
C GLY A 180 33.94 -53.43 29.33
N LYS A 181 34.10 -52.84 30.52
CA LYS A 181 33.18 -53.02 31.63
C LYS A 181 33.35 -51.88 32.62
N SER A 182 32.24 -51.34 33.08
CA SER A 182 32.24 -50.23 34.04
C SER A 182 31.00 -50.35 34.91
N GLY A 183 30.67 -49.27 35.61
CA GLY A 183 29.51 -49.27 36.49
C GLY A 183 28.45 -48.25 36.12
N LEU A 184 28.82 -47.25 35.32
CA LEU A 184 27.89 -46.21 34.90
C LEU A 184 28.09 -45.92 33.42
N PHE A 185 27.05 -45.36 32.80
CA PHE A 185 27.13 -44.97 31.40
C PHE A 185 28.07 -43.78 31.25
N ASP A 186 28.66 -43.66 30.06
CA ASP A 186 29.66 -42.64 29.80
C ASP A 186 29.29 -41.69 28.67
N THR A 187 28.68 -42.19 27.59
CA THR A 187 28.40 -41.37 26.43
C THR A 187 26.92 -41.45 26.05
N LEU A 188 26.42 -40.35 25.49
CA LEU A 188 25.08 -40.27 24.95
C LEU A 188 25.17 -39.92 23.47
N ARG A 189 24.55 -40.73 22.63
CA ARG A 189 24.58 -40.54 21.18
C ARG A 189 23.16 -40.39 20.67
N GLU A 190 22.90 -39.29 19.95
CA GLU A 190 21.58 -38.97 19.46
C GLU A 190 21.60 -38.91 17.94
N PHE A 191 20.57 -39.48 17.31
CA PHE A 191 20.45 -39.51 15.86
C PHE A 191 19.04 -39.11 15.45
N VAL A 192 18.95 -38.45 14.30
CA VAL A 192 17.68 -38.14 13.65
C VAL A 192 17.76 -38.65 12.22
N PHE A 193 16.77 -39.47 11.84
CA PHE A 193 16.71 -40.06 10.51
C PHE A 193 15.49 -39.53 9.77
N ARG A 194 15.70 -39.12 8.52
CA ARG A 194 14.62 -38.63 7.68
C ARG A 194 14.78 -39.21 6.28
N ASN A 195 13.69 -39.14 5.51
CA ASN A 195 13.67 -39.70 4.15
C ASN A 195 12.77 -38.80 3.30
N VAL A 196 13.40 -37.86 2.58
CA VAL A 196 12.67 -36.91 1.74
C VAL A 196 13.39 -36.78 0.41
N ASP A 197 12.62 -36.78 -0.67
CA ASP A 197 13.15 -36.57 -2.03
C ASP A 197 14.26 -37.57 -2.37
N GLY A 198 14.07 -38.82 -1.95
CA GLY A 198 15.07 -39.84 -2.21
C GLY A 198 16.40 -39.59 -1.55
N TYR A 199 16.40 -38.96 -0.38
CA TYR A 199 17.61 -38.70 0.37
C TYR A 199 17.43 -39.19 1.80
N PHE A 200 18.40 -39.96 2.29
CA PHE A 200 18.41 -40.42 3.68
C PHE A 200 19.34 -39.49 4.46
N LYS A 201 18.75 -38.59 5.24
CA LYS A 201 19.52 -37.62 6.00
C LYS A 201 19.74 -38.11 7.41
N ILE A 202 20.94 -37.85 7.94
CA ILE A 202 21.32 -38.25 9.29
C ILE A 202 21.89 -37.04 10.02
N TYR A 203 21.40 -36.80 11.22
CA TYR A 203 21.91 -35.75 12.10
C TYR A 203 22.33 -36.38 13.41
N SER A 204 23.43 -35.90 13.98
CA SER A 204 23.99 -36.55 15.16
C SER A 204 24.64 -35.55 16.08
N LYS A 205 24.78 -35.96 17.34
CA LYS A 205 25.52 -35.22 18.35
C LYS A 205 26.03 -36.21 19.39
N TYR A 206 27.28 -36.06 19.79
CA TYR A 206 27.92 -36.94 20.76
C TYR A 206 28.32 -36.13 21.97
N SER A 207 27.86 -36.53 23.15
CA SER A 207 28.14 -35.82 24.39
C SER A 207 28.46 -36.81 25.50
N PRO A 208 29.32 -36.41 26.44
CA PRO A 208 29.61 -37.29 27.58
C PRO A 208 28.67 -37.05 28.75
N VAL A 209 28.08 -38.14 29.28
CA VAL A 209 27.17 -38.05 30.41
C VAL A 209 27.61 -39.06 31.48
N ASN A 210 27.13 -38.82 32.70
CA ASN A 210 27.40 -39.71 33.83
C ASN A 210 26.10 -40.19 34.48
N VAL A 211 25.00 -40.19 33.74
CA VAL A 211 23.72 -40.63 34.29
C VAL A 211 23.77 -42.13 34.58
N ASN A 212 22.86 -42.58 35.46
CA ASN A 212 22.81 -43.98 35.86
C ASN A 212 21.80 -44.78 35.05
N SER A 213 20.51 -44.46 35.15
CA SER A 213 19.47 -45.28 34.55
C SER A 213 18.34 -44.43 33.95
N ASN A 214 18.69 -43.36 33.23
CA ASN A 214 17.63 -42.60 32.57
C ASN A 214 18.22 -41.72 31.48
N LEU A 215 17.33 -41.26 30.60
CA LEU A 215 17.71 -40.28 29.58
C LEU A 215 17.95 -38.92 30.24
N PRO A 216 19.02 -38.22 29.89
CA PRO A 216 19.28 -36.91 30.51
C PRO A 216 18.23 -35.88 30.13
N THR A 217 18.10 -34.87 30.99
CA THR A 217 17.17 -33.78 30.78
C THR A 217 17.93 -32.54 30.33
N GLY A 218 17.55 -31.99 29.18
CA GLY A 218 18.21 -30.81 28.67
C GLY A 218 17.90 -30.59 27.21
N PHE A 219 18.60 -29.63 26.62
CA PHE A 219 18.42 -29.22 25.24
C PHE A 219 19.60 -29.66 24.40
N SER A 220 19.31 -30.22 23.22
CA SER A 220 20.36 -30.69 22.31
C SER A 220 20.03 -30.28 20.89
N ALA A 221 21.05 -29.86 20.15
CA ALA A 221 20.93 -29.53 18.74
C ALA A 221 21.84 -30.46 17.94
N LEU A 222 21.30 -31.06 16.90
CA LEU A 222 22.01 -32.09 16.13
C LEU A 222 22.47 -31.51 14.80
N GLU A 223 23.77 -31.68 14.50
CA GLU A 223 24.36 -31.16 13.28
C GLU A 223 24.30 -32.19 12.16
N PRO A 224 24.21 -31.74 10.91
CA PRO A 224 24.13 -32.69 9.79
C PRO A 224 25.39 -33.54 9.69
N LEU A 225 25.19 -34.81 9.39
CA LEU A 225 26.28 -35.78 9.31
C LEU A 225 26.47 -36.34 7.91
N VAL A 226 25.40 -36.79 7.27
CA VAL A 226 25.47 -37.40 5.95
C VAL A 226 24.16 -37.15 5.22
N GLU A 227 24.20 -37.25 3.89
CA GLU A 227 23.09 -36.96 2.99
C GLU A 227 22.96 -38.06 1.94
N LEU A 228 22.94 -39.30 2.39
CA LEU A 228 23.03 -40.44 1.48
C LEU A 228 21.86 -40.46 0.50
N PRO A 229 22.12 -40.46 -0.81
CA PRO A 229 21.05 -40.67 -1.80
C PRO A 229 20.74 -42.16 -1.92
N ALA A 230 19.60 -42.56 -1.37
CA ALA A 230 19.20 -43.97 -1.37
C ALA A 230 18.09 -44.26 -2.38
N GLY A 231 17.03 -43.46 -2.38
CA GLY A 231 15.93 -43.66 -3.31
C GLY A 231 15.13 -44.93 -3.07
N ILE A 232 14.82 -45.25 -1.82
CA ILE A 232 14.05 -46.44 -1.48
C ILE A 232 12.90 -46.05 -0.56
N ASN A 233 11.90 -46.92 -0.50
CA ASN A 233 10.71 -46.71 0.31
C ASN A 233 10.91 -47.38 1.66
N ILE A 234 10.87 -46.60 2.73
CA ILE A 234 11.18 -47.07 4.08
C ILE A 234 9.97 -46.87 4.96
N THR A 235 9.50 -47.96 5.58
CA THR A 235 8.34 -47.90 6.47
C THR A 235 8.65 -48.50 7.83
N ARG A 236 9.54 -49.50 7.86
CA ARG A 236 9.85 -50.23 9.08
C ARG A 236 11.35 -50.23 9.32
N PHE A 237 11.74 -50.32 10.59
CA PHE A 237 13.15 -50.33 10.95
C PHE A 237 13.34 -51.15 12.22
N ARG A 238 14.59 -51.55 12.46
CA ARG A 238 14.95 -52.26 13.68
C ARG A 238 16.42 -52.02 13.99
N THR A 239 16.80 -52.31 15.23
CA THR A 239 18.14 -52.07 15.73
C THR A 239 18.97 -53.35 15.68
N LEU A 240 20.29 -53.17 15.57
CA LEU A 240 21.25 -54.26 15.63
C LEU A 240 22.02 -54.16 16.94
N LEU A 241 22.08 -55.27 17.67
CA LEU A 241 22.76 -55.32 18.96
C LEU A 241 23.91 -56.32 18.91
N THR A 242 24.84 -56.17 19.84
CA THR A 242 26.03 -57.00 19.90
C THR A 242 25.99 -57.86 21.16
N ILE A 243 26.13 -59.17 20.98
CA ILE A 243 26.20 -60.10 22.09
C ILE A 243 27.65 -60.55 22.25
N HIS A 244 27.97 -61.11 23.41
CA HIS A 244 29.30 -61.59 23.72
C HIS A 244 29.27 -63.11 23.70
N ARG A 245 29.86 -63.71 22.67
CA ARG A 245 29.83 -65.16 22.49
C ARG A 245 30.93 -65.62 21.55
N GLY A 253 25.19 -69.60 26.73
CA GLY A 253 26.62 -69.36 26.78
C GLY A 253 27.01 -68.01 26.24
N TRP A 254 26.07 -67.07 26.25
CA TRP A 254 26.31 -65.72 25.76
C TRP A 254 25.76 -64.71 26.76
N THR A 255 26.40 -63.54 26.80
CA THR A 255 26.01 -62.47 27.71
C THR A 255 26.02 -61.15 26.95
N VAL A 256 25.26 -60.20 27.47
CA VAL A 256 25.13 -58.87 26.88
C VAL A 256 25.46 -57.84 27.94
N PHE A 257 26.33 -56.89 27.59
CA PHE A 257 26.65 -55.79 28.50
C PHE A 257 25.48 -54.82 28.58
N SER A 258 25.48 -54.01 29.64
CA SER A 258 24.35 -53.12 29.91
C SER A 258 24.31 -51.99 28.89
N ALA A 259 23.14 -51.78 28.29
CA ALA A 259 22.93 -50.71 27.33
C ALA A 259 21.43 -50.45 27.20
N ALA A 260 21.10 -49.30 26.62
CA ALA A 260 19.71 -48.93 26.41
C ALA A 260 19.62 -47.93 25.27
N TYR A 261 18.52 -47.99 24.52
CA TYR A 261 18.28 -47.05 23.44
C TYR A 261 16.84 -46.57 23.51
N TYR A 262 16.60 -45.38 22.95
CA TYR A 262 15.32 -44.70 23.06
C TYR A 262 14.84 -44.30 21.67
N VAL A 263 13.52 -44.37 21.47
CA VAL A 263 12.91 -44.14 20.17
C VAL A 263 11.83 -43.07 20.30
N GLY A 264 11.87 -42.08 19.39
CA GLY A 264 10.84 -41.07 19.34
C GLY A 264 10.40 -40.86 17.89
N TYR A 265 9.26 -40.18 17.75
CA TYR A 265 8.64 -39.98 16.44
C TYR A 265 8.44 -38.50 16.16
N LEU A 266 8.82 -38.08 14.95
CA LEU A 266 8.67 -36.70 14.54
C LEU A 266 7.24 -36.42 14.10
N ALA A 267 6.81 -35.18 14.30
CA ALA A 267 5.47 -34.73 13.92
C ALA A 267 5.58 -33.33 13.33
N PRO A 268 4.67 -32.97 12.42
CA PRO A 268 4.71 -31.62 11.84
C PRO A 268 4.34 -30.54 12.85
N ARG A 269 5.29 -29.69 13.18
CA ARG A 269 5.10 -28.59 14.12
C ARG A 269 5.72 -27.32 13.56
N THR A 270 5.52 -26.22 14.29
CA THR A 270 6.19 -24.96 14.00
C THR A 270 7.10 -24.62 15.18
N PHE A 271 8.37 -24.39 14.88
CA PHE A 271 9.37 -24.11 15.90
C PHE A 271 9.98 -22.73 15.66
N MET A 272 10.37 -22.08 16.75
CA MET A 272 11.14 -20.84 16.69
C MET A 272 12.58 -21.17 17.05
N LEU A 273 13.51 -20.87 16.14
CA LEU A 273 14.91 -21.23 16.30
C LEU A 273 15.76 -19.97 16.33
N LYS A 274 16.84 -20.03 17.11
CA LYS A 274 17.79 -18.93 17.21
C LYS A 274 19.16 -19.39 16.72
N TYR A 275 19.73 -18.64 15.78
CA TYR A 275 21.05 -18.93 15.24
C TYR A 275 22.05 -17.93 15.80
N ASN A 276 23.28 -18.41 16.03
CA ASN A 276 24.36 -17.55 16.46
C ASN A 276 25.26 -17.23 15.26
N GLU A 277 26.39 -16.57 15.52
CA GLU A 277 27.27 -16.15 14.43
C GLU A 277 27.94 -17.32 13.73
N ASN A 278 28.14 -18.45 14.41
CA ASN A 278 28.66 -19.64 13.76
C ASN A 278 27.64 -20.32 12.86
N GLY A 279 26.38 -19.90 12.91
CA GLY A 279 25.32 -20.62 12.21
C GLY A 279 24.86 -21.87 12.94
N THR A 280 24.84 -21.85 14.26
CA THR A 280 24.47 -22.98 15.09
C THR A 280 23.27 -22.63 15.96
N ILE A 281 22.32 -23.55 16.05
CA ILE A 281 21.13 -23.35 16.87
C ILE A 281 21.52 -23.47 18.34
N THR A 282 21.13 -22.48 19.14
CA THR A 282 21.45 -22.47 20.56
C THR A 282 20.22 -22.54 21.46
N ASP A 283 19.04 -22.22 20.96
CA ASP A 283 17.82 -22.31 21.74
C ASP A 283 16.63 -22.44 20.80
N ALA A 284 15.54 -23.02 21.31
CA ALA A 284 14.34 -23.22 20.51
C ALA A 284 13.15 -23.38 21.44
N VAL A 285 11.97 -23.00 20.95
CA VAL A 285 10.72 -23.16 21.67
C VAL A 285 9.72 -23.87 20.77
N ASP A 286 8.95 -24.78 21.35
CA ASP A 286 7.88 -25.47 20.64
C ASP A 286 6.60 -24.65 20.81
N CYS A 287 6.12 -24.07 19.70
CA CYS A 287 5.00 -23.14 19.76
C CYS A 287 3.67 -23.80 20.07
N SER A 288 3.64 -25.12 20.28
CA SER A 288 2.42 -25.84 20.58
C SER A 288 2.38 -26.39 22.00
N LEU A 289 3.43 -26.18 22.80
CA LEU A 289 3.54 -26.85 24.08
C LEU A 289 2.53 -26.30 25.09
N ASP A 290 2.47 -24.99 25.24
CA ASP A 290 1.65 -24.38 26.28
C ASP A 290 1.39 -22.93 25.90
N PRO A 291 0.49 -22.24 26.61
CA PRO A 291 0.21 -20.83 26.27
C PRO A 291 1.42 -19.92 26.34
N LEU A 292 2.36 -20.15 27.26
CA LEU A 292 3.54 -19.30 27.34
C LEU A 292 4.39 -19.42 26.08
N SER A 293 4.62 -20.66 25.62
CA SER A 293 5.34 -20.84 24.36
C SER A 293 4.57 -20.26 23.19
N GLU A 294 3.24 -20.32 23.24
CA GLU A 294 2.43 -19.70 22.20
C GLU A 294 2.65 -18.19 22.15
N ALA A 295 2.66 -17.54 23.32
CA ALA A 295 2.91 -16.11 23.35
C ALA A 295 4.31 -15.77 22.86
N LYS A 296 5.31 -16.56 23.27
CA LYS A 296 6.67 -16.34 22.80
C LYS A 296 6.76 -16.47 21.28
N CYS A 297 6.11 -17.50 20.72
CA CYS A 297 6.16 -17.71 19.28
C CYS A 297 5.40 -16.62 18.53
N THR A 298 4.29 -16.14 19.08
CA THR A 298 3.53 -15.07 18.45
C THR A 298 4.31 -13.77 18.45
N LEU A 299 4.96 -13.43 19.56
CA LEU A 299 5.71 -12.18 19.66
C LEU A 299 7.11 -12.27 19.05
N LYS A 300 7.53 -13.45 18.59
CA LYS A 300 8.83 -13.64 17.96
C LYS A 300 9.98 -13.19 18.86
N SER A 301 9.93 -13.64 20.12
CA SER A 301 10.96 -13.32 21.08
C SER A 301 11.03 -14.44 22.11
N PHE A 302 12.24 -14.65 22.65
CA PHE A 302 12.45 -15.70 23.63
C PHE A 302 12.10 -15.27 25.05
N THR A 303 11.80 -13.99 25.27
CA THR A 303 11.36 -13.49 26.55
C THR A 303 10.16 -12.58 26.36
N VAL A 304 9.20 -12.66 27.28
CA VAL A 304 7.97 -11.89 27.22
C VAL A 304 7.86 -11.03 28.47
N GLU A 305 7.48 -9.77 28.29
CA GLU A 305 7.32 -8.85 29.40
C GLU A 305 6.01 -9.11 30.12
N LYS A 306 5.81 -8.42 31.24
CA LYS A 306 4.58 -8.55 32.01
C LYS A 306 3.43 -7.86 31.29
N GLY A 307 2.27 -8.52 31.29
CA GLY A 307 1.09 -7.97 30.66
C GLY A 307 0.19 -9.08 30.18
N ILE A 308 -0.70 -8.72 29.25
CA ILE A 308 -1.63 -9.66 28.62
C ILE A 308 -1.47 -9.54 27.12
N TYR A 309 -1.26 -10.67 26.45
CA TYR A 309 -0.93 -10.70 25.03
C TYR A 309 -1.94 -11.53 24.27
N GLN A 310 -2.39 -11.03 23.13
CA GLN A 310 -3.30 -11.76 22.25
C GLN A 310 -2.50 -12.80 21.48
N THR A 311 -2.78 -14.07 21.71
CA THR A 311 -2.18 -15.17 20.98
C THR A 311 -3.08 -15.60 19.83
N SER A 312 -2.55 -16.45 18.97
CA SER A 312 -3.29 -16.94 17.83
C SER A 312 -2.83 -18.35 17.50
N ASN A 313 -3.74 -19.13 16.91
CA ASN A 313 -3.42 -20.45 16.40
C ASN A 313 -2.86 -21.36 17.50
N PHE A 314 -3.76 -21.80 18.38
CA PHE A 314 -3.37 -22.60 19.53
C PHE A 314 -2.98 -24.03 19.16
N ARG A 315 -2.64 -24.28 17.89
CA ARG A 315 -1.96 -25.50 17.43
C ARG A 315 -2.79 -26.75 17.75
N VAL A 316 -3.92 -26.83 17.06
CA VAL A 316 -4.81 -27.99 17.14
C VAL A 316 -4.73 -28.74 15.82
N GLN A 317 -3.54 -28.68 15.18
CA GLN A 317 -3.25 -29.19 13.85
C GLN A 317 -3.94 -30.52 13.56
N PRO A 318 -4.61 -30.65 12.42
CA PRO A 318 -5.31 -31.90 12.11
C PRO A 318 -4.34 -33.03 11.84
N THR A 319 -4.82 -34.26 12.07
CA THR A 319 -4.03 -35.45 11.84
C THR A 319 -4.75 -36.54 11.06
N ASP A 320 -6.00 -36.28 10.63
CA ASP A 320 -6.77 -37.25 9.85
C ASP A 320 -7.23 -36.62 8.55
N SER A 321 -7.20 -37.41 7.48
CA SER A 321 -7.64 -36.97 6.16
C SER A 321 -8.70 -37.92 5.65
N ILE A 322 -9.85 -37.37 5.27
CA ILE A 322 -11.00 -38.16 4.82
C ILE A 322 -11.33 -37.79 3.39
N VAL A 323 -11.95 -38.74 2.68
CA VAL A 323 -12.35 -38.55 1.29
C VAL A 323 -13.76 -39.13 1.13
N ARG A 324 -14.65 -38.36 0.50
CA ARG A 324 -16.01 -38.79 0.24
C ARG A 324 -16.32 -38.56 -1.24
N PHE A 325 -16.57 -39.64 -1.97
CA PHE A 325 -16.81 -39.63 -3.40
C PHE A 325 -18.11 -40.37 -3.70
N PRO A 326 -18.73 -40.10 -4.85
CA PRO A 326 -19.99 -40.77 -5.19
C PRO A 326 -19.82 -42.26 -5.41
N ASN A 327 -20.92 -42.95 -5.74
CA ASN A 327 -20.95 -44.40 -5.81
C ASN A 327 -20.69 -44.94 -7.21
N ILE A 328 -20.28 -44.09 -8.15
CA ILE A 328 -20.00 -44.54 -9.51
C ILE A 328 -18.75 -45.43 -9.48
N THR A 329 -18.84 -46.57 -10.16
CA THR A 329 -17.75 -47.55 -10.10
C THR A 329 -17.31 -48.00 -11.50
N ASN A 330 -18.20 -47.93 -12.48
CA ASN A 330 -17.85 -48.31 -13.84
C ASN A 330 -16.87 -47.30 -14.43
N LEU A 331 -15.98 -47.79 -15.29
CA LEU A 331 -14.92 -46.97 -15.85
C LEU A 331 -15.34 -46.36 -17.18
N CYS A 332 -14.85 -45.17 -17.45
CA CYS A 332 -15.20 -44.46 -18.67
C CYS A 332 -14.64 -45.22 -19.87
N PRO A 333 -15.37 -45.26 -20.99
CA PRO A 333 -14.93 -46.01 -22.18
C PRO A 333 -13.88 -45.25 -22.99
N PHE A 334 -12.73 -44.98 -22.37
CA PHE A 334 -11.65 -44.33 -23.08
C PHE A 334 -11.08 -45.24 -24.16
N GLY A 335 -10.98 -46.54 -23.87
CA GLY A 335 -10.49 -47.47 -24.87
C GLY A 335 -11.39 -47.55 -26.09
N GLU A 336 -12.71 -47.57 -25.87
CA GLU A 336 -13.64 -47.62 -26.98
C GLU A 336 -13.58 -46.35 -27.82
N VAL A 337 -13.44 -45.19 -27.16
CA VAL A 337 -13.36 -43.93 -27.88
C VAL A 337 -12.07 -43.86 -28.71
N PHE A 338 -10.95 -44.28 -28.11
CA PHE A 338 -9.66 -44.19 -28.77
C PHE A 338 -9.39 -45.32 -29.75
N ASN A 339 -10.22 -46.36 -29.73
CA ASN A 339 -10.04 -47.56 -30.54
C ASN A 339 -10.88 -47.54 -31.82
N ALA A 340 -11.57 -46.44 -32.11
CA ALA A 340 -12.47 -46.39 -33.25
C ALA A 340 -11.72 -46.53 -34.56
N THR A 341 -12.40 -47.13 -35.55
CA THR A 341 -11.79 -47.30 -36.86
C THR A 341 -11.53 -45.96 -37.54
N THR A 342 -12.49 -45.04 -37.47
CA THR A 342 -12.34 -43.70 -38.01
C THR A 342 -12.86 -42.70 -36.98
N PHE A 343 -12.16 -41.58 -36.84
CA PHE A 343 -12.54 -40.58 -35.83
C PHE A 343 -13.52 -39.54 -36.39
N ALA A 344 -13.04 -38.70 -37.30
CA ALA A 344 -13.84 -37.63 -37.88
C ALA A 344 -12.96 -36.87 -38.85
N SER A 345 -13.56 -35.96 -39.58
CA SER A 345 -12.84 -34.90 -40.29
C SER A 345 -12.75 -33.68 -39.40
N VAL A 346 -11.67 -32.92 -39.57
CA VAL A 346 -11.43 -31.77 -38.68
C VAL A 346 -12.51 -30.71 -38.89
N TYR A 347 -13.02 -30.57 -40.12
CA TYR A 347 -14.06 -29.58 -40.37
C TYR A 347 -15.42 -30.02 -39.85
N ALA A 348 -15.59 -31.31 -39.57
CA ALA A 348 -16.85 -31.87 -39.07
C ALA A 348 -16.61 -32.65 -37.78
N TRP A 349 -15.89 -32.03 -36.85
CA TRP A 349 -15.49 -32.70 -35.62
C TRP A 349 -16.70 -33.16 -34.82
N ASN A 350 -16.61 -34.37 -34.28
CA ASN A 350 -17.69 -34.98 -33.52
C ASN A 350 -17.52 -34.66 -32.04
N ARG A 351 -18.62 -34.34 -31.38
CA ARG A 351 -18.65 -34.04 -29.95
C ARG A 351 -19.61 -34.99 -29.26
N LYS A 352 -19.15 -35.62 -28.18
CA LYS A 352 -19.97 -36.53 -27.41
C LYS A 352 -19.77 -36.25 -25.92
N ARG A 353 -20.78 -36.57 -25.14
CA ARG A 353 -20.78 -36.31 -23.70
C ARG A 353 -20.43 -37.58 -22.94
N ILE A 354 -19.64 -37.43 -21.89
CA ILE A 354 -19.22 -38.54 -21.03
C ILE A 354 -19.80 -38.29 -19.64
N SER A 355 -20.50 -39.29 -19.11
CA SER A 355 -21.15 -39.14 -17.82
C SER A 355 -21.28 -40.49 -17.15
N ASN A 356 -21.37 -40.46 -15.81
CA ASN A 356 -21.60 -41.64 -14.98
C ASN A 356 -20.53 -42.71 -15.21
N CYS A 357 -19.29 -42.34 -14.90
CA CYS A 357 -18.17 -43.27 -15.01
C CYS A 357 -17.01 -42.72 -14.18
N VAL A 358 -15.91 -43.47 -14.18
CA VAL A 358 -14.70 -43.10 -13.43
C VAL A 358 -13.60 -42.86 -14.45
N ALA A 359 -13.03 -41.66 -14.43
CA ALA A 359 -11.99 -41.27 -15.39
C ALA A 359 -10.65 -41.83 -14.92
N ASP A 360 -10.18 -42.88 -15.57
CA ASP A 360 -8.91 -43.53 -15.24
C ASP A 360 -8.04 -43.52 -16.50
N TYR A 361 -7.13 -42.56 -16.58
CA TYR A 361 -6.23 -42.45 -17.72
C TYR A 361 -5.14 -43.51 -17.74
N SER A 362 -4.97 -44.25 -16.64
CA SER A 362 -3.92 -45.26 -16.55
C SER A 362 -4.21 -46.50 -17.38
N VAL A 363 -5.45 -46.68 -17.86
CA VAL A 363 -5.80 -47.87 -18.64
C VAL A 363 -5.36 -47.77 -20.08
N LEU A 364 -4.86 -46.62 -20.52
CA LEU A 364 -4.37 -46.43 -21.88
C LEU A 364 -2.85 -46.49 -21.98
N TYR A 365 -2.17 -46.79 -20.86
CA TYR A 365 -0.71 -46.74 -20.85
C TYR A 365 -0.08 -47.80 -21.74
N ASN A 366 -0.78 -48.90 -22.01
CA ASN A 366 -0.24 -49.96 -22.85
C ASN A 366 -0.65 -49.85 -24.31
N SER A 367 -1.37 -48.79 -24.68
CA SER A 367 -1.92 -48.68 -26.03
C SER A 367 -1.39 -47.49 -26.80
N THR A 368 -1.46 -46.28 -26.24
CA THR A 368 -1.32 -45.05 -27.03
C THR A 368 0.02 -44.35 -26.84
N SER A 369 0.41 -44.07 -25.60
CA SER A 369 1.59 -43.26 -25.29
C SER A 369 1.46 -41.87 -25.91
N PHE A 370 0.49 -41.12 -25.38
CA PHE A 370 0.14 -39.78 -25.83
C PHE A 370 1.39 -38.93 -26.08
N SER A 371 1.54 -38.44 -27.31
CA SER A 371 2.65 -37.55 -27.64
C SER A 371 2.36 -36.10 -27.26
N THR A 372 1.11 -35.78 -26.93
CA THR A 372 0.74 -34.43 -26.51
C THR A 372 -0.32 -34.54 -25.43
N PHE A 373 -0.05 -33.92 -24.27
CA PHE A 373 -1.00 -33.92 -23.17
C PHE A 373 -0.79 -32.62 -22.40
N LYS A 374 -1.63 -31.63 -22.69
CA LYS A 374 -1.54 -30.31 -22.07
C LYS A 374 -2.89 -29.94 -21.49
N CYS A 375 -2.89 -29.52 -20.23
CA CYS A 375 -4.10 -29.12 -19.53
C CYS A 375 -3.98 -27.64 -19.15
N TYR A 376 -5.12 -26.94 -19.18
CA TYR A 376 -5.13 -25.50 -19.03
C TYR A 376 -5.80 -25.04 -17.74
N GLY A 377 -7.04 -25.45 -17.49
CA GLY A 377 -7.72 -25.04 -16.29
C GLY A 377 -7.29 -25.77 -15.03
N VAL A 378 -6.68 -26.95 -15.18
CA VAL A 378 -6.29 -27.78 -14.06
C VAL A 378 -4.85 -28.25 -14.25
N SER A 379 -4.28 -28.79 -13.18
CA SER A 379 -3.00 -29.46 -13.28
C SER A 379 -3.21 -30.94 -13.56
N PRO A 380 -2.38 -31.55 -14.42
CA PRO A 380 -2.58 -32.96 -14.76
C PRO A 380 -2.46 -33.90 -13.57
N THR A 381 -1.73 -33.50 -12.52
CA THR A 381 -1.55 -34.35 -11.35
C THR A 381 -2.74 -34.28 -10.39
N LYS A 382 -3.65 -33.33 -10.58
CA LYS A 382 -4.82 -33.17 -9.72
C LYS A 382 -6.07 -33.82 -10.31
N LEU A 383 -5.94 -34.52 -11.43
CA LEU A 383 -7.12 -35.08 -12.10
C LEU A 383 -7.74 -36.22 -11.28
N ASN A 384 -6.91 -36.97 -10.55
CA ASN A 384 -7.42 -38.06 -9.74
C ASN A 384 -8.20 -37.56 -8.51
N ASP A 385 -8.02 -36.30 -8.14
CA ASP A 385 -8.64 -35.73 -6.95
C ASP A 385 -9.90 -34.93 -7.25
N LEU A 386 -10.31 -34.83 -8.51
CA LEU A 386 -11.36 -33.91 -8.93
C LEU A 386 -12.55 -34.66 -9.50
N CYS A 387 -13.74 -34.08 -9.32
CA CYS A 387 -14.97 -34.58 -9.90
C CYS A 387 -15.65 -33.46 -10.67
N PHE A 388 -16.12 -33.78 -11.88
CA PHE A 388 -16.69 -32.79 -12.79
C PHE A 388 -18.18 -33.00 -12.95
N THR A 389 -18.90 -31.90 -13.14
CA THR A 389 -20.35 -32.00 -13.34
C THR A 389 -20.67 -32.64 -14.69
N ASN A 390 -20.03 -32.19 -15.76
CA ASN A 390 -20.19 -32.83 -17.06
C ASN A 390 -18.94 -32.60 -17.88
N VAL A 391 -18.67 -33.53 -18.80
CA VAL A 391 -17.48 -33.50 -19.64
C VAL A 391 -17.91 -33.68 -21.08
N TYR A 392 -17.23 -32.97 -21.99
CA TYR A 392 -17.44 -33.11 -23.42
C TYR A 392 -16.13 -33.52 -24.08
N ALA A 393 -16.25 -34.32 -25.14
CA ALA A 393 -15.08 -34.83 -25.86
C ALA A 393 -15.25 -34.57 -27.34
N ASP A 394 -14.33 -33.81 -27.92
CA ASP A 394 -14.31 -33.53 -29.34
C ASP A 394 -13.19 -34.33 -30.00
N SER A 395 -13.51 -35.00 -31.10
CA SER A 395 -12.59 -35.91 -31.77
C SER A 395 -12.42 -35.49 -33.22
N PHE A 396 -11.17 -35.45 -33.68
CA PHE A 396 -10.87 -35.19 -35.09
C PHE A 396 -9.44 -35.66 -35.36
N VAL A 397 -9.07 -35.65 -36.64
CA VAL A 397 -7.75 -36.05 -37.08
C VAL A 397 -7.15 -34.91 -37.89
N VAL A 398 -5.92 -34.53 -37.54
CA VAL A 398 -5.19 -33.48 -38.23
C VAL A 398 -3.83 -34.02 -38.65
N ARG A 399 -3.05 -33.18 -39.33
CA ARG A 399 -1.71 -33.55 -39.76
C ARG A 399 -0.75 -33.51 -38.58
N GLY A 400 0.44 -34.08 -38.79
CA GLY A 400 1.43 -34.11 -37.74
C GLY A 400 1.93 -32.72 -37.36
N ASP A 401 2.07 -31.84 -38.35
CA ASP A 401 2.63 -30.52 -38.13
C ASP A 401 1.60 -29.48 -37.69
N GLU A 402 0.34 -29.89 -37.52
CA GLU A 402 -0.74 -28.96 -37.21
C GLU A 402 -1.28 -29.14 -35.79
N VAL A 403 -0.70 -30.05 -35.00
CA VAL A 403 -1.20 -30.28 -33.65
C VAL A 403 -0.94 -29.07 -32.75
N ARG A 404 0.13 -28.32 -33.02
CA ARG A 404 0.42 -27.13 -32.22
C ARG A 404 -0.66 -26.07 -32.34
N GLN A 405 -1.51 -26.15 -33.36
CA GLN A 405 -2.58 -25.19 -33.56
C GLN A 405 -3.81 -25.49 -32.70
N ILE A 406 -3.85 -26.64 -32.05
CA ILE A 406 -4.96 -26.97 -31.13
C ILE A 406 -4.55 -26.43 -29.77
N ALA A 407 -4.78 -25.13 -29.58
CA ALA A 407 -4.41 -24.43 -28.37
C ALA A 407 -5.09 -23.06 -28.37
N PRO A 408 -5.39 -22.49 -27.20
CA PRO A 408 -6.02 -21.17 -27.18
C PRO A 408 -5.08 -20.06 -27.61
N GLY A 409 -5.45 -19.33 -28.65
CA GLY A 409 -4.67 -18.21 -29.12
C GLY A 409 -3.72 -18.51 -30.26
N GLN A 410 -3.99 -19.51 -31.07
CA GLN A 410 -3.11 -19.90 -32.16
C GLN A 410 -3.69 -19.44 -33.51
N THR A 411 -2.83 -19.39 -34.52
CA THR A 411 -3.20 -18.98 -35.85
C THR A 411 -2.79 -20.04 -36.86
N GLY A 412 -3.55 -20.12 -37.93
CA GLY A 412 -3.31 -21.10 -38.97
C GLY A 412 -4.63 -21.51 -39.59
N LYS A 413 -4.53 -22.34 -40.64
CA LYS A 413 -5.74 -22.77 -41.31
C LYS A 413 -6.61 -23.63 -40.40
N ILE A 414 -5.99 -24.49 -39.59
CA ILE A 414 -6.77 -25.31 -38.66
C ILE A 414 -7.43 -24.43 -37.60
N ALA A 415 -6.70 -23.46 -37.07
CA ALA A 415 -7.24 -22.63 -35.99
C ALA A 415 -8.16 -21.53 -36.49
N ASP A 416 -8.20 -21.28 -37.80
CA ASP A 416 -9.03 -20.22 -38.35
C ASP A 416 -10.22 -20.70 -39.14
N TYR A 417 -10.18 -21.90 -39.71
CA TYR A 417 -11.19 -22.32 -40.68
C TYR A 417 -12.02 -23.54 -40.27
N ASN A 418 -11.54 -24.38 -39.36
CA ASN A 418 -12.29 -25.58 -38.99
C ASN A 418 -12.39 -25.86 -37.49
N TYR A 419 -11.47 -25.35 -36.66
CA TYR A 419 -11.58 -25.61 -35.23
C TYR A 419 -10.88 -24.51 -34.45
N LYS A 420 -11.59 -23.90 -33.51
CA LYS A 420 -11.05 -22.84 -32.67
C LYS A 420 -11.39 -23.12 -31.21
N LEU A 421 -10.47 -22.80 -30.31
CA LEU A 421 -10.62 -22.94 -28.88
C LEU A 421 -10.90 -21.59 -28.22
N PRO A 422 -11.75 -21.55 -27.20
CA PRO A 422 -11.99 -20.28 -26.49
C PRO A 422 -10.75 -19.85 -25.71
N ASP A 423 -10.66 -18.54 -25.49
CA ASP A 423 -9.50 -18.00 -24.79
C ASP A 423 -9.49 -18.37 -23.31
N ASP A 424 -10.66 -18.66 -22.74
CA ASP A 424 -10.79 -19.07 -21.34
C ASP A 424 -11.05 -20.57 -21.21
N PHE A 425 -10.42 -21.36 -22.08
CA PHE A 425 -10.69 -22.80 -22.11
C PHE A 425 -10.22 -23.48 -20.84
N THR A 426 -11.05 -24.39 -20.33
CA THR A 426 -10.74 -25.20 -19.16
C THR A 426 -10.85 -26.66 -19.56
N GLY A 427 -9.72 -27.37 -19.58
CA GLY A 427 -9.73 -28.76 -19.99
C GLY A 427 -8.34 -29.19 -20.42
N CYS A 428 -8.29 -30.29 -21.17
CA CYS A 428 -7.04 -30.88 -21.60
C CYS A 428 -7.12 -31.25 -23.08
N VAL A 429 -5.97 -31.19 -23.74
CA VAL A 429 -5.84 -31.55 -25.15
C VAL A 429 -4.92 -32.76 -25.24
N ILE A 430 -5.37 -33.80 -25.93
CA ILE A 430 -4.66 -35.05 -26.04
C ILE A 430 -4.46 -35.37 -27.52
N ALA A 431 -3.23 -35.74 -27.89
CA ALA A 431 -2.92 -36.14 -29.25
C ALA A 431 -1.93 -37.29 -29.22
N TRP A 432 -2.00 -38.15 -30.23
CA TRP A 432 -1.08 -39.27 -30.37
C TRP A 432 -0.98 -39.66 -31.83
N ASN A 433 0.18 -40.16 -32.22
CA ASN A 433 0.40 -40.59 -33.59
C ASN A 433 -0.50 -41.77 -33.94
N SER A 434 -1.14 -41.67 -35.11
CA SER A 434 -2.06 -42.71 -35.56
C SER A 434 -1.71 -43.18 -36.97
N ASN A 435 -0.43 -43.16 -37.31
CA ASN A 435 0.00 -43.67 -38.61
C ASN A 435 -0.20 -45.17 -38.76
N ASN A 436 -0.46 -45.89 -37.66
CA ASN A 436 -0.61 -47.34 -37.74
C ASN A 436 -1.92 -47.74 -38.40
N LEU A 437 -3.02 -47.08 -38.03
CA LEU A 437 -4.34 -47.47 -38.52
C LEU A 437 -5.08 -46.37 -39.26
N ASP A 438 -4.40 -45.28 -39.62
CA ASP A 438 -5.01 -44.20 -40.40
C ASP A 438 -4.27 -43.92 -41.69
N SER A 439 -3.35 -44.80 -42.09
CA SER A 439 -2.60 -44.66 -43.33
C SER A 439 -2.78 -45.92 -44.17
N LYS A 440 -3.02 -45.72 -45.47
CA LYS A 440 -3.27 -46.82 -46.39
C LYS A 440 -2.18 -46.83 -47.45
N VAL A 441 -1.86 -48.04 -47.95
CA VAL A 441 -0.71 -48.22 -48.82
C VAL A 441 -0.86 -47.36 -50.08
N GLY A 442 -2.04 -47.37 -50.68
CA GLY A 442 -2.29 -46.51 -51.82
C GLY A 442 -2.54 -45.06 -51.48
N GLY A 443 -2.85 -44.77 -50.22
CA GLY A 443 -3.15 -43.41 -49.80
C GLY A 443 -4.54 -43.27 -49.21
N ASN A 444 -4.62 -42.77 -47.99
CA ASN A 444 -5.91 -42.58 -47.31
C ASN A 444 -6.39 -41.15 -47.56
N TYR A 445 -7.42 -41.00 -48.38
CA TYR A 445 -7.93 -39.69 -48.78
C TYR A 445 -9.33 -39.44 -48.24
N ASN A 446 -9.67 -40.02 -47.09
CA ASN A 446 -10.99 -39.87 -46.51
C ASN A 446 -11.04 -38.83 -45.39
N TYR A 447 -9.97 -38.10 -45.16
CA TYR A 447 -9.93 -37.04 -44.15
C TYR A 447 -9.82 -35.69 -44.86
N LEU A 448 -10.75 -34.80 -44.56
CA LEU A 448 -10.89 -33.53 -45.27
C LEU A 448 -10.71 -32.35 -44.32
N TYR A 449 -10.26 -31.24 -44.87
CA TYR A 449 -10.13 -30.00 -44.11
C TYR A 449 -10.55 -28.83 -44.98
N ARG A 450 -11.02 -27.77 -44.32
CA ARG A 450 -11.42 -26.56 -45.04
C ARG A 450 -10.20 -25.69 -45.31
N LEU A 451 -10.11 -25.16 -46.52
CA LEU A 451 -8.98 -24.33 -46.93
C LEU A 451 -9.33 -22.87 -47.11
N PHE A 452 -10.56 -22.54 -47.51
CA PHE A 452 -10.95 -21.17 -47.76
C PHE A 452 -12.22 -20.84 -47.01
N ARG A 453 -12.25 -19.66 -46.39
CA ARG A 453 -13.44 -19.16 -45.73
C ARG A 453 -13.41 -17.64 -45.74
N LYS A 454 -14.60 -17.04 -45.72
CA LYS A 454 -14.70 -15.58 -45.78
C LYS A 454 -14.09 -14.94 -44.54
N SER A 455 -14.28 -15.55 -43.37
CA SER A 455 -13.76 -15.00 -42.13
C SER A 455 -13.50 -16.13 -41.15
N ASN A 456 -12.74 -15.81 -40.11
CA ASN A 456 -12.45 -16.79 -39.07
C ASN A 456 -13.69 -17.10 -38.26
N LEU A 457 -13.77 -18.33 -37.76
CA LEU A 457 -14.95 -18.79 -37.04
C LEU A 457 -14.77 -18.68 -35.53
N LYS A 458 -15.90 -18.53 -34.84
CA LYS A 458 -15.92 -18.34 -33.40
C LYS A 458 -15.53 -19.63 -32.68
N PRO A 459 -15.13 -19.53 -31.41
CA PRO A 459 -14.77 -20.75 -30.67
C PRO A 459 -15.91 -21.76 -30.63
N PHE A 460 -15.54 -23.04 -30.82
CA PHE A 460 -16.49 -24.15 -30.79
C PHE A 460 -17.60 -24.00 -31.82
N GLU A 461 -17.29 -23.41 -32.97
CA GLU A 461 -18.24 -23.27 -34.07
C GLU A 461 -17.87 -24.24 -35.18
N ARG A 462 -18.89 -24.72 -35.90
CA ARG A 462 -18.71 -25.69 -36.97
C ARG A 462 -19.25 -25.14 -38.27
N ASP A 463 -18.50 -25.34 -39.36
CA ASP A 463 -18.95 -25.03 -40.71
C ASP A 463 -19.02 -26.31 -41.51
N ILE A 464 -20.15 -26.54 -42.18
CA ILE A 464 -20.41 -27.79 -42.88
C ILE A 464 -20.62 -27.49 -44.36
N SER A 465 -20.94 -26.24 -44.67
CA SER A 465 -21.30 -25.85 -46.03
C SER A 465 -20.18 -26.15 -47.01
N THR A 466 -20.55 -26.55 -48.23
CA THR A 466 -19.60 -26.88 -49.29
C THR A 466 -19.81 -26.00 -50.51
N GLU A 467 -20.23 -24.75 -50.31
CA GLU A 467 -20.45 -23.85 -51.43
C GLU A 467 -19.12 -23.40 -52.03
N ILE A 468 -19.16 -23.13 -53.34
CA ILE A 468 -17.96 -22.71 -54.05
C ILE A 468 -17.48 -21.38 -53.51
N TYR A 469 -16.16 -21.27 -53.30
CA TYR A 469 -15.56 -20.07 -52.73
C TYR A 469 -15.16 -19.10 -53.83
N GLN A 470 -15.54 -17.84 -53.68
CA GLN A 470 -15.23 -16.81 -54.67
C GLN A 470 -13.90 -16.16 -54.28
N ALA A 471 -12.82 -16.59 -54.93
CA ALA A 471 -11.49 -16.07 -54.68
C ALA A 471 -11.07 -15.03 -55.70
N GLY A 472 -11.99 -14.58 -56.56
CA GLY A 472 -11.65 -13.61 -57.58
C GLY A 472 -12.67 -12.48 -57.60
N SER A 473 -12.39 -11.49 -58.46
CA SER A 473 -13.27 -10.34 -58.56
C SER A 473 -14.63 -10.71 -59.15
N THR A 474 -14.64 -11.54 -60.19
CA THR A 474 -15.88 -11.86 -60.87
C THR A 474 -16.73 -12.79 -60.01
N PRO A 475 -18.04 -12.57 -59.97
CA PRO A 475 -18.93 -13.57 -59.37
C PRO A 475 -18.96 -14.82 -60.22
N CYS A 476 -18.82 -15.97 -59.56
CA CYS A 476 -18.82 -17.27 -60.20
C CYS A 476 -19.96 -18.14 -59.66
N ASN A 477 -20.06 -19.36 -60.17
CA ASN A 477 -21.29 -20.15 -60.04
C ASN A 477 -20.95 -21.50 -59.44
N GLY A 478 -21.84 -22.47 -59.66
CA GLY A 478 -21.64 -23.80 -59.11
C GLY A 478 -20.38 -24.47 -59.65
N VAL A 479 -19.99 -24.13 -60.88
CA VAL A 479 -18.76 -24.68 -61.44
C VAL A 479 -17.56 -23.93 -60.88
N GLU A 480 -16.41 -24.61 -60.87
CA GLU A 480 -15.20 -23.98 -60.35
C GLU A 480 -14.60 -23.03 -61.37
N GLY A 481 -14.23 -23.55 -62.53
CA GLY A 481 -13.68 -22.71 -63.58
C GLY A 481 -12.41 -22.03 -63.14
N PHE A 482 -12.43 -20.70 -63.21
CA PHE A 482 -11.26 -19.87 -62.98
C PHE A 482 -11.53 -18.93 -61.82
N ASN A 483 -10.60 -18.89 -60.87
CA ASN A 483 -10.70 -18.09 -59.65
C ASN A 483 -11.88 -18.50 -58.77
N CYS A 484 -12.22 -19.78 -58.77
CA CYS A 484 -13.15 -20.36 -57.80
C CYS A 484 -12.77 -21.81 -57.53
N TYR A 485 -12.80 -22.20 -56.26
CA TYR A 485 -12.28 -23.48 -55.83
C TYR A 485 -13.25 -24.20 -54.90
N PHE A 486 -13.18 -25.52 -54.91
CA PHE A 486 -13.91 -26.30 -53.91
C PHE A 486 -13.29 -26.06 -52.54
N PRO A 487 -14.05 -25.58 -51.55
CA PRO A 487 -13.44 -25.14 -50.29
C PRO A 487 -12.81 -26.26 -49.47
N LEU A 488 -13.16 -27.51 -49.72
CA LEU A 488 -12.68 -28.64 -48.94
C LEU A 488 -11.62 -29.40 -49.72
N GLN A 489 -10.47 -29.63 -49.08
CA GLN A 489 -9.39 -30.40 -49.66
C GLN A 489 -9.10 -31.61 -48.77
N SER A 490 -8.62 -32.68 -49.38
CA SER A 490 -8.41 -33.95 -48.69
C SER A 490 -6.97 -34.11 -48.28
N TYR A 491 -6.76 -34.62 -47.06
CA TYR A 491 -5.42 -35.00 -46.62
C TYR A 491 -4.90 -36.18 -47.43
N GLY A 492 -3.59 -36.18 -47.65
CA GLY A 492 -2.96 -37.33 -48.27
C GLY A 492 -2.09 -38.07 -47.28
N PHE A 493 -2.55 -39.25 -46.85
CA PHE A 493 -1.88 -40.02 -45.79
C PHE A 493 -1.33 -41.30 -46.38
N HIS A 494 0.00 -41.40 -46.43
CA HIS A 494 0.69 -42.60 -46.86
C HIS A 494 1.51 -43.16 -45.71
N PRO A 495 1.65 -44.49 -45.63
CA PRO A 495 2.43 -45.07 -44.52
C PRO A 495 3.90 -44.68 -44.53
N THR A 496 4.44 -44.31 -45.69
CA THR A 496 5.84 -43.93 -45.81
C THR A 496 6.05 -42.42 -45.67
N ASN A 497 5.00 -41.67 -45.36
CA ASN A 497 5.14 -40.23 -45.17
C ASN A 497 6.03 -39.94 -43.96
N GLY A 498 6.78 -38.85 -44.05
CA GLY A 498 7.58 -38.40 -42.93
C GLY A 498 6.71 -37.81 -41.83
N VAL A 499 7.30 -37.73 -40.64
CA VAL A 499 6.58 -37.14 -39.51
C VAL A 499 6.27 -35.69 -39.83
N GLY A 500 5.00 -35.30 -39.65
CA GLY A 500 4.49 -34.02 -40.10
C GLY A 500 3.45 -34.16 -41.19
N TYR A 501 3.54 -35.22 -41.99
CA TYR A 501 2.50 -35.58 -42.95
C TYR A 501 1.72 -36.81 -42.53
N GLN A 502 1.97 -37.31 -41.32
CA GLN A 502 1.31 -38.49 -40.75
C GLN A 502 0.13 -38.06 -39.88
N PRO A 503 -0.95 -38.84 -39.87
CA PRO A 503 -2.14 -38.45 -39.12
C PRO A 503 -1.93 -38.48 -37.62
N TYR A 504 -2.63 -37.58 -36.93
CA TYR A 504 -2.64 -37.52 -35.48
C TYR A 504 -4.08 -37.43 -35.00
N ARG A 505 -4.46 -38.29 -34.07
CA ARG A 505 -5.80 -38.28 -33.49
C ARG A 505 -5.80 -37.37 -32.27
N VAL A 506 -6.68 -36.36 -32.29
CA VAL A 506 -6.70 -35.33 -31.27
C VAL A 506 -8.02 -35.42 -30.52
N VAL A 507 -7.94 -35.57 -29.20
CA VAL A 507 -9.10 -35.58 -28.32
C VAL A 507 -8.93 -34.43 -27.33
N VAL A 508 -9.93 -33.56 -27.25
CA VAL A 508 -9.93 -32.43 -26.34
C VAL A 508 -11.13 -32.55 -25.42
N LEU A 509 -10.88 -32.49 -24.11
CA LEU A 509 -11.92 -32.65 -23.09
C LEU A 509 -12.18 -31.31 -22.42
N SER A 510 -13.44 -30.92 -22.35
CA SER A 510 -13.84 -29.68 -21.69
C SER A 510 -14.52 -30.03 -20.37
N PHE A 511 -14.07 -29.39 -19.29
CA PHE A 511 -14.53 -29.70 -17.95
C PHE A 511 -15.48 -28.61 -17.46
N GLU A 512 -16.37 -29.01 -16.54
CA GLU A 512 -17.36 -28.09 -15.97
C GLU A 512 -17.55 -28.49 -14.51
N LEU A 513 -16.99 -27.69 -13.60
CA LEU A 513 -17.09 -28.01 -12.18
C LEU A 513 -18.50 -27.83 -11.65
N LEU A 514 -19.01 -26.59 -11.66
CA LEU A 514 -20.37 -26.29 -11.19
C LEU A 514 -20.60 -26.76 -9.76
N ASN A 515 -21.86 -26.80 -9.33
CA ASN A 515 -22.22 -27.41 -8.05
C ASN A 515 -23.29 -28.47 -8.19
N ALA A 516 -23.66 -28.83 -9.42
CA ALA A 516 -24.58 -29.92 -9.66
C ALA A 516 -23.92 -31.25 -9.26
N PRO A 517 -24.70 -32.32 -9.10
CA PRO A 517 -24.09 -33.61 -8.76
C PRO A 517 -23.07 -34.03 -9.79
N ALA A 518 -21.96 -34.60 -9.30
CA ALA A 518 -20.85 -34.99 -10.16
C ALA A 518 -21.22 -36.24 -10.96
N THR A 519 -20.76 -36.27 -12.21
CA THR A 519 -20.98 -37.41 -13.08
C THR A 519 -19.70 -38.16 -13.44
N VAL A 520 -18.57 -37.48 -13.53
CA VAL A 520 -17.29 -38.10 -13.81
C VAL A 520 -16.34 -37.81 -12.66
N CYS A 521 -15.72 -38.85 -12.12
CA CYS A 521 -14.89 -38.73 -10.93
C CYS A 521 -13.59 -39.49 -11.12
N GLY A 522 -12.60 -39.13 -10.30
CA GLY A 522 -11.32 -39.81 -10.29
C GLY A 522 -11.38 -41.14 -9.57
N PRO A 523 -10.31 -41.91 -9.69
CA PRO A 523 -10.31 -43.26 -9.12
C PRO A 523 -9.96 -43.31 -7.65
N LYS A 524 -10.01 -42.17 -6.96
CA LYS A 524 -9.68 -42.12 -5.54
C LYS A 524 -10.67 -42.97 -4.73
N LYS A 525 -10.14 -43.60 -3.69
CA LYS A 525 -10.94 -44.43 -2.80
C LYS A 525 -11.50 -43.59 -1.66
N SER A 526 -12.71 -43.97 -1.23
CA SER A 526 -13.43 -43.22 -0.21
C SER A 526 -13.24 -43.86 1.16
N THR A 527 -12.86 -43.04 2.13
CA THR A 527 -12.74 -43.48 3.51
C THR A 527 -14.04 -43.25 4.26
N ASN A 528 -14.10 -43.77 5.47
CA ASN A 528 -15.26 -43.54 6.32
C ASN A 528 -15.25 -42.11 6.87
N LEU A 529 -16.43 -41.61 7.22
CA LEU A 529 -16.60 -40.23 7.63
C LEU A 529 -16.51 -40.12 9.14
N ILE A 530 -15.77 -39.11 9.62
CA ILE A 530 -15.69 -38.79 11.03
C ILE A 530 -16.02 -37.31 11.19
N LYS A 531 -16.49 -36.96 12.38
CA LYS A 531 -16.91 -35.59 12.68
C LYS A 531 -16.49 -35.23 14.10
N ASN A 532 -16.81 -34.00 14.50
CA ASN A 532 -16.44 -33.47 15.81
C ASN A 532 -14.93 -33.50 16.00
N LYS A 533 -14.19 -33.20 14.94
CA LYS A 533 -12.74 -33.30 14.95
C LYS A 533 -12.19 -32.50 13.78
N CYS A 534 -11.14 -31.72 14.04
CA CYS A 534 -10.52 -30.93 12.97
C CYS A 534 -9.74 -31.86 12.05
N VAL A 535 -10.18 -31.97 10.80
CA VAL A 535 -9.63 -32.92 9.84
C VAL A 535 -9.47 -32.23 8.49
N ASN A 536 -8.84 -32.96 7.56
CA ASN A 536 -8.77 -32.56 6.16
C ASN A 536 -9.79 -33.40 5.39
N PHE A 537 -10.66 -32.73 4.65
CA PHE A 537 -11.72 -33.43 3.94
C PHE A 537 -11.65 -33.16 2.45
N ASN A 538 -12.32 -34.03 1.69
CA ASN A 538 -12.34 -33.92 0.23
C ASN A 538 -13.73 -34.40 -0.23
N PHE A 539 -14.62 -33.44 -0.49
CA PHE A 539 -16.00 -33.73 -0.89
C PHE A 539 -16.15 -33.41 -2.36
N ASN A 540 -16.20 -34.46 -3.19
CA ASN A 540 -16.38 -34.32 -4.63
C ASN A 540 -15.32 -33.42 -5.26
N GLY A 541 -14.09 -33.52 -4.75
CA GLY A 541 -13.01 -32.69 -5.22
C GLY A 541 -12.82 -31.38 -4.50
N LEU A 542 -13.73 -31.02 -3.58
CA LEU A 542 -13.63 -29.79 -2.82
C LEU A 542 -12.93 -30.10 -1.50
N THR A 543 -11.78 -29.48 -1.28
CA THR A 543 -10.96 -29.75 -0.10
C THR A 543 -11.11 -28.63 0.92
N GLY A 544 -10.49 -28.85 2.08
CA GLY A 544 -10.53 -27.86 3.14
C GLY A 544 -10.06 -28.46 4.44
N THR A 545 -10.11 -27.63 5.48
CA THR A 545 -9.75 -28.05 6.83
C THR A 545 -10.71 -27.41 7.81
N GLY A 546 -11.22 -28.22 8.74
CA GLY A 546 -12.16 -27.71 9.72
C GLY A 546 -12.80 -28.85 10.48
N VAL A 547 -13.88 -28.51 11.18
CA VAL A 547 -14.63 -29.44 12.00
C VAL A 547 -15.99 -29.67 11.36
N LEU A 548 -16.35 -30.93 11.14
CA LEU A 548 -17.63 -31.30 10.57
C LEU A 548 -18.61 -31.64 11.69
N THR A 549 -19.84 -31.17 11.54
CA THR A 549 -20.92 -31.44 12.49
C THR A 549 -22.21 -31.65 11.71
N GLU A 550 -23.27 -32.00 12.43
CA GLU A 550 -24.58 -32.11 11.82
C GLU A 550 -25.22 -30.73 11.72
N SER A 551 -25.94 -30.49 10.63
CA SER A 551 -26.50 -29.17 10.35
C SER A 551 -28.00 -29.25 10.17
N ASN A 552 -28.68 -28.17 10.56
CA ASN A 552 -30.11 -28.03 10.37
C ASN A 552 -30.45 -27.27 9.09
N LYS A 553 -29.45 -26.82 8.33
CA LYS A 553 -29.70 -26.07 7.11
C LYS A 553 -30.31 -26.96 6.04
N LYS A 554 -31.18 -26.37 5.22
CA LYS A 554 -31.85 -27.07 4.13
C LYS A 554 -31.26 -26.60 2.81
N PHE A 555 -30.75 -27.55 2.04
CA PHE A 555 -30.22 -27.28 0.72
C PHE A 555 -31.28 -27.53 -0.34
N LEU A 556 -31.05 -26.95 -1.52
CA LEU A 556 -31.88 -27.27 -2.67
C LEU A 556 -31.62 -28.72 -3.09
N PRO A 557 -32.60 -29.35 -3.74
CA PRO A 557 -32.45 -30.79 -4.06
C PRO A 557 -31.22 -31.09 -4.91
N PHE A 558 -30.76 -30.16 -5.73
CA PHE A 558 -29.60 -30.38 -6.57
C PHE A 558 -28.36 -29.64 -6.08
N GLN A 559 -28.45 -28.93 -4.96
CA GLN A 559 -27.31 -28.21 -4.40
C GLN A 559 -26.32 -29.19 -3.78
N GLN A 560 -25.04 -28.77 -3.72
CA GLN A 560 -24.02 -29.57 -3.07
C GLN A 560 -23.21 -28.80 -2.04
N PHE A 561 -22.89 -27.53 -2.29
CA PHE A 561 -22.15 -26.71 -1.36
C PHE A 561 -23.01 -25.56 -0.84
N GLY A 562 -22.62 -25.03 0.32
CA GLY A 562 -23.22 -23.84 0.86
C GLY A 562 -22.16 -22.78 1.15
N ARG A 563 -22.33 -21.59 0.59
CA ARG A 563 -21.33 -20.54 0.69
C ARG A 563 -21.73 -19.51 1.75
N ASP A 564 -20.72 -18.93 2.39
CA ASP A 564 -20.92 -17.95 3.45
C ASP A 564 -20.77 -16.54 2.88
N ILE A 565 -20.99 -15.54 3.73
CA ILE A 565 -20.95 -14.15 3.29
C ILE A 565 -19.56 -13.79 2.76
N ALA A 566 -18.51 -14.19 3.47
CA ALA A 566 -17.15 -13.88 3.03
C ALA A 566 -16.58 -14.99 2.15
N ASP A 567 -17.37 -15.40 1.15
CA ASP A 567 -16.96 -16.38 0.15
C ASP A 567 -16.32 -17.62 0.78
N THR A 568 -16.95 -18.11 1.83
CA THR A 568 -16.46 -19.26 2.58
C THR A 568 -17.46 -20.40 2.49
N THR A 569 -16.95 -21.63 2.47
CA THR A 569 -17.81 -22.80 2.44
C THR A 569 -18.43 -23.02 3.82
N ASP A 570 -19.76 -23.04 3.88
CA ASP A 570 -20.47 -23.17 5.14
C ASP A 570 -20.88 -24.61 5.43
N ALA A 571 -21.67 -25.20 4.54
CA ALA A 571 -22.14 -26.58 4.70
C ALA A 571 -21.95 -27.34 3.40
N VAL A 572 -21.67 -28.63 3.51
CA VAL A 572 -21.44 -29.49 2.36
C VAL A 572 -22.29 -30.74 2.52
N ARG A 573 -22.90 -31.18 1.42
CA ARG A 573 -23.72 -32.38 1.41
C ARG A 573 -22.85 -33.60 1.15
N ASP A 574 -22.97 -34.61 2.01
CA ASP A 574 -22.19 -35.82 1.84
C ASP A 574 -22.67 -36.59 0.62
N PRO A 575 -21.78 -36.93 -0.32
CA PRO A 575 -22.24 -37.60 -1.55
C PRO A 575 -22.87 -38.96 -1.33
N GLN A 576 -22.43 -39.73 -0.33
CA GLN A 576 -22.95 -41.07 -0.12
C GLN A 576 -24.26 -41.06 0.67
N THR A 577 -24.21 -40.54 1.90
CA THR A 577 -25.41 -40.33 2.71
C THR A 577 -25.80 -38.87 2.56
N LEU A 578 -26.93 -38.63 1.90
CA LEU A 578 -27.29 -37.26 1.51
C LEU A 578 -27.72 -36.44 2.71
N GLU A 579 -26.75 -36.04 3.53
CA GLU A 579 -26.99 -35.20 4.71
C GLU A 579 -26.11 -33.97 4.64
N ILE A 580 -26.59 -32.89 5.25
CA ILE A 580 -25.90 -31.61 5.23
C ILE A 580 -24.99 -31.51 6.45
N LEU A 581 -23.70 -31.32 6.21
CA LEU A 581 -22.71 -31.15 7.28
C LEU A 581 -22.14 -29.74 7.20
N ASP A 582 -22.21 -29.01 8.30
CA ASP A 582 -21.65 -27.66 8.32
C ASP A 582 -20.17 -27.70 8.70
N ILE A 583 -19.42 -26.77 8.13
CA ILE A 583 -17.97 -26.72 8.29
C ILE A 583 -17.63 -25.54 9.18
N THR A 584 -16.87 -25.80 10.25
CA THR A 584 -16.44 -24.79 11.19
C THR A 584 -14.93 -24.85 11.31
N PRO A 585 -14.24 -23.71 11.29
CA PRO A 585 -12.78 -23.75 11.51
C PRO A 585 -12.44 -24.27 12.90
N CYS A 586 -11.35 -25.01 12.98
CA CYS A 586 -10.90 -25.54 14.26
C CYS A 586 -9.97 -24.58 14.99
N SER A 587 -9.73 -23.40 14.45
CA SER A 587 -8.93 -22.37 15.11
C SER A 587 -9.86 -21.40 15.81
N PHE A 588 -9.68 -21.23 17.11
CA PHE A 588 -10.49 -20.34 17.93
C PHE A 588 -9.72 -19.05 18.16
N GLY A 589 -10.30 -17.94 17.71
CA GLY A 589 -9.73 -16.62 17.93
C GLY A 589 -10.30 -15.99 19.18
N GLY A 590 -9.42 -15.36 19.96
CA GLY A 590 -9.84 -14.74 21.19
C GLY A 590 -9.18 -15.33 22.42
N VAL A 591 -7.97 -15.86 22.26
CA VAL A 591 -7.21 -16.43 23.35
C VAL A 591 -6.14 -15.43 23.76
N SER A 592 -6.18 -15.00 25.02
CA SER A 592 -5.21 -14.05 25.57
C SER A 592 -4.48 -14.70 26.72
N VAL A 593 -3.16 -14.54 26.75
CA VAL A 593 -2.31 -15.14 27.76
C VAL A 593 -1.89 -14.05 28.74
N ILE A 594 -2.30 -14.19 30.00
CA ILE A 594 -1.94 -13.27 31.06
C ILE A 594 -0.73 -13.84 31.78
N THR A 595 0.37 -13.09 31.79
CA THR A 595 1.60 -13.55 32.41
C THR A 595 2.31 -12.41 33.11
N PRO A 596 2.97 -12.68 34.24
CA PRO A 596 3.99 -11.74 34.72
C PRO A 596 5.23 -11.83 33.85
N GLY A 597 6.25 -11.04 34.14
CA GLY A 597 7.46 -11.09 33.33
C GLY A 597 8.13 -12.44 33.41
N THR A 598 8.89 -12.77 32.37
CA THR A 598 9.60 -14.05 32.34
C THR A 598 10.67 -14.11 33.41
N ASN A 599 11.13 -12.95 33.89
CA ASN A 599 12.07 -12.91 35.00
C ASN A 599 11.39 -13.23 36.33
N ALA A 600 10.07 -13.08 36.40
CA ALA A 600 9.34 -13.32 37.65
C ALA A 600 8.96 -14.79 37.82
N SER A 601 8.21 -15.34 36.87
CA SER A 601 7.79 -16.74 36.94
C SER A 601 7.37 -17.18 35.55
N ASN A 602 6.93 -18.44 35.46
CA ASN A 602 6.46 -19.02 34.21
C ASN A 602 4.98 -19.36 34.23
N GLN A 603 4.30 -19.14 35.36
CA GLN A 603 2.86 -19.40 35.43
C GLN A 603 2.09 -18.40 34.58
N VAL A 604 1.05 -18.89 33.92
CA VAL A 604 0.20 -18.05 33.07
C VAL A 604 -1.25 -18.35 33.37
N ALA A 605 -2.11 -17.38 33.04
CA ALA A 605 -3.56 -17.54 33.13
C ALA A 605 -4.15 -17.22 31.77
N VAL A 606 -5.02 -18.08 31.26
CA VAL A 606 -5.56 -17.98 29.91
C VAL A 606 -6.97 -17.42 29.99
N LEU A 607 -7.28 -16.49 29.09
CA LEU A 607 -8.60 -15.89 29.00
C LEU A 607 -9.20 -16.24 27.64
N TYR A 608 -10.39 -16.85 27.65
CA TYR A 608 -11.10 -17.21 26.44
C TYR A 608 -12.26 -16.23 26.24
N GLN A 609 -12.21 -15.47 25.15
CA GLN A 609 -13.15 -14.39 24.93
C GLN A 609 -14.52 -14.93 24.54
N ASP A 610 -15.56 -14.39 25.18
CA ASP A 610 -16.96 -14.67 24.82
C ASP A 610 -17.26 -16.17 24.84
N VAL A 611 -16.78 -16.85 25.87
CA VAL A 611 -17.04 -18.28 26.05
C VAL A 611 -17.36 -18.54 27.51
N ASN A 612 -18.42 -19.30 27.77
CA ASN A 612 -18.72 -19.77 29.11
C ASN A 612 -18.02 -21.09 29.36
N CYS A 613 -17.47 -21.26 30.56
CA CYS A 613 -16.53 -22.34 30.84
C CYS A 613 -17.16 -23.71 30.84
N THR A 614 -18.47 -23.82 30.61
CA THR A 614 -19.07 -25.13 30.40
C THR A 614 -18.56 -25.76 29.12
N GLU A 615 -18.36 -24.95 28.07
CA GLU A 615 -18.02 -25.43 26.74
C GLU A 615 -16.67 -24.87 26.31
N VAL A 616 -15.75 -24.75 27.28
CA VAL A 616 -14.38 -24.36 26.96
C VAL A 616 -13.63 -25.53 26.34
N PRO A 617 -13.63 -26.74 26.92
CA PRO A 617 -12.94 -27.86 26.26
C PRO A 617 -13.49 -28.18 24.88
N VAL A 618 -14.79 -27.99 24.67
CA VAL A 618 -15.37 -28.25 23.36
C VAL A 618 -14.93 -27.20 22.35
N ALA A 619 -14.92 -25.92 22.76
CA ALA A 619 -14.60 -24.85 21.83
C ALA A 619 -13.15 -24.92 21.36
N ILE A 620 -12.22 -25.21 22.27
CA ILE A 620 -10.79 -25.21 21.94
C ILE A 620 -10.30 -26.61 21.56
N HIS A 621 -11.21 -27.57 21.38
CA HIS A 621 -10.86 -28.93 20.96
C HIS A 621 -9.79 -29.51 21.87
N ALA A 622 -10.04 -29.48 23.17
CA ALA A 622 -9.07 -29.94 24.15
C ALA A 622 -8.77 -31.43 24.02
N ASP A 623 -9.62 -32.19 23.32
CA ASP A 623 -9.36 -33.61 23.14
C ASP A 623 -8.09 -33.85 22.34
N GLN A 624 -7.97 -33.23 21.17
CA GLN A 624 -6.78 -33.38 20.34
C GLN A 624 -5.77 -32.26 20.62
N LEU A 625 -5.43 -32.08 21.89
CA LEU A 625 -4.43 -31.12 22.32
C LEU A 625 -3.38 -31.85 23.13
N THR A 626 -2.19 -31.28 23.17
CA THR A 626 -1.11 -31.85 23.97
C THR A 626 -1.44 -31.71 25.45
N PRO A 627 -0.79 -32.50 26.30
CA PRO A 627 -0.87 -32.24 27.74
C PRO A 627 -0.29 -30.88 28.08
N THR A 628 -0.36 -30.49 29.36
CA THR A 628 0.01 -29.16 29.88
C THR A 628 -0.62 -28.03 29.04
N TRP A 629 -1.66 -28.34 28.27
CA TRP A 629 -2.57 -27.36 27.71
C TRP A 629 -3.99 -27.79 28.02
N ARG A 630 -4.18 -29.11 28.14
CA ARG A 630 -5.45 -29.63 28.63
C ARG A 630 -5.65 -29.28 30.10
N VAL A 631 -4.60 -28.84 30.79
CA VAL A 631 -4.74 -28.37 32.17
C VAL A 631 -5.50 -27.05 32.19
N TYR A 632 -5.23 -26.18 31.22
CA TYR A 632 -5.89 -24.88 31.17
C TYR A 632 -7.28 -24.93 30.57
N SER A 633 -7.74 -26.10 30.12
CA SER A 633 -9.08 -26.21 29.58
C SER A 633 -10.10 -26.54 30.67
N THR A 634 -9.89 -27.66 31.37
CA THR A 634 -10.77 -28.06 32.47
C THR A 634 -9.95 -28.01 33.75
N GLY A 635 -9.98 -26.85 34.41
CA GLY A 635 -9.23 -26.62 35.62
C GLY A 635 -10.12 -26.51 36.85
N SER A 636 -9.52 -26.02 37.93
CA SER A 636 -10.21 -25.77 39.18
C SER A 636 -10.38 -24.29 39.49
N ASN A 637 -9.40 -23.46 39.16
CA ASN A 637 -9.51 -22.01 39.33
C ASN A 637 -10.25 -21.39 38.14
N VAL A 638 -11.53 -21.75 38.04
CA VAL A 638 -12.38 -21.32 36.94
C VAL A 638 -13.22 -20.15 37.41
N PHE A 639 -13.05 -19.00 36.76
CA PHE A 639 -13.75 -17.77 37.12
C PHE A 639 -14.44 -17.22 35.87
N GLN A 640 -15.71 -16.87 36.01
CA GLN A 640 -16.51 -16.36 34.90
C GLN A 640 -16.68 -14.85 35.02
N THR A 641 -16.31 -14.14 33.96
CA THR A 641 -16.47 -12.69 33.86
C THR A 641 -17.35 -12.37 32.66
N ARG A 642 -17.66 -11.08 32.50
CA ARG A 642 -18.43 -10.62 31.35
C ARG A 642 -17.59 -10.55 30.08
N ALA A 643 -16.27 -10.67 30.18
CA ALA A 643 -15.35 -10.61 29.05
C ALA A 643 -14.82 -11.98 28.69
N GLY A 644 -15.67 -13.00 28.72
CA GLY A 644 -15.20 -14.37 28.72
C GLY A 644 -14.89 -14.80 30.14
N CYS A 645 -14.34 -16.01 30.26
CA CYS A 645 -14.05 -16.54 31.58
C CYS A 645 -12.61 -17.00 31.66
N LEU A 646 -11.99 -16.72 32.80
CA LEU A 646 -10.55 -16.84 32.99
C LEU A 646 -10.20 -18.12 33.73
N ILE A 647 -9.21 -18.84 33.22
CA ILE A 647 -8.75 -20.10 33.79
C ILE A 647 -7.28 -19.96 34.15
N GLY A 648 -6.94 -20.36 35.37
CA GLY A 648 -5.57 -20.32 35.85
C GLY A 648 -5.29 -19.29 36.91
N ALA A 649 -6.27 -18.48 37.30
CA ALA A 649 -6.08 -17.45 38.30
C ALA A 649 -7.09 -17.65 39.43
N GLU A 650 -6.62 -17.48 40.67
CA GLU A 650 -7.49 -17.60 41.83
C GLU A 650 -8.26 -16.30 42.03
N HIS A 651 -9.57 -16.42 42.23
CA HIS A 651 -10.42 -15.26 42.44
C HIS A 651 -10.42 -14.87 43.92
N VAL A 652 -10.28 -13.57 44.18
CA VAL A 652 -10.27 -13.04 45.53
C VAL A 652 -11.36 -11.98 45.65
N ASN A 653 -11.82 -11.76 46.88
CA ASN A 653 -12.88 -10.79 47.17
C ASN A 653 -12.34 -9.46 47.64
N ASN A 654 -11.02 -9.27 47.69
CA ASN A 654 -10.41 -8.02 48.10
C ASN A 654 -10.10 -7.19 46.86
N SER A 655 -10.50 -5.92 46.89
CA SER A 655 -10.34 -5.03 45.75
C SER A 655 -9.08 -4.20 45.93
N TYR A 656 -8.17 -4.28 44.97
CA TYR A 656 -6.93 -3.51 44.95
C TYR A 656 -6.94 -2.56 43.75
N GLU A 657 -5.84 -1.85 43.57
CA GLU A 657 -5.66 -1.03 42.39
C GLU A 657 -5.28 -1.90 41.20
N CYS A 658 -5.70 -1.48 40.01
CA CYS A 658 -5.52 -2.31 38.82
C CYS A 658 -4.05 -2.42 38.46
N ASP A 659 -3.61 -3.65 38.19
CA ASP A 659 -2.23 -3.92 37.80
C ASP A 659 -2.12 -4.41 36.36
N ILE A 660 -2.83 -5.48 36.02
CA ILE A 660 -2.92 -5.97 34.65
C ILE A 660 -4.38 -5.95 34.22
N PRO A 661 -4.77 -4.97 33.41
CA PRO A 661 -6.19 -4.86 33.02
C PRO A 661 -6.60 -6.02 32.11
N ILE A 662 -7.66 -6.70 32.49
CA ILE A 662 -8.21 -7.81 31.71
C ILE A 662 -9.42 -7.38 30.91
N GLY A 663 -10.35 -6.68 31.53
CA GLY A 663 -11.54 -6.20 30.88
C GLY A 663 -12.76 -6.35 31.76
N ALA A 664 -13.78 -5.51 31.50
CA ALA A 664 -15.04 -5.53 32.22
C ALA A 664 -14.86 -5.35 33.73
N GLY A 665 -13.91 -4.49 34.10
CA GLY A 665 -13.69 -4.17 35.50
C GLY A 665 -12.89 -5.18 36.28
N ILE A 666 -12.25 -6.14 35.62
CA ILE A 666 -11.47 -7.18 36.27
C ILE A 666 -10.01 -6.96 35.94
N CYS A 667 -9.16 -6.99 36.97
CA CYS A 667 -7.71 -6.84 36.80
C CYS A 667 -7.00 -7.99 37.48
N ALA A 668 -5.81 -8.31 36.97
CA ALA A 668 -5.00 -9.40 37.49
C ALA A 668 -3.69 -8.86 38.05
N SER A 669 -3.14 -9.57 39.03
CA SER A 669 -1.89 -9.17 39.65
C SER A 669 -1.15 -10.41 40.12
N TYR A 670 0.17 -10.27 40.27
CA TYR A 670 1.04 -11.34 40.72
C TYR A 670 1.46 -11.03 42.15
N GLN A 671 0.95 -11.80 43.10
CA GLN A 671 1.20 -11.57 44.52
C GLN A 671 1.42 -12.91 45.21
N THR A 672 1.92 -12.83 46.44
CA THR A 672 2.16 -14.02 47.25
C THR A 672 0.85 -14.69 47.67
N SER A 681 4.17 -20.32 46.98
CA SER A 681 4.15 -19.00 47.60
C SER A 681 3.40 -18.01 46.71
N GLN A 682 4.05 -17.56 45.65
CA GLN A 682 3.44 -16.62 44.73
C GLN A 682 2.43 -17.31 43.83
N SER A 683 1.40 -16.57 43.43
CA SER A 683 0.38 -17.07 42.53
C SER A 683 -0.31 -15.89 41.87
N ILE A 684 -1.06 -16.18 40.82
CA ILE A 684 -1.79 -15.16 40.06
C ILE A 684 -3.20 -15.05 40.61
N ILE A 685 -3.58 -13.83 40.98
CA ILE A 685 -4.91 -13.56 41.53
C ILE A 685 -5.62 -12.57 40.63
N ALA A 686 -6.95 -12.72 40.54
CA ALA A 686 -7.80 -11.83 39.77
C ALA A 686 -8.85 -11.23 40.69
N TYR A 687 -9.14 -9.95 40.49
CA TYR A 687 -10.03 -9.23 41.40
C TYR A 687 -10.71 -8.10 40.66
N THR A 688 -11.75 -7.55 41.28
CA THR A 688 -12.40 -6.35 40.78
C THR A 688 -11.58 -5.13 41.15
N MET A 689 -11.30 -4.26 40.18
CA MET A 689 -10.50 -3.08 40.43
C MET A 689 -11.27 -2.11 41.32
N SER A 690 -10.52 -1.30 42.06
CA SER A 690 -11.08 -0.32 42.99
C SER A 690 -10.96 1.08 42.41
N LEU A 691 -12.09 1.80 42.38
CA LEU A 691 -12.07 3.16 41.87
C LEU A 691 -11.39 4.12 42.84
N GLY A 692 -11.55 3.90 44.14
CA GLY A 692 -10.91 4.75 45.12
C GLY A 692 -11.53 4.54 46.49
N ALA A 693 -11.06 5.36 47.43
CA ALA A 693 -11.54 5.28 48.80
C ALA A 693 -12.91 5.92 48.94
N GLN A 694 -13.83 5.22 49.59
CA GLN A 694 -15.17 5.76 49.81
C GLN A 694 -15.10 6.98 50.72
N ASN A 695 -15.96 7.95 50.46
CA ASN A 695 -15.98 9.19 51.23
C ASN A 695 -17.39 9.76 51.24
N SER A 696 -17.60 10.75 52.10
CA SER A 696 -18.88 11.44 52.20
C SER A 696 -18.64 12.85 52.71
N VAL A 697 -19.63 13.72 52.46
CA VAL A 697 -19.55 15.12 52.84
C VAL A 697 -20.68 15.41 53.82
N ALA A 698 -20.35 16.10 54.91
CA ALA A 698 -21.32 16.45 55.94
C ALA A 698 -22.01 17.76 55.54
N TYR A 699 -22.95 17.64 54.62
CA TYR A 699 -23.65 18.82 54.10
C TYR A 699 -24.73 19.29 55.08
N SER A 700 -24.84 20.60 55.23
CA SER A 700 -25.89 21.21 56.02
C SER A 700 -26.16 22.60 55.45
N ASN A 701 -27.34 23.13 55.75
CA ASN A 701 -27.74 24.41 55.18
C ASN A 701 -27.31 25.60 56.04
N ASN A 702 -26.59 25.37 57.14
CA ASN A 702 -26.04 26.46 57.93
C ASN A 702 -24.62 26.17 58.41
N SER A 703 -23.91 25.23 57.79
CA SER A 703 -22.58 24.82 58.22
C SER A 703 -21.57 25.07 57.11
N ILE A 704 -20.41 25.61 57.47
CA ILE A 704 -19.32 25.87 56.55
C ILE A 704 -18.02 25.38 57.16
N ALA A 705 -17.04 25.15 56.30
CA ALA A 705 -15.69 24.75 56.71
C ALA A 705 -14.68 25.72 56.13
N ILE A 706 -13.79 26.22 56.98
CA ILE A 706 -12.78 27.19 56.58
C ILE A 706 -11.40 26.60 56.89
N PRO A 707 -10.52 26.49 55.91
CA PRO A 707 -9.17 25.95 56.19
C PRO A 707 -8.36 26.91 57.05
N THR A 708 -7.50 26.33 57.89
CA THR A 708 -6.70 27.08 58.84
C THR A 708 -5.23 27.16 58.46
N ASN A 709 -4.66 26.10 57.91
CA ASN A 709 -3.27 26.06 57.48
C ASN A 709 -3.21 25.83 55.97
N PHE A 710 -1.99 25.67 55.46
CA PHE A 710 -1.81 25.38 54.05
C PHE A 710 -0.50 24.63 53.84
N THR A 711 -0.39 23.98 52.70
CA THR A 711 0.82 23.27 52.29
C THR A 711 1.25 23.76 50.92
N ILE A 712 2.55 23.93 50.74
CA ILE A 712 3.13 24.34 49.46
C ILE A 712 3.70 23.08 48.80
N SER A 713 3.10 22.68 47.68
CA SER A 713 3.47 21.46 46.99
C SER A 713 4.07 21.78 45.63
N VAL A 714 5.09 21.01 45.24
CA VAL A 714 5.73 21.15 43.95
C VAL A 714 5.52 19.84 43.19
N THR A 715 4.92 19.94 42.00
CA THR A 715 4.61 18.79 41.17
C THR A 715 5.43 18.83 39.88
N THR A 716 5.46 17.69 39.20
CA THR A 716 6.25 17.53 37.99
C THR A 716 5.36 17.16 36.81
N GLU A 717 5.63 17.76 35.66
CA GLU A 717 4.93 17.43 34.42
C GLU A 717 5.94 17.29 33.30
N ILE A 718 5.82 16.21 32.52
CA ILE A 718 6.75 15.89 31.46
C ILE A 718 5.98 15.84 30.15
N LEU A 719 6.45 16.56 29.14
CA LEU A 719 5.80 16.64 27.84
C LEU A 719 6.82 16.40 26.74
N PRO A 720 6.65 15.40 25.88
CA PRO A 720 7.52 15.28 24.70
C PRO A 720 7.36 16.49 23.79
N VAL A 721 8.48 16.92 23.20
CA VAL A 721 8.53 18.11 22.36
C VAL A 721 8.91 17.76 20.93
N SER A 722 9.91 16.90 20.74
CA SER A 722 10.37 16.55 19.41
C SER A 722 10.82 15.10 19.39
N MET A 723 10.93 14.55 18.19
CA MET A 723 11.43 13.21 17.98
C MET A 723 12.59 13.25 17.01
N THR A 724 13.24 12.10 16.83
CA THR A 724 14.42 12.03 15.98
C THR A 724 14.04 12.28 14.52
N LYS A 725 14.94 12.96 13.80
CA LYS A 725 14.77 13.26 12.39
C LYS A 725 15.57 12.26 11.58
N THR A 726 14.96 11.72 10.52
CA THR A 726 15.56 10.64 9.76
C THR A 726 15.49 10.94 8.26
N SER A 727 16.39 10.32 7.52
CA SER A 727 16.42 10.40 6.06
C SER A 727 16.63 9.00 5.49
N VAL A 728 16.08 8.77 4.31
CA VAL A 728 16.14 7.47 3.65
C VAL A 728 16.64 7.65 2.23
N ASP A 729 17.61 6.83 1.83
CA ASP A 729 18.07 6.81 0.46
C ASP A 729 17.11 5.99 -0.40
N CYS A 730 16.57 6.64 -1.45
CA CYS A 730 15.58 5.99 -2.29
C CYS A 730 16.14 4.73 -2.97
N THR A 731 17.34 4.84 -3.53
CA THR A 731 17.89 3.77 -4.36
C THR A 731 18.72 2.77 -3.57
N MET A 732 19.49 3.22 -2.58
CA MET A 732 20.41 2.32 -1.91
C MET A 732 19.70 1.40 -0.91
N TYR A 733 18.45 1.71 -0.55
CA TYR A 733 17.69 0.79 0.29
C TYR A 733 17.07 -0.33 -0.54
N ILE A 734 16.60 -0.02 -1.75
CA ILE A 734 15.88 -0.98 -2.56
C ILE A 734 16.84 -1.77 -3.45
N CYS A 735 17.57 -1.06 -4.30
CA CYS A 735 18.42 -1.70 -5.30
C CYS A 735 19.89 -1.39 -5.06
N GLY A 736 20.34 -1.53 -3.81
CA GLY A 736 21.68 -1.14 -3.41
C GLY A 736 22.81 -1.62 -4.30
N ASP A 737 23.48 -0.68 -4.95
CA ASP A 737 24.68 -0.95 -5.76
C ASP A 737 24.40 -1.98 -6.85
N SER A 738 23.48 -1.64 -7.74
CA SER A 738 23.16 -2.51 -8.88
C SER A 738 22.57 -1.64 -9.98
N THR A 739 23.28 -1.53 -11.10
CA THR A 739 22.81 -0.70 -12.20
C THR A 739 21.53 -1.26 -12.82
N GLU A 740 21.43 -2.60 -12.93
CA GLU A 740 20.23 -3.20 -13.49
C GLU A 740 19.01 -2.89 -12.64
N CYS A 741 19.13 -3.06 -11.32
CA CYS A 741 18.00 -2.81 -10.45
C CYS A 741 17.64 -1.33 -10.40
N SER A 742 18.64 -0.45 -10.48
CA SER A 742 18.35 0.99 -10.55
C SER A 742 17.62 1.35 -11.83
N ASN A 743 18.03 0.75 -12.95
CA ASN A 743 17.35 0.98 -14.21
C ASN A 743 15.90 0.50 -14.14
N LEU A 744 15.67 -0.66 -13.53
CA LEU A 744 14.30 -1.13 -13.35
C LEU A 744 13.50 -0.22 -12.42
N LEU A 745 14.13 0.29 -11.36
CA LEU A 745 13.46 1.20 -10.43
C LEU A 745 13.11 2.54 -11.08
N LEU A 746 13.87 2.96 -12.10
CA LEU A 746 13.51 4.19 -12.80
C LEU A 746 12.14 4.14 -13.47
N GLN A 747 11.58 2.95 -13.67
CA GLN A 747 10.28 2.81 -14.31
C GLN A 747 9.11 2.90 -13.33
N TYR A 748 9.35 3.30 -12.08
CA TYR A 748 8.30 3.45 -11.09
C TYR A 748 7.93 4.90 -10.82
N GLY A 749 8.51 5.84 -11.55
CA GLY A 749 8.11 7.23 -11.41
C GLY A 749 8.62 7.87 -10.13
N SER A 750 7.88 8.87 -9.67
CA SER A 750 8.26 9.66 -8.50
C SER A 750 7.65 9.11 -7.22
N PHE A 751 7.91 7.83 -6.95
CA PHE A 751 7.40 7.21 -5.74
C PHE A 751 8.17 7.65 -4.50
N CYS A 752 9.50 7.73 -4.58
CA CYS A 752 10.31 8.02 -3.41
C CYS A 752 10.58 9.51 -3.20
N THR A 753 10.36 10.34 -4.22
CA THR A 753 10.46 11.78 -4.00
C THR A 753 9.41 12.26 -3.00
N GLN A 754 8.22 11.66 -3.05
CA GLN A 754 7.18 11.99 -2.08
C GLN A 754 7.61 11.59 -0.66
N LEU A 755 8.24 10.42 -0.52
CA LEU A 755 8.72 9.99 0.79
C LEU A 755 9.78 10.95 1.32
N ASN A 756 10.71 11.36 0.45
CA ASN A 756 11.72 12.33 0.86
C ASN A 756 11.09 13.65 1.27
N ARG A 757 10.09 14.11 0.52
CA ARG A 757 9.41 15.35 0.86
C ARG A 757 8.74 15.26 2.22
N ALA A 758 8.05 14.15 2.48
CA ALA A 758 7.38 13.98 3.77
C ALA A 758 8.37 13.95 4.93
N LEU A 759 9.48 13.23 4.76
CA LEU A 759 10.49 13.17 5.82
C LEU A 759 11.12 14.54 6.07
N THR A 760 11.38 15.29 5.00
CA THR A 760 11.92 16.63 5.14
C THR A 760 10.94 17.54 5.91
N GLY A 761 9.66 17.45 5.57
CA GLY A 761 8.67 18.22 6.30
C GLY A 761 8.62 17.85 7.77
N ILE A 762 8.73 16.55 8.07
CA ILE A 762 8.73 16.11 9.46
C ILE A 762 9.91 16.69 10.22
N ALA A 763 11.11 16.65 9.62
CA ALA A 763 12.29 17.19 10.29
C ALA A 763 12.16 18.70 10.51
N VAL A 764 11.67 19.42 9.51
CA VAL A 764 11.48 20.86 9.63
C VAL A 764 10.51 21.17 10.76
N GLU A 765 9.41 20.39 10.85
CA GLU A 765 8.46 20.61 11.92
C GLU A 765 9.02 20.25 13.29
N GLN A 766 9.95 19.29 13.37
CA GLN A 766 10.61 19.03 14.64
C GLN A 766 11.42 20.23 15.11
N ASP A 767 12.22 20.79 14.20
CA ASP A 767 12.97 22.00 14.56
C ASP A 767 12.03 23.14 14.94
N LYS A 768 10.93 23.29 14.21
CA LYS A 768 9.96 24.34 14.52
C LYS A 768 9.32 24.13 15.89
N ASN A 769 9.02 22.88 16.23
CA ASN A 769 8.47 22.59 17.56
C ASN A 769 9.43 23.00 18.66
N THR A 770 10.71 22.64 18.51
CA THR A 770 11.69 23.03 19.52
C THR A 770 11.79 24.55 19.63
N GLN A 771 11.82 25.25 18.49
CA GLN A 771 11.92 26.71 18.52
C GLN A 771 10.70 27.34 19.18
N GLU A 772 9.50 26.86 18.87
CA GLU A 772 8.30 27.43 19.47
C GLU A 772 8.27 27.19 20.97
N VAL A 773 8.70 26.01 21.41
CA VAL A 773 8.64 25.71 22.84
C VAL A 773 9.66 26.54 23.62
N PHE A 774 10.90 26.62 23.13
CA PHE A 774 11.97 27.14 23.97
C PHE A 774 12.42 28.56 23.66
N ALA A 775 12.03 29.13 22.52
CA ALA A 775 12.51 30.45 22.12
C ALA A 775 11.45 31.53 22.30
N GLN A 776 10.68 31.48 23.39
CA GLN A 776 9.65 32.47 23.63
C GLN A 776 10.24 33.87 23.79
N VAL A 777 11.34 33.99 24.53
CA VAL A 777 11.99 35.28 24.77
C VAL A 777 13.33 35.27 24.05
N LYS A 778 13.65 36.39 23.40
CA LYS A 778 14.90 36.53 22.65
C LYS A 778 15.92 37.39 23.38
N GLN A 779 15.71 37.66 24.67
CA GLN A 779 16.65 38.41 25.49
C GLN A 779 17.21 37.46 26.54
N ILE A 780 18.53 37.30 26.56
CA ILE A 780 19.17 36.27 27.37
C ILE A 780 19.58 36.94 28.69
N TYR A 781 18.68 36.87 29.67
CA TYR A 781 18.99 37.35 31.00
C TYR A 781 19.88 36.35 31.73
N LYS A 782 20.89 36.85 32.43
CA LYS A 782 21.83 36.02 33.15
C LYS A 782 21.51 36.01 34.64
N THR A 783 21.87 34.91 35.29
CA THR A 783 21.53 34.73 36.70
C THR A 783 22.24 35.77 37.56
N PRO A 784 21.55 36.41 38.49
CA PRO A 784 22.20 37.43 39.32
C PRO A 784 23.25 36.83 40.24
N GLN A 785 24.24 37.66 40.59
CA GLN A 785 25.29 37.22 41.48
C GLN A 785 24.78 36.98 42.90
N ILE A 786 23.72 37.68 43.29
CA ILE A 786 23.16 37.56 44.63
C ILE A 786 22.16 36.41 44.66
N LYS A 787 21.94 35.86 45.85
CA LYS A 787 20.92 34.85 46.09
C LYS A 787 20.04 35.24 47.27
N ASP A 788 19.84 36.54 47.48
CA ASP A 788 19.00 37.05 48.56
C ASP A 788 17.57 37.13 48.06
N PHE A 789 16.91 35.97 48.02
CA PHE A 789 15.52 35.86 47.60
C PHE A 789 14.57 35.63 48.77
N GLY A 790 14.91 36.17 49.94
CA GLY A 790 14.04 36.08 51.10
C GLY A 790 13.85 34.67 51.64
N GLY A 791 14.93 33.89 51.72
CA GLY A 791 14.87 32.56 52.26
C GLY A 791 14.59 31.47 51.26
N PHE A 792 14.28 31.81 50.02
CA PHE A 792 14.05 30.83 48.98
C PHE A 792 15.37 30.37 48.39
N ASN A 793 15.50 29.06 48.18
CA ASN A 793 16.73 28.45 47.68
C ASN A 793 16.47 27.91 46.29
N PHE A 794 17.13 28.51 45.30
CA PHE A 794 17.00 28.11 43.90
C PHE A 794 18.26 27.44 43.37
N SER A 795 19.19 27.05 44.25
CA SER A 795 20.46 26.50 43.79
C SER A 795 20.27 25.17 43.07
N GLN A 796 19.20 24.45 43.37
CA GLN A 796 18.98 23.15 42.74
C GLN A 796 18.52 23.28 41.28
N ILE A 797 17.92 24.40 40.91
CA ILE A 797 17.43 24.58 39.55
C ILE A 797 18.19 25.64 38.78
N LEU A 798 18.92 26.54 39.45
CA LEU A 798 19.75 27.50 38.76
C LEU A 798 20.99 26.82 38.20
N PRO A 799 21.57 27.35 37.12
CA PRO A 799 22.68 26.66 36.47
C PRO A 799 23.91 26.56 37.36
N ASP A 800 24.65 25.48 37.16
CA ASP A 800 25.89 25.22 37.90
C ASP A 800 27.08 25.39 36.98
N PRO A 801 27.91 26.42 37.15
CA PRO A 801 29.04 26.62 36.24
C PRO A 801 30.11 25.53 36.31
N SER A 802 30.13 24.72 37.37
CA SER A 802 31.19 23.73 37.53
C SER A 802 31.13 22.67 36.42
N LYS A 803 29.93 22.23 36.07
CA LYS A 803 29.79 21.19 35.05
C LYS A 803 30.25 21.70 33.69
N PRO A 804 30.79 20.81 32.85
CA PRO A 804 31.16 21.24 31.49
C PRO A 804 29.99 21.77 30.69
N SER A 805 28.80 21.19 30.86
CA SER A 805 27.57 21.75 30.33
C SER A 805 26.86 22.50 31.45
N LYS A 806 26.53 23.76 31.20
CA LYS A 806 25.99 24.63 32.24
C LYS A 806 24.55 24.22 32.53
N ARG A 807 24.42 23.15 33.31
CA ARG A 807 23.12 22.58 33.65
C ARG A 807 23.00 22.46 35.17
N SER A 808 21.77 22.44 35.65
CA SER A 808 21.51 22.37 37.07
C SER A 808 21.46 20.90 37.54
N PHE A 809 21.26 20.73 38.85
CA PHE A 809 21.22 19.40 39.44
C PHE A 809 20.06 18.58 38.88
N ILE A 810 18.86 19.15 38.88
CA ILE A 810 17.68 18.42 38.41
C ILE A 810 17.79 18.11 36.92
N GLU A 811 18.34 19.05 36.14
CA GLU A 811 18.57 18.78 34.73
C GLU A 811 19.55 17.64 34.54
N ASP A 812 20.61 17.59 35.35
CA ASP A 812 21.54 16.47 35.26
C ASP A 812 20.84 15.16 35.56
N LEU A 813 20.00 15.14 36.60
CA LEU A 813 19.24 13.94 36.91
C LEU A 813 18.37 13.51 35.73
N LEU A 814 17.64 14.46 35.13
CA LEU A 814 16.74 14.13 34.04
C LEU A 814 17.50 13.62 32.82
N PHE A 815 18.61 14.27 32.46
CA PHE A 815 19.38 13.81 31.30
C PHE A 815 20.06 12.47 31.56
N ASN A 816 20.37 12.16 32.82
CA ASN A 816 20.93 10.85 33.12
C ASN A 816 19.87 9.77 33.27
N LYS A 817 18.60 10.14 33.40
CA LYS A 817 17.55 9.14 33.56
C LYS A 817 17.11 8.49 32.25
N VAL A 818 17.48 9.05 31.10
CA VAL A 818 17.08 8.51 29.79
C VAL A 818 18.21 7.64 29.27
N THR A 819 17.92 6.35 29.06
CA THR A 819 18.93 5.39 28.62
C THR A 819 18.84 5.22 27.10
N LEU A 820 19.35 6.22 26.39
CA LEU A 820 19.40 6.21 24.95
C LEU A 820 20.82 6.24 24.39
N ALA A 821 21.77 6.83 25.10
CA ALA A 821 23.18 6.93 24.72
C ALA A 821 23.39 7.60 23.37
N ASP A 822 22.35 8.22 22.81
CA ASP A 822 22.42 8.90 21.51
C ASP A 822 23.03 7.97 20.46
N ALA A 823 22.33 6.86 20.21
CA ALA A 823 22.86 5.83 19.32
C ALA A 823 23.01 6.34 17.89
N GLY A 824 22.23 7.35 17.51
CA GLY A 824 22.40 7.95 16.20
C GLY A 824 23.75 8.61 16.03
N PHE A 825 24.30 9.18 17.10
CA PHE A 825 25.60 9.81 17.08
C PHE A 825 26.69 8.75 17.18
N ILE A 826 27.93 9.17 17.43
CA ILE A 826 29.12 8.33 17.36
C ILE A 826 29.12 7.71 15.96
N LYS A 827 29.70 6.51 15.82
CA LYS A 827 29.69 5.78 14.57
C LYS A 827 30.11 6.66 13.39
N GLN A 828 31.24 7.35 13.57
CA GLN A 828 31.67 8.33 12.60
C GLN A 828 32.37 7.69 11.41
N TYR A 829 31.73 6.68 10.82
CA TYR A 829 32.21 5.99 9.63
C TYR A 829 33.61 5.41 9.81
N GLY A 830 34.12 5.43 11.04
CA GLY A 830 35.37 4.78 11.37
C GLY A 830 35.11 3.58 12.25
N ASP A 831 33.99 3.61 12.96
CA ASP A 831 33.60 2.47 13.78
C ASP A 831 33.12 1.32 12.92
N CYS A 832 32.45 1.61 11.80
CA CYS A 832 32.06 0.59 10.83
C CYS A 832 33.25 0.34 9.89
N LEU A 833 34.27 -0.32 10.42
CA LEU A 833 35.47 -0.66 9.67
C LEU A 833 35.92 -2.05 10.11
N GLY A 834 37.15 -2.41 9.74
CA GLY A 834 37.68 -3.73 10.02
C GLY A 834 37.68 -4.10 11.49
N ASP A 835 36.82 -5.06 11.86
CA ASP A 835 36.75 -5.54 13.23
C ASP A 835 36.29 -6.99 13.21
N ILE A 836 36.57 -7.69 14.31
CA ILE A 836 36.25 -9.12 14.38
C ILE A 836 34.74 -9.34 14.39
N ALA A 837 34.01 -8.52 15.15
CA ALA A 837 32.58 -8.71 15.28
C ALA A 837 31.85 -8.26 14.01
N ALA A 838 30.60 -8.71 13.88
CA ALA A 838 29.74 -8.29 12.79
C ALA A 838 29.26 -6.85 13.03
N ARG A 839 28.60 -6.27 12.03
CA ARG A 839 28.14 -4.90 12.17
C ARG A 839 27.08 -4.80 13.27
N ASP A 840 27.09 -3.66 13.96
CA ASP A 840 26.08 -3.38 14.95
C ASP A 840 24.75 -3.04 14.27
N LEU A 841 23.75 -2.70 15.08
CA LEU A 841 22.45 -2.32 14.54
C LEU A 841 22.48 -0.93 13.90
N ILE A 842 23.57 -0.18 14.07
CA ILE A 842 23.67 1.15 13.48
C ILE A 842 24.42 1.13 12.16
N CYS A 843 25.48 0.32 12.05
CA CYS A 843 26.16 0.19 10.78
C CYS A 843 25.26 -0.43 9.72
N ALA A 844 24.35 -1.33 10.12
CA ALA A 844 23.40 -1.89 9.18
C ALA A 844 22.45 -0.83 8.64
N GLN A 845 21.98 0.07 9.52
CA GLN A 845 21.14 1.16 9.04
C GLN A 845 21.91 2.09 8.12
N LYS A 846 23.16 2.43 8.50
CA LYS A 846 23.95 3.37 7.73
C LYS A 846 24.27 2.82 6.35
N PHE A 847 24.57 1.52 6.25
CA PHE A 847 24.96 0.91 4.99
C PHE A 847 23.77 0.62 4.08
N ASN A 848 22.55 0.75 4.57
CA ASN A 848 21.36 0.47 3.77
C ASN A 848 20.57 1.73 3.43
N GLY A 849 21.12 2.92 3.69
CA GLY A 849 20.50 4.16 3.27
C GLY A 849 19.72 4.91 4.31
N LEU A 850 19.70 4.46 5.55
CA LEU A 850 18.93 5.11 6.62
C LEU A 850 19.87 5.90 7.53
N THR A 851 19.58 7.18 7.70
CA THR A 851 20.42 8.09 8.45
C THR A 851 19.58 8.90 9.42
N VAL A 852 20.23 9.44 10.44
CA VAL A 852 19.59 10.27 11.46
C VAL A 852 20.22 11.65 11.41
N LEU A 853 19.37 12.68 11.30
CA LEU A 853 19.87 14.05 11.20
C LEU A 853 19.95 14.67 12.59
N PRO A 854 21.01 15.41 12.90
CA PRO A 854 21.13 15.98 14.24
C PRO A 854 20.20 17.15 14.42
N PRO A 855 19.74 17.41 15.64
CA PRO A 855 18.88 18.57 15.89
C PRO A 855 19.62 19.88 15.68
N LEU A 856 18.86 20.91 15.28
CA LEU A 856 19.45 22.21 15.03
C LEU A 856 20.01 22.84 16.30
N LEU A 857 19.29 22.71 17.42
CA LEU A 857 19.68 23.30 18.68
C LEU A 857 20.37 22.24 19.53
N THR A 858 21.59 22.53 19.97
CA THR A 858 22.27 21.65 20.90
C THR A 858 21.65 21.81 22.29
N ASP A 859 21.92 20.82 23.15
CA ASP A 859 21.35 20.85 24.49
C ASP A 859 21.84 22.03 25.31
N GLU A 860 23.05 22.53 25.00
CA GLU A 860 23.57 23.68 25.72
C GLU A 860 22.78 24.94 25.41
N MET A 861 22.37 25.12 24.15
CA MET A 861 21.55 26.27 23.79
C MET A 861 20.18 26.19 24.47
N ILE A 862 19.59 25.01 24.54
CA ILE A 862 18.31 24.83 25.22
C ILE A 862 18.47 25.13 26.71
N ALA A 863 19.58 24.69 27.30
CA ALA A 863 19.84 25.01 28.70
C ALA A 863 20.00 26.51 28.91
N GLN A 864 20.65 27.19 27.97
CA GLN A 864 20.78 28.65 28.07
C GLN A 864 19.41 29.32 28.01
N TYR A 865 18.54 28.85 27.11
CA TYR A 865 17.19 29.40 27.04
C TYR A 865 16.43 29.21 28.35
N THR A 866 16.51 28.00 28.91
CA THR A 866 15.82 27.73 30.18
C THR A 866 16.40 28.57 31.31
N SER A 867 17.73 28.76 31.31
CA SER A 867 18.36 29.58 32.34
C SER A 867 17.91 31.02 32.24
N ALA A 868 17.83 31.56 31.03
CA ALA A 868 17.33 32.92 30.84
C ALA A 868 15.89 33.05 31.33
N LEU A 869 15.05 32.06 31.01
CA LEU A 869 13.67 32.09 31.47
C LEU A 869 13.60 32.08 33.01
N LEU A 870 14.41 31.23 33.64
CA LEU A 870 14.42 31.15 35.09
C LEU A 870 14.88 32.47 35.71
N ALA A 871 15.96 33.05 35.18
CA ALA A 871 16.46 34.31 35.73
C ALA A 871 15.42 35.41 35.58
N GLY A 872 14.77 35.49 34.43
CA GLY A 872 13.74 36.50 34.23
C GLY A 872 12.56 36.31 35.19
N THR A 873 12.10 35.07 35.35
CA THR A 873 10.93 34.84 36.18
C THR A 873 11.22 34.95 37.67
N ILE A 874 12.49 34.85 38.08
CA ILE A 874 12.82 35.04 39.50
C ILE A 874 13.29 36.46 39.82
N THR A 875 13.67 37.25 38.81
CA THR A 875 14.09 38.61 39.07
C THR A 875 13.11 39.68 38.62
N SER A 876 12.08 39.34 37.84
CA SER A 876 11.13 40.33 37.36
C SER A 876 9.67 39.95 37.52
N GLY A 877 9.34 38.67 37.70
CA GLY A 877 7.96 38.26 37.74
C GLY A 877 7.42 37.93 36.36
N TRP A 878 6.20 38.38 36.06
CA TRP A 878 5.61 38.17 34.74
C TRP A 878 5.86 39.33 33.79
N THR A 879 6.55 40.38 34.24
CA THR A 879 6.69 41.57 33.41
C THR A 879 7.59 41.34 32.21
N PHE A 880 8.54 40.41 32.31
CA PHE A 880 9.48 40.19 31.23
C PHE A 880 8.83 39.49 30.03
N GLY A 881 7.64 38.94 30.18
CA GLY A 881 6.94 38.33 29.07
C GLY A 881 6.13 39.31 28.26
N ALA A 882 5.63 40.36 28.92
CA ALA A 882 4.81 41.37 28.26
C ALA A 882 5.63 42.54 27.72
N GLY A 883 6.94 42.55 27.95
CA GLY A 883 7.79 43.63 27.48
C GLY A 883 9.12 43.67 28.18
N ALA A 884 9.57 44.86 28.57
CA ALA A 884 10.81 45.00 29.30
C ALA A 884 10.68 44.39 30.69
N ALA A 885 11.75 43.77 31.16
CA ALA A 885 11.78 43.16 32.49
C ALA A 885 11.91 44.25 33.54
N LEU A 886 11.02 44.24 34.53
CA LEU A 886 11.01 45.23 35.60
C LEU A 886 11.37 44.54 36.91
N GLN A 887 12.38 45.07 37.59
CA GLN A 887 12.86 44.47 38.83
C GLN A 887 11.81 44.55 39.93
N ILE A 888 11.77 43.52 40.77
CA ILE A 888 10.90 43.49 41.94
C ILE A 888 11.46 42.48 42.94
N PRO A 889 11.52 42.81 44.23
CA PRO A 889 11.96 41.83 45.22
C PRO A 889 11.04 40.61 45.24
N PHE A 890 11.64 39.45 45.55
CA PHE A 890 10.92 38.19 45.40
C PHE A 890 9.74 38.09 46.34
N ALA A 891 9.88 38.59 47.57
CA ALA A 891 8.78 38.50 48.52
C ALA A 891 7.55 39.26 48.04
N MET A 892 7.76 40.43 47.44
CA MET A 892 6.63 41.18 46.88
C MET A 892 5.99 40.43 45.71
N GLN A 893 6.81 39.78 44.86
CA GLN A 893 6.23 38.98 43.79
C GLN A 893 5.38 37.84 44.34
N MET A 894 5.86 37.17 45.39
CA MET A 894 5.09 36.10 45.98
C MET A 894 3.81 36.62 46.61
N ALA A 895 3.86 37.80 47.24
CA ALA A 895 2.64 38.43 47.75
C ALA A 895 1.66 38.75 46.63
N TYR A 896 2.17 39.17 45.47
CA TYR A 896 1.32 39.41 44.31
C TYR A 896 0.63 38.13 43.85
N ARG A 897 1.37 37.02 43.80
CA ARG A 897 0.75 35.75 43.46
C ARG A 897 -0.29 35.33 44.50
N PHE A 898 -0.01 35.57 45.79
CA PHE A 898 -0.99 35.27 46.82
C PHE A 898 -2.26 36.08 46.63
N ASN A 899 -2.12 37.37 46.31
CA ASN A 899 -3.28 38.18 45.96
C ASN A 899 -4.01 37.62 44.75
N GLY A 900 -3.26 37.08 43.79
CA GLY A 900 -3.86 36.45 42.63
C GLY A 900 -4.68 35.22 42.94
N ILE A 901 -4.27 34.42 43.92
CA ILE A 901 -5.02 33.21 44.27
C ILE A 901 -6.11 33.50 45.30
N GLY A 902 -6.28 34.74 45.72
CA GLY A 902 -7.37 35.10 46.61
C GLY A 902 -7.04 35.17 48.08
N VAL A 903 -5.77 35.11 48.45
CA VAL A 903 -5.33 35.19 49.84
C VAL A 903 -4.59 36.51 50.03
N THR A 904 -4.98 37.26 51.05
CA THR A 904 -4.37 38.57 51.29
C THR A 904 -2.89 38.43 51.57
N GLN A 905 -2.12 39.40 51.06
CA GLN A 905 -0.66 39.30 51.09
C GLN A 905 -0.08 39.34 52.50
N ASN A 906 -0.85 39.84 53.48
CA ASN A 906 -0.38 39.81 54.86
C ASN A 906 -0.19 38.39 55.36
N VAL A 907 -0.94 37.43 54.83
CA VAL A 907 -0.77 36.04 55.21
C VAL A 907 0.64 35.56 54.86
N LEU A 908 1.12 35.92 53.67
CA LEU A 908 2.46 35.52 53.25
C LEU A 908 3.53 36.35 53.94
N TYR A 909 3.25 37.64 54.17
CA TYR A 909 4.22 38.48 54.88
C TYR A 909 4.45 37.99 56.30
N GLU A 910 3.38 37.58 56.99
CA GLU A 910 3.52 37.16 58.38
C GLU A 910 4.18 35.79 58.50
N ASN A 911 4.02 34.94 57.50
CA ASN A 911 4.53 33.56 57.54
C ASN A 911 5.54 33.31 56.42
N GLN A 912 6.46 34.25 56.22
CA GLN A 912 7.43 34.13 55.13
C GLN A 912 8.38 32.96 55.36
N LYS A 913 8.89 32.81 56.59
CA LYS A 913 9.88 31.77 56.86
C LYS A 913 9.30 30.38 56.69
N LEU A 914 8.07 30.16 57.15
CA LEU A 914 7.43 28.86 57.01
C LEU A 914 7.23 28.51 55.54
N ILE A 915 6.79 29.48 54.74
CA ILE A 915 6.58 29.24 53.32
C ILE A 915 7.90 28.93 52.62
N ALA A 916 8.96 29.66 52.97
CA ALA A 916 10.26 29.40 52.38
C ALA A 916 10.76 27.99 52.73
N ASN A 917 10.60 27.59 53.99
CA ASN A 917 11.02 26.26 54.40
C ASN A 917 10.20 25.18 53.69
N GLN A 918 8.90 25.41 53.53
CA GLN A 918 8.07 24.44 52.82
C GLN A 918 8.48 24.32 51.35
N PHE A 919 8.79 25.45 50.71
CA PHE A 919 9.26 25.41 49.33
C PHE A 919 10.58 24.65 49.21
N ASN A 920 11.51 24.91 50.13
CA ASN A 920 12.79 24.20 50.10
C ASN A 920 12.59 22.70 50.30
N SER A 921 11.74 22.32 51.25
CA SER A 921 11.47 20.91 51.49
C SER A 921 10.83 20.25 50.29
N ALA A 922 9.90 20.96 49.62
CA ALA A 922 9.27 20.42 48.44
C ALA A 922 10.28 20.20 47.31
N ILE A 923 11.19 21.15 47.12
CA ILE A 923 12.23 20.98 46.10
C ILE A 923 13.12 19.80 46.44
N GLY A 924 13.49 19.67 47.72
CA GLY A 924 14.30 18.54 48.13
C GLY A 924 13.61 17.21 47.91
N LYS A 925 12.30 17.16 48.20
CA LYS A 925 11.54 15.93 47.97
C LYS A 925 11.46 15.60 46.48
N ILE A 926 11.28 16.62 45.64
CA ILE A 926 11.27 16.38 44.20
C ILE A 926 12.61 15.82 43.74
N GLN A 927 13.70 16.40 44.24
CA GLN A 927 15.03 15.91 43.87
C GLN A 927 15.24 14.46 44.32
N ASP A 928 14.81 14.13 45.54
CA ASP A 928 14.97 12.77 46.04
C ASP A 928 14.12 11.79 45.23
N SER A 929 12.89 12.17 44.90
CA SER A 929 12.05 11.31 44.09
C SER A 929 12.66 11.07 42.72
N LEU A 930 13.22 12.11 42.10
CA LEU A 930 13.89 11.93 40.82
C LEU A 930 15.10 11.01 40.96
N SER A 931 15.89 11.19 42.02
CA SER A 931 17.11 10.39 42.17
C SER A 931 16.81 8.96 42.59
N SER A 932 15.59 8.66 43.05
CA SER A 932 15.25 7.31 43.48
C SER A 932 14.62 6.50 42.34
N THR A 933 13.49 6.97 41.82
CA THR A 933 12.75 6.24 40.81
C THR A 933 13.29 6.52 39.41
N ALA A 934 12.81 5.74 38.44
CA ALA A 934 13.19 5.91 37.05
C ALA A 934 12.03 5.82 36.07
N SER A 935 10.83 5.50 36.52
CA SER A 935 9.68 5.34 35.63
C SER A 935 8.90 6.63 35.42
N ALA A 936 9.34 7.75 36.00
CA ALA A 936 8.65 9.02 35.80
C ALA A 936 8.84 9.58 34.40
N LEU A 937 9.88 9.14 33.70
CA LEU A 937 10.20 9.62 32.35
C LEU A 937 9.79 8.62 31.28
N GLY A 938 8.64 7.96 31.46
CA GLY A 938 8.21 6.94 30.52
C GLY A 938 7.93 7.46 29.12
N LYS A 939 7.47 8.71 29.01
CA LYS A 939 7.04 9.21 27.71
C LYS A 939 8.23 9.42 26.76
N LEU A 940 9.29 10.07 27.26
CA LEU A 940 10.45 10.33 26.41
C LEU A 940 11.13 9.02 25.99
N GLN A 941 11.33 8.12 26.94
CA GLN A 941 11.90 6.81 26.62
C GLN A 941 11.01 6.05 25.67
N ASP A 942 9.69 6.18 25.82
CA ASP A 942 8.76 5.52 24.91
C ASP A 942 8.91 6.04 23.48
N VAL A 943 9.03 7.36 23.33
CA VAL A 943 9.22 7.93 22.00
C VAL A 943 10.52 7.44 21.39
N VAL A 944 11.61 7.46 22.16
CA VAL A 944 12.90 7.03 21.64
C VAL A 944 12.85 5.56 21.24
N ASN A 945 12.26 4.72 22.09
CA ASN A 945 12.16 3.29 21.80
C ASN A 945 11.31 3.02 20.58
N GLN A 946 10.19 3.75 20.42
CA GLN A 946 9.34 3.56 19.26
C GLN A 946 10.08 3.91 17.97
N ASN A 947 10.79 5.03 17.96
CA ASN A 947 11.53 5.40 16.76
C ASN A 947 12.63 4.39 16.44
N ALA A 948 13.39 3.97 17.46
CA ALA A 948 14.45 3.00 17.23
C ALA A 948 13.89 1.67 16.74
N GLN A 949 12.76 1.22 17.32
CA GLN A 949 12.15 -0.03 16.88
C GLN A 949 11.65 0.06 15.45
N ALA A 950 11.08 1.22 15.07
CA ALA A 950 10.65 1.39 13.69
C ALA A 950 11.82 1.28 12.72
N LEU A 951 12.94 1.95 13.05
CA LEU A 951 14.10 1.86 12.17
C LEU A 951 14.65 0.44 12.11
N ASN A 952 14.71 -0.25 13.26
CA ASN A 952 15.23 -1.61 13.27
C ASN A 952 14.35 -2.56 12.48
N THR A 953 13.02 -2.41 12.59
CA THR A 953 12.11 -3.22 11.79
C THR A 953 12.27 -2.95 10.30
N LEU A 954 12.43 -1.67 9.94
CA LEU A 954 12.66 -1.34 8.54
C LEU A 954 13.93 -2.01 8.01
N VAL A 955 14.98 -2.06 8.84
CA VAL A 955 16.20 -2.74 8.42
C VAL A 955 15.97 -4.23 8.28
N LYS A 956 15.34 -4.85 9.29
CA LYS A 956 15.17 -6.30 9.28
C LYS A 956 14.19 -6.77 8.21
N GLN A 957 13.37 -5.88 7.66
CA GLN A 957 12.46 -6.27 6.60
C GLN A 957 13.17 -6.55 5.27
N LEU A 958 14.46 -6.25 5.17
CA LEU A 958 15.18 -6.46 3.92
C LEU A 958 15.42 -7.92 3.59
N SER A 959 15.21 -8.83 4.55
CA SER A 959 15.44 -10.25 4.34
C SER A 959 14.19 -11.01 3.89
N SER A 960 13.09 -10.31 3.67
CA SER A 960 11.86 -10.94 3.23
C SER A 960 11.94 -11.29 1.74
N ASN A 961 11.43 -12.47 1.38
CA ASN A 961 11.47 -12.90 -0.01
C ASN A 961 10.44 -12.17 -0.86
N PHE A 962 9.27 -11.85 -0.28
CA PHE A 962 8.17 -11.22 -1.01
C PHE A 962 7.72 -12.05 -2.20
N GLY A 963 7.89 -13.37 -2.12
CA GLY A 963 7.49 -14.26 -3.18
C GLY A 963 8.55 -14.57 -4.23
N ALA A 964 9.72 -13.94 -4.15
CA ALA A 964 10.78 -14.22 -5.10
C ALA A 964 11.54 -15.48 -4.69
N ILE A 965 12.45 -15.90 -5.57
CA ILE A 965 13.26 -17.09 -5.28
C ILE A 965 14.16 -16.84 -4.08
N SER A 966 14.78 -15.67 -4.01
CA SER A 966 15.65 -15.33 -2.90
C SER A 966 15.47 -13.86 -2.55
N SER A 967 15.71 -13.54 -1.27
CA SER A 967 15.66 -12.16 -0.82
C SER A 967 16.94 -11.39 -1.14
N VAL A 968 18.02 -12.10 -1.47
CA VAL A 968 19.28 -11.45 -1.83
C VAL A 968 19.23 -11.07 -3.30
N LEU A 969 19.42 -9.79 -3.59
CA LEU A 969 19.41 -9.32 -4.97
C LEU A 969 20.57 -9.89 -5.77
N ASN A 970 21.71 -10.14 -5.11
CA ASN A 970 22.90 -10.58 -5.83
C ASN A 970 22.70 -11.95 -6.47
N ASP A 971 22.13 -12.89 -5.73
CA ASP A 971 21.92 -14.24 -6.27
C ASP A 971 20.57 -14.40 -6.94
N ILE A 972 20.24 -13.41 -7.78
CA ILE A 972 19.15 -13.51 -8.74
C ILE A 972 19.74 -13.17 -10.10
N LEU A 973 20.51 -12.09 -10.14
CA LEU A 973 21.27 -11.73 -11.32
C LEU A 973 22.43 -12.68 -11.56
N SER A 974 22.86 -13.41 -10.53
CA SER A 974 23.92 -14.40 -10.71
C SER A 974 23.40 -15.68 -11.36
N ARG A 975 22.14 -16.04 -11.12
CA ARG A 975 21.59 -17.30 -11.59
C ARG A 975 20.59 -17.17 -12.72
N LEU A 976 19.96 -16.02 -12.89
CA LEU A 976 18.89 -15.84 -13.87
C LEU A 976 19.30 -14.83 -14.93
N ASP A 977 19.01 -15.15 -16.17
CA ASP A 977 19.19 -14.21 -17.27
C ASP A 977 18.21 -13.04 -17.14
N PRO A 978 18.59 -11.86 -17.64
CA PRO A 978 17.88 -10.61 -17.27
C PRO A 978 16.39 -10.64 -17.60
N PRO A 979 15.98 -11.03 -18.81
CA PRO A 979 14.53 -11.05 -19.07
C PRO A 979 13.76 -12.01 -18.20
N GLU A 980 14.41 -13.06 -17.68
CA GLU A 980 13.75 -13.90 -16.69
C GLU A 980 13.89 -13.32 -15.29
N ALA A 981 14.95 -12.55 -15.04
CA ALA A 981 15.18 -11.97 -13.72
C ALA A 981 14.29 -10.77 -13.42
N GLU A 982 13.70 -10.16 -14.45
CA GLU A 982 12.90 -8.96 -14.21
C GLU A 982 11.72 -9.24 -13.27
N VAL A 983 11.13 -10.43 -13.35
CA VAL A 983 9.98 -10.75 -12.50
C VAL A 983 10.37 -10.75 -11.03
N GLN A 984 11.47 -11.44 -10.70
CA GLN A 984 11.93 -11.48 -9.32
C GLN A 984 12.32 -10.09 -8.84
N ILE A 985 13.03 -9.34 -9.69
CA ILE A 985 13.44 -7.99 -9.29
C ILE A 985 12.21 -7.12 -9.04
N ASP A 986 11.17 -7.27 -9.87
CA ASP A 986 9.97 -6.46 -9.70
C ASP A 986 9.23 -6.82 -8.41
N ARG A 987 9.14 -8.11 -8.09
CA ARG A 987 8.51 -8.49 -6.83
C ARG A 987 9.27 -7.90 -5.64
N LEU A 988 10.60 -8.00 -5.66
CA LEU A 988 11.40 -7.44 -4.57
C LEU A 988 11.23 -5.93 -4.48
N ILE A 989 11.20 -5.24 -5.62
CA ILE A 989 11.04 -3.79 -5.63
C ILE A 989 9.70 -3.41 -5.03
N THR A 990 8.63 -4.12 -5.41
CA THR A 990 7.30 -3.81 -4.90
C THR A 990 7.25 -3.99 -3.38
N GLY A 991 7.79 -5.11 -2.87
CA GLY A 991 7.78 -5.31 -1.44
C GLY A 991 8.58 -4.27 -0.67
N ARG A 992 9.80 -3.99 -1.13
CA ARG A 992 10.66 -3.03 -0.42
C ARG A 992 10.16 -1.61 -0.57
N LEU A 993 9.37 -1.32 -1.59
CA LEU A 993 8.73 -0.02 -1.74
C LEU A 993 7.48 0.13 -0.89
N GLN A 994 6.74 -0.96 -0.66
CA GLN A 994 5.66 -0.94 0.31
C GLN A 994 6.15 -0.75 1.74
N SER A 995 7.28 -1.36 2.09
CA SER A 995 7.82 -1.19 3.44
C SER A 995 8.10 0.28 3.76
N LEU A 996 8.73 0.99 2.81
CA LEU A 996 9.04 2.40 3.04
C LEU A 996 7.78 3.23 3.19
N GLN A 997 6.75 2.94 2.40
CA GLN A 997 5.49 3.68 2.51
C GLN A 997 4.85 3.48 3.88
N THR A 998 4.86 2.24 4.38
CA THR A 998 4.32 1.99 5.72
C THR A 998 5.10 2.76 6.77
N TYR A 999 6.44 2.74 6.66
CA TYR A 999 7.27 3.47 7.62
C TYR A 999 6.97 4.97 7.58
N VAL A 1000 6.81 5.53 6.39
CA VAL A 1000 6.58 6.97 6.26
C VAL A 1000 5.21 7.36 6.81
N THR A 1001 4.18 6.53 6.56
CA THR A 1001 2.87 6.84 7.11
C THR A 1001 2.88 6.82 8.62
N GLN A 1002 3.51 5.80 9.22
CA GLN A 1002 3.59 5.75 10.67
C GLN A 1002 4.37 6.94 11.22
N GLN A 1003 5.44 7.34 10.53
CA GLN A 1003 6.21 8.51 10.95
C GLN A 1003 5.37 9.78 10.91
N LEU A 1004 4.54 9.93 9.87
CA LEU A 1004 3.70 11.12 9.78
C LEU A 1004 2.70 11.17 10.92
N ILE A 1005 2.08 10.03 11.25
CA ILE A 1005 1.11 10.03 12.34
C ILE A 1005 1.80 10.36 13.67
N ARG A 1006 2.96 9.76 13.92
CA ARG A 1006 3.70 10.06 15.14
C ARG A 1006 4.11 11.53 15.20
N ALA A 1007 4.50 12.10 14.05
CA ALA A 1007 4.86 13.51 14.00
C ALA A 1007 3.67 14.40 14.34
N ALA A 1008 2.48 14.03 13.86
CA ALA A 1008 1.29 14.80 14.22
C ALA A 1008 1.05 14.77 15.72
N GLU A 1009 1.18 13.58 16.34
CA GLU A 1009 1.00 13.50 17.79
C GLU A 1009 2.03 14.35 18.53
N ILE A 1010 3.29 14.30 18.08
CA ILE A 1010 4.34 15.06 18.75
C ILE A 1010 4.12 16.56 18.57
N ARG A 1011 3.59 16.97 17.42
CA ARG A 1011 3.28 18.37 17.20
C ARG A 1011 2.17 18.84 18.13
N ALA A 1012 1.16 18.01 18.35
CA ALA A 1012 0.13 18.37 19.32
C ALA A 1012 0.72 18.51 20.72
N SER A 1013 1.60 17.59 21.11
CA SER A 1013 2.23 17.67 22.42
C SER A 1013 3.08 18.93 22.56
N ALA A 1014 3.80 19.29 21.50
CA ALA A 1014 4.63 20.49 21.53
C ALA A 1014 3.79 21.75 21.62
N ASN A 1015 2.65 21.79 20.93
CA ASN A 1015 1.75 22.93 21.06
C ASN A 1015 1.23 23.07 22.50
N LEU A 1016 0.86 21.94 23.10
CA LEU A 1016 0.43 21.99 24.50
C LEU A 1016 1.55 22.47 25.40
N ALA A 1017 2.78 22.02 25.16
CA ALA A 1017 3.92 22.45 25.97
C ALA A 1017 4.17 23.95 25.82
N ALA A 1018 4.04 24.47 24.60
CA ALA A 1018 4.21 25.91 24.38
C ALA A 1018 3.15 26.72 25.13
N THR A 1019 1.89 26.27 25.07
CA THR A 1019 0.85 26.96 25.81
C THR A 1019 1.11 26.91 27.31
N LYS A 1020 1.54 25.75 27.82
CA LYS A 1020 1.85 25.62 29.24
C LYS A 1020 2.98 26.55 29.64
N MET A 1021 4.04 26.62 28.83
CA MET A 1021 5.11 27.56 29.13
C MET A 1021 4.60 28.99 29.19
N SER A 1022 3.89 29.42 28.14
CA SER A 1022 3.44 30.80 28.07
C SER A 1022 2.51 31.17 29.23
N GLU A 1023 1.68 30.23 29.69
CA GLU A 1023 0.69 30.58 30.71
C GLU A 1023 1.19 30.34 32.14
N CYS A 1024 1.75 29.17 32.43
CA CYS A 1024 2.21 28.89 33.78
C CYS A 1024 3.52 29.59 34.10
N VAL A 1025 4.44 29.68 33.14
CA VAL A 1025 5.77 30.21 33.42
C VAL A 1025 5.81 31.72 33.26
N LEU A 1026 5.27 32.23 32.16
CA LEU A 1026 5.31 33.67 31.89
C LEU A 1026 4.19 34.43 32.59
N GLY A 1027 3.35 33.76 33.35
CA GLY A 1027 2.31 34.43 34.09
C GLY A 1027 1.73 33.50 35.14
N GLN A 1028 0.59 33.91 35.70
CA GLN A 1028 -0.14 33.10 36.67
C GLN A 1028 -1.47 32.71 36.06
N SER A 1029 -1.77 31.42 36.09
CA SER A 1029 -2.92 30.87 35.39
C SER A 1029 -4.06 30.58 36.37
N LYS A 1030 -5.26 31.02 36.02
CA LYS A 1030 -6.46 30.75 36.80
C LYS A 1030 -7.24 29.53 36.28
N ARG A 1031 -6.76 28.89 35.23
CA ARG A 1031 -7.40 27.68 34.74
C ARG A 1031 -7.14 26.53 35.72
N VAL A 1032 -8.19 25.76 35.99
CA VAL A 1032 -8.12 24.69 36.98
C VAL A 1032 -7.42 23.48 36.38
N ASP A 1033 -6.49 22.88 37.14
CA ASP A 1033 -5.81 21.65 36.77
C ASP A 1033 -5.00 21.81 35.49
N PHE A 1034 -4.56 23.03 35.18
CA PHE A 1034 -3.72 23.29 34.03
C PHE A 1034 -2.25 23.43 34.39
N CYS A 1035 -1.94 24.09 35.50
CA CYS A 1035 -0.58 24.26 35.98
C CYS A 1035 -0.41 23.64 37.37
N GLY A 1036 -0.93 22.44 37.55
CA GLY A 1036 -0.81 21.73 38.80
C GLY A 1036 -2.10 21.73 39.59
N LYS A 1037 -2.26 20.71 40.42
CA LYS A 1037 -3.46 20.58 41.24
C LYS A 1037 -3.42 21.55 42.42
N GLY A 1038 -4.48 22.34 42.56
CA GLY A 1038 -4.54 23.33 43.61
C GLY A 1038 -4.67 24.73 43.05
N TYR A 1039 -4.15 25.72 43.76
CA TYR A 1039 -4.14 27.11 43.31
C TYR A 1039 -2.74 27.45 42.82
N HIS A 1040 -2.62 27.74 41.53
CA HIS A 1040 -1.32 27.91 40.92
C HIS A 1040 -0.61 29.15 41.45
N LEU A 1041 0.69 29.00 41.71
CA LEU A 1041 1.53 30.12 42.12
C LEU A 1041 2.58 30.42 41.05
N MET A 1042 3.41 29.45 40.70
CA MET A 1042 4.43 29.65 39.67
C MET A 1042 4.82 28.29 39.09
N SER A 1043 5.60 28.34 38.01
CA SER A 1043 6.15 27.14 37.40
C SER A 1043 7.57 27.43 36.96
N PHE A 1044 8.39 26.37 36.91
CA PHE A 1044 9.78 26.49 36.51
C PHE A 1044 10.07 25.48 35.41
N PRO A 1045 10.60 25.91 34.26
CA PRO A 1045 10.92 24.97 33.19
C PRO A 1045 12.30 24.35 33.35
N GLN A 1046 12.39 23.08 32.99
CA GLN A 1046 13.65 22.34 32.97
C GLN A 1046 13.76 21.57 31.67
N SER A 1047 14.95 21.58 31.08
CA SER A 1047 15.17 20.90 29.82
C SER A 1047 15.37 19.39 30.05
N ALA A 1048 14.82 18.60 29.14
CA ALA A 1048 14.92 17.15 29.17
C ALA A 1048 15.25 16.68 27.77
N PRO A 1049 15.75 15.44 27.62
CA PRO A 1049 16.03 14.94 26.27
C PRO A 1049 14.77 14.82 25.44
N HIS A 1050 14.67 15.67 24.40
CA HIS A 1050 13.52 15.68 23.49
C HIS A 1050 12.21 15.97 24.24
N GLY A 1051 12.29 16.78 25.28
CA GLY A 1051 11.12 17.08 26.07
C GLY A 1051 11.37 18.23 27.01
N VAL A 1052 10.34 18.56 27.79
CA VAL A 1052 10.41 19.63 28.77
C VAL A 1052 9.82 19.11 30.07
N VAL A 1053 10.27 19.69 31.19
CA VAL A 1053 9.80 19.33 32.52
C VAL A 1053 9.39 20.61 33.24
N PHE A 1054 8.19 20.59 33.82
CA PHE A 1054 7.63 21.75 34.50
C PHE A 1054 7.53 21.47 35.99
N LEU A 1055 8.01 22.39 36.81
CA LEU A 1055 7.93 22.31 38.27
C LEU A 1055 6.84 23.28 38.73
N HIS A 1056 5.60 22.80 38.75
CA HIS A 1056 4.48 23.63 39.17
C HIS A 1056 4.49 23.80 40.69
N VAL A 1057 4.24 25.02 41.14
CA VAL A 1057 4.15 25.33 42.57
C VAL A 1057 2.73 25.81 42.85
N THR A 1058 2.08 25.15 43.80
CA THR A 1058 0.66 25.38 44.06
C THR A 1058 0.43 25.58 45.55
N TYR A 1059 -0.77 26.06 45.87
CA TYR A 1059 -1.20 26.34 47.24
C TYR A 1059 -2.35 25.39 47.58
N VAL A 1060 -2.21 24.67 48.68
CA VAL A 1060 -3.21 23.67 49.06
C VAL A 1060 -3.63 23.89 50.51
N PRO A 1061 -4.92 24.02 50.80
CA PRO A 1061 -5.38 24.11 52.19
C PRO A 1061 -5.07 22.82 52.95
N ALA A 1062 -4.82 22.95 54.25
CA ALA A 1062 -4.32 21.84 55.05
C ALA A 1062 -5.32 21.35 56.10
N GLN A 1063 -5.78 22.21 56.99
CA GLN A 1063 -6.67 21.79 58.08
C GLN A 1063 -7.90 22.68 58.11
N GLU A 1064 -9.07 22.07 57.99
CA GLU A 1064 -10.34 22.78 57.97
C GLU A 1064 -10.99 22.74 59.35
N LYS A 1065 -11.85 23.73 59.60
CA LYS A 1065 -12.59 23.77 60.85
C LYS A 1065 -14.02 24.19 60.54
N ASN A 1066 -14.98 23.41 61.02
CA ASN A 1066 -16.38 23.67 60.73
C ASN A 1066 -16.88 24.87 61.54
N PHE A 1067 -17.90 25.54 61.01
CA PHE A 1067 -18.44 26.76 61.62
C PHE A 1067 -19.91 26.90 61.28
N THR A 1068 -20.52 27.93 61.83
CA THR A 1068 -21.90 28.30 61.54
C THR A 1068 -21.88 29.61 60.76
N THR A 1069 -22.62 29.64 59.65
CA THR A 1069 -22.60 30.78 58.75
C THR A 1069 -24.02 31.24 58.44
N ALA A 1070 -24.15 32.52 58.10
CA ALA A 1070 -25.43 33.10 57.73
C ALA A 1070 -25.27 33.95 56.47
N PRO A 1071 -26.21 33.87 55.54
CA PRO A 1071 -26.09 34.67 54.31
C PRO A 1071 -26.08 36.17 54.54
N ALA A 1072 -26.80 36.65 55.56
CA ALA A 1072 -26.86 38.07 55.82
C ALA A 1072 -27.06 38.31 57.31
N ILE A 1073 -26.75 39.53 57.74
CA ILE A 1073 -26.90 39.94 59.13
C ILE A 1073 -27.94 41.06 59.17
N CYS A 1074 -28.97 40.89 59.99
CA CYS A 1074 -30.01 41.90 60.09
C CYS A 1074 -29.60 43.02 61.04
N HIS A 1075 -30.21 44.18 60.84
CA HIS A 1075 -29.99 45.34 61.68
C HIS A 1075 -31.29 46.15 61.71
N ASP A 1076 -31.20 47.41 62.09
CA ASP A 1076 -32.38 48.26 62.23
C ASP A 1076 -32.92 48.58 60.83
N GLY A 1077 -33.71 47.64 60.31
CA GLY A 1077 -34.33 47.80 59.01
C GLY A 1077 -33.38 47.83 57.83
N LYS A 1078 -32.38 46.94 57.81
CA LYS A 1078 -31.47 46.85 56.69
C LYS A 1078 -30.75 45.52 56.74
N ALA A 1079 -30.39 45.01 55.56
CA ALA A 1079 -29.67 43.76 55.41
C ALA A 1079 -28.21 44.02 55.08
N HIS A 1080 -27.33 43.15 55.59
CA HIS A 1080 -25.90 43.35 55.47
C HIS A 1080 -25.27 42.14 54.78
N PHE A 1081 -24.42 42.41 53.79
CA PHE A 1081 -23.67 41.39 53.08
C PHE A 1081 -22.20 41.77 53.04
N PRO A 1082 -21.30 40.80 53.19
CA PRO A 1082 -19.87 41.14 53.21
C PRO A 1082 -19.37 41.53 51.83
N ARG A 1083 -18.45 42.50 51.82
CA ARG A 1083 -17.83 42.91 50.56
C ARG A 1083 -17.00 41.79 49.96
N GLU A 1084 -16.13 41.19 50.78
CA GLU A 1084 -15.28 40.09 50.31
C GLU A 1084 -15.02 39.18 51.50
N GLY A 1085 -15.64 38.01 51.50
CA GLY A 1085 -15.51 37.05 52.57
C GLY A 1085 -16.85 36.43 52.88
N VAL A 1086 -16.90 35.71 54.00
CA VAL A 1086 -18.10 35.04 54.45
C VAL A 1086 -18.28 35.29 55.95
N PHE A 1087 -19.53 35.16 56.40
CA PHE A 1087 -19.86 35.39 57.80
C PHE A 1087 -19.69 34.09 58.58
N VAL A 1088 -19.02 34.17 59.72
CA VAL A 1088 -18.73 33.01 60.56
C VAL A 1088 -18.92 33.40 62.01
N SER A 1089 -19.54 32.51 62.79
CA SER A 1089 -19.84 32.75 64.19
C SER A 1089 -19.08 31.75 65.06
N ASN A 1090 -18.44 32.26 66.10
CA ASN A 1090 -17.77 31.40 67.09
C ASN A 1090 -18.72 31.04 68.24
N GLY A 1091 -19.93 30.60 67.90
CA GLY A 1091 -20.87 30.14 68.89
C GLY A 1091 -21.55 31.25 69.67
N THR A 1092 -20.84 32.35 69.89
CA THR A 1092 -21.36 33.45 70.70
C THR A 1092 -21.35 34.78 69.97
N HIS A 1093 -20.31 35.07 69.19
CA HIS A 1093 -20.18 36.31 68.45
C HIS A 1093 -20.21 36.02 66.95
N TRP A 1094 -20.30 37.08 66.15
CA TRP A 1094 -20.36 36.96 64.70
C TRP A 1094 -19.22 37.75 64.08
N PHE A 1095 -18.42 37.09 63.25
CA PHE A 1095 -17.28 37.71 62.58
C PHE A 1095 -17.42 37.54 61.08
N VAL A 1096 -16.60 38.29 60.35
CA VAL A 1096 -16.45 38.13 58.91
C VAL A 1096 -15.01 37.70 58.65
N THR A 1097 -14.82 36.75 57.74
CA THR A 1097 -13.51 36.20 57.45
C THR A 1097 -13.36 35.99 55.95
N GLN A 1098 -12.11 35.96 55.49
CA GLN A 1098 -11.84 35.68 54.10
C GLN A 1098 -12.10 34.20 53.81
N ARG A 1099 -12.01 33.83 52.54
CA ARG A 1099 -12.55 32.54 52.10
C ARG A 1099 -11.58 31.40 52.37
N ASN A 1100 -10.34 31.52 51.87
CA ASN A 1100 -9.39 30.41 51.87
C ASN A 1100 -8.44 30.43 53.05
N PHE A 1101 -8.69 31.27 54.05
CA PHE A 1101 -7.84 31.32 55.24
C PHE A 1101 -8.69 31.85 56.39
N TYR A 1102 -8.61 31.20 57.54
CA TYR A 1102 -9.42 31.58 58.68
C TYR A 1102 -8.79 32.78 59.36
N GLU A 1103 -9.41 33.95 59.20
CA GLU A 1103 -8.96 35.19 59.85
C GLU A 1103 -10.18 36.01 60.20
N PRO A 1104 -10.80 35.73 61.33
CA PRO A 1104 -12.03 36.45 61.71
C PRO A 1104 -11.77 37.93 61.96
N GLN A 1105 -12.76 38.74 61.62
CA GLN A 1105 -12.70 40.18 61.84
C GLN A 1105 -14.03 40.66 62.42
N ILE A 1106 -13.97 41.74 63.19
CA ILE A 1106 -15.17 42.29 63.79
C ILE A 1106 -15.98 43.01 62.72
N ILE A 1107 -17.29 42.77 62.71
CA ILE A 1107 -18.15 43.29 61.66
C ILE A 1107 -18.32 44.80 61.83
N THR A 1108 -17.81 45.55 60.86
CA THR A 1108 -17.95 47.01 60.83
C THR A 1108 -18.61 47.44 59.53
N THR A 1109 -18.70 48.76 59.33
CA THR A 1109 -19.34 49.28 58.13
C THR A 1109 -18.50 49.05 56.88
N ASP A 1110 -17.18 48.93 57.03
CA ASP A 1110 -16.32 48.70 55.88
C ASP A 1110 -16.46 47.27 55.36
N ASN A 1111 -16.73 46.31 56.24
CA ASN A 1111 -16.83 44.92 55.81
C ASN A 1111 -18.11 44.65 55.04
N THR A 1112 -19.23 45.20 55.50
CA THR A 1112 -20.55 44.88 54.96
C THR A 1112 -21.18 46.08 54.29
N PHE A 1113 -22.00 45.82 53.28
CA PHE A 1113 -22.74 46.85 52.57
C PHE A 1113 -24.23 46.57 52.69
N VAL A 1114 -25.01 47.65 52.82
CA VAL A 1114 -26.43 47.55 53.11
C VAL A 1114 -27.21 47.47 51.81
N SER A 1115 -28.12 46.49 51.71
CA SER A 1115 -28.97 46.34 50.55
C SER A 1115 -30.30 45.74 50.99
N GLY A 1116 -31.39 46.46 50.78
CA GLY A 1116 -32.71 45.94 51.06
C GLY A 1116 -33.06 45.91 52.54
N ASN A 1117 -34.01 45.04 52.87
CA ASN A 1117 -34.51 44.89 54.22
C ASN A 1117 -34.34 43.44 54.66
N CYS A 1118 -34.72 43.15 55.90
CA CYS A 1118 -34.44 41.85 56.51
C CYS A 1118 -35.48 40.78 56.19
N ASP A 1119 -36.59 41.14 55.55
CA ASP A 1119 -37.63 40.15 55.33
C ASP A 1119 -37.42 39.34 54.04
N VAL A 1120 -36.82 39.94 53.03
CA VAL A 1120 -36.68 39.26 51.75
C VAL A 1120 -35.66 38.14 51.83
N VAL A 1121 -34.52 38.39 52.49
CA VAL A 1121 -33.43 37.41 52.53
C VAL A 1121 -33.82 36.25 53.43
N ILE A 1122 -33.45 35.03 53.02
CA ILE A 1122 -33.76 33.81 53.76
C ILE A 1122 -32.52 33.39 54.54
N GLY A 1123 -32.70 33.10 55.82
CA GLY A 1123 -31.59 32.74 56.68
C GLY A 1123 -30.88 33.90 57.32
N ILE A 1124 -31.38 35.13 57.16
CA ILE A 1124 -30.74 36.30 57.74
C ILE A 1124 -30.89 36.26 59.26
N VAL A 1125 -29.78 36.39 59.97
CA VAL A 1125 -29.77 36.29 61.42
C VAL A 1125 -29.59 37.68 62.01
N ASN A 1126 -29.79 37.77 63.32
CA ASN A 1126 -29.75 39.03 64.06
C ASN A 1126 -28.43 39.16 64.79
N ASN A 1127 -27.76 40.29 64.60
CA ASN A 1127 -26.54 40.60 65.34
C ASN A 1127 -26.30 42.09 65.24
N THR A 1128 -25.41 42.59 66.11
CA THR A 1128 -25.03 43.99 66.11
C THR A 1128 -23.85 44.22 65.18
N VAL A 1129 -23.82 45.41 64.59
CA VAL A 1129 -22.76 45.82 63.67
C VAL A 1129 -22.20 47.14 64.19
N TYR A 1130 -21.12 47.06 64.97
CA TYR A 1130 -20.47 48.27 65.45
C TYR A 1130 -19.83 49.02 64.28
N ASP A 1131 -19.85 50.35 64.36
CA ASP A 1131 -19.28 51.18 63.30
C ASP A 1131 -17.77 51.30 63.47
N GLN B 15 -46.23 -30.18 -46.02
CA GLN B 15 -46.36 -29.75 -47.42
C GLN B 15 -45.90 -28.31 -47.59
N CYS B 16 -45.45 -27.98 -48.80
CA CYS B 16 -44.94 -26.64 -49.09
C CYS B 16 -46.08 -25.85 -49.72
N VAL B 17 -46.86 -25.19 -48.87
CA VAL B 17 -48.08 -24.50 -49.31
C VAL B 17 -48.08 -23.09 -48.74
N ASN B 18 -48.27 -22.10 -49.62
CA ASN B 18 -48.40 -20.71 -49.19
C ASN B 18 -49.78 -20.48 -48.56
N LEU B 19 -49.85 -19.49 -47.68
CA LEU B 19 -51.09 -19.10 -47.03
C LEU B 19 -51.69 -17.88 -47.73
N THR B 20 -53.02 -17.84 -47.79
CA THR B 20 -53.74 -16.78 -48.47
C THR B 20 -54.76 -16.17 -47.53
N GLY B 21 -54.94 -14.85 -47.66
CA GLY B 21 -55.89 -14.13 -46.86
C GLY B 21 -55.34 -13.40 -45.65
N ARG B 22 -54.03 -13.22 -45.57
CA ARG B 22 -53.43 -12.48 -44.47
C ARG B 22 -53.33 -10.99 -44.80
N ALA B 23 -53.55 -10.16 -43.80
CA ALA B 23 -53.64 -8.71 -43.99
C ALA B 23 -52.29 -8.04 -43.73
N THR B 24 -51.26 -8.53 -44.42
CA THR B 24 -49.93 -7.92 -44.43
C THR B 24 -49.31 -7.93 -43.03
N ILE B 25 -48.01 -7.64 -42.92
CA ILE B 25 -47.31 -7.60 -41.64
C ILE B 25 -47.08 -6.15 -41.27
N GLN B 26 -47.69 -5.71 -40.17
CA GLN B 26 -47.55 -4.34 -39.68
C GLN B 26 -47.50 -4.39 -38.16
N PRO B 27 -46.31 -4.42 -37.57
CA PRO B 27 -46.20 -4.53 -36.11
C PRO B 27 -46.44 -3.20 -35.40
N SER B 28 -46.96 -3.30 -34.19
CA SER B 28 -47.04 -2.17 -33.28
C SER B 28 -45.88 -2.23 -32.29
N PHE B 29 -45.72 -1.18 -31.50
CA PHE B 29 -44.59 -1.06 -30.59
C PHE B 29 -45.07 -0.74 -29.17
N THR B 30 -44.26 -1.17 -28.20
CA THR B 30 -44.53 -0.93 -26.78
C THR B 30 -43.19 -0.83 -26.06
N ASN B 31 -43.24 -0.90 -24.73
CA ASN B 31 -42.05 -0.82 -23.91
C ASN B 31 -42.11 -1.83 -22.78
N SER B 32 -40.96 -2.42 -22.46
CA SER B 32 -40.83 -3.43 -21.42
C SER B 32 -40.25 -2.77 -20.18
N SER B 33 -41.05 -2.68 -19.12
CA SER B 33 -40.65 -1.92 -17.94
C SER B 33 -39.41 -2.52 -17.28
N HIS B 34 -39.53 -3.74 -16.75
CA HIS B 34 -38.46 -4.31 -15.96
C HIS B 34 -38.22 -5.80 -16.27
N ARG B 35 -38.79 -6.33 -17.34
CA ARG B 35 -38.67 -7.74 -17.65
C ARG B 35 -37.33 -8.02 -18.34
N GLY B 36 -37.00 -9.31 -18.42
CA GLY B 36 -35.86 -9.76 -19.19
C GLY B 36 -34.55 -9.94 -18.43
N VAL B 37 -34.58 -9.92 -17.10
CA VAL B 37 -33.36 -10.12 -16.33
C VAL B 37 -33.09 -11.63 -16.23
N TYR B 38 -31.87 -12.03 -16.57
CA TYR B 38 -31.49 -13.43 -16.48
C TYR B 38 -30.17 -13.55 -15.71
N TYR B 39 -29.57 -14.73 -15.71
CA TYR B 39 -28.38 -14.97 -14.91
C TYR B 39 -27.14 -14.91 -15.80
N PRO B 40 -26.29 -13.90 -15.65
CA PRO B 40 -24.99 -13.92 -16.33
C PRO B 40 -24.09 -14.99 -15.73
N ASP B 41 -23.17 -15.48 -16.56
CA ASP B 41 -22.21 -16.52 -16.19
C ASP B 41 -22.87 -17.72 -15.53
N THR B 42 -22.10 -18.50 -14.78
CA THR B 42 -22.65 -19.66 -14.09
C THR B 42 -22.15 -19.81 -12.66
N ILE B 43 -21.41 -18.85 -12.13
CA ILE B 43 -20.90 -18.94 -10.77
C ILE B 43 -22.07 -18.86 -9.79
N PHE B 44 -22.05 -19.73 -8.79
CA PHE B 44 -23.08 -19.69 -7.75
C PHE B 44 -22.84 -18.49 -6.84
N ARG B 45 -23.91 -17.73 -6.58
CA ARG B 45 -23.86 -16.60 -5.67
C ARG B 45 -25.12 -16.58 -4.83
N SER B 46 -24.99 -16.12 -3.59
CA SER B 46 -26.11 -16.09 -2.67
C SER B 46 -25.91 -14.99 -1.64
N ASN B 47 -26.95 -14.19 -1.43
CA ASN B 47 -26.97 -13.15 -0.39
C ASN B 47 -25.85 -12.13 -0.61
N SER B 48 -25.81 -11.55 -1.81
CA SER B 48 -24.79 -10.57 -2.14
C SER B 48 -25.31 -9.64 -3.22
N LEU B 49 -24.66 -8.48 -3.32
CA LEU B 49 -24.93 -7.49 -4.37
C LEU B 49 -23.69 -7.39 -5.25
N VAL B 50 -23.88 -7.62 -6.55
CA VAL B 50 -22.77 -7.61 -7.50
C VAL B 50 -23.12 -6.72 -8.68
N LEU B 51 -22.07 -6.18 -9.30
CA LEU B 51 -22.18 -5.45 -10.56
C LEU B 51 -21.64 -6.34 -11.67
N SER B 52 -22.44 -6.56 -12.71
CA SER B 52 -22.07 -7.46 -13.78
C SER B 52 -22.25 -6.77 -15.12
N GLN B 53 -21.30 -7.03 -16.03
CA GLN B 53 -21.34 -6.50 -17.39
C GLN B 53 -21.75 -7.62 -18.33
N GLY B 54 -22.83 -7.42 -19.06
CA GLY B 54 -23.32 -8.44 -19.96
C GLY B 54 -24.34 -7.86 -20.91
N TYR B 55 -24.90 -8.74 -21.73
CA TYR B 55 -25.88 -8.35 -22.75
C TYR B 55 -27.27 -8.52 -22.16
N PHE B 56 -27.80 -7.42 -21.62
CA PHE B 56 -29.12 -7.40 -20.99
C PHE B 56 -30.10 -6.64 -21.88
N LEU B 57 -31.38 -6.83 -21.58
CA LEU B 57 -32.43 -6.04 -22.21
C LEU B 57 -32.63 -4.77 -21.39
N PRO B 58 -32.30 -3.59 -21.92
CA PRO B 58 -32.39 -2.37 -21.12
C PRO B 58 -33.84 -2.05 -20.73
N PHE B 59 -33.99 -1.44 -19.56
CA PHE B 59 -35.31 -1.12 -19.04
C PHE B 59 -36.00 -0.09 -19.93
N TYR B 60 -37.30 -0.26 -20.14
CA TYR B 60 -38.11 0.65 -20.95
C TYR B 60 -37.58 0.75 -22.38
N SER B 61 -37.22 -0.38 -22.96
CA SER B 61 -36.77 -0.43 -24.34
C SER B 61 -37.92 -0.80 -25.27
N ASN B 62 -37.87 -0.27 -26.50
CA ASN B 62 -38.94 -0.50 -27.46
C ASN B 62 -39.05 -1.98 -27.80
N ILE B 63 -40.28 -2.48 -27.82
CA ILE B 63 -40.57 -3.89 -28.00
C ILE B 63 -41.50 -4.05 -29.19
N SER B 64 -41.06 -4.83 -30.19
CA SER B 64 -41.90 -5.10 -31.34
C SER B 64 -43.06 -6.01 -30.95
N TRP B 65 -44.24 -5.70 -31.47
CA TRP B 65 -45.47 -6.40 -31.11
C TRP B 65 -46.11 -6.96 -32.37
N TYR B 66 -46.42 -8.26 -32.34
CA TYR B 66 -47.04 -8.95 -33.46
C TYR B 66 -48.33 -9.63 -33.00
N TYR B 67 -49.28 -9.76 -33.92
CA TYR B 67 -50.59 -10.29 -33.61
C TYR B 67 -50.85 -11.58 -34.37
N ALA B 68 -51.84 -12.33 -33.88
CA ALA B 68 -52.32 -13.54 -34.55
C ALA B 68 -53.78 -13.73 -34.15
N LEU B 69 -54.69 -13.28 -35.02
CA LEU B 69 -56.12 -13.35 -34.73
C LEU B 69 -56.89 -13.30 -36.03
N THR B 70 -58.16 -13.73 -35.95
CA THR B 70 -59.08 -13.61 -37.07
C THR B 70 -60.37 -12.96 -36.59
N LYS B 71 -60.93 -12.10 -37.43
CA LYS B 71 -62.12 -11.35 -37.06
C LYS B 71 -63.22 -11.49 -38.11
N ALA B 75 -63.96 -11.24 -41.49
CA ALA B 75 -63.30 -12.54 -41.44
C ALA B 75 -61.89 -12.46 -41.99
N GLU B 76 -61.23 -11.31 -41.77
CA GLU B 76 -59.88 -11.12 -42.25
C GLU B 76 -58.88 -11.80 -41.33
N LYS B 77 -58.02 -12.63 -41.91
CA LYS B 77 -57.01 -13.34 -41.13
C LYS B 77 -55.83 -12.44 -40.83
N ARG B 78 -55.07 -12.81 -39.79
CA ARG B 78 -53.88 -12.06 -39.41
C ARG B 78 -52.88 -13.05 -38.82
N VAL B 79 -51.84 -13.37 -39.60
CA VAL B 79 -50.76 -14.24 -39.16
C VAL B 79 -49.46 -13.49 -39.37
N ASP B 80 -48.72 -13.27 -38.29
CA ASP B 80 -47.48 -12.49 -38.30
C ASP B 80 -46.32 -13.44 -38.05
N ASN B 81 -45.62 -13.83 -39.12
CA ASN B 81 -44.41 -14.64 -39.03
C ASN B 81 -43.34 -14.07 -39.95
N PRO B 82 -42.82 -12.88 -39.65
CA PRO B 82 -41.75 -12.31 -40.47
C PRO B 82 -40.38 -12.81 -40.03
N ILE B 83 -39.37 -12.41 -40.78
CA ILE B 83 -37.98 -12.79 -40.51
C ILE B 83 -37.30 -11.62 -39.83
N LEU B 84 -36.79 -11.85 -38.63
CA LEU B 84 -36.18 -10.81 -37.81
C LEU B 84 -34.71 -11.13 -37.57
N ASP B 85 -33.93 -10.08 -37.32
CA ASP B 85 -32.51 -10.26 -37.09
C ASP B 85 -32.24 -10.78 -35.67
N PHE B 86 -31.14 -11.49 -35.53
CA PHE B 86 -30.72 -12.09 -34.26
C PHE B 86 -29.32 -11.56 -33.95
N LYS B 87 -29.26 -10.42 -33.27
CA LYS B 87 -28.00 -9.75 -32.98
C LYS B 87 -27.80 -9.70 -31.47
N ASP B 88 -26.76 -10.39 -31.00
CA ASP B 88 -26.38 -10.43 -29.59
C ASP B 88 -27.48 -11.01 -28.71
N GLY B 89 -28.40 -11.77 -29.28
CA GLY B 89 -29.48 -12.36 -28.52
C GLY B 89 -30.73 -11.50 -28.48
N ILE B 90 -31.85 -12.14 -28.20
CA ILE B 90 -33.15 -11.48 -28.19
C ILE B 90 -33.91 -11.85 -26.92
N TYR B 91 -34.94 -11.07 -26.64
CA TYR B 91 -35.92 -11.37 -25.60
C TYR B 91 -37.25 -11.69 -26.28
N PHE B 92 -37.85 -12.82 -25.91
CA PHE B 92 -39.10 -13.27 -26.52
C PHE B 92 -40.12 -13.51 -25.43
N ALA B 93 -41.26 -12.84 -25.53
CA ALA B 93 -42.37 -13.03 -24.61
C ALA B 93 -43.65 -13.19 -25.40
N ALA B 94 -44.61 -13.93 -24.83
CA ALA B 94 -45.85 -14.22 -25.54
C ALA B 94 -46.99 -14.38 -24.55
N THR B 95 -47.82 -13.34 -24.42
CA THR B 95 -49.13 -13.51 -23.81
C THR B 95 -50.01 -14.29 -24.78
N GLU B 96 -50.76 -15.25 -24.26
CA GLU B 96 -51.39 -16.21 -25.15
C GLU B 96 -52.57 -16.88 -24.47
N LYS B 97 -53.49 -17.37 -25.29
CA LYS B 97 -54.53 -18.29 -24.87
C LYS B 97 -54.71 -19.34 -25.95
N SER B 98 -54.85 -20.61 -25.53
CA SER B 98 -55.03 -21.78 -26.40
C SER B 98 -53.77 -22.17 -27.17
N ASN B 99 -52.61 -21.62 -26.81
CA ASN B 99 -51.30 -22.12 -27.26
C ASN B 99 -51.18 -22.12 -28.79
N ILE B 100 -51.18 -20.90 -29.36
CA ILE B 100 -51.00 -20.76 -30.80
C ILE B 100 -49.52 -20.84 -31.17
N VAL B 101 -48.65 -20.23 -30.36
CA VAL B 101 -47.21 -20.24 -30.63
C VAL B 101 -46.64 -21.58 -30.18
N ARG B 102 -45.82 -22.20 -31.05
CA ARG B 102 -45.31 -23.53 -30.78
C ARG B 102 -43.83 -23.73 -31.05
N GLY B 103 -43.13 -22.77 -31.63
CA GLY B 103 -41.71 -22.96 -31.85
C GLY B 103 -41.09 -21.82 -32.61
N TRP B 104 -39.79 -21.97 -32.89
CA TRP B 104 -39.01 -20.95 -33.56
C TRP B 104 -38.07 -21.62 -34.57
N ILE B 105 -37.57 -20.81 -35.51
CA ILE B 105 -36.56 -21.23 -36.46
C ILE B 105 -35.36 -20.31 -36.31
N PHE B 106 -34.17 -20.89 -36.14
CA PHE B 106 -32.93 -20.14 -36.00
C PHE B 106 -31.96 -20.56 -37.09
N GLY B 107 -31.24 -19.59 -37.63
CA GLY B 107 -30.28 -19.89 -38.67
C GLY B 107 -29.65 -18.62 -39.21
N THR B 108 -28.96 -18.78 -40.34
CA THR B 108 -28.31 -17.67 -41.03
C THR B 108 -28.79 -17.48 -42.46
N THR B 109 -29.09 -18.56 -43.18
CA THR B 109 -29.64 -18.46 -44.52
C THR B 109 -30.98 -19.17 -44.67
N LEU B 110 -31.38 -19.99 -43.70
CA LEU B 110 -32.70 -20.63 -43.67
C LEU B 110 -32.99 -21.42 -44.95
N ASP B 111 -31.98 -22.11 -45.45
CA ASP B 111 -32.13 -22.98 -46.61
C ASP B 111 -31.07 -24.09 -46.54
N ASN B 112 -30.95 -24.87 -47.61
CA ASN B 112 -30.08 -26.04 -47.61
C ASN B 112 -28.60 -25.70 -47.59
N THR B 113 -28.23 -24.44 -47.84
CA THR B 113 -26.81 -24.09 -47.92
C THR B 113 -26.12 -24.24 -46.56
N SER B 114 -26.78 -23.83 -45.48
CA SER B 114 -26.17 -23.80 -44.16
C SER B 114 -27.07 -24.48 -43.15
N GLN B 115 -26.46 -24.91 -42.04
CA GLN B 115 -27.20 -25.56 -40.98
C GLN B 115 -28.12 -24.56 -40.28
N SER B 116 -29.23 -25.07 -39.76
CA SER B 116 -30.20 -24.26 -39.05
C SER B 116 -30.66 -25.01 -37.81
N LEU B 117 -31.16 -24.26 -36.84
CA LEU B 117 -31.70 -24.82 -35.60
C LEU B 117 -33.21 -24.72 -35.62
N LEU B 118 -33.88 -25.84 -35.33
CA LEU B 118 -35.33 -25.90 -35.33
C LEU B 118 -35.80 -26.34 -33.95
N ILE B 119 -36.63 -25.52 -33.32
CA ILE B 119 -37.25 -25.83 -32.03
C ILE B 119 -38.73 -25.96 -32.27
N VAL B 120 -39.25 -27.18 -32.16
CA VAL B 120 -40.67 -27.47 -32.38
C VAL B 120 -41.16 -28.32 -31.23
N ASN B 121 -42.28 -27.92 -30.63
CA ASN B 121 -42.89 -28.67 -29.54
C ASN B 121 -44.27 -29.10 -30.01
N ASN B 122 -44.45 -30.41 -30.17
CA ASN B 122 -45.72 -30.96 -30.61
C ASN B 122 -46.58 -31.31 -29.40
N ALA B 123 -47.64 -32.09 -29.62
CA ALA B 123 -48.66 -32.29 -28.60
C ALA B 123 -48.13 -32.91 -27.31
N THR B 124 -46.96 -33.55 -27.34
CA THR B 124 -46.45 -34.22 -26.15
C THR B 124 -45.00 -33.92 -25.80
N ASN B 125 -44.17 -33.48 -26.74
CA ASN B 125 -42.76 -33.29 -26.45
C ASN B 125 -42.22 -32.11 -27.24
N VAL B 126 -41.11 -31.55 -26.75
CA VAL B 126 -40.37 -30.52 -27.46
C VAL B 126 -39.22 -31.19 -28.21
N ILE B 127 -39.07 -30.86 -29.49
CA ILE B 127 -38.08 -31.47 -30.36
C ILE B 127 -37.12 -30.39 -30.81
N ILE B 128 -35.83 -30.57 -30.50
CA ILE B 128 -34.77 -29.66 -30.90
C ILE B 128 -33.77 -30.44 -31.73
N LYS B 129 -33.43 -29.93 -32.91
CA LYS B 129 -32.44 -30.58 -33.74
C LYS B 129 -31.73 -29.53 -34.59
N VAL B 130 -30.40 -29.47 -34.46
CA VAL B 130 -29.57 -28.69 -35.37
C VAL B 130 -29.36 -29.54 -36.62
N CYS B 131 -29.80 -29.02 -37.76
CA CYS B 131 -29.84 -29.83 -38.97
C CYS B 131 -29.72 -28.89 -40.16
N ASN B 132 -29.75 -29.48 -41.37
CA ASN B 132 -29.62 -28.71 -42.60
C ASN B 132 -30.96 -28.77 -43.33
N PHE B 133 -31.88 -27.90 -42.93
CA PHE B 133 -33.23 -27.94 -43.45
C PHE B 133 -33.35 -27.13 -44.74
N GLN B 134 -34.42 -27.40 -45.48
CA GLN B 134 -34.85 -26.58 -46.61
C GLN B 134 -36.24 -26.06 -46.24
N PHE B 135 -36.28 -24.86 -45.65
CA PHE B 135 -37.53 -24.28 -45.21
C PHE B 135 -38.32 -23.73 -46.40
N CYS B 136 -39.64 -23.74 -46.25
CA CYS B 136 -40.53 -23.21 -47.28
C CYS B 136 -40.77 -21.72 -47.05
N TYR B 137 -41.44 -21.10 -48.02
CA TYR B 137 -41.67 -19.66 -47.98
C TYR B 137 -42.52 -19.26 -46.79
N ASP B 138 -43.54 -20.06 -46.46
CA ASP B 138 -44.48 -19.75 -45.37
C ASP B 138 -44.54 -20.94 -44.42
N PRO B 139 -43.58 -21.04 -43.50
CA PRO B 139 -43.62 -22.14 -42.53
C PRO B 139 -44.68 -21.91 -41.46
N TYR B 140 -45.42 -22.97 -41.13
CA TYR B 140 -46.42 -22.93 -40.07
C TYR B 140 -46.85 -24.35 -39.76
N LEU B 141 -47.39 -24.52 -38.56
CA LEU B 141 -48.01 -25.78 -38.15
C LEU B 141 -49.53 -25.66 -38.22
N SER B 142 -50.20 -26.80 -38.16
CA SER B 142 -51.65 -26.83 -38.26
C SER B 142 -52.20 -27.95 -37.38
N GLY B 143 -53.49 -27.83 -37.08
CA GLY B 143 -54.15 -28.83 -36.26
C GLY B 143 -55.66 -28.84 -36.45
N TYR B 144 -56.23 -30.02 -36.66
CA TYR B 144 -57.67 -30.15 -36.88
C TYR B 144 -58.40 -30.33 -35.55
N SER B 152 -57.78 -33.45 -32.96
CA SER B 152 -57.07 -33.86 -34.16
C SER B 152 -55.95 -32.87 -34.48
N THR B 153 -54.96 -33.32 -35.24
CA THR B 153 -53.82 -32.48 -35.57
C THR B 153 -53.24 -32.90 -36.91
N ARG B 154 -52.63 -31.94 -37.61
CA ARG B 154 -51.96 -32.20 -38.89
C ARG B 154 -50.86 -31.16 -39.04
N GLU B 155 -49.63 -31.54 -38.70
CA GLU B 155 -48.56 -30.55 -38.55
C GLU B 155 -47.33 -30.87 -39.39
N PHE B 156 -46.24 -30.15 -39.11
CA PHE B 156 -44.96 -30.32 -39.79
C PHE B 156 -45.05 -29.94 -41.27
N ALA B 157 -45.61 -28.77 -41.54
CA ALA B 157 -45.68 -28.21 -42.88
C ALA B 157 -44.68 -27.07 -43.06
N VAL B 158 -43.55 -27.14 -42.36
CA VAL B 158 -42.58 -26.04 -42.38
C VAL B 158 -41.35 -26.35 -43.22
N TYR B 159 -40.97 -27.62 -43.37
CA TYR B 159 -39.80 -27.98 -44.17
C TYR B 159 -40.16 -29.12 -45.11
N SER B 160 -39.22 -29.46 -45.98
CA SER B 160 -39.36 -30.57 -46.92
C SER B 160 -38.40 -31.71 -46.62
N SER B 161 -37.12 -31.40 -46.36
CA SER B 161 -36.13 -32.42 -46.05
C SER B 161 -34.99 -31.76 -45.27
N TYR B 162 -34.18 -32.60 -44.61
CA TYR B 162 -33.07 -32.07 -43.84
C TYR B 162 -31.74 -32.76 -44.19
N ALA B 163 -31.80 -34.02 -44.61
CA ALA B 163 -30.62 -34.75 -45.12
C ALA B 163 -29.57 -34.79 -44.01
N ASN B 164 -28.34 -34.32 -44.24
CA ASN B 164 -27.26 -34.40 -43.27
C ASN B 164 -27.65 -33.70 -41.98
N CYS B 165 -27.42 -34.37 -40.85
CA CYS B 165 -27.92 -33.85 -39.58
C CYS B 165 -26.86 -34.04 -38.52
N THR B 166 -26.88 -33.16 -37.51
CA THR B 166 -25.85 -33.14 -36.49
C THR B 166 -26.38 -33.39 -35.08
N PHE B 167 -27.44 -32.69 -34.68
CA PHE B 167 -27.87 -32.67 -33.29
C PHE B 167 -29.34 -33.08 -33.18
N GLU B 168 -29.69 -33.64 -32.02
CA GLU B 168 -31.06 -34.01 -31.72
C GLU B 168 -31.24 -33.97 -30.20
N TYR B 169 -32.43 -33.53 -29.76
CA TYR B 169 -32.70 -33.34 -28.34
C TYR B 169 -34.20 -33.32 -28.12
N VAL B 170 -34.67 -34.17 -27.20
CA VAL B 170 -36.09 -34.26 -26.86
C VAL B 170 -36.22 -34.19 -25.35
N SER B 171 -37.13 -33.36 -24.86
CA SER B 171 -37.31 -33.18 -23.43
C SER B 171 -38.78 -32.86 -23.15
N LYS B 172 -39.06 -32.42 -21.94
CA LYS B 172 -40.43 -32.11 -21.55
C LYS B 172 -40.93 -30.88 -22.29
N PRO B 173 -42.22 -30.85 -22.64
CA PRO B 173 -42.74 -29.72 -23.40
C PRO B 173 -42.90 -28.48 -22.53
N PHE B 174 -43.04 -27.34 -23.21
CA PHE B 174 -43.36 -26.08 -22.56
C PHE B 174 -44.77 -25.61 -22.81
N MET B 175 -45.35 -25.95 -23.96
CA MET B 175 -46.59 -25.36 -24.43
C MET B 175 -47.71 -26.40 -24.34
N LEU B 176 -48.94 -25.93 -24.36
CA LEU B 176 -50.09 -26.80 -24.12
C LEU B 176 -50.84 -27.10 -25.42
N ASP B 177 -51.97 -27.80 -25.29
CA ASP B 177 -52.71 -28.24 -26.46
C ASP B 177 -53.29 -27.07 -27.24
N ILE B 178 -53.26 -27.19 -28.57
CA ILE B 178 -53.70 -26.10 -29.44
C ILE B 178 -55.19 -25.87 -29.37
N SER B 179 -55.96 -26.80 -28.80
CA SER B 179 -57.40 -26.65 -28.75
C SER B 179 -57.81 -25.75 -27.57
N GLY B 180 -59.00 -25.17 -27.70
CA GLY B 180 -59.54 -24.33 -26.63
C GLY B 180 -60.03 -22.97 -27.10
N LYS B 181 -60.82 -22.31 -26.26
CA LYS B 181 -61.36 -20.99 -26.57
C LYS B 181 -61.75 -20.31 -25.26
N SER B 182 -61.42 -19.03 -25.14
CA SER B 182 -61.73 -18.24 -23.96
C SER B 182 -61.93 -16.79 -24.39
N GLY B 183 -61.92 -15.88 -23.42
CA GLY B 183 -62.11 -14.47 -23.71
C GLY B 183 -60.94 -13.60 -23.33
N LEU B 184 -60.06 -14.10 -22.46
CA LEU B 184 -58.89 -13.35 -22.01
C LEU B 184 -57.68 -14.27 -21.98
N PHE B 185 -56.50 -13.66 -22.06
CA PHE B 185 -55.25 -14.42 -21.97
C PHE B 185 -55.07 -14.99 -20.56
N ASP B 186 -54.33 -16.09 -20.48
CA ASP B 186 -54.17 -16.79 -19.21
C ASP B 186 -52.72 -16.92 -18.76
N THR B 187 -51.78 -17.15 -19.69
CA THR B 187 -50.39 -17.39 -19.32
C THR B 187 -49.47 -16.45 -20.08
N LEU B 188 -48.38 -16.08 -19.43
CA LEU B 188 -47.31 -15.29 -20.04
C LEU B 188 -46.04 -16.11 -20.01
N ARG B 189 -45.39 -16.26 -21.17
CA ARG B 189 -44.19 -17.06 -21.30
C ARG B 189 -43.06 -16.20 -21.86
N GLU B 190 -41.95 -16.16 -21.14
CA GLU B 190 -40.81 -15.33 -21.49
C GLU B 190 -39.59 -16.19 -21.76
N PHE B 191 -38.86 -15.86 -22.82
CA PHE B 191 -37.65 -16.59 -23.19
C PHE B 191 -36.54 -15.61 -23.52
N VAL B 192 -35.31 -16.02 -23.21
CA VAL B 192 -34.11 -15.30 -23.59
C VAL B 192 -33.19 -16.28 -24.32
N PHE B 193 -32.79 -15.92 -25.54
CA PHE B 193 -31.94 -16.76 -26.37
C PHE B 193 -30.59 -16.08 -26.56
N ARG B 194 -29.51 -16.84 -26.37
CA ARG B 194 -28.16 -16.35 -26.57
C ARG B 194 -27.34 -17.39 -27.30
N ASN B 195 -26.22 -16.95 -27.88
CA ASN B 195 -25.35 -17.82 -28.67
C ASN B 195 -23.91 -17.37 -28.42
N VAL B 196 -23.24 -18.04 -27.47
CA VAL B 196 -21.86 -17.73 -27.11
C VAL B 196 -21.07 -19.02 -26.96
N ASP B 197 -19.85 -19.02 -27.51
CA ASP B 197 -18.93 -20.15 -27.39
C ASP B 197 -19.55 -21.45 -27.90
N GLY B 198 -20.29 -21.36 -29.00
CA GLY B 198 -20.93 -22.53 -29.56
C GLY B 198 -21.97 -23.15 -28.67
N TYR B 199 -22.63 -22.36 -27.84
CA TYR B 199 -23.68 -22.84 -26.95
C TYR B 199 -24.93 -22.01 -27.16
N PHE B 200 -26.06 -22.67 -27.32
CA PHE B 200 -27.37 -22.02 -27.44
C PHE B 200 -28.04 -22.09 -26.08
N LYS B 201 -28.03 -20.97 -25.35
CA LYS B 201 -28.58 -20.91 -24.01
C LYS B 201 -30.01 -20.41 -24.06
N ILE B 202 -30.87 -21.02 -23.24
CA ILE B 202 -32.27 -20.65 -23.15
C ILE B 202 -32.62 -20.41 -21.69
N TYR B 203 -33.28 -19.29 -21.41
CA TYR B 203 -33.77 -18.96 -20.08
C TYR B 203 -35.27 -18.70 -20.19
N SER B 204 -36.02 -19.15 -19.18
CA SER B 204 -37.47 -19.08 -19.28
C SER B 204 -38.10 -18.84 -17.91
N LYS B 205 -39.33 -18.36 -17.94
CA LYS B 205 -40.16 -18.21 -16.75
C LYS B 205 -41.62 -18.28 -17.18
N TYR B 206 -42.43 -19.00 -16.40
CA TYR B 206 -43.83 -19.23 -16.71
C TYR B 206 -44.68 -18.64 -15.59
N SER B 207 -45.58 -17.73 -15.94
CA SER B 207 -46.41 -17.05 -14.96
C SER B 207 -47.83 -16.92 -15.48
N PRO B 208 -48.83 -16.97 -14.58
CA PRO B 208 -50.22 -16.75 -14.99
C PRO B 208 -50.63 -15.29 -14.93
N VAL B 209 -51.25 -14.78 -16.01
CA VAL B 209 -51.72 -13.41 -16.06
C VAL B 209 -53.18 -13.39 -16.52
N ASN B 210 -53.85 -12.27 -16.26
CA ASN B 210 -55.22 -12.06 -16.69
C ASN B 210 -55.36 -10.78 -17.50
N VAL B 211 -54.27 -10.31 -18.12
CA VAL B 211 -54.32 -9.08 -18.92
C VAL B 211 -55.17 -9.32 -20.17
N ASN B 212 -55.64 -8.21 -20.75
CA ASN B 212 -56.51 -8.27 -21.93
C ASN B 212 -55.73 -8.10 -23.23
N SER B 213 -55.11 -6.94 -23.44
CA SER B 213 -54.49 -6.65 -24.74
C SER B 213 -53.17 -5.90 -24.58
N ASN B 214 -52.31 -6.31 -23.66
CA ASN B 214 -51.00 -5.67 -23.55
C ASN B 214 -50.04 -6.53 -22.75
N LEU B 215 -48.76 -6.23 -22.89
CA LEU B 215 -47.73 -6.87 -22.08
C LEU B 215 -47.81 -6.37 -20.66
N PRO B 216 -47.73 -7.26 -19.66
CA PRO B 216 -47.82 -6.81 -18.26
C PRO B 216 -46.62 -5.94 -17.87
N THR B 217 -46.84 -5.13 -16.84
CA THR B 217 -45.82 -4.24 -16.30
C THR B 217 -45.30 -4.81 -14.99
N GLY B 218 -43.99 -5.03 -14.91
CA GLY B 218 -43.40 -5.57 -13.70
C GLY B 218 -42.00 -6.09 -13.95
N PHE B 219 -41.47 -6.76 -12.94
CA PHE B 219 -40.12 -7.28 -12.94
C PHE B 219 -40.15 -8.81 -13.01
N SER B 220 -39.32 -9.38 -13.87
CA SER B 220 -39.25 -10.82 -14.05
C SER B 220 -37.80 -11.26 -14.13
N ALA B 221 -37.49 -12.39 -13.50
CA ALA B 221 -36.17 -13.01 -13.56
C ALA B 221 -36.31 -14.40 -14.16
N LEU B 222 -35.47 -14.70 -15.15
CA LEU B 222 -35.58 -15.92 -15.93
C LEU B 222 -34.48 -16.89 -15.51
N GLU B 223 -34.90 -18.14 -15.20
CA GLU B 223 -33.98 -19.17 -14.74
C GLU B 223 -33.45 -19.99 -15.92
N PRO B 224 -32.22 -20.52 -15.82
CA PRO B 224 -31.67 -21.30 -16.93
C PRO B 224 -32.50 -22.56 -17.19
N LEU B 225 -32.66 -22.86 -18.47
CA LEU B 225 -33.47 -24.00 -18.89
C LEU B 225 -32.67 -25.05 -19.63
N VAL B 226 -31.84 -24.65 -20.60
CA VAL B 226 -31.05 -25.57 -21.39
C VAL B 226 -29.82 -24.85 -21.92
N GLU B 227 -28.79 -25.63 -22.26
CA GLU B 227 -27.49 -25.14 -22.71
C GLU B 227 -27.04 -25.92 -23.93
N LEU B 228 -27.93 -26.04 -24.92
CA LEU B 228 -27.68 -26.93 -26.06
C LEU B 228 -26.38 -26.55 -26.77
N PRO B 229 -25.45 -27.49 -26.93
CA PRO B 229 -24.27 -27.23 -27.77
C PRO B 229 -24.60 -27.41 -29.24
N ALA B 230 -24.70 -26.29 -29.96
CA ALA B 230 -25.08 -26.29 -31.37
C ALA B 230 -23.90 -26.04 -32.30
N GLY B 231 -23.11 -25.00 -32.02
CA GLY B 231 -21.96 -24.69 -32.85
C GLY B 231 -22.30 -24.23 -34.24
N ILE B 232 -23.30 -23.36 -34.39
CA ILE B 232 -23.69 -22.83 -35.69
C ILE B 232 -23.74 -21.31 -35.61
N ASN B 233 -23.68 -20.69 -36.78
CA ASN B 233 -23.71 -19.24 -36.92
C ASN B 233 -25.15 -18.79 -37.15
N ILE B 234 -25.67 -17.99 -36.23
CA ILE B 234 -27.08 -17.60 -36.23
C ILE B 234 -27.18 -16.09 -36.36
N THR B 235 -27.90 -15.62 -37.38
CA THR B 235 -28.08 -14.19 -37.62
C THR B 235 -29.55 -13.82 -37.74
N ARG B 236 -30.37 -14.74 -38.22
CA ARG B 236 -31.78 -14.48 -38.48
C ARG B 236 -32.64 -15.54 -37.81
N PHE B 237 -33.87 -15.15 -37.48
CA PHE B 237 -34.80 -16.07 -36.83
C PHE B 237 -36.23 -15.70 -37.21
N ARG B 238 -37.14 -16.64 -37.01
CA ARG B 238 -38.55 -16.41 -37.25
C ARG B 238 -39.38 -17.34 -36.34
N THR B 239 -40.66 -17.00 -36.22
CA THR B 239 -41.56 -17.70 -35.31
C THR B 239 -42.48 -18.65 -36.09
N LEU B 240 -42.74 -19.81 -35.49
CA LEU B 240 -43.68 -20.78 -36.04
C LEU B 240 -45.02 -20.64 -35.34
N LEU B 241 -46.09 -20.56 -36.13
CA LEU B 241 -47.44 -20.38 -35.61
C LEU B 241 -48.32 -21.54 -36.05
N THR B 242 -49.42 -21.72 -35.31
CA THR B 242 -50.35 -22.81 -35.54
C THR B 242 -51.68 -22.26 -36.06
N ILE B 243 -52.14 -22.81 -37.18
CA ILE B 243 -53.43 -22.46 -37.74
C ILE B 243 -54.39 -23.62 -37.52
N HIS B 244 -55.68 -23.34 -37.62
CA HIS B 244 -56.73 -24.34 -37.44
C HIS B 244 -57.31 -24.68 -38.80
N ARG B 245 -56.99 -25.87 -39.30
CA ARG B 245 -57.42 -26.29 -40.63
C ARG B 245 -57.32 -27.80 -40.79
N GLY B 253 -60.51 -21.26 -45.63
CA GLY B 253 -61.12 -22.29 -44.80
C GLY B 253 -60.33 -22.60 -43.55
N TRP B 254 -59.54 -21.62 -43.09
CA TRP B 254 -58.72 -21.78 -41.91
C TRP B 254 -58.87 -20.55 -41.02
N THR B 255 -58.71 -20.77 -39.72
CA THR B 255 -58.83 -19.70 -38.74
C THR B 255 -57.68 -19.82 -37.74
N VAL B 256 -57.39 -18.70 -37.08
CA VAL B 256 -56.33 -18.63 -36.09
C VAL B 256 -56.89 -18.05 -34.80
N PHE B 257 -56.61 -18.70 -33.68
CA PHE B 257 -57.04 -18.20 -32.39
C PHE B 257 -56.19 -16.99 -31.99
N SER B 258 -56.73 -16.20 -31.05
CA SER B 258 -56.08 -14.95 -30.67
C SER B 258 -54.78 -15.22 -29.91
N ALA B 259 -53.71 -14.56 -30.33
CA ALA B 259 -52.42 -14.69 -29.67
C ALA B 259 -51.54 -13.52 -30.08
N ALA B 260 -50.47 -13.31 -29.32
CA ALA B 260 -49.52 -12.25 -29.61
C ALA B 260 -48.17 -12.59 -29.00
N TYR B 261 -47.11 -12.15 -29.67
CA TYR B 261 -45.75 -12.35 -29.18
C TYR B 261 -44.97 -11.05 -29.32
N TYR B 262 -43.95 -10.90 -28.48
CA TYR B 262 -43.18 -9.66 -28.37
C TYR B 262 -41.70 -9.96 -28.52
N VAL B 263 -40.97 -9.06 -29.17
CA VAL B 263 -39.57 -9.25 -29.50
C VAL B 263 -38.76 -8.08 -28.96
N GLY B 264 -37.68 -8.39 -28.25
CA GLY B 264 -36.76 -7.38 -27.78
C GLY B 264 -35.33 -7.78 -28.10
N TYR B 265 -34.43 -6.82 -27.98
CA TYR B 265 -33.03 -7.00 -28.34
C TYR B 265 -32.12 -6.66 -27.16
N LEU B 266 -31.18 -7.55 -26.88
CA LEU B 266 -30.21 -7.34 -25.81
C LEU B 266 -29.12 -6.37 -26.26
N ALA B 267 -28.57 -5.64 -25.28
CA ALA B 267 -27.50 -4.68 -25.52
C ALA B 267 -26.51 -4.75 -24.37
N PRO B 268 -25.24 -4.46 -24.63
CA PRO B 268 -24.23 -4.50 -23.56
C PRO B 268 -24.43 -3.37 -22.54
N ARG B 269 -24.81 -3.74 -21.32
CA ARG B 269 -25.03 -2.80 -20.23
C ARG B 269 -24.35 -3.31 -18.98
N THR B 270 -24.43 -2.50 -17.92
CA THR B 270 -23.99 -2.89 -16.59
C THR B 270 -25.19 -2.87 -15.66
N PHE B 271 -25.42 -3.99 -14.98
CA PHE B 271 -26.56 -4.15 -14.09
C PHE B 271 -26.08 -4.44 -12.67
N MET B 272 -26.87 -4.01 -11.70
CA MET B 272 -26.64 -4.35 -10.30
C MET B 272 -27.70 -5.35 -9.88
N LEU B 273 -27.28 -6.53 -9.44
CA LEU B 273 -28.17 -7.64 -9.16
C LEU B 273 -28.08 -8.02 -7.69
N LYS B 274 -29.21 -8.43 -7.13
CA LYS B 274 -29.29 -8.89 -5.75
C LYS B 274 -29.69 -10.35 -5.71
N TYR B 275 -28.91 -11.17 -5.02
CA TYR B 275 -29.18 -12.59 -4.85
C TYR B 275 -29.69 -12.84 -3.44
N ASN B 276 -30.61 -13.79 -3.30
CA ASN B 276 -31.09 -14.22 -2.00
C ASN B 276 -30.41 -15.53 -1.61
N GLU B 277 -30.85 -16.13 -0.50
CA GLU B 277 -30.21 -17.34 0.01
C GLU B 277 -30.41 -18.53 -0.91
N ASN B 278 -31.49 -18.57 -1.69
CA ASN B 278 -31.69 -19.63 -2.67
C ASN B 278 -30.78 -19.48 -3.88
N GLY B 279 -30.10 -18.35 -4.02
CA GLY B 279 -29.35 -18.06 -5.23
C GLY B 279 -30.22 -17.60 -6.38
N THR B 280 -31.26 -16.81 -6.09
CA THR B 280 -32.21 -16.34 -7.08
C THR B 280 -32.22 -14.81 -7.07
N ILE B 281 -32.26 -14.22 -8.26
CA ILE B 281 -32.30 -12.77 -8.40
C ILE B 281 -33.70 -12.28 -8.03
N THR B 282 -33.77 -11.30 -7.12
CA THR B 282 -35.03 -10.74 -6.69
C THR B 282 -35.22 -9.28 -7.05
N ASP B 283 -34.14 -8.55 -7.36
CA ASP B 283 -34.24 -7.16 -7.77
C ASP B 283 -33.02 -6.79 -8.59
N ALA B 284 -33.18 -5.78 -9.44
CA ALA B 284 -32.10 -5.34 -10.31
C ALA B 284 -32.38 -3.91 -10.76
N VAL B 285 -31.31 -3.15 -10.95
CA VAL B 285 -31.40 -1.78 -11.46
C VAL B 285 -30.54 -1.69 -12.72
N ASP B 286 -31.00 -0.89 -13.68
CA ASP B 286 -30.24 -0.61 -14.89
C ASP B 286 -29.46 0.68 -14.66
N CYS B 287 -28.13 0.59 -14.62
CA CYS B 287 -27.30 1.73 -14.24
C CYS B 287 -27.23 2.80 -15.32
N SER B 288 -27.90 2.61 -16.46
CA SER B 288 -27.90 3.59 -17.54
C SER B 288 -29.24 4.29 -17.71
N LEU B 289 -30.25 3.93 -16.93
CA LEU B 289 -31.61 4.42 -17.19
C LEU B 289 -31.73 5.90 -16.90
N ASP B 290 -31.30 6.35 -15.73
CA ASP B 290 -31.52 7.73 -15.31
C ASP B 290 -30.53 8.06 -14.21
N PRO B 291 -30.41 9.34 -13.82
CA PRO B 291 -29.45 9.70 -12.77
C PRO B 291 -29.67 8.99 -11.44
N LEU B 292 -30.92 8.72 -11.05
CA LEU B 292 -31.15 8.03 -9.79
C LEU B 292 -30.59 6.60 -9.82
N SER B 293 -30.81 5.88 -10.92
CA SER B 293 -30.22 4.56 -11.07
C SER B 293 -28.70 4.65 -11.12
N GLU B 294 -28.17 5.71 -11.72
CA GLU B 294 -26.72 5.92 -11.72
C GLU B 294 -26.18 6.06 -10.30
N ALA B 295 -26.86 6.86 -9.47
CA ALA B 295 -26.42 7.02 -8.09
C ALA B 295 -26.52 5.71 -7.32
N LYS B 296 -27.60 4.96 -7.53
CA LYS B 296 -27.74 3.67 -6.87
C LYS B 296 -26.63 2.71 -7.28
N CYS B 297 -26.31 2.68 -8.57
CA CYS B 297 -25.27 1.79 -9.06
C CYS B 297 -23.88 2.22 -8.58
N THR B 298 -23.66 3.52 -8.46
CA THR B 298 -22.38 4.03 -7.96
C THR B 298 -22.20 3.71 -6.48
N LEU B 299 -23.23 3.89 -5.67
CA LEU B 299 -23.14 3.64 -4.25
C LEU B 299 -23.31 2.18 -3.87
N LYS B 300 -23.61 1.31 -4.84
CA LYS B 300 -23.76 -0.13 -4.61
C LYS B 300 -24.82 -0.42 -3.55
N SER B 301 -25.97 0.22 -3.70
CA SER B 301 -27.08 0.02 -2.78
C SER B 301 -28.38 0.28 -3.52
N PHE B 302 -29.44 -0.42 -3.10
CA PHE B 302 -30.74 -0.31 -3.74
C PHE B 302 -31.56 0.87 -3.19
N THR B 303 -31.08 1.54 -2.14
CA THR B 303 -31.72 2.72 -1.61
C THR B 303 -30.67 3.77 -1.33
N VAL B 304 -31.01 5.04 -1.60
CA VAL B 304 -30.09 6.16 -1.44
C VAL B 304 -30.70 7.15 -0.47
N GLU B 305 -29.89 7.65 0.45
CA GLU B 305 -30.33 8.61 1.45
C GLU B 305 -30.45 10.00 0.83
N LYS B 306 -30.94 10.95 1.61
CA LYS B 306 -31.07 12.33 1.15
C LYS B 306 -29.71 13.00 1.13
N GLY B 307 -29.46 13.77 0.08
CA GLY B 307 -28.22 14.50 -0.07
C GLY B 307 -27.87 14.67 -1.53
N ILE B 308 -26.59 14.95 -1.77
CA ILE B 308 -26.05 15.11 -3.12
C ILE B 308 -24.86 14.17 -3.26
N TYR B 309 -24.87 13.36 -4.31
CA TYR B 309 -23.89 12.30 -4.50
C TYR B 309 -23.16 12.48 -5.82
N GLN B 310 -21.85 12.28 -5.79
CA GLN B 310 -21.02 12.36 -6.99
C GLN B 310 -21.15 11.05 -7.76
N THR B 311 -21.80 11.11 -8.91
CA THR B 311 -21.88 9.97 -9.82
C THR B 311 -20.70 10.01 -10.79
N SER B 312 -20.55 8.93 -11.55
CA SER B 312 -19.48 8.82 -12.51
C SER B 312 -19.94 7.94 -13.66
N ASN B 313 -19.41 8.23 -14.85
CA ASN B 313 -19.66 7.39 -16.03
C ASN B 313 -21.15 7.30 -16.32
N PHE B 314 -21.67 8.35 -16.95
CA PHE B 314 -23.10 8.46 -17.22
C PHE B 314 -23.59 7.54 -18.36
N ARG B 315 -22.84 6.49 -18.72
CA ARG B 315 -23.31 5.43 -19.62
C ARG B 315 -23.68 5.99 -20.99
N VAL B 316 -22.64 6.43 -21.70
CA VAL B 316 -22.78 6.88 -23.08
C VAL B 316 -22.04 5.90 -23.99
N GLN B 317 -22.06 4.61 -23.59
CA GLN B 317 -21.32 3.51 -24.21
C GLN B 317 -21.32 3.60 -25.73
N PRO B 318 -20.16 3.46 -26.37
CA PRO B 318 -20.10 3.56 -27.83
C PRO B 318 -20.76 2.36 -28.50
N THR B 319 -21.22 2.59 -29.73
CA THR B 319 -21.87 1.54 -30.51
C THR B 319 -21.35 1.43 -31.94
N ASP B 320 -20.34 2.22 -32.32
CA ASP B 320 -19.77 2.18 -33.65
C ASP B 320 -18.27 1.96 -33.57
N SER B 321 -17.74 1.15 -34.47
CA SER B 321 -16.31 0.86 -34.56
C SER B 321 -15.82 1.20 -35.96
N ILE B 322 -14.78 2.04 -36.04
CA ILE B 322 -14.25 2.51 -37.31
C ILE B 322 -12.79 2.07 -37.41
N VAL B 323 -12.33 1.94 -38.66
CA VAL B 323 -10.96 1.53 -38.96
C VAL B 323 -10.43 2.43 -40.08
N ARG B 324 -9.22 2.95 -39.90
CA ARG B 324 -8.57 3.78 -40.91
C ARG B 324 -7.16 3.24 -41.14
N PHE B 325 -6.90 2.79 -42.35
CA PHE B 325 -5.64 2.19 -42.75
C PHE B 325 -5.11 2.87 -44.01
N PRO B 326 -3.79 2.79 -44.26
CA PRO B 326 -3.24 3.44 -45.45
C PRO B 326 -3.73 2.82 -46.76
N ASN B 327 -3.26 3.35 -47.88
CA ASN B 327 -3.77 3.00 -49.20
C ASN B 327 -2.99 1.87 -49.87
N ILE B 328 -2.08 1.23 -49.14
CA ILE B 328 -1.31 0.13 -49.71
C ILE B 328 -2.24 -1.05 -50.00
N THR B 329 -2.13 -1.63 -51.19
CA THR B 329 -3.05 -2.69 -51.60
C THR B 329 -2.31 -3.92 -52.11
N ASN B 330 -1.10 -3.74 -52.62
CA ASN B 330 -0.33 -4.87 -53.10
C ASN B 330 0.13 -5.74 -51.93
N LEU B 331 0.25 -7.04 -52.19
CA LEU B 331 0.56 -8.01 -51.16
C LEU B 331 2.05 -8.27 -51.08
N CYS B 332 2.53 -8.52 -49.86
CA CYS B 332 3.94 -8.78 -49.65
C CYS B 332 4.35 -10.08 -50.34
N PRO B 333 5.55 -10.13 -50.92
CA PRO B 333 6.00 -11.33 -51.65
C PRO B 333 6.48 -12.43 -50.71
N PHE B 334 5.57 -12.95 -49.88
CA PHE B 334 5.92 -14.06 -49.01
C PHE B 334 6.17 -15.33 -49.82
N GLY B 335 5.37 -15.56 -50.86
CA GLY B 335 5.59 -16.72 -51.70
C GLY B 335 6.93 -16.69 -52.41
N GLU B 336 7.31 -15.51 -52.90
CA GLU B 336 8.60 -15.38 -53.58
C GLU B 336 9.76 -15.62 -52.61
N VAL B 337 9.64 -15.11 -51.39
CA VAL B 337 10.70 -15.30 -50.39
C VAL B 337 10.80 -16.77 -49.98
N PHE B 338 9.66 -17.41 -49.77
CA PHE B 338 9.63 -18.79 -49.28
C PHE B 338 9.84 -19.81 -50.39
N ASN B 339 9.78 -19.39 -51.64
CA ASN B 339 9.87 -20.28 -52.80
C ASN B 339 11.28 -20.33 -53.40
N ALA B 340 12.25 -19.68 -52.78
CA ALA B 340 13.58 -19.60 -53.36
C ALA B 340 14.25 -20.97 -53.46
N THR B 341 15.11 -21.11 -54.46
CA THR B 341 15.83 -22.36 -54.66
C THR B 341 16.78 -22.64 -53.50
N THR B 342 17.50 -21.62 -53.05
CA THR B 342 18.41 -21.72 -51.92
C THR B 342 18.21 -20.51 -51.01
N PHE B 343 18.24 -20.73 -49.71
CA PHE B 343 18.00 -19.64 -48.75
C PHE B 343 19.29 -18.93 -48.35
N ALA B 344 20.16 -19.62 -47.62
CA ALA B 344 21.40 -19.05 -47.11
C ALA B 344 22.10 -20.12 -46.29
N SER B 345 23.33 -19.82 -45.89
CA SER B 345 24.01 -20.55 -44.83
C SER B 345 23.75 -19.84 -43.51
N VAL B 346 23.69 -20.61 -42.42
CA VAL B 346 23.35 -20.03 -41.13
C VAL B 346 24.41 -19.05 -40.67
N TYR B 347 25.68 -19.32 -41.00
CA TYR B 347 26.75 -18.40 -40.61
C TYR B 347 26.76 -17.13 -41.46
N ALA B 348 26.11 -17.14 -42.61
CA ALA B 348 26.04 -16.00 -43.52
C ALA B 348 24.58 -15.66 -43.83
N TRP B 349 23.77 -15.55 -42.77
CA TRP B 349 22.34 -15.35 -42.95
C TRP B 349 22.05 -14.05 -43.68
N ASN B 350 21.05 -14.09 -44.55
CA ASN B 350 20.69 -12.96 -45.40
C ASN B 350 19.54 -12.19 -44.75
N ARG B 351 19.66 -10.86 -44.74
CA ARG B 351 18.65 -9.97 -44.20
C ARG B 351 18.15 -9.04 -45.30
N LYS B 352 16.83 -8.94 -45.44
CA LYS B 352 16.23 -8.05 -46.42
C LYS B 352 15.06 -7.32 -45.78
N ARG B 353 14.74 -6.15 -46.33
CA ARG B 353 13.70 -5.29 -45.81
C ARG B 353 12.43 -5.42 -46.63
N ILE B 354 11.29 -5.44 -45.94
CA ILE B 354 9.98 -5.54 -46.56
C ILE B 354 9.23 -4.24 -46.29
N SER B 355 8.72 -3.62 -47.35
CA SER B 355 8.04 -2.33 -47.21
C SER B 355 7.02 -2.17 -48.33
N ASN B 356 6.00 -1.35 -48.04
CA ASN B 356 4.96 -0.97 -49.00
C ASN B 356 4.25 -2.21 -49.56
N CYS B 357 3.58 -2.92 -48.66
CA CYS B 357 2.79 -4.09 -49.03
C CYS B 357 1.83 -4.42 -47.89
N VAL B 358 1.04 -5.47 -48.10
CA VAL B 358 0.07 -5.94 -47.12
C VAL B 358 0.49 -7.33 -46.67
N ALA B 359 0.71 -7.49 -45.36
CA ALA B 359 1.16 -8.76 -44.81
C ALA B 359 -0.05 -9.69 -44.64
N ASP B 360 -0.14 -10.69 -45.51
CA ASP B 360 -1.24 -11.65 -45.50
C ASP B 360 -0.63 -13.05 -45.39
N TYR B 361 -0.59 -13.59 -44.17
CA TYR B 361 -0.03 -14.92 -43.94
C TYR B 361 -0.92 -16.04 -44.44
N SER B 362 -2.17 -15.73 -44.81
CA SER B 362 -3.10 -16.76 -45.26
C SER B 362 -2.81 -17.26 -46.67
N VAL B 363 -1.95 -16.57 -47.43
CA VAL B 363 -1.65 -17.00 -48.79
C VAL B 363 -0.64 -18.13 -48.84
N LEU B 364 -0.10 -18.55 -47.69
CA LEU B 364 0.85 -19.66 -47.62
C LEU B 364 0.22 -20.92 -47.05
N TYR B 365 -1.10 -20.92 -46.81
CA TYR B 365 -1.75 -22.05 -46.17
C TYR B 365 -1.74 -23.31 -47.04
N ASN B 366 -1.64 -23.16 -48.36
CA ASN B 366 -1.64 -24.30 -49.26
C ASN B 366 -0.24 -24.76 -49.63
N SER B 367 0.81 -24.16 -49.07
CA SER B 367 2.17 -24.46 -49.49
C SER B 367 3.03 -25.04 -48.37
N THR B 368 3.11 -24.38 -47.22
CA THR B 368 4.16 -24.66 -46.24
C THR B 368 3.68 -25.46 -45.03
N SER B 369 2.63 -25.00 -44.36
CA SER B 369 2.18 -25.58 -43.08
C SER B 369 3.29 -25.50 -42.04
N PHE B 370 3.59 -24.25 -41.67
CA PHE B 370 4.66 -23.93 -40.72
C PHE B 370 4.66 -24.85 -39.51
N SER B 371 5.78 -25.53 -39.30
CA SER B 371 5.92 -26.40 -38.12
C SER B 371 6.29 -25.62 -36.87
N THR B 372 6.72 -24.37 -37.02
CA THR B 372 7.06 -23.53 -35.88
C THR B 372 6.62 -22.09 -36.18
N PHE B 373 5.86 -21.51 -35.25
CA PHE B 373 5.40 -20.14 -35.40
C PHE B 373 5.22 -19.57 -34.00
N LYS B 374 6.21 -18.83 -33.53
CA LYS B 374 6.20 -18.24 -32.20
C LYS B 374 6.47 -16.75 -32.31
N CYS B 375 5.63 -15.95 -31.67
CA CYS B 375 5.77 -14.50 -31.65
C CYS B 375 6.03 -14.03 -30.23
N TYR B 376 6.84 -12.98 -30.09
CA TYR B 376 7.32 -12.56 -28.77
C TYR B 376 6.76 -11.20 -28.36
N GLY B 377 6.95 -10.17 -29.18
CA GLY B 377 6.44 -8.86 -28.82
C GLY B 377 4.95 -8.67 -29.04
N VAL B 378 4.33 -9.51 -29.87
CA VAL B 378 2.93 -9.38 -30.22
C VAL B 378 2.26 -10.73 -30.09
N SER B 379 0.93 -10.70 -30.05
CA SER B 379 0.16 -11.94 -30.15
C SER B 379 -0.11 -12.28 -31.62
N PRO B 380 -0.02 -13.55 -31.99
CA PRO B 380 -0.23 -13.91 -33.41
C PRO B 380 -1.61 -13.56 -33.93
N THR B 381 -2.62 -13.49 -33.06
CA THR B 381 -3.97 -13.17 -33.49
C THR B 381 -4.18 -11.68 -33.71
N LYS B 382 -3.25 -10.83 -33.29
CA LYS B 382 -3.35 -9.39 -33.46
C LYS B 382 -2.59 -8.87 -34.67
N LEU B 383 -2.02 -9.78 -35.47
CA LEU B 383 -1.18 -9.35 -36.59
C LEU B 383 -2.01 -8.67 -37.68
N ASN B 384 -3.26 -9.08 -37.85
CA ASN B 384 -4.11 -8.46 -38.86
C ASN B 384 -4.55 -7.05 -38.48
N ASP B 385 -4.44 -6.70 -37.19
CA ASP B 385 -4.89 -5.40 -36.70
C ASP B 385 -3.77 -4.38 -36.57
N LEU B 386 -2.54 -4.73 -36.93
CA LEU B 386 -1.38 -3.90 -36.63
C LEU B 386 -0.67 -3.47 -37.91
N CYS B 387 -0.08 -2.28 -37.84
CA CYS B 387 0.75 -1.75 -38.92
C CYS B 387 2.12 -1.39 -38.38
N PHE B 388 3.16 -1.76 -39.11
CA PHE B 388 4.54 -1.60 -38.66
C PHE B 388 5.25 -0.54 -39.51
N THR B 389 6.16 0.18 -38.87
CA THR B 389 6.93 1.21 -39.58
C THR B 389 7.90 0.56 -40.58
N ASN B 390 8.64 -0.45 -40.14
CA ASN B 390 9.51 -1.20 -41.04
C ASN B 390 9.69 -2.60 -40.50
N VAL B 391 9.92 -3.54 -41.41
CA VAL B 391 10.07 -4.95 -41.08
C VAL B 391 11.35 -5.47 -41.73
N TYR B 392 12.04 -6.36 -41.02
CA TYR B 392 13.23 -7.03 -41.55
C TYR B 392 13.01 -8.54 -41.51
N ALA B 393 13.63 -9.23 -42.47
CA ALA B 393 13.46 -10.68 -42.61
C ALA B 393 14.84 -11.32 -42.75
N ASP B 394 15.18 -12.19 -41.82
CA ASP B 394 16.43 -12.93 -41.84
C ASP B 394 16.15 -14.37 -42.24
N SER B 395 16.91 -14.89 -43.21
CA SER B 395 16.68 -16.20 -43.78
C SER B 395 17.93 -17.06 -43.65
N PHE B 396 17.75 -18.30 -43.22
CA PHE B 396 18.83 -19.28 -43.17
C PHE B 396 18.22 -20.66 -43.03
N VAL B 397 19.08 -21.67 -43.13
CA VAL B 397 18.68 -23.07 -43.04
C VAL B 397 19.51 -23.74 -41.96
N VAL B 398 18.85 -24.43 -41.04
CA VAL B 398 19.51 -25.16 -39.96
C VAL B 398 19.01 -26.60 -39.97
N ARG B 399 19.53 -27.39 -39.05
CA ARG B 399 19.13 -28.78 -38.91
C ARG B 399 17.77 -28.88 -38.22
N GLY B 400 17.17 -30.07 -38.29
CA GLY B 400 15.88 -30.28 -37.67
C GLY B 400 15.92 -30.14 -36.16
N ASP B 401 17.00 -30.59 -35.53
CA ASP B 401 17.11 -30.61 -34.08
C ASP B 401 17.64 -29.30 -33.51
N GLU B 402 17.87 -28.29 -34.35
CA GLU B 402 18.47 -27.03 -33.90
C GLU B 402 17.52 -25.85 -33.99
N VAL B 403 16.26 -26.09 -34.37
CA VAL B 403 15.31 -24.99 -34.50
C VAL B 403 14.97 -24.41 -33.12
N ARG B 404 15.03 -25.23 -32.07
CA ARG B 404 14.73 -24.73 -30.73
C ARG B 404 15.75 -23.69 -30.26
N GLN B 405 16.91 -23.63 -30.91
CA GLN B 405 17.93 -22.65 -30.54
C GLN B 405 17.67 -21.27 -31.14
N ILE B 406 16.70 -21.14 -32.04
CA ILE B 406 16.33 -19.83 -32.60
C ILE B 406 15.26 -19.27 -31.66
N ALA B 407 15.73 -18.67 -30.57
CA ALA B 407 14.87 -18.11 -29.53
C ALA B 407 15.71 -17.26 -28.60
N PRO B 408 15.14 -16.23 -27.97
CA PRO B 408 15.95 -15.39 -27.07
C PRO B 408 16.32 -16.11 -25.78
N GLY B 409 17.62 -16.27 -25.54
CA GLY B 409 18.11 -16.88 -24.34
C GLY B 409 18.48 -18.34 -24.41
N GLN B 410 18.86 -18.83 -25.59
CA GLN B 410 19.20 -20.23 -25.78
C GLN B 410 20.70 -20.43 -25.89
N THR B 411 21.14 -21.68 -25.71
CA THR B 411 22.54 -22.04 -25.77
C THR B 411 22.73 -23.18 -26.75
N GLY B 412 23.91 -23.24 -27.32
CA GLY B 412 24.24 -24.24 -28.33
C GLY B 412 25.16 -23.61 -29.36
N LYS B 413 25.61 -24.46 -30.29
CA LYS B 413 26.51 -23.95 -31.32
C LYS B 413 25.81 -22.95 -32.22
N ILE B 414 24.54 -23.19 -32.55
CA ILE B 414 23.80 -22.26 -33.40
C ILE B 414 23.60 -20.92 -32.67
N ALA B 415 23.23 -20.98 -31.40
CA ALA B 415 22.94 -19.76 -30.66
C ALA B 415 24.20 -19.04 -30.18
N ASP B 416 25.37 -19.68 -30.25
CA ASP B 416 26.60 -19.09 -29.76
C ASP B 416 27.57 -18.66 -30.85
N TYR B 417 27.54 -19.30 -32.03
CA TYR B 417 28.60 -19.11 -33.00
C TYR B 417 28.17 -18.47 -34.32
N ASN B 418 26.91 -18.60 -34.74
CA ASN B 418 26.51 -18.04 -36.01
C ASN B 418 25.21 -17.22 -36.00
N TYR B 419 24.34 -17.38 -35.00
CA TYR B 419 23.12 -16.58 -34.96
C TYR B 419 22.62 -16.44 -33.54
N LYS B 420 22.40 -15.20 -33.10
CA LYS B 420 21.90 -14.91 -31.76
C LYS B 420 20.78 -13.90 -31.84
N LEU B 421 19.78 -14.05 -30.97
CA LEU B 421 18.64 -13.15 -30.87
C LEU B 421 18.78 -12.24 -29.65
N PRO B 422 18.36 -10.99 -29.74
CA PRO B 422 18.41 -10.10 -28.57
C PRO B 422 17.40 -10.53 -27.51
N ASP B 423 17.71 -10.17 -26.26
CA ASP B 423 16.85 -10.56 -25.15
C ASP B 423 15.52 -9.83 -25.16
N ASP B 424 15.46 -8.66 -25.80
CA ASP B 424 14.24 -7.87 -25.92
C ASP B 424 13.65 -7.94 -27.32
N PHE B 425 13.74 -9.10 -27.96
CA PHE B 425 13.33 -9.24 -29.35
C PHE B 425 11.82 -9.06 -29.49
N THR B 426 11.42 -8.33 -30.52
CA THR B 426 10.02 -8.11 -30.86
C THR B 426 9.80 -8.59 -32.29
N GLY B 427 9.02 -9.64 -32.45
CA GLY B 427 8.78 -10.19 -33.77
C GLY B 427 8.33 -11.64 -33.67
N CYS B 428 8.47 -12.35 -34.78
CA CYS B 428 8.03 -13.73 -34.88
C CYS B 428 9.10 -14.58 -35.55
N VAL B 429 9.14 -15.86 -35.16
CA VAL B 429 10.07 -16.83 -35.73
C VAL B 429 9.26 -17.90 -36.44
N ILE B 430 9.60 -18.17 -37.69
CA ILE B 430 8.86 -19.10 -38.54
C ILE B 430 9.84 -20.16 -39.04
N ALA B 431 9.42 -21.42 -38.97
CA ALA B 431 10.21 -22.53 -39.49
C ALA B 431 9.29 -23.58 -40.10
N TRP B 432 9.80 -24.29 -41.08
CA TRP B 432 9.05 -25.37 -41.72
C TRP B 432 10.02 -26.35 -42.34
N ASN B 433 9.62 -27.62 -42.37
CA ASN B 433 10.46 -28.66 -42.94
C ASN B 433 10.67 -28.42 -44.44
N SER B 434 11.93 -28.54 -44.87
CA SER B 434 12.29 -28.30 -46.26
C SER B 434 13.08 -29.47 -46.83
N ASN B 435 12.78 -30.70 -46.38
CA ASN B 435 13.43 -31.88 -46.92
C ASN B 435 13.03 -32.15 -48.37
N ASN B 436 11.98 -31.49 -48.88
CA ASN B 436 11.52 -31.77 -50.23
C ASN B 436 12.46 -31.18 -51.27
N LEU B 437 12.93 -29.95 -51.07
CA LEU B 437 13.73 -29.27 -52.07
C LEU B 437 15.11 -28.84 -51.55
N ASP B 438 15.54 -29.31 -50.38
CA ASP B 438 16.87 -29.01 -49.86
C ASP B 438 17.67 -30.27 -49.57
N SER B 439 17.22 -31.43 -50.04
CA SER B 439 17.94 -32.69 -49.87
C SER B 439 18.18 -33.31 -51.25
N LYS B 440 19.41 -33.77 -51.46
CA LYS B 440 19.81 -34.36 -52.73
C LYS B 440 20.15 -35.83 -52.52
N VAL B 441 19.92 -36.62 -53.58
CA VAL B 441 20.03 -38.08 -53.45
C VAL B 441 21.45 -38.47 -53.03
N GLY B 442 22.46 -37.88 -53.66
CA GLY B 442 23.83 -38.13 -53.25
C GLY B 442 24.25 -37.40 -51.99
N GLY B 443 23.50 -36.38 -51.59
CA GLY B 443 23.84 -35.60 -50.42
C GLY B 443 24.03 -34.13 -50.74
N ASN B 444 23.32 -33.25 -50.04
CA ASN B 444 23.42 -31.82 -50.25
C ASN B 444 24.40 -31.24 -49.24
N TYR B 445 25.58 -30.84 -49.71
CA TYR B 445 26.65 -30.35 -48.86
C TYR B 445 26.96 -28.88 -49.10
N ASN B 446 25.95 -28.11 -49.50
CA ASN B 446 26.13 -26.69 -49.78
C ASN B 446 25.68 -25.77 -48.66
N TYR B 447 25.33 -26.32 -47.50
CA TYR B 447 24.94 -25.54 -46.34
C TYR B 447 25.99 -25.71 -45.25
N LEU B 448 26.54 -24.58 -44.78
CA LEU B 448 27.67 -24.58 -43.87
C LEU B 448 27.30 -23.91 -42.56
N TYR B 449 27.97 -24.32 -41.48
CA TYR B 449 27.79 -23.71 -40.17
C TYR B 449 29.15 -23.59 -39.50
N ARG B 450 29.25 -22.62 -38.60
CA ARG B 450 30.48 -22.41 -37.84
C ARG B 450 30.50 -23.32 -36.63
N LEU B 451 31.64 -23.96 -36.38
CA LEU B 451 31.80 -24.90 -35.27
C LEU B 451 32.67 -24.38 -34.15
N PHE B 452 33.69 -23.57 -34.46
CA PHE B 452 34.62 -23.08 -33.46
C PHE B 452 34.72 -21.56 -33.54
N ARG B 453 34.67 -20.91 -32.39
CA ARG B 453 34.88 -19.47 -32.30
C ARG B 453 35.50 -19.15 -30.94
N LYS B 454 36.26 -18.05 -30.91
CA LYS B 454 36.94 -17.67 -29.68
C LYS B 454 35.95 -17.30 -28.58
N SER B 455 34.85 -16.64 -28.94
CA SER B 455 33.84 -16.23 -27.97
C SER B 455 32.49 -16.16 -28.66
N ASN B 456 31.44 -16.12 -27.84
CA ASN B 456 30.09 -15.99 -28.37
C ASN B 456 29.88 -14.61 -28.98
N LEU B 457 29.04 -14.55 -30.00
CA LEU B 457 28.81 -13.31 -30.72
C LEU B 457 27.60 -12.57 -30.17
N LYS B 458 27.57 -11.26 -30.42
CA LYS B 458 26.51 -10.40 -29.95
C LYS B 458 25.24 -10.64 -30.77
N PRO B 459 24.09 -10.19 -30.26
CA PRO B 459 22.84 -10.36 -31.02
C PRO B 459 22.92 -9.67 -32.38
N PHE B 460 22.38 -10.34 -33.39
CA PHE B 460 22.31 -9.84 -34.77
C PHE B 460 23.70 -9.50 -35.31
N GLU B 461 24.72 -10.26 -34.90
CA GLU B 461 26.07 -10.10 -35.38
C GLU B 461 26.42 -11.25 -36.32
N ARG B 462 27.24 -10.95 -37.33
CA ARG B 462 27.63 -11.92 -38.34
C ARG B 462 29.14 -12.08 -38.37
N ASP B 463 29.59 -13.34 -38.46
CA ASP B 463 31.00 -13.67 -38.67
C ASP B 463 31.15 -14.36 -40.02
N ILE B 464 32.09 -13.88 -40.83
CA ILE B 464 32.26 -14.36 -42.19
C ILE B 464 33.67 -14.95 -42.33
N SER B 465 34.55 -14.59 -41.40
CA SER B 465 35.96 -14.98 -41.49
C SER B 465 36.11 -16.49 -41.51
N THR B 466 37.11 -16.95 -42.26
CA THR B 466 37.41 -18.38 -42.42
C THR B 466 38.84 -18.70 -41.99
N GLU B 467 39.37 -17.96 -41.02
CA GLU B 467 40.72 -18.20 -40.54
C GLU B 467 40.80 -19.48 -39.72
N ILE B 468 41.96 -20.12 -39.77
CA ILE B 468 42.18 -21.37 -39.04
C ILE B 468 42.03 -21.12 -37.55
N TYR B 469 41.34 -22.04 -36.86
CA TYR B 469 41.07 -21.92 -35.44
C TYR B 469 42.16 -22.63 -34.65
N GLN B 470 42.74 -21.94 -33.67
CA GLN B 470 43.80 -22.51 -32.84
C GLN B 470 43.16 -23.18 -31.63
N ALA B 471 43.01 -24.51 -31.70
CA ALA B 471 42.44 -25.31 -30.63
C ALA B 471 43.49 -25.98 -29.76
N GLY B 472 44.77 -25.61 -29.92
CA GLY B 472 45.83 -26.21 -29.16
C GLY B 472 46.76 -25.16 -28.58
N SER B 473 47.72 -25.63 -27.79
CA SER B 473 48.66 -24.72 -27.16
C SER B 473 49.58 -24.06 -28.18
N THR B 474 50.09 -24.84 -29.12
CA THR B 474 51.03 -24.29 -30.09
C THR B 474 50.28 -23.43 -31.10
N PRO B 475 50.86 -22.31 -31.50
CA PRO B 475 50.30 -21.56 -32.63
C PRO B 475 50.46 -22.36 -33.91
N CYS B 476 49.43 -22.30 -34.76
CA CYS B 476 49.43 -22.93 -36.07
C CYS B 476 49.52 -21.87 -37.16
N ASN B 477 49.39 -22.32 -38.40
CA ASN B 477 49.57 -21.45 -39.56
C ASN B 477 48.38 -21.65 -40.50
N GLY B 478 48.59 -21.35 -41.77
CA GLY B 478 47.53 -21.52 -42.74
C GLY B 478 47.06 -22.96 -42.84
N VAL B 479 47.99 -23.90 -42.63
CA VAL B 479 47.65 -25.31 -42.72
C VAL B 479 46.96 -25.76 -41.43
N GLU B 480 46.17 -26.83 -41.55
CA GLU B 480 45.45 -27.35 -40.39
C GLU B 480 46.38 -28.17 -39.50
N GLY B 481 46.96 -29.23 -40.05
CA GLY B 481 47.89 -30.04 -39.29
C GLY B 481 47.24 -30.67 -38.08
N PHE B 482 47.80 -30.37 -36.91
CA PHE B 482 47.42 -31.02 -35.66
C PHE B 482 46.98 -29.96 -34.65
N ASN B 483 45.81 -30.19 -34.04
CA ASN B 483 45.17 -29.29 -33.07
C ASN B 483 44.78 -27.94 -33.69
N CYS B 484 44.53 -27.89 -34.98
CA CYS B 484 43.98 -26.69 -35.61
C CYS B 484 43.12 -27.08 -36.80
N TYR B 485 41.95 -26.46 -36.91
CA TYR B 485 40.88 -26.97 -37.76
C TYR B 485 40.27 -25.85 -38.60
N PHE B 486 39.69 -26.24 -39.73
CA PHE B 486 38.88 -25.31 -40.50
C PHE B 486 37.59 -25.01 -39.73
N PRO B 487 37.30 -23.75 -39.44
CA PRO B 487 36.18 -23.43 -38.54
C PRO B 487 34.80 -23.77 -39.09
N LEU B 488 34.65 -23.88 -40.40
CA LEU B 488 33.35 -24.08 -41.03
C LEU B 488 33.20 -25.54 -41.44
N GLN B 489 32.08 -26.14 -41.04
CA GLN B 489 31.75 -27.51 -41.41
C GLN B 489 30.43 -27.52 -42.17
N SER B 490 30.27 -28.49 -43.05
CA SER B 490 29.12 -28.55 -43.95
C SER B 490 28.09 -29.54 -43.41
N TYR B 491 26.81 -29.15 -43.52
CA TYR B 491 25.73 -30.05 -43.20
C TYR B 491 25.66 -31.20 -44.19
N GLY B 492 25.22 -32.36 -43.70
CA GLY B 492 24.97 -33.48 -44.59
C GLY B 492 23.48 -33.76 -44.68
N PHE B 493 22.88 -33.44 -45.82
CA PHE B 493 21.43 -33.55 -46.00
C PHE B 493 21.13 -34.62 -47.04
N HIS B 494 20.53 -35.72 -46.59
CA HIS B 494 20.09 -36.79 -47.46
C HIS B 494 18.58 -36.93 -47.37
N PRO B 495 17.92 -37.31 -48.47
CA PRO B 495 16.45 -37.45 -48.44
C PRO B 495 15.98 -38.53 -47.48
N THR B 496 16.81 -39.52 -47.18
CA THR B 496 16.45 -40.61 -46.29
C THR B 496 16.85 -40.35 -44.85
N ASN B 497 17.37 -39.16 -44.54
CA ASN B 497 17.73 -38.83 -43.17
C ASN B 497 16.49 -38.79 -42.28
N GLY B 498 16.67 -39.18 -41.02
CA GLY B 498 15.59 -39.07 -40.06
C GLY B 498 15.34 -37.64 -39.66
N VAL B 499 14.15 -37.40 -39.09
CA VAL B 499 13.81 -36.06 -38.63
C VAL B 499 14.79 -35.65 -37.53
N GLY B 500 15.35 -34.46 -37.66
CA GLY B 500 16.46 -34.00 -36.85
C GLY B 500 17.75 -33.83 -37.64
N TYR B 501 17.91 -34.59 -38.72
CA TYR B 501 18.98 -34.40 -39.67
C TYR B 501 18.49 -33.83 -41.00
N GLN B 502 17.22 -33.46 -41.09
CA GLN B 502 16.58 -32.90 -42.27
C GLN B 502 16.58 -31.37 -42.21
N PRO B 503 16.74 -30.71 -43.35
CA PRO B 503 16.84 -29.24 -43.34
C PRO B 503 15.54 -28.57 -42.94
N TYR B 504 15.67 -27.42 -42.29
CA TYR B 504 14.55 -26.58 -41.91
C TYR B 504 14.85 -25.15 -42.34
N ARG B 505 13.91 -24.53 -43.05
CA ARG B 505 14.05 -23.14 -43.47
C ARG B 505 13.45 -22.25 -42.40
N VAL B 506 14.25 -21.32 -41.87
CA VAL B 506 13.87 -20.50 -40.74
C VAL B 506 13.81 -19.05 -41.19
N VAL B 507 12.66 -18.41 -41.01
CA VAL B 507 12.47 -17.00 -41.30
C VAL B 507 12.06 -16.32 -40.00
N VAL B 508 12.80 -15.28 -39.62
CA VAL B 508 12.52 -14.50 -38.42
C VAL B 508 12.28 -13.05 -38.82
N LEU B 509 11.14 -12.50 -38.39
CA LEU B 509 10.74 -11.15 -38.75
C LEU B 509 10.85 -10.25 -37.52
N SER B 510 11.50 -9.11 -37.69
CA SER B 510 11.65 -8.13 -36.63
C SER B 510 10.76 -6.93 -36.93
N PHE B 511 9.94 -6.54 -35.97
CA PHE B 511 8.95 -5.48 -36.15
C PHE B 511 9.43 -4.21 -35.47
N GLU B 512 8.92 -3.08 -35.97
CA GLU B 512 9.28 -1.76 -35.45
C GLU B 512 8.04 -0.89 -35.56
N LEU B 513 7.37 -0.64 -34.43
CA LEU B 513 6.15 0.15 -34.45
C LEU B 513 6.42 1.62 -34.76
N LEU B 514 7.16 2.31 -33.88
CA LEU B 514 7.49 3.71 -34.05
C LEU B 514 6.25 4.57 -34.26
N ASN B 515 6.43 5.81 -34.71
CA ASN B 515 5.31 6.64 -35.15
C ASN B 515 5.52 7.21 -36.54
N ALA B 516 6.53 6.75 -37.27
CA ALA B 516 6.71 7.11 -38.67
C ALA B 516 5.57 6.49 -39.49
N PRO B 517 5.38 6.96 -40.73
CA PRO B 517 4.32 6.37 -41.57
C PRO B 517 4.51 4.87 -41.74
N ALA B 518 3.40 4.15 -41.69
CA ALA B 518 3.43 2.69 -41.76
C ALA B 518 3.73 2.23 -43.18
N THR B 519 4.50 1.15 -43.29
CA THR B 519 4.85 0.56 -44.58
C THR B 519 4.27 -0.83 -44.79
N VAL B 520 4.10 -1.62 -43.74
CA VAL B 520 3.51 -2.94 -43.81
C VAL B 520 2.28 -2.97 -42.92
N CYS B 521 1.15 -3.41 -43.48
CA CYS B 521 -0.13 -3.37 -42.78
C CYS B 521 -0.86 -4.68 -42.95
N GLY B 522 -1.81 -4.93 -42.04
CA GLY B 522 -2.65 -6.10 -42.11
C GLY B 522 -3.74 -5.95 -43.15
N PRO B 523 -4.42 -7.06 -43.43
CA PRO B 523 -5.42 -7.06 -44.50
C PRO B 523 -6.78 -6.53 -44.08
N LYS B 524 -6.85 -5.84 -42.94
CA LYS B 524 -8.11 -5.29 -42.48
C LYS B 524 -8.65 -4.24 -43.45
N LYS B 525 -9.97 -4.22 -43.59
CA LYS B 525 -10.65 -3.28 -44.46
C LYS B 525 -10.96 -1.99 -43.71
N SER B 526 -10.95 -0.88 -44.45
CA SER B 526 -11.12 0.45 -43.88
C SER B 526 -12.56 0.91 -44.06
N THR B 527 -13.19 1.35 -42.98
CA THR B 527 -14.51 1.92 -43.02
C THR B 527 -14.43 3.44 -43.17
N ASN B 528 -15.58 4.06 -43.42
CA ASN B 528 -15.64 5.51 -43.50
C ASN B 528 -15.50 6.12 -42.11
N LEU B 529 -15.06 7.38 -42.09
CA LEU B 529 -14.76 8.07 -40.84
C LEU B 529 -15.98 8.88 -40.38
N ILE B 530 -16.30 8.77 -39.09
CA ILE B 530 -17.33 9.59 -38.47
C ILE B 530 -16.73 10.28 -37.25
N LYS B 531 -17.33 11.41 -36.89
CA LYS B 531 -16.82 12.23 -35.81
C LYS B 531 -18.00 12.77 -35.00
N ASN B 532 -17.68 13.54 -33.96
CA ASN B 532 -18.68 14.11 -33.06
C ASN B 532 -19.53 13.01 -32.41
N LYS B 533 -18.89 11.90 -32.07
CA LYS B 533 -19.57 10.73 -31.56
C LYS B 533 -18.57 9.83 -30.87
N CYS B 534 -18.94 9.31 -29.69
CA CYS B 534 -18.05 8.40 -28.97
C CYS B 534 -18.05 7.05 -29.67
N VAL B 535 -16.90 6.67 -30.21
CA VAL B 535 -16.76 5.47 -31.04
C VAL B 535 -15.48 4.75 -30.65
N ASN B 536 -15.30 3.56 -31.24
CA ASN B 536 -14.06 2.82 -31.16
C ASN B 536 -13.32 2.99 -32.49
N PHE B 537 -12.08 3.43 -32.42
CA PHE B 537 -11.31 3.73 -33.63
C PHE B 537 -10.05 2.87 -33.68
N ASN B 538 -9.47 2.81 -34.88
CA ASN B 538 -8.24 2.06 -35.12
C ASN B 538 -7.46 2.79 -36.21
N PHE B 539 -6.48 3.58 -35.79
CA PHE B 539 -5.68 4.39 -36.70
C PHE B 539 -4.29 3.78 -36.79
N ASN B 540 -4.01 3.06 -37.89
CA ASN B 540 -2.70 2.47 -38.15
C ASN B 540 -2.29 1.48 -37.05
N GLY B 541 -3.27 0.82 -36.43
CA GLY B 541 -3.00 -0.34 -35.62
C GLY B 541 -3.19 -0.23 -34.12
N LEU B 542 -3.40 0.97 -33.58
CA LEU B 542 -3.68 1.09 -32.16
C LEU B 542 -5.12 1.58 -31.97
N THR B 543 -5.83 0.96 -31.05
CA THR B 543 -7.25 1.24 -30.83
C THR B 543 -7.44 2.35 -29.80
N GLY B 544 -8.70 2.55 -29.43
CA GLY B 544 -9.05 3.58 -28.47
C GLY B 544 -10.54 3.80 -28.47
N THR B 545 -10.98 4.62 -27.51
CA THR B 545 -12.39 5.00 -27.38
C THR B 545 -12.46 6.47 -27.02
N GLY B 546 -13.27 7.22 -27.76
CA GLY B 546 -13.40 8.64 -27.49
C GLY B 546 -14.19 9.32 -28.60
N VAL B 547 -14.14 10.64 -28.58
CA VAL B 547 -14.84 11.48 -29.54
C VAL B 547 -13.81 12.15 -30.43
N LEU B 548 -13.99 12.01 -31.75
CA LEU B 548 -13.10 12.62 -32.72
C LEU B 548 -13.69 13.94 -33.21
N THR B 549 -12.84 14.96 -33.32
CA THR B 549 -13.22 16.27 -33.81
C THR B 549 -12.10 16.81 -34.69
N GLU B 550 -12.34 17.97 -35.29
CA GLU B 550 -11.30 18.65 -36.04
C GLU B 550 -10.40 19.42 -35.10
N SER B 551 -9.09 19.41 -35.40
CA SER B 551 -8.09 20.00 -34.53
C SER B 551 -7.32 21.10 -35.25
N ASN B 552 -6.92 22.11 -34.49
CA ASN B 552 -6.05 23.17 -35.00
C ASN B 552 -4.58 22.89 -34.73
N LYS B 553 -4.26 21.78 -34.08
CA LYS B 553 -2.87 21.46 -33.78
C LYS B 553 -2.11 21.14 -35.06
N LYS B 554 -0.83 21.52 -35.08
CA LYS B 554 0.04 21.31 -36.22
C LYS B 554 1.05 20.22 -35.88
N PHE B 555 1.05 19.15 -36.67
CA PHE B 555 1.99 18.05 -36.49
C PHE B 555 3.21 18.23 -37.38
N LEU B 556 4.27 17.52 -37.03
CA LEU B 556 5.44 17.46 -37.88
C LEU B 556 5.11 16.71 -39.16
N PRO B 557 5.81 16.99 -40.26
CA PRO B 557 5.46 16.35 -41.53
C PRO B 557 5.48 14.83 -41.50
N PHE B 558 6.40 14.23 -40.73
CA PHE B 558 6.46 12.79 -40.60
C PHE B 558 5.83 12.27 -39.31
N GLN B 559 5.32 13.15 -38.46
CA GLN B 559 4.61 12.73 -37.26
C GLN B 559 3.28 12.10 -37.64
N GLN B 560 2.81 11.22 -36.77
CA GLN B 560 1.48 10.63 -36.91
C GLN B 560 0.62 10.81 -35.68
N PHE B 561 1.22 11.01 -34.52
CA PHE B 561 0.48 11.01 -33.26
C PHE B 561 0.99 12.08 -32.31
N GLY B 562 0.10 12.50 -31.42
CA GLY B 562 0.45 13.48 -30.41
C GLY B 562 0.08 13.02 -29.02
N ARG B 563 1.02 13.06 -28.09
CA ARG B 563 0.82 12.55 -26.75
C ARG B 563 0.55 13.69 -25.77
N ASP B 564 -0.25 13.39 -24.76
CA ASP B 564 -0.64 14.36 -23.74
C ASP B 564 0.32 14.25 -22.54
N ILE B 565 0.15 15.14 -21.57
CA ILE B 565 1.04 15.18 -20.41
C ILE B 565 1.00 13.86 -19.65
N ALA B 566 -0.20 13.33 -19.42
CA ALA B 566 -0.34 12.07 -18.70
C ALA B 566 -0.31 10.87 -19.64
N ASP B 567 0.68 10.85 -20.54
CA ASP B 567 0.91 9.75 -21.47
C ASP B 567 -0.38 9.30 -22.16
N THR B 568 -1.15 10.28 -22.63
CA THR B 568 -2.42 10.02 -23.29
C THR B 568 -2.35 10.50 -24.74
N THR B 569 -3.06 9.79 -25.62
CA THR B 569 -3.10 10.18 -27.02
C THR B 569 -4.01 11.39 -27.18
N ASP B 570 -3.47 12.49 -27.72
CA ASP B 570 -4.21 13.74 -27.86
C ASP B 570 -4.83 13.89 -29.24
N ALA B 571 -4.02 13.84 -30.28
CA ALA B 571 -4.48 14.03 -31.65
C ALA B 571 -3.89 12.95 -32.54
N VAL B 572 -4.65 12.55 -33.56
CA VAL B 572 -4.26 11.50 -34.49
C VAL B 572 -4.42 12.03 -35.91
N ARG B 573 -3.45 11.74 -36.77
CA ARG B 573 -3.52 12.09 -38.17
C ARG B 573 -4.18 10.96 -38.95
N ASP B 574 -5.23 11.29 -39.70
CA ASP B 574 -5.93 10.28 -40.48
C ASP B 574 -5.03 9.80 -41.61
N PRO B 575 -4.82 8.48 -41.74
CA PRO B 575 -3.89 7.98 -42.77
C PRO B 575 -4.32 8.30 -44.20
N GLN B 576 -5.62 8.33 -44.48
CA GLN B 576 -6.10 8.54 -45.85
C GLN B 576 -6.15 10.02 -46.21
N THR B 577 -6.93 10.81 -45.47
CA THR B 577 -6.96 12.25 -45.61
C THR B 577 -6.07 12.83 -44.51
N LEU B 578 -4.96 13.43 -44.91
CA LEU B 578 -3.94 13.81 -43.94
C LEU B 578 -4.37 15.02 -43.12
N GLU B 579 -5.31 14.80 -42.19
CA GLU B 579 -5.80 15.84 -41.31
C GLU B 579 -5.64 15.40 -39.86
N ILE B 580 -5.49 16.38 -38.97
CA ILE B 580 -5.26 16.11 -37.55
C ILE B 580 -6.61 16.10 -36.84
N LEU B 581 -6.92 14.99 -36.17
CA LEU B 581 -8.13 14.84 -35.39
C LEU B 581 -7.76 14.68 -33.92
N ASP B 582 -8.34 15.51 -33.06
CA ASP B 582 -8.07 15.40 -31.64
C ASP B 582 -9.03 14.42 -30.99
N ILE B 583 -8.52 13.70 -29.98
CA ILE B 583 -9.28 12.67 -29.29
C ILE B 583 -9.67 13.18 -27.92
N THR B 584 -10.96 13.10 -27.61
CA THR B 584 -11.50 13.54 -26.33
C THR B 584 -12.32 12.39 -25.74
N PRO B 585 -12.16 12.09 -24.46
CA PRO B 585 -13.00 11.04 -23.85
C PRO B 585 -14.46 11.44 -23.88
N CYS B 586 -15.32 10.43 -24.08
CA CYS B 586 -16.76 10.67 -24.08
C CYS B 586 -17.37 10.56 -22.69
N SER B 587 -16.55 10.34 -21.67
CA SER B 587 -17.02 10.33 -20.28
C SER B 587 -16.76 11.69 -19.66
N PHE B 588 -17.81 12.32 -19.16
CA PHE B 588 -17.73 13.62 -18.52
C PHE B 588 -17.76 13.45 -17.01
N GLY B 589 -16.69 13.93 -16.35
CA GLY B 589 -16.61 13.88 -14.90
C GLY B 589 -17.12 15.18 -14.30
N GLY B 590 -17.87 15.07 -13.22
CA GLY B 590 -18.42 16.23 -12.56
C GLY B 590 -19.93 16.28 -12.57
N VAL B 591 -20.56 15.10 -12.58
CA VAL B 591 -22.02 14.99 -12.54
C VAL B 591 -22.42 14.61 -11.13
N SER B 592 -23.23 15.46 -10.49
CA SER B 592 -23.72 15.24 -9.15
C SER B 592 -25.23 15.13 -9.18
N VAL B 593 -25.77 14.14 -8.47
CA VAL B 593 -27.20 13.89 -8.44
C VAL B 593 -27.74 14.36 -7.09
N ILE B 594 -28.64 15.33 -7.12
CA ILE B 594 -29.28 15.85 -5.92
C ILE B 594 -30.63 15.16 -5.77
N THR B 595 -30.82 14.47 -4.65
CA THR B 595 -32.05 13.74 -4.43
C THR B 595 -32.46 13.83 -2.97
N PRO B 596 -33.76 13.86 -2.69
CA PRO B 596 -34.23 13.55 -1.34
C PRO B 596 -34.14 12.06 -1.09
N GLY B 597 -34.52 11.60 0.10
CA GLY B 597 -34.44 10.18 0.37
C GLY B 597 -35.33 9.37 -0.54
N THR B 598 -34.97 8.10 -0.73
CA THR B 598 -35.77 7.22 -1.57
C THR B 598 -37.14 6.96 -0.95
N ASN B 599 -37.27 7.13 0.36
CA ASN B 599 -38.57 7.03 1.00
C ASN B 599 -39.45 8.24 0.73
N ALA B 600 -38.86 9.37 0.33
CA ALA B 600 -39.61 10.59 0.08
C ALA B 600 -40.18 10.64 -1.33
N SER B 601 -39.31 10.56 -2.34
CA SER B 601 -39.73 10.62 -3.73
C SER B 601 -38.62 10.06 -4.60
N ASN B 602 -38.85 10.07 -5.91
CA ASN B 602 -37.88 9.61 -6.88
C ASN B 602 -37.37 10.72 -7.79
N GLN B 603 -37.86 11.95 -7.63
CA GLN B 603 -37.39 13.06 -8.43
C GLN B 603 -35.96 13.42 -8.05
N VAL B 604 -35.16 13.77 -9.05
CA VAL B 604 -33.76 14.17 -8.84
C VAL B 604 -33.48 15.43 -9.65
N ALA B 605 -32.44 16.15 -9.21
CA ALA B 605 -31.93 17.30 -9.93
C ALA B 605 -30.44 17.09 -10.17
N VAL B 606 -30.00 17.29 -11.41
CA VAL B 606 -28.64 16.99 -11.83
C VAL B 606 -27.84 18.28 -11.91
N LEU B 607 -26.61 18.24 -11.40
CA LEU B 607 -25.70 19.37 -11.44
C LEU B 607 -24.49 19.01 -12.28
N TYR B 608 -24.18 19.82 -13.29
CA TYR B 608 -23.04 19.62 -14.16
C TYR B 608 -21.98 20.65 -13.81
N GLN B 609 -20.84 20.17 -13.31
CA GLN B 609 -19.79 21.04 -12.80
C GLN B 609 -19.07 21.76 -13.92
N ASP B 610 -18.89 23.08 -13.76
CA ASP B 610 -18.09 23.90 -14.67
C ASP B 610 -18.58 23.78 -16.11
N VAL B 611 -19.90 23.81 -16.29
CA VAL B 611 -20.50 23.75 -17.62
C VAL B 611 -21.62 24.79 -17.67
N ASN B 612 -21.68 25.54 -18.77
CA ASN B 612 -22.72 26.54 -18.96
C ASN B 612 -23.78 25.98 -19.90
N CYS B 613 -25.05 26.11 -19.49
CA CYS B 613 -26.12 25.27 -20.01
C CYS B 613 -26.40 25.46 -21.50
N THR B 614 -25.68 26.35 -22.18
CA THR B 614 -25.77 26.38 -23.63
C THR B 614 -25.24 25.09 -24.24
N GLU B 615 -24.16 24.55 -23.67
CA GLU B 615 -23.46 23.40 -24.24
C GLU B 615 -23.53 22.22 -23.28
N VAL B 616 -24.66 22.08 -22.59
CA VAL B 616 -24.89 20.91 -21.74
C VAL B 616 -25.19 19.69 -22.60
N PRO B 617 -26.14 19.73 -23.56
CA PRO B 617 -26.37 18.55 -24.39
C PRO B 617 -25.15 18.12 -25.19
N VAL B 618 -24.31 19.06 -25.62
CA VAL B 618 -23.11 18.71 -26.37
C VAL B 618 -22.09 18.04 -25.46
N ALA B 619 -21.90 18.56 -24.25
CA ALA B 619 -20.88 18.03 -23.35
C ALA B 619 -21.18 16.60 -22.94
N ILE B 620 -22.44 16.30 -22.61
CA ILE B 620 -22.83 14.99 -22.10
C ILE B 620 -23.31 14.06 -23.20
N HIS B 621 -23.13 14.45 -24.47
CA HIS B 621 -23.49 13.62 -25.61
C HIS B 621 -24.93 13.13 -25.50
N ALA B 622 -25.85 14.09 -25.31
CA ALA B 622 -27.25 13.74 -25.11
C ALA B 622 -27.88 13.09 -26.33
N ASP B 623 -27.24 13.18 -27.50
CA ASP B 623 -27.77 12.55 -28.70
C ASP B 623 -27.80 11.03 -28.55
N GLN B 624 -26.66 10.43 -28.20
CA GLN B 624 -26.59 8.99 -28.01
C GLN B 624 -26.81 8.60 -26.54
N LEU B 625 -27.91 9.09 -25.98
CA LEU B 625 -28.32 8.76 -24.63
C LEU B 625 -29.73 8.21 -24.67
N THR B 626 -30.07 7.41 -23.66
CA THR B 626 -31.41 6.88 -23.54
C THR B 626 -32.39 8.00 -23.25
N PRO B 627 -33.68 7.78 -23.50
CA PRO B 627 -34.70 8.72 -23.00
C PRO B 627 -34.68 8.79 -21.48
N THR B 628 -35.51 9.65 -20.90
CA THR B 628 -35.56 9.98 -19.47
C THR B 628 -34.16 10.28 -18.90
N TRP B 629 -33.20 10.59 -19.77
CA TRP B 629 -31.95 11.22 -19.39
C TRP B 629 -31.74 12.42 -20.30
N ARG B 630 -32.27 12.33 -21.52
CA ARG B 630 -32.33 13.49 -22.39
C ARG B 630 -33.27 14.55 -21.85
N VAL B 631 -34.12 14.20 -20.88
CA VAL B 631 -34.97 15.17 -20.22
C VAL B 631 -34.13 16.10 -19.35
N TYR B 632 -33.11 15.56 -18.68
CA TYR B 632 -32.26 16.36 -17.81
C TYR B 632 -31.18 17.11 -18.56
N SER B 633 -31.08 16.95 -19.88
CA SER B 633 -30.08 17.69 -20.65
C SER B 633 -30.64 19.03 -21.13
N THR B 634 -31.73 19.00 -21.89
CA THR B 634 -32.38 20.22 -22.37
C THR B 634 -33.77 20.30 -21.73
N GLY B 635 -33.82 20.95 -20.57
CA GLY B 635 -35.04 21.09 -19.81
C GLY B 635 -35.57 22.51 -19.81
N SER B 636 -36.49 22.76 -18.87
CA SER B 636 -37.07 24.07 -18.66
C SER B 636 -36.65 24.72 -17.36
N ASN B 637 -36.49 23.95 -16.29
CA ASN B 637 -36.01 24.46 -15.02
C ASN B 637 -34.47 24.53 -15.01
N VAL B 638 -33.96 25.37 -15.91
CA VAL B 638 -32.52 25.53 -16.08
C VAL B 638 -32.06 26.74 -15.29
N PHE B 639 -31.16 26.52 -14.33
CA PHE B 639 -30.66 27.57 -13.46
C PHE B 639 -29.14 27.57 -13.51
N GLN B 640 -28.54 28.73 -13.72
CA GLN B 640 -27.10 28.88 -13.85
C GLN B 640 -26.51 29.43 -12.56
N THR B 641 -25.54 28.71 -12.00
CA THR B 641 -24.81 29.12 -10.81
C THR B 641 -23.33 29.23 -11.14
N ARG B 642 -22.54 29.65 -10.15
CA ARG B 642 -21.10 29.73 -10.31
C ARG B 642 -20.42 28.36 -10.17
N ALA B 643 -21.14 27.35 -9.70
CA ALA B 643 -20.62 26.00 -9.51
C ALA B 643 -21.12 25.05 -10.59
N GLY B 644 -21.17 25.51 -11.83
CA GLY B 644 -21.93 24.82 -12.84
C GLY B 644 -23.37 25.29 -12.82
N CYS B 645 -24.20 24.62 -13.61
CA CYS B 645 -25.60 25.01 -13.68
C CYS B 645 -26.50 23.80 -13.47
N LEU B 646 -27.58 24.01 -12.72
CA LEU B 646 -28.43 22.94 -12.20
C LEU B 646 -29.68 22.79 -13.05
N ILE B 647 -30.00 21.55 -13.39
CA ILE B 647 -31.16 21.22 -14.21
C ILE B 647 -32.08 20.29 -13.42
N GLY B 648 -33.36 20.63 -13.37
CA GLY B 648 -34.35 19.82 -12.69
C GLY B 648 -34.92 20.42 -11.42
N ALA B 649 -34.46 21.60 -11.01
CA ALA B 649 -34.94 22.25 -9.80
C ALA B 649 -35.45 23.63 -10.14
N GLU B 650 -36.59 23.99 -9.53
CA GLU B 650 -37.18 25.30 -9.75
C GLU B 650 -36.48 26.34 -8.87
N HIS B 651 -36.09 27.45 -9.48
CA HIS B 651 -35.42 28.51 -8.74
C HIS B 651 -36.43 29.44 -8.08
N VAL B 652 -36.17 29.78 -6.82
CA VAL B 652 -37.05 30.66 -6.06
C VAL B 652 -36.23 31.83 -5.54
N ASN B 653 -36.92 32.94 -5.28
CA ASN B 653 -36.29 34.16 -4.79
C ASN B 653 -36.37 34.32 -3.28
N ASN B 654 -36.93 33.33 -2.57
CA ASN B 654 -37.02 33.37 -1.11
C ASN B 654 -35.83 32.64 -0.52
N SER B 655 -35.16 33.26 0.45
CA SER B 655 -33.96 32.70 1.06
C SER B 655 -34.35 32.01 2.36
N TYR B 656 -34.03 30.73 2.45
CA TYR B 656 -34.25 29.92 3.65
C TYR B 656 -32.91 29.47 4.22
N GLU B 657 -32.98 28.65 5.27
CA GLU B 657 -31.78 28.04 5.81
C GLU B 657 -31.36 26.86 4.95
N CYS B 658 -30.05 26.63 4.89
CA CYS B 658 -29.52 25.63 3.97
C CYS B 658 -29.94 24.23 4.40
N ASP B 659 -30.41 23.44 3.44
CA ASP B 659 -30.83 22.07 3.68
C ASP B 659 -29.93 21.06 2.98
N ILE B 660 -29.76 21.18 1.67
CA ILE B 660 -28.83 20.36 0.91
C ILE B 660 -27.83 21.29 0.23
N PRO B 661 -26.61 21.39 0.75
CA PRO B 661 -25.63 22.31 0.17
C PRO B 661 -25.19 21.85 -1.22
N ILE B 662 -25.25 22.76 -2.17
CA ILE B 662 -24.83 22.49 -3.54
C ILE B 662 -23.47 23.10 -3.84
N GLY B 663 -23.28 24.35 -3.45
CA GLY B 663 -22.01 25.04 -3.64
C GLY B 663 -22.22 26.47 -4.09
N ALA B 664 -21.23 27.30 -3.80
CA ALA B 664 -21.22 28.72 -4.19
C ALA B 664 -22.45 29.46 -3.65
N GLY B 665 -22.85 29.13 -2.42
CA GLY B 665 -23.93 29.82 -1.77
C GLY B 665 -25.33 29.39 -2.17
N ILE B 666 -25.47 28.28 -2.90
CA ILE B 666 -26.76 27.78 -3.35
C ILE B 666 -27.06 26.48 -2.61
N CYS B 667 -28.27 26.38 -2.07
CA CYS B 667 -28.72 25.18 -1.38
C CYS B 667 -30.05 24.73 -1.96
N ALA B 668 -30.31 23.42 -1.87
CA ALA B 668 -31.52 22.82 -2.39
C ALA B 668 -32.34 22.22 -1.26
N SER B 669 -33.65 22.17 -1.45
CA SER B 669 -34.54 21.60 -0.45
C SER B 669 -35.75 21.00 -1.14
N TYR B 670 -36.40 20.07 -0.45
CA TYR B 670 -37.59 19.38 -0.94
C TYR B 670 -38.80 19.92 -0.19
N GLN B 671 -39.64 20.68 -0.89
CA GLN B 671 -40.79 21.32 -0.27
C GLN B 671 -41.98 21.23 -1.22
N THR B 672 -43.16 21.54 -0.69
CA THR B 672 -44.39 21.52 -1.47
C THR B 672 -44.40 22.65 -2.50
N SER B 681 -47.59 18.30 -6.26
CA SER B 681 -47.53 18.97 -4.97
C SER B 681 -46.09 19.31 -4.59
N GLN B 682 -45.35 18.29 -4.15
CA GLN B 682 -43.97 18.49 -3.76
C GLN B 682 -43.06 18.62 -4.98
N SER B 683 -41.99 19.39 -4.83
CA SER B 683 -41.01 19.57 -5.90
C SER B 683 -39.71 20.03 -5.27
N ILE B 684 -38.64 19.97 -6.06
CA ILE B 684 -37.30 20.35 -5.62
C ILE B 684 -37.07 21.82 -5.97
N ILE B 685 -36.69 22.61 -4.97
CA ILE B 685 -36.43 24.03 -5.16
C ILE B 685 -34.99 24.32 -4.77
N ALA B 686 -34.39 25.29 -5.47
CA ALA B 686 -33.03 25.75 -5.20
C ALA B 686 -33.06 27.24 -4.92
N TYR B 687 -32.27 27.66 -3.94
CA TYR B 687 -32.32 29.05 -3.48
C TYR B 687 -30.95 29.43 -2.91
N THR B 688 -30.77 30.74 -2.74
CA THR B 688 -29.59 31.26 -2.05
C THR B 688 -29.76 31.10 -0.55
N MET B 689 -28.75 30.54 0.10
CA MET B 689 -28.81 30.32 1.54
C MET B 689 -28.80 31.64 2.29
N SER B 690 -29.41 31.64 3.48
CA SER B 690 -29.54 32.84 4.31
C SER B 690 -28.58 32.74 5.48
N LEU B 691 -27.80 33.80 5.67
CA LEU B 691 -26.84 33.81 6.78
C LEU B 691 -27.54 34.04 8.11
N GLY B 692 -28.59 34.85 8.13
CA GLY B 692 -29.32 35.11 9.35
C GLY B 692 -30.22 36.31 9.19
N ALA B 693 -30.85 36.67 10.31
CA ALA B 693 -31.76 37.81 10.33
C ALA B 693 -30.98 39.12 10.38
N GLN B 694 -31.36 40.05 9.50
CA GLN B 694 -30.73 41.36 9.48
C GLN B 694 -30.99 42.10 10.78
N ASN B 695 -30.00 42.85 11.25
CA ASN B 695 -30.11 43.59 12.50
C ASN B 695 -29.25 44.84 12.44
N SER B 696 -29.48 45.73 13.40
CA SER B 696 -28.71 46.96 13.50
C SER B 696 -28.66 47.39 14.96
N VAL B 697 -27.65 48.21 15.29
CA VAL B 697 -27.43 48.69 16.65
C VAL B 697 -27.60 50.20 16.65
N ALA B 698 -28.34 50.71 17.62
CA ALA B 698 -28.59 52.14 17.75
C ALA B 698 -27.45 52.77 18.54
N TYR B 699 -26.33 52.97 17.86
CA TYR B 699 -25.14 53.52 18.50
C TYR B 699 -25.26 55.03 18.67
N SER B 700 -24.81 55.51 19.83
CA SER B 700 -24.73 56.94 20.10
C SER B 700 -23.60 57.16 21.09
N ASN B 701 -23.09 58.40 21.14
CA ASN B 701 -21.96 58.69 21.99
C ASN B 701 -22.35 59.11 23.40
N ASN B 702 -23.65 59.10 23.73
CA ASN B 702 -24.09 59.36 25.09
C ASN B 702 -25.23 58.44 25.52
N SER B 703 -25.42 57.31 24.83
CA SER B 703 -26.52 56.40 25.11
C SER B 703 -25.98 55.03 25.51
N ILE B 704 -26.58 54.45 26.55
CA ILE B 704 -26.22 53.12 27.03
C ILE B 704 -27.48 52.32 27.26
N ALA B 705 -27.33 51.00 27.28
CA ALA B 705 -28.42 50.08 27.57
C ALA B 705 -28.02 49.17 28.71
N ILE B 706 -28.88 49.05 29.71
CA ILE B 706 -28.61 48.25 30.90
C ILE B 706 -29.71 47.20 31.02
N PRO B 707 -29.39 45.91 31.06
CA PRO B 707 -30.42 44.89 31.21
C PRO B 707 -31.09 44.95 32.57
N THR B 708 -32.37 44.59 32.59
CA THR B 708 -33.20 44.65 33.80
C THR B 708 -33.51 43.30 34.39
N ASN B 709 -33.75 42.28 33.57
CA ASN B 709 -34.06 40.93 34.00
C ASN B 709 -32.98 39.98 33.50
N PHE B 710 -33.17 38.69 33.75
CA PHE B 710 -32.24 37.68 33.26
C PHE B 710 -32.97 36.36 33.09
N THR B 711 -32.35 35.47 32.32
CA THR B 711 -32.84 34.12 32.11
C THR B 711 -31.75 33.12 32.44
N ILE B 712 -32.12 32.03 33.10
CA ILE B 712 -31.20 30.94 33.42
C ILE B 712 -31.43 29.82 32.41
N SER B 713 -30.43 29.57 31.57
CA SER B 713 -30.55 28.61 30.48
C SER B 713 -29.59 27.45 30.72
N VAL B 714 -30.03 26.26 30.33
CA VAL B 714 -29.22 25.04 30.43
C VAL B 714 -29.06 24.49 29.03
N THR B 715 -27.81 24.31 28.61
CA THR B 715 -27.48 23.80 27.29
C THR B 715 -26.83 22.42 27.41
N THR B 716 -26.70 21.76 26.26
CA THR B 716 -26.16 20.42 26.19
C THR B 716 -24.97 20.39 25.25
N GLU B 717 -23.92 19.66 25.64
CA GLU B 717 -22.75 19.45 24.80
C GLU B 717 -22.35 17.99 24.85
N ILE B 718 -22.14 17.39 23.68
CA ILE B 718 -21.82 15.98 23.56
C ILE B 718 -20.45 15.86 22.91
N LEU B 719 -19.57 15.08 23.53
CA LEU B 719 -18.20 14.91 23.04
C LEU B 719 -17.85 13.43 23.05
N PRO B 720 -17.51 12.84 21.90
CA PRO B 720 -17.01 11.46 21.90
C PRO B 720 -15.71 11.35 22.70
N VAL B 721 -15.59 10.25 23.44
CA VAL B 721 -14.44 10.02 24.32
C VAL B 721 -13.61 8.82 23.86
N SER B 722 -14.26 7.74 23.44
CA SER B 722 -13.55 6.54 23.05
C SER B 722 -14.32 5.84 21.95
N MET B 723 -13.63 4.93 21.25
CA MET B 723 -14.22 4.10 20.23
C MET B 723 -13.95 2.64 20.55
N THR B 724 -14.55 1.75 19.77
CA THR B 724 -14.42 0.32 20.01
C THR B 724 -12.98 -0.14 19.76
N LYS B 725 -12.54 -1.09 20.57
CA LYS B 725 -11.20 -1.67 20.45
C LYS B 725 -11.31 -3.01 19.73
N THR B 726 -10.41 -3.24 18.78
CA THR B 726 -10.49 -4.40 17.90
C THR B 726 -9.14 -5.11 17.82
N SER B 727 -9.19 -6.39 17.49
CA SER B 727 -8.00 -7.21 17.26
C SER B 727 -8.20 -8.02 15.99
N VAL B 728 -7.09 -8.29 15.30
CA VAL B 728 -7.12 -8.99 14.02
C VAL B 728 -6.14 -10.15 14.09
N ASP B 729 -6.59 -11.33 13.65
CA ASP B 729 -5.70 -12.48 13.55
C ASP B 729 -4.92 -12.41 12.24
N CYS B 730 -3.59 -12.43 12.36
CA CYS B 730 -2.73 -12.28 11.19
C CYS B 730 -2.94 -13.39 10.18
N THR B 731 -3.00 -14.63 10.65
CA THR B 731 -3.03 -15.78 9.75
C THR B 731 -4.43 -16.23 9.39
N MET B 732 -5.36 -16.18 10.34
CA MET B 732 -6.69 -16.71 10.08
C MET B 732 -7.51 -15.82 9.15
N TYR B 733 -7.13 -14.56 8.99
CA TYR B 733 -7.82 -13.70 8.04
C TYR B 733 -7.33 -13.94 6.61
N ILE B 734 -6.02 -14.15 6.44
CA ILE B 734 -5.43 -14.25 5.11
C ILE B 734 -5.48 -15.68 4.62
N CYS B 735 -4.85 -16.59 5.37
CA CYS B 735 -4.68 -17.98 4.95
C CYS B 735 -5.41 -18.93 5.86
N GLY B 736 -6.67 -18.62 6.19
CA GLY B 736 -7.44 -19.38 7.17
C GLY B 736 -7.43 -20.88 7.01
N ASP B 737 -6.83 -21.57 7.98
CA ASP B 737 -6.83 -23.04 8.05
C ASP B 737 -6.23 -23.67 6.80
N SER B 738 -4.96 -23.36 6.54
CA SER B 738 -4.25 -23.94 5.41
C SER B 738 -2.76 -23.89 5.71
N THR B 739 -2.15 -25.07 5.87
CA THR B 739 -0.72 -25.13 6.18
C THR B 739 0.12 -24.59 5.02
N GLU B 740 -0.27 -24.89 3.78
CA GLU B 740 0.47 -24.38 2.64
C GLU B 740 0.46 -22.86 2.58
N CYS B 741 -0.71 -22.26 2.77
CA CYS B 741 -0.81 -20.81 2.71
C CYS B 741 -0.09 -20.15 3.88
N SER B 742 -0.12 -20.78 5.07
CA SER B 742 0.63 -20.25 6.20
C SER B 742 2.13 -20.31 5.94
N ASN B 743 2.60 -21.41 5.34
CA ASN B 743 4.00 -21.52 4.99
C ASN B 743 4.40 -20.44 3.99
N LEU B 744 3.54 -20.18 3.00
CA LEU B 744 3.82 -19.10 2.05
C LEU B 744 3.81 -17.74 2.73
N LEU B 745 2.88 -17.50 3.65
CA LEU B 745 2.80 -16.24 4.38
C LEU B 745 4.01 -16.03 5.28
N LEU B 746 4.66 -17.12 5.71
CA LEU B 746 5.87 -16.99 6.53
C LEU B 746 7.00 -16.28 5.79
N GLN B 747 6.94 -16.19 4.46
CA GLN B 747 7.98 -15.54 3.67
C GLN B 747 7.74 -14.05 3.48
N TYR B 748 6.83 -13.44 4.23
CA TYR B 748 6.56 -12.01 4.14
C TYR B 748 7.09 -11.23 5.33
N GLY B 749 7.81 -11.88 6.24
CA GLY B 749 8.42 -11.16 7.34
C GLY B 749 7.42 -10.70 8.38
N SER B 750 7.75 -9.60 9.03
CA SER B 750 6.95 -9.06 10.13
C SER B 750 5.99 -7.98 9.63
N PHE B 751 5.13 -8.37 8.69
CA PHE B 751 4.13 -7.43 8.19
C PHE B 751 2.99 -7.23 9.18
N CYS B 752 2.51 -8.31 9.80
CA CYS B 752 1.32 -8.23 10.64
C CYS B 752 1.63 -7.98 12.11
N THR B 753 2.88 -8.19 12.55
CA THR B 753 3.25 -7.80 13.90
C THR B 753 3.10 -6.30 14.10
N GLN B 754 3.42 -5.52 13.06
CA GLN B 754 3.23 -4.08 13.13
C GLN B 754 1.76 -3.72 13.26
N LEU B 755 0.89 -4.41 12.51
CA LEU B 755 -0.54 -4.16 12.62
C LEU B 755 -1.05 -4.48 14.02
N ASN B 756 -0.61 -5.60 14.59
CA ASN B 756 -1.00 -5.96 15.94
C ASN B 756 -0.50 -4.91 16.94
N ARG B 757 0.72 -4.43 16.78
CA ARG B 757 1.26 -3.41 17.67
C ARG B 757 0.43 -2.13 17.60
N ALA B 758 0.08 -1.70 16.38
CA ALA B 758 -0.71 -0.48 16.23
C ALA B 758 -2.09 -0.63 16.87
N LEU B 759 -2.75 -1.77 16.64
CA LEU B 759 -4.07 -1.98 17.23
C LEU B 759 -4.00 -2.04 18.75
N THR B 760 -2.95 -2.67 19.29
CA THR B 760 -2.78 -2.69 20.74
C THR B 760 -2.60 -1.28 21.30
N GLY B 761 -1.79 -0.46 20.62
CA GLY B 761 -1.64 0.92 21.04
C GLY B 761 -2.94 1.69 21.02
N ILE B 762 -3.76 1.45 19.98
CA ILE B 762 -5.05 2.12 19.89
C ILE B 762 -5.96 1.73 21.06
N ALA B 763 -6.00 0.43 21.38
CA ALA B 763 -6.83 -0.01 22.49
C ALA B 763 -6.36 0.59 23.82
N VAL B 764 -5.04 0.60 24.03
CA VAL B 764 -4.49 1.16 25.27
C VAL B 764 -4.83 2.63 25.37
N GLU B 765 -4.73 3.38 24.27
CA GLU B 765 -5.06 4.79 24.32
C GLU B 765 -6.55 5.02 24.49
N GLN B 766 -7.41 4.11 24.04
CA GLN B 766 -8.83 4.25 24.34
C GLN B 766 -9.09 4.14 25.84
N ASP B 767 -8.51 3.12 26.47
CA ASP B 767 -8.65 3.01 27.92
C ASP B 767 -8.07 4.22 28.65
N LYS B 768 -6.93 4.72 28.16
CA LYS B 768 -6.33 5.91 28.76
C LYS B 768 -7.21 7.13 28.62
N ASN B 769 -7.86 7.29 27.46
CA ASN B 769 -8.77 8.41 27.26
C ASN B 769 -9.92 8.35 28.25
N THR B 770 -10.52 7.17 28.42
CA THR B 770 -11.62 7.04 29.38
C THR B 770 -11.14 7.38 30.79
N GLN B 771 -9.96 6.88 31.18
CA GLN B 771 -9.44 7.15 32.52
C GLN B 771 -9.19 8.64 32.73
N GLU B 772 -8.57 9.30 31.75
CA GLU B 772 -8.30 10.74 31.90
C GLU B 772 -9.58 11.55 31.98
N VAL B 773 -10.58 11.18 31.19
CA VAL B 773 -11.82 11.96 31.21
C VAL B 773 -12.57 11.78 32.52
N PHE B 774 -12.70 10.54 33.01
CA PHE B 774 -13.64 10.27 34.09
C PHE B 774 -13.02 10.08 35.47
N ALA B 775 -11.71 9.88 35.56
CA ALA B 775 -11.07 9.59 36.86
C ALA B 775 -10.32 10.80 37.42
N GLN B 776 -10.89 12.00 37.28
CA GLN B 776 -10.21 13.19 37.79
C GLN B 776 -10.05 13.14 39.31
N VAL B 777 -11.08 12.72 40.02
CA VAL B 777 -11.06 12.63 41.47
C VAL B 777 -11.07 11.15 41.88
N LYS B 778 -10.23 10.80 42.85
CA LYS B 778 -10.12 9.42 43.32
C LYS B 778 -10.85 9.21 44.65
N GLN B 779 -11.66 10.17 45.08
CA GLN B 779 -12.44 10.05 46.30
C GLN B 779 -13.91 9.99 45.91
N ILE B 780 -14.59 8.91 46.31
CA ILE B 780 -15.94 8.62 45.84
C ILE B 780 -16.90 9.18 46.88
N TYR B 781 -17.31 10.43 46.69
CA TYR B 781 -18.33 11.04 47.53
C TYR B 781 -19.71 10.51 47.16
N LYS B 782 -20.52 10.23 48.17
CA LYS B 782 -21.85 9.68 47.97
C LYS B 782 -22.90 10.77 48.15
N THR B 783 -24.02 10.61 47.46
CA THR B 783 -25.06 11.63 47.46
C THR B 783 -25.65 11.78 48.86
N PRO B 784 -25.83 13.00 49.35
CA PRO B 784 -26.37 13.18 50.70
C PRO B 784 -27.82 12.73 50.80
N GLN B 785 -28.20 12.34 52.02
CA GLN B 785 -29.58 11.90 52.25
C GLN B 785 -30.57 13.05 52.14
N ILE B 786 -30.13 14.27 52.38
CA ILE B 786 -31.00 15.44 52.33
C ILE B 786 -31.05 15.97 50.91
N LYS B 787 -32.12 16.69 50.60
CA LYS B 787 -32.27 17.40 49.33
C LYS B 787 -32.66 18.86 49.56
N ASP B 788 -32.21 19.43 50.68
CA ASP B 788 -32.49 20.82 51.01
C ASP B 788 -31.40 21.69 50.38
N PHE B 789 -31.55 21.92 49.07
CA PHE B 789 -30.63 22.76 48.31
C PHE B 789 -31.23 24.13 47.98
N GLY B 790 -32.09 24.64 48.86
CA GLY B 790 -32.67 25.96 48.66
C GLY B 790 -33.57 26.09 47.46
N GLY B 791 -34.44 25.10 47.22
CA GLY B 791 -35.38 25.15 46.13
C GLY B 791 -34.88 24.55 44.82
N PHE B 792 -33.61 24.16 44.75
CA PHE B 792 -33.09 23.54 43.54
C PHE B 792 -33.38 22.04 43.56
N ASN B 793 -33.82 21.53 42.42
CA ASN B 793 -34.22 20.13 42.27
C ASN B 793 -33.20 19.42 41.39
N PHE B 794 -32.45 18.50 41.98
CA PHE B 794 -31.44 17.72 41.27
C PHE B 794 -31.85 16.27 41.07
N SER B 795 -33.11 15.93 41.32
CA SER B 795 -33.53 14.53 41.24
C SER B 795 -33.42 13.97 39.82
N GLN B 796 -33.46 14.82 38.80
CA GLN B 796 -33.38 14.34 37.43
C GLN B 796 -31.97 13.92 37.04
N ILE B 797 -30.95 14.43 37.73
CA ILE B 797 -29.57 14.10 37.39
C ILE B 797 -28.87 13.29 38.49
N LEU B 798 -29.38 13.31 39.72
CA LEU B 798 -28.81 12.49 40.78
C LEU B 798 -29.19 11.02 40.56
N PRO B 799 -28.37 10.09 41.05
CA PRO B 799 -28.61 8.67 40.75
C PRO B 799 -29.91 8.17 41.35
N ASP B 800 -30.53 7.22 40.65
CA ASP B 800 -31.77 6.60 41.09
C ASP B 800 -31.50 5.17 41.53
N PRO B 801 -31.60 4.85 42.82
CA PRO B 801 -31.28 3.48 43.27
C PRO B 801 -32.25 2.43 42.75
N SER B 802 -33.45 2.82 42.27
CA SER B 802 -34.44 1.84 41.85
C SER B 802 -33.96 1.02 40.68
N LYS B 803 -33.31 1.66 39.70
CA LYS B 803 -32.86 0.96 38.52
C LYS B 803 -31.77 -0.06 38.87
N PRO B 804 -31.69 -1.17 38.12
CA PRO B 804 -30.60 -2.13 38.36
C PRO B 804 -29.22 -1.52 38.19
N SER B 805 -29.05 -0.62 37.23
CA SER B 805 -27.86 0.19 37.11
C SER B 805 -28.14 1.57 37.71
N LYS B 806 -27.29 1.99 38.65
CA LYS B 806 -27.54 3.20 39.42
C LYS B 806 -27.29 4.41 38.52
N ARG B 807 -28.27 4.71 37.69
CA ARG B 807 -28.19 5.80 36.73
C ARG B 807 -29.40 6.71 36.88
N SER B 808 -29.25 7.96 36.45
CA SER B 808 -30.30 8.94 36.58
C SER B 808 -31.24 8.90 35.37
N PHE B 809 -32.27 9.75 35.42
CA PHE B 809 -33.25 9.80 34.34
C PHE B 809 -32.62 10.21 33.02
N ILE B 810 -31.86 11.30 33.03
CA ILE B 810 -31.26 11.80 31.79
C ILE B 810 -30.24 10.81 31.25
N GLU B 811 -29.49 10.15 32.14
CA GLU B 811 -28.58 9.11 31.69
C GLU B 811 -29.31 7.96 31.03
N ASP B 812 -30.46 7.56 31.61
CA ASP B 812 -31.26 6.51 30.98
C ASP B 812 -31.71 6.93 29.59
N LEU B 813 -32.17 8.18 29.45
CA LEU B 813 -32.56 8.69 28.14
C LEU B 813 -31.39 8.61 27.15
N LEU B 814 -30.21 9.08 27.57
CA LEU B 814 -29.06 9.11 26.67
C LEU B 814 -28.63 7.71 26.26
N PHE B 815 -28.57 6.78 27.21
CA PHE B 815 -28.18 5.41 26.88
C PHE B 815 -29.23 4.71 26.02
N ASN B 816 -30.50 5.08 26.15
CA ASN B 816 -31.51 4.50 25.28
C ASN B 816 -31.59 5.18 23.92
N LYS B 817 -30.96 6.34 23.75
CA LYS B 817 -31.01 7.03 22.47
C LYS B 817 -30.03 6.49 21.45
N VAL B 818 -29.06 5.68 21.85
CA VAL B 818 -28.07 5.13 20.94
C VAL B 818 -28.50 3.73 20.53
N THR B 819 -28.72 3.55 19.22
CA THR B 819 -29.21 2.27 18.69
C THR B 819 -28.03 1.44 18.18
N LEU B 820 -27.27 0.89 19.13
CA LEU B 820 -26.15 0.03 18.82
C LEU B 820 -26.33 -1.40 19.31
N ALA B 821 -27.08 -1.61 20.39
CA ALA B 821 -27.38 -2.93 20.96
C ALA B 821 -26.13 -3.70 21.36
N ASP B 822 -24.96 -3.05 21.36
CA ASP B 822 -23.69 -3.68 21.71
C ASP B 822 -23.48 -4.97 20.92
N ALA B 823 -23.41 -4.82 19.60
CA ALA B 823 -23.34 -5.97 18.71
C ALA B 823 -22.06 -6.78 18.92
N GLY B 824 -21.01 -6.14 19.43
CA GLY B 824 -19.80 -6.88 19.74
C GLY B 824 -20.00 -7.89 20.84
N PHE B 825 -20.88 -7.59 21.79
CA PHE B 825 -21.18 -8.50 22.89
C PHE B 825 -22.17 -9.57 22.41
N ILE B 826 -22.73 -10.31 23.36
CA ILE B 826 -23.55 -11.50 23.10
C ILE B 826 -22.69 -12.42 22.24
N LYS B 827 -23.30 -13.23 21.39
CA LYS B 827 -22.59 -14.09 20.45
C LYS B 827 -21.50 -14.90 21.16
N GLN B 828 -21.88 -15.53 22.28
CA GLN B 828 -20.89 -16.21 23.12
C GLN B 828 -20.56 -17.60 22.58
N TYR B 829 -20.23 -17.68 21.29
CA TYR B 829 -19.80 -18.91 20.64
C TYR B 829 -20.83 -20.03 20.74
N GLY B 830 -22.02 -19.70 21.25
CA GLY B 830 -23.13 -20.62 21.24
C GLY B 830 -24.17 -20.18 20.23
N ASP B 831 -24.17 -18.88 19.92
CA ASP B 831 -25.07 -18.35 18.92
C ASP B 831 -24.62 -18.73 17.51
N CYS B 832 -23.30 -18.75 17.27
CA CYS B 832 -22.77 -19.23 16.00
C CYS B 832 -22.63 -20.76 16.07
N LEU B 833 -23.78 -21.42 16.03
CA LEU B 833 -23.85 -22.88 16.07
C LEU B 833 -24.96 -23.32 15.12
N GLY B 834 -25.37 -24.58 15.24
CA GLY B 834 -26.35 -25.16 14.35
C GLY B 834 -27.67 -24.43 14.32
N ASP B 835 -27.97 -23.76 13.21
CA ASP B 835 -29.23 -23.05 13.04
C ASP B 835 -29.59 -23.04 11.57
N ILE B 836 -30.89 -22.83 11.31
CA ILE B 836 -31.38 -22.86 9.93
C ILE B 836 -30.82 -21.71 9.11
N ALA B 837 -30.77 -20.51 9.70
CA ALA B 837 -30.32 -19.33 8.98
C ALA B 837 -28.81 -19.36 8.79
N ALA B 838 -28.34 -18.51 7.87
CA ALA B 838 -26.92 -18.35 7.63
C ALA B 838 -26.30 -17.51 8.74
N ARG B 839 -24.97 -17.39 8.72
CA ARG B 839 -24.29 -16.62 9.76
C ARG B 839 -24.67 -15.15 9.69
N ASP B 840 -24.76 -14.52 10.86
CA ASP B 840 -24.98 -13.09 10.93
C ASP B 840 -23.70 -12.34 10.55
N LEU B 841 -23.78 -11.02 10.57
CA LEU B 841 -22.61 -10.21 10.27
C LEU B 841 -21.55 -10.27 11.36
N ILE B 842 -21.88 -10.83 12.53
CA ILE B 842 -20.91 -10.93 13.62
C ILE B 842 -20.19 -12.27 13.61
N CYS B 843 -20.90 -13.36 13.31
CA CYS B 843 -20.24 -14.65 13.20
C CYS B 843 -19.25 -14.67 12.05
N ALA B 844 -19.53 -13.92 10.99
CA ALA B 844 -18.58 -13.82 9.88
C ALA B 844 -17.29 -13.13 10.32
N GLN B 845 -17.40 -12.06 11.10
CA GLN B 845 -16.20 -11.42 11.63
C GLN B 845 -15.46 -12.34 12.59
N LYS B 846 -16.19 -13.02 13.47
CA LYS B 846 -15.56 -13.87 14.48
C LYS B 846 -14.83 -15.05 13.85
N PHE B 847 -15.40 -15.63 12.80
CA PHE B 847 -14.82 -16.80 12.16
C PHE B 847 -13.67 -16.46 11.21
N ASN B 848 -13.46 -15.18 10.90
CA ASN B 848 -12.40 -14.76 10.01
C ASN B 848 -11.26 -14.06 10.74
N GLY B 849 -11.27 -14.06 12.07
CA GLY B 849 -10.15 -13.53 12.84
C GLY B 849 -10.31 -12.13 13.39
N LEU B 850 -11.48 -11.52 13.25
CA LEU B 850 -11.71 -10.16 13.72
C LEU B 850 -12.55 -10.20 15.00
N THR B 851 -12.05 -9.55 16.04
CA THR B 851 -12.68 -9.57 17.36
C THR B 851 -12.75 -8.16 17.93
N VAL B 852 -13.63 -7.99 18.91
CA VAL B 852 -13.82 -6.72 19.61
C VAL B 852 -13.50 -6.92 21.08
N LEU B 853 -12.61 -6.09 21.62
CA LEU B 853 -12.21 -6.22 23.01
C LEU B 853 -13.11 -5.35 23.90
N PRO B 854 -13.53 -5.85 25.05
CA PRO B 854 -14.43 -5.07 25.90
C PRO B 854 -13.67 -3.95 26.60
N PRO B 855 -14.34 -2.84 26.90
CA PRO B 855 -13.68 -1.75 27.62
C PRO B 855 -13.33 -2.15 29.05
N LEU B 856 -12.27 -1.52 29.57
CA LEU B 856 -11.81 -1.82 30.92
C LEU B 856 -12.83 -1.39 31.97
N LEU B 857 -13.45 -0.22 31.76
CA LEU B 857 -14.41 0.33 32.72
C LEU B 857 -15.82 0.01 32.25
N THR B 858 -16.59 -0.64 33.12
CA THR B 858 -18.00 -0.86 32.84
C THR B 858 -18.77 0.44 32.98
N ASP B 859 -19.97 0.47 32.41
CA ASP B 859 -20.79 1.67 32.46
C ASP B 859 -21.20 2.02 33.88
N GLU B 860 -21.32 1.02 34.75
CA GLU B 860 -21.68 1.27 36.14
C GLU B 860 -20.57 2.02 36.87
N MET B 861 -19.31 1.68 36.58
CA MET B 861 -18.20 2.39 37.21
C MET B 861 -18.11 3.83 36.73
N ILE B 862 -18.37 4.06 35.44
CA ILE B 862 -18.41 5.42 34.91
C ILE B 862 -19.53 6.20 35.56
N ALA B 863 -20.70 5.57 35.74
CA ALA B 863 -21.80 6.21 36.43
C ALA B 863 -21.44 6.54 37.87
N GLN B 864 -20.71 5.65 38.55
CA GLN B 864 -20.26 5.95 39.91
C GLN B 864 -19.33 7.16 39.94
N TYR B 865 -18.41 7.24 38.97
CA TYR B 865 -17.52 8.40 38.90
C TYR B 865 -18.31 9.68 38.69
N THR B 866 -19.26 9.67 37.76
CA THR B 866 -20.08 10.85 37.51
C THR B 866 -20.91 11.23 38.73
N SER B 867 -21.44 10.23 39.44
CA SER B 867 -22.22 10.50 40.64
C SER B 867 -21.38 11.13 41.73
N ALA B 868 -20.15 10.63 41.90
CA ALA B 868 -19.23 11.24 42.87
C ALA B 868 -18.92 12.68 42.50
N LEU B 869 -18.68 12.94 41.21
CA LEU B 869 -18.42 14.30 40.78
C LEU B 869 -19.61 15.21 41.06
N LEU B 870 -20.83 14.73 40.78
CA LEU B 870 -22.03 15.52 41.03
C LEU B 870 -22.20 15.81 42.51
N ALA B 871 -22.03 14.79 43.36
CA ALA B 871 -22.18 15.00 44.80
C ALA B 871 -21.17 16.00 45.32
N GLY B 872 -19.91 15.87 44.88
CA GLY B 872 -18.90 16.83 45.29
C GLY B 872 -19.21 18.25 44.86
N THR B 873 -19.62 18.42 43.60
CA THR B 873 -19.86 19.77 43.09
C THR B 873 -21.13 20.39 43.63
N ILE B 874 -22.07 19.60 44.15
CA ILE B 874 -23.27 20.17 44.76
C ILE B 874 -23.16 20.32 46.27
N THR B 875 -22.23 19.62 46.92
CA THR B 875 -22.08 19.75 48.37
C THR B 875 -20.85 20.52 48.81
N SER B 876 -19.90 20.84 47.91
CA SER B 876 -18.70 21.55 48.31
C SER B 876 -18.31 22.70 47.39
N GLY B 877 -18.85 22.79 46.18
CA GLY B 877 -18.42 23.81 45.26
C GLY B 877 -17.21 23.38 44.45
N TRP B 878 -16.26 24.28 44.26
CA TRP B 878 -15.03 23.97 43.53
C TRP B 878 -13.91 23.50 44.45
N THR B 879 -14.14 23.46 45.76
CA THR B 879 -13.05 23.18 46.70
C THR B 879 -12.59 21.74 46.62
N PHE B 880 -13.45 20.81 46.19
CA PHE B 880 -13.09 19.41 46.15
C PHE B 880 -12.14 19.08 45.02
N GLY B 881 -11.91 20.00 44.07
CA GLY B 881 -10.96 19.78 43.01
C GLY B 881 -9.55 20.21 43.38
N ALA B 882 -9.45 21.20 44.26
CA ALA B 882 -8.15 21.73 44.68
C ALA B 882 -7.63 21.06 45.95
N GLY B 883 -8.40 20.16 46.55
CA GLY B 883 -7.97 19.48 47.76
C GLY B 883 -9.12 18.80 48.47
N ALA B 884 -9.16 18.93 49.79
CA ALA B 884 -10.26 18.36 50.56
C ALA B 884 -11.56 19.12 50.27
N ALA B 885 -12.67 18.38 50.25
CA ALA B 885 -13.98 18.97 50.02
C ALA B 885 -14.43 19.72 51.25
N LEU B 886 -14.80 20.99 51.08
CA LEU B 886 -15.25 21.83 52.18
C LEU B 886 -16.74 22.13 51.99
N GLN B 887 -17.53 21.81 53.00
CA GLN B 887 -18.98 21.95 52.90
C GLN B 887 -19.38 23.42 52.84
N ILE B 888 -20.47 23.68 52.11
CA ILE B 888 -21.03 25.04 51.99
C ILE B 888 -22.48 24.93 51.54
N PRO B 889 -23.39 25.71 52.11
CA PRO B 889 -24.77 25.69 51.62
C PRO B 889 -24.86 26.13 50.16
N PHE B 890 -25.84 25.57 49.45
CA PHE B 890 -25.90 25.75 48.01
C PHE B 890 -26.14 27.20 47.62
N ALA B 891 -27.01 27.90 48.35
CA ALA B 891 -27.29 29.29 48.02
C ALA B 891 -26.03 30.15 48.13
N MET B 892 -25.19 29.86 49.12
CA MET B 892 -23.92 30.57 49.23
C MET B 892 -23.02 30.29 48.02
N GLN B 893 -22.99 29.05 47.56
CA GLN B 893 -22.20 28.72 46.38
C GLN B 893 -22.72 29.47 45.15
N MET B 894 -24.04 29.55 44.99
CA MET B 894 -24.61 30.30 43.88
C MET B 894 -24.28 31.79 43.99
N ALA B 895 -24.26 32.32 45.21
CA ALA B 895 -23.84 33.71 45.41
C ALA B 895 -22.39 33.91 45.01
N TYR B 896 -21.52 32.95 45.34
CA TYR B 896 -20.12 33.02 44.93
C TYR B 896 -20.00 33.03 43.40
N ARG B 897 -20.76 32.17 42.73
CA ARG B 897 -20.73 32.18 41.27
C ARG B 897 -21.26 33.49 40.70
N PHE B 898 -22.32 34.04 41.28
CA PHE B 898 -22.85 35.33 40.83
C PHE B 898 -21.80 36.42 40.98
N ASN B 899 -21.09 36.44 42.11
CA ASN B 899 -19.96 37.35 42.27
C ASN B 899 -18.90 37.10 41.21
N GLY B 900 -18.68 35.84 40.84
CA GLY B 900 -17.73 35.52 39.79
C GLY B 900 -18.10 36.06 38.43
N ILE B 901 -19.39 36.10 38.09
CA ILE B 901 -19.83 36.61 36.80
C ILE B 901 -20.03 38.13 36.80
N GLY B 902 -19.82 38.78 37.94
CA GLY B 902 -19.90 40.24 38.01
C GLY B 902 -21.20 40.81 38.52
N VAL B 903 -22.09 39.98 39.06
CA VAL B 903 -23.37 40.44 39.61
C VAL B 903 -23.31 40.27 41.12
N THR B 904 -23.67 41.32 41.86
CA THR B 904 -23.61 41.28 43.31
C THR B 904 -24.55 40.20 43.85
N GLN B 905 -24.11 39.53 44.92
CA GLN B 905 -24.82 38.37 45.43
C GLN B 905 -26.18 38.71 46.01
N ASN B 906 -26.43 39.98 46.33
CA ASN B 906 -27.76 40.37 46.80
C ASN B 906 -28.82 40.15 45.72
N VAL B 907 -28.43 40.20 44.44
CA VAL B 907 -29.37 39.89 43.36
C VAL B 907 -29.84 38.45 43.46
N LEU B 908 -28.91 37.52 43.72
CA LEU B 908 -29.30 36.13 43.91
C LEU B 908 -30.12 35.95 45.18
N TYR B 909 -29.70 36.59 46.27
CA TYR B 909 -30.39 36.41 47.55
C TYR B 909 -31.83 36.92 47.48
N GLU B 910 -32.05 38.06 46.84
CA GLU B 910 -33.38 38.65 46.80
C GLU B 910 -34.32 37.89 45.89
N ASN B 911 -33.80 37.23 44.86
CA ASN B 911 -34.60 36.54 43.86
C ASN B 911 -34.26 35.05 43.81
N GLN B 912 -34.13 34.43 44.99
CA GLN B 912 -33.74 33.03 45.05
C GLN B 912 -34.82 32.11 44.46
N LYS B 913 -36.08 32.36 44.81
CA LYS B 913 -37.17 31.48 44.38
C LYS B 913 -37.33 31.51 42.86
N LEU B 914 -37.27 32.69 42.26
CA LEU B 914 -37.41 32.80 40.80
C LEU B 914 -36.27 32.06 40.10
N ILE B 915 -35.05 32.21 40.59
CA ILE B 915 -33.91 31.54 39.97
C ILE B 915 -34.04 30.03 40.10
N ALA B 916 -34.49 29.55 41.26
CA ALA B 916 -34.69 28.12 41.44
C ALA B 916 -35.76 27.58 40.49
N ASN B 917 -36.86 28.32 40.34
CA ASN B 917 -37.91 27.89 39.42
C ASN B 917 -37.42 27.88 37.98
N GLN B 918 -36.63 28.89 37.61
CA GLN B 918 -36.07 28.93 36.25
C GLN B 918 -35.13 27.76 36.01
N PHE B 919 -34.30 27.41 36.99
CA PHE B 919 -33.42 26.26 36.85
C PHE B 919 -34.22 24.97 36.70
N ASN B 920 -35.26 24.80 37.51
CA ASN B 920 -36.08 23.59 37.42
C ASN B 920 -36.77 23.51 36.05
N SER B 921 -37.31 24.63 35.57
CA SER B 921 -37.96 24.65 34.26
C SER B 921 -36.96 24.35 33.15
N ALA B 922 -35.73 24.88 33.25
CA ALA B 922 -34.73 24.58 32.25
C ALA B 922 -34.37 23.10 32.22
N ILE B 923 -34.23 22.49 33.41
CA ILE B 923 -33.95 21.06 33.47
C ILE B 923 -35.09 20.25 32.87
N GLY B 924 -36.33 20.65 33.18
CA GLY B 924 -37.48 19.97 32.58
C GLY B 924 -37.53 20.10 31.07
N LYS B 925 -37.20 21.28 30.56
CA LYS B 925 -37.17 21.47 29.11
C LYS B 925 -36.09 20.63 28.46
N ILE B 926 -34.91 20.53 29.11
CA ILE B 926 -33.84 19.68 28.59
C ILE B 926 -34.30 18.23 28.54
N GLN B 927 -34.96 17.77 29.61
CA GLN B 927 -35.45 16.40 29.64
C GLN B 927 -36.48 16.15 28.54
N ASP B 928 -37.40 17.09 28.35
CA ASP B 928 -38.41 16.93 27.30
C ASP B 928 -37.78 16.91 25.91
N SER B 929 -36.81 17.79 25.68
CA SER B 929 -36.13 17.82 24.38
C SER B 929 -35.40 16.50 24.14
N LEU B 930 -34.74 15.96 25.16
CA LEU B 930 -34.10 14.66 24.99
C LEU B 930 -35.11 13.56 24.70
N SER B 931 -36.24 13.56 25.42
CA SER B 931 -37.23 12.51 25.24
C SER B 931 -38.01 12.65 23.94
N SER B 932 -37.94 13.81 23.28
CA SER B 932 -38.67 14.00 22.03
C SER B 932 -37.82 13.69 20.80
N THR B 933 -36.69 14.39 20.65
CA THR B 933 -35.86 14.24 19.47
C THR B 933 -34.86 13.10 19.64
N ALA B 934 -34.18 12.76 18.55
CA ALA B 934 -33.17 11.71 18.55
C ALA B 934 -31.90 12.06 17.79
N SER B 935 -31.85 13.21 17.11
CA SER B 935 -30.70 13.59 16.30
C SER B 935 -29.66 14.38 17.08
N ALA B 936 -29.88 14.62 18.38
CA ALA B 936 -28.90 15.36 19.17
C ALA B 936 -27.66 14.54 19.46
N LEU B 937 -27.72 13.21 19.33
CA LEU B 937 -26.61 12.31 19.61
C LEU B 937 -25.97 11.80 18.33
N GLY B 938 -25.84 12.65 17.32
CA GLY B 938 -25.32 12.23 16.04
C GLY B 938 -23.86 11.79 16.09
N LYS B 939 -23.06 12.38 16.98
CA LYS B 939 -21.63 12.11 16.97
C LYS B 939 -21.30 10.69 17.44
N LEU B 940 -21.92 10.27 18.56
CA LEU B 940 -21.65 8.93 19.08
C LEU B 940 -22.14 7.86 18.13
N GLN B 941 -23.37 8.02 17.62
CA GLN B 941 -23.90 7.09 16.63
C GLN B 941 -23.03 7.07 15.38
N ASP B 942 -22.51 8.24 14.98
CA ASP B 942 -21.63 8.31 13.82
C ASP B 942 -20.36 7.51 14.04
N VAL B 943 -19.75 7.64 15.22
CA VAL B 943 -18.55 6.88 15.52
C VAL B 943 -18.83 5.38 15.48
N VAL B 944 -19.92 4.96 16.12
CA VAL B 944 -20.27 3.54 16.15
C VAL B 944 -20.51 3.02 14.74
N ASN B 945 -21.27 3.77 13.93
CA ASN B 945 -21.56 3.36 12.58
C ASN B 945 -20.31 3.28 11.72
N GLN B 946 -19.41 4.24 11.87
CA GLN B 946 -18.16 4.22 11.10
C GLN B 946 -17.33 3.00 11.44
N ASN B 947 -17.19 2.68 12.72
CA ASN B 947 -16.40 1.50 13.10
C ASN B 947 -17.04 0.22 12.60
N ALA B 948 -18.37 0.10 12.75
CA ALA B 948 -19.06 -1.09 12.27
C ALA B 948 -18.94 -1.24 10.76
N GLN B 949 -19.08 -0.13 10.03
CA GLN B 949 -18.94 -0.18 8.58
C GLN B 949 -17.54 -0.57 8.15
N ALA B 950 -16.53 -0.06 8.86
CA ALA B 950 -15.16 -0.44 8.54
C ALA B 950 -14.95 -1.94 8.73
N LEU B 951 -15.44 -2.50 9.84
CA LEU B 951 -15.29 -3.94 10.05
C LEU B 951 -16.05 -4.74 9.00
N ASN B 952 -17.28 -4.32 8.68
CA ASN B 952 -18.07 -5.04 7.69
C ASN B 952 -17.42 -5.00 6.32
N THR B 953 -16.85 -3.86 5.93
CA THR B 953 -16.14 -3.78 4.66
C THR B 953 -14.91 -4.67 4.66
N LEU B 954 -14.19 -4.70 5.78
CA LEU B 954 -13.03 -5.59 5.87
C LEU B 954 -13.43 -7.05 5.68
N VAL B 955 -14.57 -7.45 6.24
CA VAL B 955 -15.05 -8.82 6.03
C VAL B 955 -15.44 -9.04 4.58
N LYS B 956 -16.22 -8.12 4.01
CA LYS B 956 -16.72 -8.31 2.65
C LYS B 956 -15.62 -8.24 1.60
N GLN B 957 -14.45 -7.70 1.94
CA GLN B 957 -13.35 -7.66 0.99
C GLN B 957 -12.73 -9.03 0.74
N LEU B 958 -13.11 -10.04 1.51
CA LEU B 958 -12.51 -11.38 1.36
C LEU B 958 -12.94 -12.07 0.08
N SER B 959 -13.98 -11.60 -0.60
CA SER B 959 -14.48 -12.23 -1.82
C SER B 959 -13.86 -11.66 -3.09
N SER B 960 -12.89 -10.75 -2.97
CA SER B 960 -12.25 -10.18 -4.15
C SER B 960 -11.22 -11.15 -4.73
N ASN B 961 -11.19 -11.21 -6.06
CA ASN B 961 -10.27 -12.12 -6.74
C ASN B 961 -8.83 -11.60 -6.70
N PHE B 962 -8.64 -10.29 -6.78
CA PHE B 962 -7.31 -9.67 -6.82
C PHE B 962 -6.49 -10.18 -8.00
N GLY B 963 -7.16 -10.60 -9.07
CA GLY B 963 -6.49 -11.09 -10.26
C GLY B 963 -6.25 -12.58 -10.30
N ALA B 964 -6.61 -13.31 -9.26
CA ALA B 964 -6.44 -14.76 -9.27
C ALA B 964 -7.61 -15.43 -9.98
N ILE B 965 -7.48 -16.75 -10.17
CA ILE B 965 -8.55 -17.49 -10.82
C ILE B 965 -9.81 -17.47 -9.97
N SER B 966 -9.68 -17.64 -8.66
CA SER B 966 -10.82 -17.63 -7.76
C SER B 966 -10.43 -16.95 -6.46
N SER B 967 -11.42 -16.35 -5.80
CA SER B 967 -11.20 -15.73 -4.50
C SER B 967 -11.23 -16.75 -3.37
N VAL B 968 -11.74 -17.96 -3.62
CA VAL B 968 -11.77 -19.01 -2.61
C VAL B 968 -10.42 -19.70 -2.61
N LEU B 969 -9.77 -19.73 -1.44
CA LEU B 969 -8.47 -20.38 -1.33
C LEU B 969 -8.57 -21.89 -1.54
N ASN B 970 -9.70 -22.48 -1.15
CA ASN B 970 -9.85 -23.94 -1.20
C ASN B 970 -9.79 -24.45 -2.64
N ASP B 971 -10.51 -23.80 -3.55
CA ASP B 971 -10.51 -24.26 -4.94
C ASP B 971 -9.42 -23.59 -5.79
N ILE B 972 -8.22 -23.57 -5.22
CA ILE B 972 -7.00 -23.26 -5.97
C ILE B 972 -6.04 -24.42 -5.71
N LEU B 973 -5.92 -24.80 -4.44
CA LEU B 973 -5.16 -25.99 -4.07
C LEU B 973 -5.88 -27.27 -4.48
N SER B 974 -7.18 -27.20 -4.74
CA SER B 974 -7.91 -28.36 -5.22
C SER B 974 -7.66 -28.62 -6.70
N ARG B 975 -7.45 -27.56 -7.49
CA ARG B 975 -7.34 -27.68 -8.93
C ARG B 975 -5.92 -27.50 -9.47
N LEU B 976 -5.05 -26.81 -8.75
CA LEU B 976 -3.72 -26.48 -9.24
C LEU B 976 -2.65 -27.17 -8.39
N ASP B 977 -1.68 -27.77 -9.06
CA ASP B 977 -0.52 -28.32 -8.39
C ASP B 977 0.31 -27.20 -7.74
N PRO B 978 1.05 -27.50 -6.69
CA PRO B 978 1.58 -26.44 -5.80
C PRO B 978 2.38 -25.39 -6.56
N PRO B 979 3.48 -25.73 -7.24
CA PRO B 979 4.31 -24.66 -7.82
C PRO B 979 3.54 -23.77 -8.79
N GLU B 980 2.48 -24.29 -9.40
CA GLU B 980 1.60 -23.42 -10.18
C GLU B 980 0.62 -22.65 -9.28
N ALA B 981 0.30 -23.20 -8.11
CA ALA B 981 -0.63 -22.54 -7.20
C ALA B 981 -0.01 -21.39 -6.42
N GLU B 982 1.32 -21.37 -6.29
CA GLU B 982 1.99 -20.29 -5.58
C GLU B 982 1.67 -18.91 -6.17
N VAL B 983 1.51 -18.81 -7.49
CA VAL B 983 1.23 -17.51 -8.10
C VAL B 983 -0.12 -16.97 -7.63
N GLN B 984 -1.16 -17.79 -7.71
CA GLN B 984 -2.48 -17.38 -7.26
C GLN B 984 -2.49 -17.08 -5.77
N ILE B 985 -1.83 -17.94 -4.98
CA ILE B 985 -1.81 -17.72 -3.54
C ILE B 985 -1.10 -16.41 -3.21
N ASP B 986 -0.03 -16.10 -3.95
CA ASP B 986 0.71 -14.86 -3.71
C ASP B 986 -0.14 -13.63 -4.05
N ARG B 987 -0.87 -13.69 -5.16
CA ARG B 987 -1.76 -12.57 -5.50
C ARG B 987 -2.81 -12.36 -4.40
N LEU B 988 -3.42 -13.46 -3.94
CA LEU B 988 -4.42 -13.35 -2.88
C LEU B 988 -3.82 -12.80 -1.59
N ILE B 989 -2.61 -13.26 -1.25
CA ILE B 989 -1.95 -12.79 -0.04
C ILE B 989 -1.68 -11.30 -0.13
N THR B 990 -1.19 -10.84 -1.28
CA THR B 990 -0.90 -9.42 -1.44
C THR B 990 -2.16 -8.57 -1.30
N GLY B 991 -3.25 -8.99 -1.94
CA GLY B 991 -4.49 -8.23 -1.81
C GLY B 991 -5.03 -8.19 -0.39
N ARG B 992 -5.08 -9.36 0.26
CA ARG B 992 -5.64 -9.42 1.61
C ARG B 992 -4.74 -8.76 2.64
N LEU B 993 -3.44 -8.66 2.36
CA LEU B 993 -2.52 -7.93 3.22
C LEU B 993 -2.61 -6.42 3.01
N GLN B 994 -2.90 -5.97 1.79
CA GLN B 994 -3.17 -4.55 1.56
C GLN B 994 -4.45 -4.09 2.24
N SER B 995 -5.49 -4.95 2.25
CA SER B 995 -6.74 -4.57 2.90
C SER B 995 -6.53 -4.28 4.39
N LEU B 996 -5.75 -5.14 5.07
CA LEU B 996 -5.51 -4.93 6.50
C LEU B 996 -4.73 -3.65 6.76
N GLN B 997 -3.75 -3.34 5.90
CA GLN B 997 -2.98 -2.11 6.07
C GLN B 997 -3.88 -0.89 5.91
N THR B 998 -4.77 -0.90 4.92
CA THR B 998 -5.69 0.20 4.76
C THR B 998 -6.58 0.36 6.00
N TYR B 999 -7.11 -0.76 6.50
CA TYR B 999 -7.96 -0.71 7.68
C TYR B 999 -7.22 -0.13 8.88
N VAL B 1000 -5.96 -0.55 9.08
CA VAL B 1000 -5.19 -0.09 10.23
C VAL B 1000 -4.87 1.39 10.11
N THR B 1001 -4.57 1.86 8.90
CA THR B 1001 -4.28 3.30 8.73
C THR B 1001 -5.50 4.15 9.05
N GLN B 1002 -6.66 3.78 8.52
CA GLN B 1002 -7.87 4.54 8.85
C GLN B 1002 -8.17 4.48 10.34
N GLN B 1003 -7.93 3.31 10.96
CA GLN B 1003 -8.13 3.20 12.40
C GLN B 1003 -7.23 4.14 13.18
N LEU B 1004 -5.96 4.25 12.76
CA LEU B 1004 -5.04 5.15 13.46
C LEU B 1004 -5.49 6.60 13.34
N ILE B 1005 -5.93 7.01 12.14
CA ILE B 1005 -6.39 8.39 11.97
C ILE B 1005 -7.62 8.66 12.84
N ARG B 1006 -8.58 7.74 12.84
CA ARG B 1006 -9.76 7.91 13.68
C ARG B 1006 -9.40 7.95 15.16
N ALA B 1007 -8.42 7.14 15.57
CA ALA B 1007 -7.97 7.15 16.95
C ALA B 1007 -7.36 8.49 17.32
N ALA B 1008 -6.60 9.09 16.41
CA ALA B 1008 -6.05 10.42 16.67
C ALA B 1008 -7.17 11.44 16.86
N GLU B 1009 -8.19 11.40 16.00
CA GLU B 1009 -9.31 12.33 16.17
C GLU B 1009 -10.02 12.13 17.51
N ILE B 1010 -10.24 10.88 17.89
CA ILE B 1010 -10.93 10.58 19.14
C ILE B 1010 -10.07 11.02 20.33
N ARG B 1011 -8.74 10.88 20.22
CA ARG B 1011 -7.86 11.35 21.28
C ARG B 1011 -7.94 12.85 21.46
N ALA B 1012 -7.99 13.60 20.34
CA ALA B 1012 -8.18 15.04 20.45
C ALA B 1012 -9.50 15.38 21.12
N SER B 1013 -10.57 14.68 20.74
CA SER B 1013 -11.87 14.94 21.36
C SER B 1013 -11.85 14.63 22.85
N ALA B 1014 -11.18 13.55 23.25
CA ALA B 1014 -11.09 13.19 24.65
C ALA B 1014 -10.28 14.21 25.45
N ASN B 1015 -9.21 14.74 24.86
CA ASN B 1015 -8.46 15.79 25.52
C ASN B 1015 -9.32 17.03 25.74
N LEU B 1016 -10.10 17.41 24.72
CA LEU B 1016 -11.02 18.54 24.89
C LEU B 1016 -12.04 18.26 25.98
N ALA B 1017 -12.57 17.04 26.03
CA ALA B 1017 -13.54 16.69 27.06
C ALA B 1017 -12.93 16.76 28.46
N ALA B 1018 -11.68 16.31 28.61
CA ALA B 1018 -11.02 16.38 29.90
C ALA B 1018 -10.81 17.82 30.34
N THR B 1019 -10.38 18.68 29.41
CA THR B 1019 -10.23 20.09 29.74
C THR B 1019 -11.56 20.72 30.13
N LYS B 1020 -12.62 20.39 29.39
CA LYS B 1020 -13.95 20.91 29.70
C LYS B 1020 -14.41 20.47 31.08
N MET B 1021 -14.21 19.20 31.41
CA MET B 1021 -14.56 18.74 32.76
C MET B 1021 -13.80 19.51 33.82
N SER B 1022 -12.47 19.58 33.67
CA SER B 1022 -11.64 20.23 34.69
C SER B 1022 -12.00 21.70 34.87
N GLU B 1023 -12.39 22.39 33.80
CA GLU B 1023 -12.60 23.83 33.92
C GLU B 1023 -14.06 24.20 34.21
N CYS B 1024 -15.03 23.59 33.52
CA CYS B 1024 -16.42 23.95 33.75
C CYS B 1024 -16.99 23.24 34.97
N VAL B 1025 -16.60 22.00 35.23
CA VAL B 1025 -17.20 21.23 36.31
C VAL B 1025 -16.48 21.45 37.62
N LEU B 1026 -15.15 21.39 37.61
CA LEU B 1026 -14.37 21.56 38.84
C LEU B 1026 -14.14 23.01 39.21
N GLY B 1027 -14.64 23.95 38.42
CA GLY B 1027 -14.51 25.36 38.74
C GLY B 1027 -15.47 26.17 37.91
N GLN B 1028 -15.25 27.48 37.91
CA GLN B 1028 -16.02 28.42 37.11
C GLN B 1028 -15.09 29.05 36.08
N SER B 1029 -15.49 29.00 34.82
CA SER B 1029 -14.63 29.39 33.71
C SER B 1029 -15.03 30.76 33.19
N LYS B 1030 -14.04 31.63 33.00
CA LYS B 1030 -14.25 32.95 32.42
C LYS B 1030 -13.97 32.99 30.93
N ARG B 1031 -13.60 31.87 30.32
CA ARG B 1031 -13.42 31.84 28.87
C ARG B 1031 -14.76 31.90 28.18
N VAL B 1032 -14.83 32.71 27.12
CA VAL B 1032 -16.08 32.95 26.41
C VAL B 1032 -16.39 31.77 25.49
N ASP B 1033 -17.65 31.32 25.51
CA ASP B 1033 -18.13 30.27 24.62
C ASP B 1033 -17.41 28.95 24.83
N PHE B 1034 -16.86 28.73 26.03
CA PHE B 1034 -16.21 27.48 26.36
C PHE B 1034 -17.09 26.55 27.17
N CYS B 1035 -17.85 27.10 28.12
CA CYS B 1035 -18.78 26.32 28.95
C CYS B 1035 -20.21 26.82 28.77
N GLY B 1036 -20.60 27.06 27.53
CA GLY B 1036 -21.95 27.49 27.23
C GLY B 1036 -22.02 28.96 26.86
N LYS B 1037 -23.02 29.30 26.06
CA LYS B 1037 -23.20 30.68 25.63
C LYS B 1037 -23.77 31.53 26.76
N GLY B 1038 -23.12 32.65 27.04
CA GLY B 1038 -23.54 33.52 28.12
C GLY B 1038 -22.45 33.66 29.18
N TYR B 1039 -22.85 33.85 30.42
CA TYR B 1039 -21.92 33.93 31.55
C TYR B 1039 -22.02 32.62 32.32
N HIS B 1040 -20.91 31.88 32.36
CA HIS B 1040 -20.93 30.53 32.91
C HIS B 1040 -21.20 30.56 34.42
N LEU B 1041 -22.05 29.64 34.87
CA LEU B 1041 -22.31 29.45 36.29
C LEU B 1041 -21.82 28.09 36.78
N MET B 1042 -22.28 27.01 36.16
CA MET B 1042 -21.85 25.67 36.56
C MET B 1042 -22.13 24.70 35.42
N SER B 1043 -21.56 23.51 35.53
CA SER B 1043 -21.80 22.43 34.58
C SER B 1043 -21.97 21.13 35.33
N PHE B 1044 -22.73 20.22 34.73
CA PHE B 1044 -22.99 18.91 35.32
C PHE B 1044 -22.63 17.82 34.31
N PRO B 1045 -21.77 16.87 34.67
CA PRO B 1045 -21.43 15.80 33.74
C PRO B 1045 -22.43 14.64 33.78
N GLN B 1046 -22.69 14.08 32.60
CA GLN B 1046 -23.53 12.90 32.47
C GLN B 1046 -22.85 11.91 31.53
N SER B 1047 -22.89 10.64 31.90
CA SER B 1047 -22.25 9.60 31.10
C SER B 1047 -23.12 9.25 29.89
N ALA B 1048 -22.47 8.93 28.78
CA ALA B 1048 -23.12 8.53 27.55
C ALA B 1048 -22.34 7.36 26.98
N PRO B 1049 -22.95 6.58 26.06
CA PRO B 1049 -22.20 5.48 25.45
C PRO B 1049 -21.00 5.98 24.65
N HIS B 1050 -19.80 5.67 25.15
CA HIS B 1050 -18.55 6.07 24.50
C HIS B 1050 -18.44 7.59 24.38
N GLY B 1051 -18.99 8.31 25.35
CA GLY B 1051 -18.97 9.76 25.29
C GLY B 1051 -19.38 10.35 26.62
N VAL B 1052 -19.40 11.69 26.65
CA VAL B 1052 -19.80 12.44 27.83
C VAL B 1052 -20.78 13.52 27.41
N VAL B 1053 -21.63 13.93 28.34
CA VAL B 1053 -22.64 14.97 28.12
C VAL B 1053 -22.51 16.00 29.22
N PHE B 1054 -22.45 17.27 28.85
CA PHE B 1054 -22.29 18.38 29.79
C PHE B 1054 -23.55 19.22 29.80
N LEU B 1055 -24.03 19.55 30.99
CA LEU B 1055 -25.19 20.40 31.19
C LEU B 1055 -24.69 21.75 31.70
N HIS B 1056 -24.37 22.64 30.77
CA HIS B 1056 -23.86 23.97 31.13
C HIS B 1056 -25.00 24.86 31.60
N VAL B 1057 -24.79 25.56 32.70
CA VAL B 1057 -25.76 26.50 33.24
C VAL B 1057 -25.16 27.90 33.14
N THR B 1058 -25.88 28.80 32.49
CA THR B 1058 -25.38 30.12 32.15
C THR B 1058 -26.38 31.20 32.56
N TYR B 1059 -25.90 32.44 32.58
CA TYR B 1059 -26.68 33.61 32.93
C TYR B 1059 -26.82 34.49 31.70
N VAL B 1060 -28.06 34.81 31.34
CA VAL B 1060 -28.32 35.60 30.13
C VAL B 1060 -29.21 36.79 30.46
N PRO B 1061 -28.81 38.01 30.10
CA PRO B 1061 -29.70 39.17 30.29
C PRO B 1061 -30.94 39.07 29.43
N ALA B 1062 -32.04 39.64 29.93
CA ALA B 1062 -33.35 39.44 29.32
C ALA B 1062 -33.92 40.70 28.69
N GLN B 1063 -34.09 41.78 29.45
CA GLN B 1063 -34.72 42.98 28.94
C GLN B 1063 -33.85 44.20 29.22
N GLU B 1064 -33.52 44.94 28.17
CA GLU B 1064 -32.68 46.11 28.27
C GLU B 1064 -33.51 47.39 28.26
N LYS B 1065 -32.90 48.46 28.75
CA LYS B 1065 -33.53 49.78 28.77
C LYS B 1065 -32.47 50.82 28.50
N ASN B 1066 -32.71 51.68 27.51
CA ASN B 1066 -31.73 52.69 27.16
C ASN B 1066 -31.68 53.79 28.22
N PHE B 1067 -30.51 54.42 28.33
CA PHE B 1067 -30.30 55.46 29.33
C PHE B 1067 -29.30 56.47 28.77
N THR B 1068 -29.09 57.54 29.53
CA THR B 1068 -28.09 58.55 29.23
C THR B 1068 -26.95 58.42 30.22
N THR B 1069 -25.72 58.38 29.71
CA THR B 1069 -24.55 58.11 30.52
C THR B 1069 -23.48 59.15 30.26
N ALA B 1070 -22.65 59.38 31.28
CA ALA B 1070 -21.54 60.32 31.19
C ALA B 1070 -20.27 59.66 31.73
N PRO B 1071 -19.13 59.88 31.07
CA PRO B 1071 -17.88 59.28 31.57
C PRO B 1071 -17.49 59.75 32.95
N ALA B 1072 -17.78 61.01 33.29
CA ALA B 1072 -17.38 61.55 34.58
C ALA B 1072 -18.39 62.60 35.03
N ILE B 1073 -18.38 62.89 36.32
CA ILE B 1073 -19.24 63.90 36.93
C ILE B 1073 -18.37 64.99 37.51
N CYS B 1074 -18.63 66.23 37.11
CA CYS B 1074 -17.84 67.35 37.61
C CYS B 1074 -18.33 67.80 38.97
N HIS B 1075 -17.43 68.46 39.70
CA HIS B 1075 -17.72 69.03 41.01
C HIS B 1075 -16.87 70.28 41.17
N ASP B 1076 -16.72 70.74 42.41
CA ASP B 1076 -15.94 71.95 42.67
C ASP B 1076 -14.46 71.64 42.45
N GLY B 1077 -14.04 71.74 41.20
CA GLY B 1077 -12.66 71.52 40.83
C GLY B 1077 -12.15 70.11 41.00
N LYS B 1078 -12.93 69.10 40.61
CA LYS B 1078 -12.49 67.72 40.67
C LYS B 1078 -13.40 66.87 39.79
N ALA B 1079 -12.81 65.82 39.22
CA ALA B 1079 -13.52 64.87 38.38
C ALA B 1079 -13.80 63.58 39.14
N HIS B 1080 -14.94 62.97 38.86
CA HIS B 1080 -15.41 61.81 39.61
C HIS B 1080 -15.63 60.64 38.66
N PHE B 1081 -15.08 59.47 39.03
CA PHE B 1081 -15.27 58.24 38.29
C PHE B 1081 -15.70 57.14 39.25
N PRO B 1082 -16.62 56.27 38.84
CA PRO B 1082 -17.11 55.23 39.75
C PRO B 1082 -16.08 54.12 39.94
N ARG B 1083 -16.03 53.60 41.17
CA ARG B 1083 -15.15 52.47 41.45
C ARG B 1083 -15.57 51.24 40.65
N GLU B 1084 -16.85 50.88 40.71
CA GLU B 1084 -17.35 49.71 40.00
C GLU B 1084 -18.79 49.98 39.60
N GLY B 1085 -19.01 50.23 38.33
CA GLY B 1085 -20.32 50.54 37.80
C GLY B 1085 -20.22 51.61 36.74
N VAL B 1086 -21.37 52.09 36.30
CA VAL B 1086 -21.46 53.12 35.27
C VAL B 1086 -22.47 54.16 35.71
N PHE B 1087 -22.32 55.36 35.17
CA PHE B 1087 -23.18 56.49 35.51
C PHE B 1087 -24.41 56.48 34.60
N VAL B 1088 -25.58 56.62 35.20
CA VAL B 1088 -26.85 56.59 34.46
C VAL B 1088 -27.77 57.66 35.03
N SER B 1089 -28.46 58.37 34.15
CA SER B 1089 -29.36 59.46 34.53
C SER B 1089 -30.79 59.11 34.14
N ASN B 1090 -31.71 59.29 35.09
CA ASN B 1090 -33.14 59.11 34.82
C ASN B 1090 -33.79 60.40 34.37
N GLY B 1091 -33.16 61.08 33.41
CA GLY B 1091 -33.72 62.29 32.83
C GLY B 1091 -33.59 63.51 33.72
N THR B 1092 -33.64 63.33 35.02
CA THR B 1092 -33.61 64.44 35.97
C THR B 1092 -32.49 64.32 37.00
N HIS B 1093 -32.23 63.12 37.50
CA HIS B 1093 -31.19 62.87 38.49
C HIS B 1093 -30.09 62.01 37.88
N TRP B 1094 -28.99 61.89 38.61
CA TRP B 1094 -27.85 61.09 38.17
C TRP B 1094 -27.55 60.03 39.21
N PHE B 1095 -27.45 58.78 38.77
CA PHE B 1095 -27.21 57.64 39.64
C PHE B 1095 -26.00 56.86 39.13
N VAL B 1096 -25.51 55.96 39.98
CA VAL B 1096 -24.49 54.99 39.61
C VAL B 1096 -25.10 53.60 39.74
N THR B 1097 -24.84 52.75 38.76
CA THR B 1097 -25.40 51.41 38.74
C THR B 1097 -24.37 50.41 38.25
N GLN B 1098 -24.55 49.16 38.63
CA GLN B 1098 -23.64 48.10 38.19
C GLN B 1098 -23.88 47.78 36.72
N ARG B 1099 -23.00 46.95 36.17
CA ARG B 1099 -22.96 46.74 34.72
C ARG B 1099 -24.12 45.90 34.22
N ASN B 1100 -24.25 44.67 34.72
CA ASN B 1100 -25.12 43.67 34.12
C ASN B 1100 -26.49 43.57 34.80
N PHE B 1101 -26.83 44.53 35.65
CA PHE B 1101 -28.13 44.54 36.30
C PHE B 1101 -28.46 45.98 36.69
N TYR B 1102 -29.67 46.42 36.34
CA TYR B 1102 -30.06 47.79 36.61
C TYR B 1102 -30.41 47.95 38.09
N GLU B 1103 -29.54 48.60 38.85
CA GLU B 1103 -29.76 48.90 40.25
C GLU B 1103 -29.18 50.27 40.57
N PRO B 1104 -29.92 51.33 40.30
CA PRO B 1104 -29.37 52.68 40.52
C PRO B 1104 -29.12 52.96 41.99
N GLN B 1105 -28.06 53.73 42.24
CA GLN B 1105 -27.69 54.16 43.58
C GLN B 1105 -27.36 55.65 43.56
N ILE B 1106 -27.57 56.28 44.72
CA ILE B 1106 -27.29 57.72 44.83
C ILE B 1106 -25.79 57.92 44.90
N ILE B 1107 -25.29 58.90 44.13
CA ILE B 1107 -23.85 59.12 44.02
C ILE B 1107 -23.33 59.70 45.33
N THR B 1108 -22.47 58.96 46.00
CA THR B 1108 -21.82 59.38 47.23
C THR B 1108 -20.30 59.28 47.07
N THR B 1109 -19.58 59.55 48.17
CA THR B 1109 -18.12 59.49 48.13
C THR B 1109 -17.63 58.06 47.98
N ASP B 1110 -18.36 57.09 48.51
CA ASP B 1110 -17.91 55.70 48.40
C ASP B 1110 -18.01 55.17 46.98
N ASN B 1111 -18.96 55.69 46.20
CA ASN B 1111 -19.14 55.20 44.83
C ASN B 1111 -18.03 55.70 43.90
N THR B 1112 -17.68 56.98 44.01
CA THR B 1112 -16.80 57.62 43.05
C THR B 1112 -15.49 58.04 43.71
N PHE B 1113 -14.42 58.07 42.91
CA PHE B 1113 -13.11 58.53 43.37
C PHE B 1113 -12.67 59.71 42.54
N VAL B 1114 -11.96 60.64 43.19
CA VAL B 1114 -11.58 61.91 42.59
C VAL B 1114 -10.23 61.77 41.91
N SER B 1115 -10.14 62.21 40.66
CA SER B 1115 -8.88 62.21 39.92
C SER B 1115 -8.89 63.37 38.94
N GLY B 1116 -7.93 64.28 39.07
CA GLY B 1116 -7.79 65.36 38.12
C GLY B 1116 -8.83 66.46 38.29
N ASN B 1117 -9.03 67.20 37.20
CA ASN B 1117 -9.95 68.32 37.14
C ASN B 1117 -10.96 68.09 36.03
N CYS B 1118 -11.89 69.03 35.88
CA CYS B 1118 -13.03 68.84 34.98
C CYS B 1118 -12.73 69.23 33.53
N ASP B 1119 -11.58 69.84 33.25
CA ASP B 1119 -11.33 70.31 31.89
C ASP B 1119 -10.73 69.22 31.00
N VAL B 1120 -9.93 68.32 31.56
CA VAL B 1120 -9.25 67.33 30.74
C VAL B 1120 -10.24 66.29 30.19
N VAL B 1121 -11.16 65.83 31.03
CA VAL B 1121 -12.07 64.75 30.63
C VAL B 1121 -13.09 65.29 29.62
N ILE B 1122 -13.40 64.48 28.62
CA ILE B 1122 -14.34 64.84 27.56
C ILE B 1122 -15.68 64.20 27.85
N GLY B 1123 -16.74 64.99 27.79
CA GLY B 1123 -18.07 64.52 28.12
C GLY B 1123 -18.45 64.59 29.58
N ILE B 1124 -17.61 65.19 30.41
CA ILE B 1124 -17.89 65.29 31.84
C ILE B 1124 -19.04 66.26 32.06
N VAL B 1125 -20.05 65.81 32.80
CA VAL B 1125 -21.26 66.59 33.03
C VAL B 1125 -21.26 67.12 34.46
N ASN B 1126 -22.18 68.04 34.73
CA ASN B 1126 -22.28 68.71 36.02
C ASN B 1126 -23.44 68.11 36.81
N ASN B 1127 -23.16 67.68 38.04
CA ASN B 1127 -24.20 67.24 38.96
C ASN B 1127 -23.60 67.22 40.36
N THR B 1128 -24.47 67.18 41.37
CA THR B 1128 -24.05 67.25 42.76
C THR B 1128 -23.73 65.87 43.32
N VAL B 1129 -22.78 65.83 44.24
CA VAL B 1129 -22.30 64.59 44.84
C VAL B 1129 -22.47 64.74 46.35
N TYR B 1130 -23.59 64.27 46.88
CA TYR B 1130 -23.80 64.28 48.31
C TYR B 1130 -22.86 63.29 48.99
N ASP B 1131 -22.40 63.65 50.19
CA ASP B 1131 -21.49 62.79 50.94
C ASP B 1131 -22.25 61.72 51.70
N GLN C 15 45.40 3.86 -55.61
CA GLN C 15 46.72 3.26 -55.58
C GLN C 15 47.23 3.13 -54.14
N CYS C 16 48.13 2.17 -53.93
CA CYS C 16 48.67 1.91 -52.60
C CYS C 16 50.00 2.65 -52.49
N VAL C 17 49.94 3.91 -52.06
CA VAL C 17 51.10 4.80 -52.04
C VAL C 17 51.22 5.44 -50.67
N ASN C 18 52.40 5.34 -50.06
CA ASN C 18 52.66 6.01 -48.80
C ASN C 18 52.87 7.50 -49.02
N LEU C 19 52.60 8.27 -47.97
CA LEU C 19 52.80 9.71 -47.99
C LEU C 19 54.10 10.08 -47.31
N THR C 20 54.77 11.11 -47.84
CA THR C 20 56.06 11.55 -47.34
C THR C 20 56.02 13.03 -47.01
N GLY C 21 56.74 13.40 -45.95
CA GLY C 21 56.81 14.79 -45.53
C GLY C 21 55.90 15.19 -44.40
N ARG C 22 55.30 14.23 -43.68
CA ARG C 22 54.44 14.55 -42.56
C ARG C 22 55.25 14.64 -41.26
N ALA C 23 54.89 15.58 -40.40
CA ALA C 23 55.65 15.89 -39.20
C ALA C 23 55.12 15.12 -37.98
N THR C 24 55.02 13.79 -38.15
CA THR C 24 54.68 12.87 -37.06
C THR C 24 53.27 13.15 -36.52
N ILE C 25 52.73 12.25 -35.71
CA ILE C 25 51.41 12.41 -35.11
C ILE C 25 51.60 12.78 -33.64
N GLN C 26 51.12 13.97 -33.27
CA GLN C 26 51.23 14.45 -31.89
C GLN C 26 49.98 15.26 -31.58
N PRO C 27 48.96 14.63 -30.99
CA PRO C 27 47.71 15.35 -30.72
C PRO C 27 47.79 16.25 -29.50
N SER C 28 47.02 17.33 -29.55
CA SER C 28 46.78 18.17 -28.38
C SER C 28 45.44 17.78 -27.76
N PHE C 29 45.16 18.35 -26.58
CA PHE C 29 43.98 18.00 -25.82
C PHE C 29 43.19 19.23 -25.44
N THR C 30 41.88 19.05 -25.29
CA THR C 30 40.96 20.11 -24.90
C THR C 30 39.81 19.48 -24.11
N ASN C 31 38.74 20.23 -23.94
CA ASN C 31 37.60 19.79 -23.15
C ASN C 31 36.30 20.27 -23.79
N SER C 32 35.30 19.40 -23.79
CA SER C 32 33.99 19.66 -24.40
C SER C 32 33.00 20.04 -23.32
N SER C 33 32.54 21.29 -23.34
CA SER C 33 31.71 21.80 -22.26
C SER C 33 30.40 21.04 -22.14
N HIS C 34 29.54 21.13 -23.16
CA HIS C 34 28.20 20.57 -23.05
C HIS C 34 27.76 19.87 -24.33
N ARG C 35 28.66 19.60 -25.27
CA ARG C 35 28.29 18.98 -26.53
C ARG C 35 28.15 17.47 -26.37
N GLY C 36 27.56 16.85 -27.39
CA GLY C 36 27.49 15.40 -27.46
C GLY C 36 26.22 14.76 -26.93
N VAL C 37 25.17 15.54 -26.67
CA VAL C 37 23.92 14.97 -26.20
C VAL C 37 23.13 14.46 -27.39
N TYR C 38 22.69 13.20 -27.32
CA TYR C 38 21.88 12.62 -28.39
C TYR C 38 20.64 11.97 -27.79
N TYR C 39 19.90 11.23 -28.60
CA TYR C 39 18.63 10.67 -28.15
C TYR C 39 18.80 9.21 -27.77
N PRO C 40 18.72 8.84 -26.50
CA PRO C 40 18.68 7.43 -26.14
C PRO C 40 17.36 6.81 -26.57
N ASP C 41 17.41 5.49 -26.81
CA ASP C 41 16.27 4.69 -27.26
C ASP C 41 15.57 5.32 -28.45
N THR C 42 14.30 4.95 -28.68
CA THR C 42 13.54 5.49 -29.79
C THR C 42 12.11 5.86 -29.41
N ILE C 43 11.73 5.77 -28.13
CA ILE C 43 10.38 6.12 -27.72
C ILE C 43 10.16 7.61 -27.90
N PHE C 44 8.99 7.98 -28.43
CA PHE C 44 8.65 9.38 -28.58
C PHE C 44 8.30 9.99 -27.22
N ARG C 45 8.86 11.16 -26.95
CA ARG C 45 8.57 11.90 -25.74
C ARG C 45 8.47 13.38 -26.06
N SER C 46 7.60 14.07 -25.33
CA SER C 46 7.37 15.50 -25.57
C SER C 46 6.90 16.16 -24.28
N ASN C 47 7.50 17.30 -23.97
CA ASN C 47 7.09 18.13 -22.83
C ASN C 47 7.18 17.37 -21.51
N SER C 48 8.36 16.80 -21.25
CA SER C 48 8.55 16.03 -20.04
C SER C 48 10.02 16.05 -19.65
N LEU C 49 10.29 15.74 -18.38
CA LEU C 49 11.63 15.61 -17.84
C LEU C 49 11.83 14.16 -17.43
N VAL C 50 12.86 13.52 -17.99
CA VAL C 50 13.12 12.11 -17.72
C VAL C 50 14.58 11.92 -17.34
N LEU C 51 14.83 10.87 -16.57
CA LEU C 51 16.18 10.42 -16.24
C LEU C 51 16.47 9.16 -17.03
N SER C 52 17.58 9.16 -17.75
CA SER C 52 17.92 8.05 -18.63
C SER C 52 19.35 7.59 -18.36
N GLN C 53 19.55 6.28 -18.40
CA GLN C 53 20.87 5.67 -18.24
C GLN C 53 21.35 5.20 -19.61
N GLY C 54 22.49 5.71 -20.03
CA GLY C 54 23.03 5.35 -21.34
C GLY C 54 24.47 5.77 -21.44
N TYR C 55 25.04 5.52 -22.62
CA TYR C 55 26.44 5.83 -22.90
C TYR C 55 26.51 7.22 -23.49
N PHE C 56 26.75 8.21 -22.63
CA PHE C 56 26.86 9.60 -23.02
C PHE C 56 28.30 10.07 -22.93
N LEU C 57 28.56 11.21 -23.57
CA LEU C 57 29.85 11.88 -23.43
C LEU C 57 29.79 12.79 -22.22
N PRO C 58 30.54 12.51 -21.14
CA PRO C 58 30.43 13.33 -19.93
C PRO C 58 30.90 14.75 -20.17
N PHE C 59 30.28 15.69 -19.45
CA PHE C 59 30.60 17.10 -19.61
C PHE C 59 32.03 17.39 -19.16
N TYR C 60 32.70 18.27 -19.89
CA TYR C 60 34.08 18.67 -19.61
C TYR C 60 35.04 17.48 -19.60
N SER C 61 34.86 16.59 -20.57
CA SER C 61 35.75 15.44 -20.71
C SER C 61 36.86 15.75 -21.70
N ASN C 62 38.02 15.13 -21.48
CA ASN C 62 39.18 15.39 -22.33
C ASN C 62 38.91 14.94 -23.76
N ILE C 63 39.27 15.79 -24.71
CA ILE C 63 38.97 15.59 -26.13
C ILE C 63 40.28 15.63 -26.90
N SER C 64 40.58 14.55 -27.62
CA SER C 64 41.76 14.50 -28.45
C SER C 64 41.60 15.42 -29.65
N TRP C 65 42.68 16.13 -29.99
CA TRP C 65 42.65 17.14 -31.04
C TRP C 65 43.73 16.83 -32.07
N TYR C 66 43.32 16.80 -33.35
CA TYR C 66 44.22 16.51 -34.45
C TYR C 66 44.16 17.63 -35.48
N TYR C 67 45.26 17.84 -36.19
CA TYR C 67 45.40 18.93 -37.13
C TYR C 67 45.60 18.41 -38.55
N ALA C 68 45.34 19.29 -39.51
CA ALA C 68 45.61 19.00 -40.92
C ALA C 68 45.87 20.34 -41.61
N LEU C 69 47.15 20.69 -41.79
CA LEU C 69 47.51 21.96 -42.37
C LEU C 69 48.93 21.87 -42.92
N THR C 70 49.26 22.81 -43.80
CA THR C 70 50.61 22.95 -44.31
C THR C 70 51.06 24.40 -44.15
N LYS C 71 52.33 24.58 -43.80
CA LYS C 71 52.87 25.90 -43.54
C LYS C 71 54.14 26.15 -44.35
N ALA C 75 57.25 24.89 -45.15
CA ALA C 75 56.40 24.08 -46.03
C ALA C 75 56.24 22.66 -45.49
N GLU C 76 56.24 22.54 -44.16
CA GLU C 76 56.12 21.23 -43.52
C GLU C 76 54.66 20.80 -43.52
N LYS C 77 54.40 19.60 -44.03
CA LYS C 77 53.05 19.06 -44.08
C LYS C 77 52.64 18.50 -42.72
N ARG C 78 51.32 18.41 -42.53
CA ARG C 78 50.77 17.86 -41.28
C ARG C 78 49.47 17.15 -41.63
N VAL C 79 49.50 15.82 -41.63
CA VAL C 79 48.31 15.00 -41.88
C VAL C 79 48.19 14.02 -40.72
N ASP C 80 47.08 14.11 -39.99
CA ASP C 80 46.84 13.29 -38.80
C ASP C 80 45.74 12.28 -39.11
N ASN C 81 46.14 11.04 -39.40
CA ASN C 81 45.21 9.94 -39.60
C ASN C 81 45.69 8.70 -38.84
N PRO C 82 45.67 8.75 -37.51
CA PRO C 82 46.08 7.59 -36.72
C PRO C 82 44.92 6.62 -36.52
N ILE C 83 45.25 5.47 -35.94
CA ILE C 83 44.27 4.43 -35.64
C ILE C 83 43.89 4.56 -34.17
N LEU C 84 42.61 4.77 -33.90
CA LEU C 84 42.11 4.99 -32.56
C LEU C 84 41.15 3.87 -32.16
N ASP C 85 40.98 3.69 -30.86
CA ASP C 85 40.10 2.65 -30.37
C ASP C 85 38.64 3.08 -30.42
N PHE C 86 37.75 2.11 -30.55
CA PHE C 86 36.31 2.34 -30.64
C PHE C 86 35.65 1.52 -29.52
N LYS C 87 35.52 2.13 -28.35
CA LYS C 87 34.99 1.45 -27.18
C LYS C 87 33.71 2.14 -26.73
N ASP C 88 32.58 1.43 -26.84
CA ASP C 88 31.27 1.92 -26.45
C ASP C 88 30.83 3.16 -27.22
N GLY C 89 31.41 3.39 -28.39
CA GLY C 89 31.05 4.53 -29.20
C GLY C 89 31.93 5.74 -28.94
N ILE C 90 31.94 6.64 -29.91
CA ILE C 90 32.77 7.84 -29.85
C ILE C 90 31.94 9.06 -30.22
N TYR C 91 32.48 10.22 -29.87
CA TYR C 91 31.97 11.51 -30.33
C TYR C 91 32.99 12.11 -31.30
N PHE C 92 32.52 12.52 -32.46
CA PHE C 92 33.38 13.06 -33.51
C PHE C 92 32.87 14.44 -33.91
N ALA C 93 33.74 15.44 -33.80
CA ALA C 93 33.44 16.80 -34.22
C ALA C 93 34.57 17.32 -35.08
N ALA C 94 34.23 18.21 -36.03
CA ALA C 94 35.23 18.71 -36.96
C ALA C 94 34.88 20.14 -37.36
N THR C 95 35.60 21.10 -36.79
CA THR C 95 35.60 22.45 -37.35
C THR C 95 36.40 22.42 -38.65
N GLU C 96 35.87 23.05 -39.70
CA GLU C 96 36.43 22.81 -41.02
C GLU C 96 36.18 24.01 -41.93
N LYS C 97 37.07 24.15 -42.91
CA LYS C 97 36.89 25.04 -44.05
C LYS C 97 37.45 24.34 -45.27
N SER C 98 36.68 24.38 -46.36
CA SER C 98 36.98 23.74 -47.65
C SER C 98 36.88 22.22 -47.60
N ASN C 99 36.34 21.65 -46.53
CA ASN C 99 35.90 20.25 -46.48
C ASN C 99 37.06 19.28 -46.77
N ILE C 100 38.03 19.26 -45.86
CA ILE C 100 39.13 18.32 -45.98
C ILE C 100 38.71 16.93 -45.50
N VAL C 101 37.97 16.86 -44.39
CA VAL C 101 37.52 15.58 -43.84
C VAL C 101 36.34 15.08 -44.65
N ARG C 102 36.42 13.82 -45.09
CA ARG C 102 35.43 13.28 -46.01
C ARG C 102 34.90 11.89 -45.65
N GLY C 103 35.44 11.21 -44.65
CA GLY C 103 34.93 9.90 -44.33
C GLY C 103 35.72 9.23 -43.22
N TRP C 104 35.28 8.03 -42.87
CA TRP C 104 35.87 7.25 -41.78
C TRP C 104 36.00 5.80 -42.22
N ILE C 105 36.85 5.07 -41.49
CA ILE C 105 37.00 3.62 -41.65
C ILE C 105 36.72 2.98 -40.30
N PHE C 106 35.82 2.00 -40.28
CA PHE C 106 35.47 1.26 -39.08
C PHE C 106 35.74 -0.22 -39.28
N GLY C 107 36.22 -0.89 -38.23
CA GLY C 107 36.50 -2.30 -38.33
C GLY C 107 37.17 -2.81 -37.07
N THR C 108 37.70 -4.02 -37.17
CA THR C 108 38.41 -4.67 -36.07
C THR C 108 39.84 -5.05 -36.41
N THR C 109 40.11 -5.48 -37.64
CA THR C 109 41.46 -5.78 -38.09
C THR C 109 41.90 -4.95 -39.28
N LEU C 110 40.98 -4.28 -39.97
CA LEU C 110 41.29 -3.36 -41.06
C LEU C 110 42.13 -4.03 -42.15
N ASP C 111 41.79 -5.27 -42.47
CA ASP C 111 42.44 -6.00 -43.56
C ASP C 111 41.47 -7.06 -44.08
N ASN C 112 41.96 -7.94 -44.95
CA ASN C 112 41.11 -8.91 -45.62
C ASN C 112 40.56 -10.00 -44.70
N THR C 113 41.09 -10.13 -43.48
CA THR C 113 40.66 -11.22 -42.60
C THR C 113 39.22 -11.04 -42.17
N SER C 114 38.81 -9.82 -41.84
CA SER C 114 37.49 -9.57 -41.28
C SER C 114 36.80 -8.44 -42.03
N GLN C 115 35.48 -8.41 -41.93
CA GLN C 115 34.69 -7.37 -42.57
C GLN C 115 34.94 -6.02 -41.92
N SER C 116 34.80 -4.96 -42.72
CA SER C 116 34.98 -3.60 -42.26
C SER C 116 33.90 -2.71 -42.85
N LEU C 117 33.66 -1.59 -42.18
CA LEU C 117 32.69 -0.60 -42.63
C LEU C 117 33.43 0.61 -43.18
N LEU C 118 33.03 1.04 -44.38
CA LEU C 118 33.65 2.18 -45.04
C LEU C 118 32.59 3.23 -45.33
N ILE C 119 32.80 4.43 -44.81
CA ILE C 119 31.92 5.57 -45.07
C ILE C 119 32.73 6.60 -45.84
N VAL C 120 32.38 6.81 -47.10
CA VAL C 120 33.09 7.74 -47.96
C VAL C 120 32.05 8.60 -48.68
N ASN C 121 32.26 9.91 -48.65
CA ASN C 121 31.38 10.85 -49.34
C ASN C 121 32.20 11.54 -50.42
N ASN C 122 31.87 11.28 -51.68
CA ASN C 122 32.55 11.90 -52.81
C ASN C 122 31.81 13.18 -53.19
N ALA C 123 32.12 13.72 -54.38
CA ALA C 123 31.67 15.06 -54.74
C ALA C 123 30.15 15.21 -54.78
N THR C 124 29.40 14.11 -54.88
CA THR C 124 27.95 14.21 -55.01
C THR C 124 27.14 13.33 -54.07
N ASN C 125 27.70 12.23 -53.55
CA ASN C 125 26.92 11.32 -52.74
C ASN C 125 27.79 10.73 -51.64
N VAL C 126 27.13 10.25 -50.58
CA VAL C 126 27.78 9.50 -49.52
C VAL C 126 27.60 8.02 -49.79
N ILE C 127 28.70 7.27 -49.73
CA ILE C 127 28.70 5.84 -50.05
C ILE C 127 29.07 5.08 -48.78
N ILE C 128 28.18 4.20 -48.35
CA ILE C 128 28.38 3.35 -47.19
C ILE C 128 28.28 1.90 -47.64
N LYS C 129 29.27 1.09 -47.30
CA LYS C 129 29.23 -0.32 -47.64
C LYS C 129 30.01 -1.12 -46.60
N VAL C 130 29.34 -2.08 -45.97
CA VAL C 130 30.02 -3.07 -45.13
C VAL C 130 30.58 -4.13 -46.06
N CYS C 131 31.90 -4.32 -46.02
CA CYS C 131 32.55 -5.15 -47.01
C CYS C 131 33.83 -5.71 -46.39
N ASN C 132 34.57 -6.49 -47.17
CA ASN C 132 35.81 -7.09 -46.71
C ASN C 132 36.96 -6.46 -47.48
N PHE C 133 37.40 -5.30 -47.01
CA PHE C 133 38.40 -4.51 -47.71
C PHE C 133 39.82 -4.95 -47.33
N GLN C 134 40.77 -4.57 -48.18
CA GLN C 134 42.20 -4.66 -47.87
C GLN C 134 42.73 -3.23 -47.89
N PHE C 135 42.77 -2.61 -46.72
CA PHE C 135 43.21 -1.23 -46.61
C PHE C 135 44.72 -1.15 -46.70
N CYS C 136 45.21 -0.02 -47.22
CA CYS C 136 46.64 0.22 -47.34
C CYS C 136 47.17 0.88 -46.07
N TYR C 137 48.50 1.03 -46.02
CA TYR C 137 49.14 1.57 -44.82
C TYR C 137 48.73 3.01 -44.56
N ASP C 138 48.59 3.81 -45.61
CA ASP C 138 48.28 5.24 -45.49
C ASP C 138 47.07 5.55 -46.37
N PRO C 139 45.86 5.28 -45.87
CA PRO C 139 44.66 5.60 -46.65
C PRO C 139 44.37 7.09 -46.65
N TYR C 140 44.01 7.61 -47.82
CA TYR C 140 43.63 9.02 -47.97
C TYR C 140 42.99 9.20 -49.33
N LEU C 141 42.25 10.29 -49.47
CA LEU C 141 41.68 10.71 -50.74
C LEU C 141 42.46 11.90 -51.28
N SER C 142 42.24 12.21 -52.56
CA SER C 142 42.95 13.29 -53.21
C SER C 142 42.04 13.97 -54.22
N GLY C 143 42.40 15.19 -54.59
CA GLY C 143 41.64 15.96 -55.57
C GLY C 143 42.46 17.03 -56.24
N TYR C 144 42.40 17.08 -57.57
CA TYR C 144 43.15 18.06 -58.33
C TYR C 144 42.35 19.34 -58.53
N SER C 152 38.76 19.59 -60.47
CA SER C 152 39.24 18.25 -60.79
C SER C 152 39.39 17.42 -59.52
N THR C 153 39.40 16.09 -59.67
CA THR C 153 39.50 15.21 -58.53
C THR C 153 40.14 13.89 -58.95
N ARG C 154 40.80 13.24 -58.00
CA ARG C 154 41.42 11.93 -58.22
C ARG C 154 41.46 11.21 -56.88
N GLU C 155 40.48 10.34 -56.63
CA GLU C 155 40.27 9.81 -55.30
C GLU C 155 40.27 8.28 -55.25
N PHE C 156 39.85 7.74 -54.10
CA PHE C 156 39.74 6.29 -53.87
C PHE C 156 41.11 5.62 -53.90
N ALA C 157 42.05 6.17 -53.12
CA ALA C 157 43.38 5.61 -52.94
C ALA C 157 43.53 4.98 -51.56
N VAL C 158 42.45 4.46 -51.00
CA VAL C 158 42.48 3.94 -49.63
C VAL C 158 42.48 2.41 -49.57
N TYR C 159 41.94 1.72 -50.58
CA TYR C 159 41.91 0.27 -50.59
C TYR C 159 42.37 -0.24 -51.95
N SER C 160 42.51 -1.56 -52.04
CA SER C 160 42.88 -2.23 -53.29
C SER C 160 41.75 -3.09 -53.83
N SER C 161 41.10 -3.88 -52.98
CA SER C 161 40.00 -4.74 -53.41
C SER C 161 39.13 -5.05 -52.20
N TYR C 162 37.91 -5.51 -52.47
CA TYR C 162 37.00 -5.84 -51.38
C TYR C 162 36.40 -7.24 -51.53
N ALA C 163 36.28 -7.74 -52.76
CA ALA C 163 35.86 -9.13 -53.03
C ALA C 163 34.49 -9.34 -52.40
N ASN C 164 34.31 -10.35 -51.54
CA ASN C 164 33.02 -10.67 -50.96
C ASN C 164 32.45 -9.47 -50.22
N CYS C 165 31.18 -9.18 -50.46
CA CYS C 165 30.60 -7.95 -49.94
C CYS C 165 29.19 -8.24 -49.45
N THR C 166 28.74 -7.44 -48.48
CA THR C 166 27.46 -7.68 -47.83
C THR C 166 26.48 -6.53 -47.97
N PHE C 167 26.91 -5.30 -47.67
CA PHE C 167 26.00 -4.18 -47.53
C PHE C 167 26.39 -3.04 -48.48
N GLU C 168 25.40 -2.24 -48.84
CA GLU C 168 25.62 -1.06 -49.67
C GLU C 168 24.51 -0.05 -49.38
N TYR C 169 24.86 1.23 -49.40
CA TYR C 169 23.91 2.28 -49.06
C TYR C 169 24.42 3.61 -49.61
N VAL C 170 23.57 4.30 -50.34
CA VAL C 170 23.90 5.59 -50.94
C VAL C 170 22.77 6.56 -50.63
N SER C 171 23.11 7.75 -50.15
CA SER C 171 22.12 8.75 -49.77
C SER C 171 22.69 10.14 -50.02
N LYS C 172 22.01 11.15 -49.48
CA LYS C 172 22.44 12.52 -49.67
C LYS C 172 23.76 12.78 -48.92
N PRO C 173 24.63 13.61 -49.49
CA PRO C 173 25.93 13.86 -48.86
C PRO C 173 25.82 14.74 -47.63
N PHE C 174 26.91 14.76 -46.86
CA PHE C 174 27.06 15.67 -45.73
C PHE C 174 28.10 16.74 -45.97
N MET C 175 29.15 16.44 -46.71
CA MET C 175 30.28 17.34 -46.88
C MET C 175 30.13 18.10 -48.21
N LEU C 176 30.95 19.13 -48.38
CA LEU C 176 30.91 19.97 -49.56
C LEU C 176 32.16 19.76 -50.42
N ASP C 177 32.29 20.57 -51.46
CA ASP C 177 33.38 20.40 -52.42
C ASP C 177 34.72 20.70 -51.78
N ILE C 178 35.74 19.91 -52.14
CA ILE C 178 37.05 20.02 -51.55
C ILE C 178 37.77 21.31 -51.93
N SER C 179 37.31 22.01 -52.95
CA SER C 179 37.97 23.23 -53.38
C SER C 179 37.57 24.40 -52.50
N GLY C 180 38.42 25.43 -52.49
CA GLY C 180 38.13 26.64 -51.73
C GLY C 180 39.28 27.09 -50.85
N LYS C 181 39.24 28.35 -50.42
CA LYS C 181 40.25 28.90 -49.52
C LYS C 181 39.67 30.11 -48.81
N SER C 182 39.94 30.21 -47.51
CA SER C 182 39.46 31.31 -46.69
C SER C 182 40.48 31.56 -45.58
N GLY C 183 40.06 32.30 -44.56
CA GLY C 183 40.94 32.62 -43.46
C GLY C 183 40.47 32.10 -42.11
N LEU C 184 39.18 31.79 -42.01
CA LEU C 184 38.60 31.28 -40.77
C LEU C 184 37.66 30.12 -41.08
N PHE C 185 37.44 29.28 -40.07
CA PHE C 185 36.51 28.17 -40.22
C PHE C 185 35.08 28.69 -40.33
N ASP C 186 34.24 27.90 -41.00
CA ASP C 186 32.87 28.32 -41.28
C ASP C 186 31.81 27.38 -40.70
N THR C 187 32.04 26.08 -40.71
CA THR C 187 31.03 25.13 -40.27
C THR C 187 31.60 24.19 -39.22
N LEU C 188 30.72 23.75 -38.32
CA LEU C 188 31.04 22.73 -37.32
C LEU C 188 30.11 21.55 -37.52
N ARG C 189 30.68 20.36 -37.65
CA ARG C 189 29.92 19.14 -37.88
C ARG C 189 30.22 18.16 -36.76
N GLU C 190 29.17 17.67 -36.11
CA GLU C 190 29.30 16.78 -34.97
C GLU C 190 28.62 15.45 -35.29
N PHE C 191 29.28 14.35 -34.92
CA PHE C 191 28.76 13.01 -35.14
C PHE C 191 28.91 12.17 -33.89
N VAL C 192 27.94 11.28 -33.68
CA VAL C 192 28.00 10.27 -32.63
C VAL C 192 27.79 8.91 -33.28
N PHE C 193 28.71 7.99 -33.05
CA PHE C 193 28.66 6.65 -33.62
C PHE C 193 28.47 5.63 -32.51
N ARG C 194 27.54 4.71 -32.71
CA ARG C 194 27.28 3.64 -31.75
C ARG C 194 27.09 2.33 -32.50
N ASN C 195 27.21 1.22 -31.76
CA ASN C 195 27.12 -0.12 -32.34
C ASN C 195 26.46 -1.01 -31.30
N VAL C 196 25.14 -1.19 -31.41
CA VAL C 196 24.37 -2.00 -30.48
C VAL C 196 23.39 -2.86 -31.27
N ASP C 197 23.27 -4.13 -30.88
CA ASP C 197 22.32 -5.07 -31.47
C ASP C 197 22.49 -5.16 -32.99
N GLY C 198 23.73 -5.17 -33.45
CA GLY C 198 24.00 -5.24 -34.88
C GLY C 198 23.48 -4.06 -35.67
N TYR C 199 23.42 -2.87 -35.06
CA TYR C 199 22.98 -1.66 -35.73
C TYR C 199 24.03 -0.59 -35.55
N PHE C 200 24.42 0.05 -36.64
CA PHE C 200 25.36 1.18 -36.63
C PHE C 200 24.54 2.46 -36.67
N LYS C 201 24.42 3.13 -35.52
CA LYS C 201 23.63 4.34 -35.42
C LYS C 201 24.51 5.57 -35.57
N ILE C 202 23.98 6.57 -36.28
CA ILE C 202 24.69 7.82 -36.53
C ILE C 202 23.77 8.98 -36.15
N TYR C 203 24.29 9.92 -35.37
CA TYR C 203 23.58 11.13 -35.00
C TYR C 203 24.44 12.32 -35.41
N SER C 204 23.79 13.38 -35.91
CA SER C 204 24.54 14.48 -36.48
C SER C 204 23.83 15.80 -36.23
N LYS C 205 24.60 16.88 -36.31
CA LYS C 205 24.09 18.24 -36.26
C LYS C 205 25.08 19.14 -36.98
N TYR C 206 24.56 20.04 -37.81
CA TYR C 206 25.39 20.94 -38.62
C TYR C 206 25.06 22.37 -38.22
N SER C 207 26.08 23.13 -37.82
CA SER C 207 25.90 24.49 -37.38
C SER C 207 26.99 25.38 -37.96
N PRO C 208 26.69 26.65 -38.23
CA PRO C 208 27.72 27.58 -38.71
C PRO C 208 28.45 28.29 -37.57
N VAL C 209 29.78 28.28 -37.61
CA VAL C 209 30.59 28.93 -36.59
C VAL C 209 31.62 29.82 -37.26
N ASN C 210 32.15 30.76 -36.49
CA ASN C 210 33.20 31.67 -36.95
C ASN C 210 34.43 31.63 -36.06
N VAL C 211 34.62 30.52 -35.33
CA VAL C 211 35.78 30.40 -34.44
C VAL C 211 37.06 30.32 -35.26
N ASN C 212 38.18 30.62 -34.60
CA ASN C 212 39.48 30.63 -35.26
C ASN C 212 40.24 29.32 -35.08
N SER C 213 40.60 28.97 -33.84
CA SER C 213 41.47 27.82 -33.62
C SER C 213 41.06 27.04 -32.36
N ASN C 214 39.76 26.79 -32.17
CA ASN C 214 39.37 25.96 -31.05
C ASN C 214 37.94 25.44 -31.25
N LEU C 215 37.62 24.41 -30.47
CA LEU C 215 36.25 23.90 -30.44
C LEU C 215 35.33 24.88 -29.74
N PRO C 216 34.14 25.16 -30.26
CA PRO C 216 33.24 26.12 -29.62
C PRO C 216 32.75 25.61 -28.28
N THR C 217 32.33 26.55 -27.43
CA THR C 217 31.80 26.25 -26.11
C THR C 217 30.29 26.44 -26.12
N GLY C 218 29.56 25.39 -25.76
CA GLY C 218 28.12 25.49 -25.73
C GLY C 218 27.48 24.11 -25.67
N PHE C 219 26.16 24.10 -25.82
CA PHE C 219 25.34 22.90 -25.73
C PHE C 219 24.82 22.53 -27.11
N SER C 220 24.88 21.24 -27.45
CA SER C 220 24.43 20.75 -28.73
C SER C 220 23.67 19.44 -28.54
N ALA C 221 22.57 19.29 -29.26
CA ALA C 221 21.78 18.06 -29.29
C ALA C 221 21.79 17.50 -30.71
N LEU C 222 22.08 16.22 -30.84
CA LEU C 222 22.26 15.59 -32.14
C LEU C 222 21.05 14.72 -32.47
N GLU C 223 20.48 14.94 -33.67
CA GLU C 223 19.29 14.22 -34.11
C GLU C 223 19.67 12.96 -34.87
N PRO C 224 18.82 11.93 -34.84
CA PRO C 224 19.13 10.69 -35.56
C PRO C 224 19.24 10.92 -37.05
N LEU C 225 20.22 10.27 -37.67
CA LEU C 225 20.47 10.40 -39.11
C LEU C 225 20.28 9.11 -39.86
N VAL C 226 20.85 8.01 -39.38
CA VAL C 226 20.76 6.72 -40.07
C VAL C 226 20.84 5.61 -39.04
N GLU C 227 20.35 4.42 -39.42
CA GLU C 227 20.26 3.26 -38.56
C GLU C 227 20.75 2.01 -39.29
N LEU C 228 21.95 2.11 -39.87
CA LEU C 228 22.43 1.08 -40.79
C LEU C 228 22.55 -0.27 -40.07
N PRO C 229 21.90 -1.31 -40.56
CA PRO C 229 22.14 -2.67 -40.05
C PRO C 229 23.41 -3.25 -40.65
N ALA C 230 24.46 -3.33 -39.85
CA ALA C 230 25.76 -3.82 -40.31
C ALA C 230 26.08 -5.22 -39.80
N GLY C 231 25.92 -5.46 -38.50
CA GLY C 231 26.19 -6.75 -37.93
C GLY C 231 27.65 -7.18 -37.96
N ILE C 232 28.56 -6.26 -37.62
CA ILE C 232 29.99 -6.56 -37.59
C ILE C 232 30.56 -6.11 -36.26
N ASN C 233 31.72 -6.68 -35.93
CA ASN C 233 32.42 -6.39 -34.69
C ASN C 233 33.43 -5.27 -34.94
N ILE C 234 33.26 -4.16 -34.23
CA ILE C 234 34.04 -2.94 -34.46
C ILE C 234 34.80 -2.60 -33.19
N THR C 235 36.12 -2.47 -33.30
CA THR C 235 36.96 -2.14 -32.15
C THR C 235 37.86 -0.96 -32.45
N ARG C 236 38.25 -0.78 -33.72
CA ARG C 236 39.19 0.26 -34.12
C ARG C 236 38.62 1.07 -35.26
N PHE C 237 39.07 2.33 -35.37
CA PHE C 237 38.59 3.20 -36.43
C PHE C 237 39.68 4.22 -36.76
N ARG C 238 39.54 4.84 -37.94
CA ARG C 238 40.45 5.89 -38.36
C ARG C 238 39.73 6.81 -39.33
N THR C 239 40.32 7.99 -39.54
CA THR C 239 39.72 9.04 -40.35
C THR C 239 40.36 9.09 -41.73
N LEU C 240 39.56 9.45 -42.73
CA LEU C 240 40.02 9.63 -44.10
C LEU C 240 40.11 11.12 -44.39
N LEU C 241 41.26 11.55 -44.90
CA LEU C 241 41.52 12.96 -45.19
C LEU C 241 41.79 13.14 -46.68
N THR C 242 41.63 14.38 -47.14
CA THR C 242 41.80 14.72 -48.55
C THR C 242 43.02 15.62 -48.71
N ILE C 243 43.91 15.22 -49.62
CA ILE C 243 45.07 16.02 -49.97
C ILE C 243 44.86 16.62 -51.35
N HIS C 244 45.64 17.65 -51.66
CA HIS C 244 45.58 18.35 -52.93
C HIS C 244 46.79 17.97 -53.75
N ARG C 245 46.58 17.16 -54.79
CA ARG C 245 47.67 16.66 -55.61
C ARG C 245 47.15 16.15 -56.96
N GLY C 253 55.04 17.49 -53.49
CA GLY C 253 54.23 18.18 -54.48
C GLY C 253 52.75 18.18 -54.16
N TRP C 254 52.43 18.04 -52.87
CA TRP C 254 51.05 18.01 -52.43
C TRP C 254 50.90 18.92 -51.21
N THR C 255 49.70 19.46 -51.05
CA THR C 255 49.39 20.36 -49.95
C THR C 255 48.03 20.00 -49.37
N VAL C 256 47.82 20.39 -48.12
CA VAL C 256 46.58 20.12 -47.41
C VAL C 256 46.03 21.43 -46.86
N PHE C 257 44.75 21.69 -47.08
CA PHE C 257 44.12 22.87 -46.52
C PHE C 257 43.90 22.70 -45.03
N SER C 258 43.70 23.83 -44.34
CA SER C 258 43.62 23.82 -42.89
C SER C 258 42.32 23.17 -42.43
N ALA C 259 42.43 22.22 -41.51
CA ALA C 259 41.27 21.54 -40.94
C ALA C 259 41.68 20.88 -39.64
N ALA C 260 40.68 20.51 -38.85
CA ALA C 260 40.91 19.85 -37.57
C ALA C 260 39.69 19.03 -37.19
N TYR C 261 39.93 17.92 -36.51
CA TYR C 261 38.84 17.08 -36.01
C TYR C 261 39.13 16.68 -34.57
N TYR C 262 38.07 16.38 -33.83
CA TYR C 262 38.14 16.12 -32.40
C TYR C 262 37.47 14.79 -32.08
N VAL C 263 38.03 14.07 -31.11
CA VAL C 263 37.59 12.72 -30.78
C VAL C 263 37.26 12.65 -29.29
N GLY C 264 36.08 12.11 -28.97
CA GLY C 264 35.71 11.88 -27.59
C GLY C 264 35.17 10.46 -27.43
N TYR C 265 35.05 10.05 -26.17
CA TYR C 265 34.65 8.68 -25.84
C TYR C 265 33.44 8.70 -24.91
N LEU C 266 32.43 7.90 -25.24
CA LEU C 266 31.23 7.80 -24.43
C LEU C 266 31.47 6.90 -23.22
N ALA C 267 30.76 7.20 -22.14
CA ALA C 267 30.84 6.43 -20.91
C ALA C 267 29.44 6.28 -20.32
N PRO C 268 29.18 5.19 -19.60
CA PRO C 268 27.85 5.00 -19.00
C PRO C 268 27.57 5.97 -17.88
N ARG C 269 26.61 6.87 -18.09
CA ARG C 269 26.23 7.89 -17.12
C ARG C 269 24.71 7.93 -17.01
N THR C 270 24.23 8.75 -16.08
CA THR C 270 22.82 9.07 -15.96
C THR C 270 22.64 10.56 -16.24
N PHE C 271 21.75 10.88 -17.17
CA PHE C 271 21.49 12.25 -17.59
C PHE C 271 20.02 12.57 -17.34
N MET C 272 19.73 13.83 -17.06
CA MET C 272 18.35 14.31 -17.01
C MET C 272 18.11 15.20 -18.22
N LEU C 273 17.13 14.82 -19.04
CA LEU C 273 16.87 15.46 -20.32
C LEU C 273 15.51 16.14 -20.30
N LYS C 274 15.40 17.24 -21.03
CA LYS C 274 14.14 17.97 -21.17
C LYS C 274 13.71 17.97 -22.63
N TYR C 275 12.48 17.53 -22.87
CA TYR C 275 11.89 17.51 -24.20
C TYR C 275 10.88 18.64 -24.33
N ASN C 276 10.79 19.22 -25.52
CA ASN C 276 9.80 20.23 -25.82
C ASN C 276 8.65 19.60 -26.62
N GLU C 277 7.73 20.44 -27.08
CA GLU C 277 6.56 19.93 -27.80
C GLU C 277 6.91 19.30 -29.13
N ASN C 278 8.00 19.72 -29.78
CA ASN C 278 8.45 19.08 -31.00
C ASN C 278 9.08 17.71 -30.75
N GLY C 279 9.31 17.34 -29.48
CA GLY C 279 10.08 16.14 -29.18
C GLY C 279 11.57 16.30 -29.39
N THR C 280 12.11 17.48 -29.05
CA THR C 280 13.52 17.78 -29.22
C THR C 280 14.13 18.16 -27.88
N ILE C 281 15.34 17.65 -27.64
CA ILE C 281 16.06 17.95 -26.40
C ILE C 281 16.57 19.38 -26.46
N THR C 282 16.28 20.17 -25.42
CA THR C 282 16.72 21.55 -25.36
C THR C 282 17.67 21.84 -24.21
N ASP C 283 17.73 20.98 -23.19
CA ASP C 283 18.64 21.16 -22.08
C ASP C 283 18.91 19.82 -21.42
N ALA C 284 20.08 19.71 -20.78
CA ALA C 284 20.46 18.48 -20.12
C ALA C 284 21.54 18.78 -19.10
N VAL C 285 21.57 17.98 -18.03
CA VAL C 285 22.59 18.10 -17.00
C VAL C 285 23.25 16.73 -16.83
N ASP C 286 24.54 16.74 -16.52
CA ASP C 286 25.28 15.52 -16.20
C ASP C 286 25.23 15.34 -14.69
N CYS C 287 24.51 14.31 -14.23
CA CYS C 287 24.30 14.13 -12.80
C CYS C 287 25.55 13.71 -12.05
N SER C 288 26.69 13.58 -12.73
CA SER C 288 27.94 13.19 -12.09
C SER C 288 28.97 14.32 -12.04
N LEU C 289 28.65 15.48 -12.60
CA LEU C 289 29.67 16.52 -12.77
C LEU C 289 30.10 17.12 -11.44
N ASP C 290 29.14 17.52 -10.61
CA ASP C 290 29.45 18.25 -9.39
C ASP C 290 28.26 18.15 -8.45
N PRO C 291 28.40 18.58 -7.19
CA PRO C 291 27.27 18.49 -6.26
C PRO C 291 26.03 19.25 -6.69
N LEU C 292 26.17 20.39 -7.37
CA LEU C 292 25.00 21.13 -7.82
C LEU C 292 24.20 20.33 -8.84
N SER C 293 24.89 19.72 -9.82
CA SER C 293 24.21 18.86 -10.76
C SER C 293 23.61 17.65 -10.07
N GLU C 294 24.27 17.14 -9.03
CA GLU C 294 23.71 16.04 -8.25
C GLU C 294 22.39 16.44 -7.60
N ALA C 295 22.34 17.62 -7.00
CA ALA C 295 21.10 18.10 -6.38
C ALA C 295 20.01 18.30 -7.42
N LYS C 296 20.37 18.87 -8.57
CA LYS C 296 19.38 19.05 -9.63
C LYS C 296 18.83 17.72 -10.11
N CYS C 297 19.70 16.72 -10.29
CA CYS C 297 19.26 15.41 -10.76
C CYS C 297 18.44 14.69 -9.71
N THR C 298 18.77 14.87 -8.43
CA THR C 298 18.00 14.26 -7.35
C THR C 298 16.60 14.86 -7.24
N LEU C 299 16.50 16.19 -7.34
CA LEU C 299 15.21 16.87 -7.22
C LEU C 299 14.40 16.86 -8.51
N LYS C 300 14.97 16.34 -9.61
CA LYS C 300 14.26 16.25 -10.90
C LYS C 300 13.78 17.62 -11.36
N SER C 301 14.67 18.61 -11.30
CA SER C 301 14.36 19.96 -11.76
C SER C 301 15.64 20.62 -12.21
N PHE C 302 15.50 21.55 -13.17
CA PHE C 302 16.65 22.26 -13.71
C PHE C 302 17.05 23.46 -12.88
N THR C 303 16.26 23.84 -11.88
CA THR C 303 16.59 24.93 -10.97
C THR C 303 16.31 24.49 -9.54
N VAL C 304 17.18 24.89 -8.62
CA VAL C 304 17.07 24.52 -7.22
C VAL C 304 16.97 25.79 -6.39
N GLU C 305 16.07 25.78 -5.41
CA GLU C 305 15.86 26.92 -4.53
C GLU C 305 16.96 26.97 -3.47
N LYS C 306 16.97 28.05 -2.69
CA LYS C 306 17.94 28.20 -1.62
C LYS C 306 17.61 27.26 -0.47
N GLY C 307 18.64 26.64 0.09
CA GLY C 307 18.48 25.75 1.21
C GLY C 307 19.57 24.68 1.21
N ILE C 308 19.29 23.60 1.92
CA ILE C 308 20.19 22.45 2.00
C ILE C 308 19.39 21.21 1.63
N TYR C 309 19.92 20.44 0.68
CA TYR C 309 19.20 19.31 0.09
C TYR C 309 20.01 18.03 0.26
N GLN C 310 19.33 16.96 0.66
CA GLN C 310 19.96 15.65 0.79
C GLN C 310 20.11 15.03 -0.59
N THR C 311 21.35 14.86 -1.03
CA THR C 311 21.65 14.18 -2.27
C THR C 311 21.94 12.70 -1.99
N SER C 312 22.03 11.93 -3.07
CA SER C 312 22.26 10.50 -2.94
C SER C 312 23.03 10.02 -4.16
N ASN C 313 23.85 8.98 -3.95
CA ASN C 313 24.55 8.31 -5.04
C ASN C 313 25.42 9.28 -5.82
N PHE C 314 26.56 9.63 -5.23
CA PHE C 314 27.46 10.65 -5.77
C PHE C 314 28.24 10.19 -7.01
N ARG C 315 27.77 9.14 -7.71
CA ARG C 315 28.29 8.76 -9.02
C ARG C 315 29.77 8.38 -8.97
N VAL C 316 30.03 7.29 -8.28
CA VAL C 316 31.37 6.71 -8.18
C VAL C 316 31.39 5.40 -8.96
N GLN C 317 30.58 5.33 -10.03
CA GLN C 317 30.31 4.14 -10.84
C GLN C 317 31.57 3.31 -11.07
N PRO C 318 31.51 2.00 -10.85
CA PRO C 318 32.69 1.16 -11.05
C PRO C 318 33.05 1.04 -12.53
N THR C 319 34.33 0.76 -12.78
CA THR C 319 34.82 0.59 -14.13
C THR C 319 35.69 -0.65 -14.32
N ASP C 320 35.87 -1.46 -13.30
CA ASP C 320 36.66 -2.68 -13.38
C ASP C 320 35.83 -3.88 -12.93
N SER C 321 35.98 -4.99 -13.65
CA SER C 321 35.30 -6.23 -13.33
C SER C 321 36.32 -7.34 -13.11
N ILE C 322 36.25 -8.01 -11.97
CA ILE C 322 37.21 -9.03 -11.59
C ILE C 322 36.47 -10.36 -11.41
N VAL C 323 37.21 -11.45 -11.61
CA VAL C 323 36.67 -12.80 -11.47
C VAL C 323 37.69 -13.64 -10.72
N ARG C 324 37.23 -14.36 -9.69
CA ARG C 324 38.08 -15.26 -8.91
C ARG C 324 37.42 -16.63 -8.85
N PHE C 325 38.09 -17.63 -9.41
CA PHE C 325 37.60 -18.99 -9.51
C PHE C 325 38.64 -19.95 -8.96
N PRO C 326 38.23 -21.16 -8.54
CA PRO C 326 39.20 -22.11 -7.99
C PRO C 326 40.21 -22.61 -9.02
N ASN C 327 41.10 -23.50 -8.60
CA ASN C 327 42.24 -23.92 -9.41
C ASN C 327 41.96 -25.19 -10.22
N ILE C 328 40.71 -25.64 -10.27
CA ILE C 328 40.37 -26.83 -11.04
C ILE C 328 40.55 -26.52 -12.52
N THR C 329 41.23 -27.42 -13.24
CA THR C 329 41.54 -27.18 -14.65
C THR C 329 41.10 -28.33 -15.55
N ASN C 330 41.07 -29.55 -15.02
CA ASN C 330 40.65 -30.69 -15.80
C ASN C 330 39.16 -30.60 -16.12
N LEU C 331 38.79 -31.12 -17.29
CA LEU C 331 37.44 -31.01 -17.80
C LEU C 331 36.60 -32.21 -17.39
N CYS C 332 35.31 -31.96 -17.19
CA CYS C 332 34.39 -33.03 -16.78
C CYS C 332 34.25 -34.04 -17.91
N PRO C 333 34.16 -35.34 -17.58
CA PRO C 333 34.07 -36.39 -18.61
C PRO C 333 32.67 -36.52 -19.19
N PHE C 334 32.18 -35.45 -19.82
CA PHE C 334 30.88 -35.51 -20.48
C PHE C 334 30.92 -36.45 -21.67
N GLY C 335 32.01 -36.44 -22.43
CA GLY C 335 32.12 -37.34 -23.56
C GLY C 335 32.11 -38.80 -23.15
N GLU C 336 32.80 -39.13 -22.06
CA GLU C 336 32.81 -40.51 -21.57
C GLU C 336 31.43 -40.92 -21.08
N VAL C 337 30.71 -40.01 -20.41
CA VAL C 337 29.38 -40.33 -19.91
C VAL C 337 28.41 -40.56 -21.07
N PHE C 338 28.44 -39.68 -22.08
CA PHE C 338 27.50 -39.77 -23.18
C PHE C 338 27.93 -40.76 -24.25
N ASN C 339 29.15 -41.30 -24.16
CA ASN C 339 29.69 -42.22 -25.15
C ASN C 339 29.54 -43.69 -24.73
N ALA C 340 28.87 -43.96 -23.62
CA ALA C 340 28.78 -45.32 -23.12
C ALA C 340 27.99 -46.22 -24.08
N THR C 341 28.35 -47.51 -24.08
CA THR C 341 27.67 -48.46 -24.95
C THR C 341 26.21 -48.63 -24.56
N THR C 342 25.94 -48.71 -23.26
CA THR C 342 24.58 -48.81 -22.73
C THR C 342 24.44 -47.87 -21.54
N PHE C 343 23.29 -47.20 -21.44
CA PHE C 343 23.09 -46.25 -20.34
C PHE C 343 22.47 -46.92 -19.12
N ALA C 344 21.21 -47.33 -19.24
CA ALA C 344 20.46 -47.90 -18.13
C ALA C 344 19.06 -48.24 -18.63
N SER C 345 18.30 -48.91 -17.78
CA SER C 345 16.86 -49.02 -17.92
C SER C 345 16.21 -47.92 -17.09
N VAL C 346 15.07 -47.42 -17.58
CA VAL C 346 14.44 -46.27 -16.92
C VAL C 346 13.96 -46.64 -15.52
N TYR C 347 13.58 -47.89 -15.31
CA TYR C 347 13.15 -48.32 -13.98
C TYR C 347 14.32 -48.51 -13.02
N ALA C 348 15.54 -48.63 -13.54
CA ALA C 348 16.75 -48.82 -12.74
C ALA C 348 17.78 -47.76 -13.10
N TRP C 349 17.35 -46.51 -13.11
CA TRP C 349 18.21 -45.41 -13.56
C TRP C 349 19.44 -45.29 -12.67
N ASN C 350 20.59 -45.05 -13.30
CA ASN C 350 21.87 -44.95 -12.62
C ASN C 350 22.15 -43.50 -12.27
N ARG C 351 22.67 -43.29 -11.06
CA ARG C 351 23.03 -41.97 -10.57
C ARG C 351 24.51 -41.96 -10.19
N LYS C 352 25.24 -40.96 -10.67
CA LYS C 352 26.65 -40.82 -10.36
C LYS C 352 26.96 -39.35 -10.05
N ARG C 353 28.01 -39.14 -9.27
CA ARG C 353 28.38 -37.81 -8.82
C ARG C 353 29.56 -37.29 -9.65
N ILE C 354 29.52 -36.01 -9.98
CA ILE C 354 30.57 -35.34 -10.74
C ILE C 354 31.21 -34.29 -9.86
N SER C 355 32.53 -34.33 -9.73
CA SER C 355 33.23 -33.41 -8.85
C SER C 355 34.65 -33.19 -9.35
N ASN C 356 35.19 -32.03 -9.01
CA ASN C 356 36.58 -31.65 -9.31
C ASN C 356 36.81 -31.72 -10.82
N CYS C 357 36.13 -30.82 -11.53
CA CYS C 357 36.29 -30.68 -12.97
C CYS C 357 35.70 -29.36 -13.41
N VAL C 358 35.79 -29.08 -14.71
CA VAL C 358 35.28 -27.86 -15.31
C VAL C 358 34.16 -28.26 -16.27
N ALA C 359 32.96 -27.73 -16.03
CA ALA C 359 31.80 -28.07 -16.85
C ALA C 359 31.84 -27.24 -18.13
N ASP C 360 32.18 -27.90 -19.24
CA ASP C 360 32.25 -27.25 -20.55
C ASP C 360 31.35 -28.01 -21.51
N TYR C 361 30.15 -27.49 -21.73
CA TYR C 361 29.18 -28.12 -22.62
C TYR C 361 29.54 -27.95 -24.09
N SER C 362 30.52 -27.10 -24.41
CA SER C 362 30.90 -26.84 -25.79
C SER C 362 31.69 -27.98 -26.42
N VAL C 363 32.18 -28.93 -25.63
CA VAL C 363 32.95 -30.04 -26.18
C VAL C 363 32.08 -31.14 -26.77
N LEU C 364 30.76 -31.01 -26.69
CA LEU C 364 29.84 -31.97 -27.27
C LEU C 364 29.16 -31.44 -28.52
N TYR C 365 29.55 -30.26 -29.01
CA TYR C 365 28.88 -29.65 -30.14
C TYR C 365 29.07 -30.43 -31.44
N ASN C 366 30.13 -31.23 -31.53
CA ASN C 366 30.39 -32.02 -32.74
C ASN C 366 29.88 -33.45 -32.63
N SER C 367 29.20 -33.81 -31.55
CA SER C 367 28.81 -35.19 -31.33
C SER C 367 27.31 -35.40 -31.26
N THR C 368 26.61 -34.65 -30.42
CA THR C 368 25.24 -35.01 -30.02
C THR C 368 24.17 -34.14 -30.66
N SER C 369 24.28 -32.81 -30.55
CA SER C 369 23.23 -31.88 -30.97
C SER C 369 21.93 -32.15 -30.21
N PHE C 370 22.01 -31.89 -28.90
CA PHE C 370 20.91 -32.12 -27.97
C PHE C 370 19.58 -31.63 -28.52
N SER C 371 18.61 -32.54 -28.65
CA SER C 371 17.28 -32.17 -29.10
C SER C 371 16.41 -31.63 -27.98
N THR C 372 16.84 -31.77 -26.73
CA THR C 372 16.12 -31.23 -25.58
C THR C 372 17.11 -30.71 -24.57
N PHE C 373 16.94 -29.46 -24.16
CA PHE C 373 17.82 -28.85 -23.16
C PHE C 373 17.00 -27.79 -22.43
N LYS C 374 16.49 -28.14 -21.26
CA LYS C 374 15.66 -27.25 -20.47
C LYS C 374 16.22 -27.18 -19.06
N CYS C 375 16.44 -25.96 -18.56
CA CYS C 375 16.95 -25.72 -17.22
C CYS C 375 15.88 -25.01 -16.41
N TYR C 376 15.78 -25.37 -15.12
CA TYR C 376 14.69 -24.91 -14.27
C TYR C 376 15.15 -23.93 -13.21
N GLY C 377 16.13 -24.30 -12.39
CA GLY C 377 16.60 -23.40 -11.35
C GLY C 377 17.51 -22.29 -11.84
N VAL C 378 18.11 -22.45 -13.02
CA VAL C 378 19.06 -21.50 -13.54
C VAL C 378 18.72 -21.21 -15.01
N SER C 379 19.32 -20.14 -15.52
CA SER C 379 19.26 -19.86 -16.95
C SER C 379 20.40 -20.56 -17.67
N PRO C 380 20.15 -21.12 -18.86
CA PRO C 380 21.22 -21.82 -19.57
C PRO C 380 22.40 -20.94 -19.94
N THR C 381 22.19 -19.64 -20.09
CA THR C 381 23.27 -18.72 -20.45
C THR C 381 24.14 -18.32 -19.27
N LYS C 382 23.72 -18.63 -18.04
CA LYS C 382 24.48 -18.31 -16.84
C LYS C 382 25.32 -19.47 -16.34
N LEU C 383 25.34 -20.59 -17.07
CA LEU C 383 26.04 -21.78 -16.57
C LEU C 383 27.55 -21.57 -16.54
N ASN C 384 28.09 -20.78 -17.46
CA ASN C 384 29.52 -20.52 -17.48
C ASN C 384 29.97 -19.64 -16.32
N ASP C 385 29.05 -18.90 -15.69
CA ASP C 385 29.38 -17.96 -14.63
C ASP C 385 29.17 -18.55 -13.24
N LEU C 386 28.76 -19.80 -13.14
CA LEU C 386 28.33 -20.37 -11.86
C LEU C 386 29.22 -21.54 -11.45
N CYS C 387 29.36 -21.70 -10.15
CA CYS C 387 30.07 -22.83 -9.55
C CYS C 387 29.16 -23.53 -8.56
N PHE C 388 29.15 -24.86 -8.60
CA PHE C 388 28.26 -25.67 -7.79
C PHE C 388 29.03 -26.47 -6.75
N THR C 389 28.41 -26.68 -5.59
CA THR C 389 29.04 -27.45 -4.54
C THR C 389 29.17 -28.92 -4.92
N ASN C 390 28.08 -29.51 -5.42
CA ASN C 390 28.14 -30.87 -5.94
C ASN C 390 27.03 -31.05 -6.97
N VAL C 391 27.27 -31.95 -7.92
CA VAL C 391 26.35 -32.21 -9.02
C VAL C 391 26.08 -33.71 -9.10
N TYR C 392 24.85 -34.08 -9.42
CA TYR C 392 24.46 -35.47 -9.64
C TYR C 392 23.94 -35.63 -11.06
N ALA C 393 24.19 -36.80 -11.64
CA ALA C 393 23.79 -37.09 -13.01
C ALA C 393 23.03 -38.41 -13.04
N ASP C 394 21.78 -38.36 -13.50
CA ASP C 394 20.95 -39.54 -13.66
C ASP C 394 20.83 -39.87 -15.14
N SER C 395 21.05 -41.14 -15.48
CA SER C 395 21.08 -41.58 -16.86
C SER C 395 20.06 -42.70 -17.06
N PHE C 396 19.29 -42.62 -18.15
CA PHE C 396 18.38 -43.67 -18.55
C PHE C 396 17.99 -43.45 -20.00
N VAL C 397 17.30 -44.43 -20.57
CA VAL C 397 16.84 -44.38 -21.94
C VAL C 397 15.33 -44.59 -21.96
N VAL C 398 14.61 -43.70 -22.63
CA VAL C 398 13.16 -43.78 -22.79
C VAL C 398 12.82 -43.74 -24.27
N ARG C 399 11.53 -43.84 -24.57
CA ARG C 399 11.06 -43.76 -25.93
C ARG C 399 11.07 -42.32 -26.43
N GLY C 400 10.90 -42.16 -27.74
CA GLY C 400 10.91 -40.83 -28.32
C GLY C 400 9.75 -39.97 -27.87
N ASP C 401 8.58 -40.59 -27.66
CA ASP C 401 7.37 -39.86 -27.34
C ASP C 401 7.17 -39.64 -25.84
N GLU C 402 8.12 -40.08 -25.00
CA GLU C 402 7.98 -39.95 -23.55
C GLU C 402 8.97 -38.98 -22.95
N VAL C 403 9.76 -38.28 -23.76
CA VAL C 403 10.74 -37.34 -23.22
C VAL C 403 10.04 -36.15 -22.56
N ARG C 404 8.84 -35.80 -23.04
CA ARG C 404 8.10 -34.70 -22.42
C ARG C 404 7.69 -35.00 -20.99
N GLN C 405 7.69 -36.27 -20.59
CA GLN C 405 7.34 -36.65 -19.23
C GLN C 405 8.47 -36.47 -18.25
N ILE C 406 9.69 -36.18 -18.72
CA ILE C 406 10.81 -35.89 -17.82
C ILE C 406 10.77 -34.39 -17.56
N ALA C 407 9.91 -34.01 -16.61
CA ALA C 407 9.70 -32.62 -16.25
C ALA C 407 8.93 -32.56 -14.93
N PRO C 408 9.08 -31.52 -14.14
CA PRO C 408 8.33 -31.43 -12.87
C PRO C 408 6.85 -31.18 -13.10
N GLY C 409 6.02 -32.09 -12.60
CA GLY C 409 4.58 -31.95 -12.69
C GLY C 409 3.92 -32.63 -13.86
N GLN C 410 4.48 -33.73 -14.36
CA GLN C 410 3.93 -34.42 -15.52
C GLN C 410 3.28 -35.73 -15.09
N THR C 411 2.42 -36.25 -15.97
CA THR C 411 1.71 -37.49 -15.74
C THR C 411 1.95 -38.47 -16.87
N GLY C 412 1.90 -39.74 -16.55
CA GLY C 412 2.17 -40.80 -17.51
C GLY C 412 2.84 -41.97 -16.83
N LYS C 413 3.02 -43.05 -17.59
CA LYS C 413 3.64 -44.23 -17.00
C LYS C 413 5.08 -43.98 -16.61
N ILE C 414 5.83 -43.21 -17.41
CA ILE C 414 7.20 -42.89 -17.06
C ILE C 414 7.24 -42.01 -15.81
N ALA C 415 6.36 -41.01 -15.74
CA ALA C 415 6.38 -40.09 -14.62
C ALA C 415 5.71 -40.63 -13.36
N ASP C 416 4.99 -41.75 -13.47
CA ASP C 416 4.29 -42.31 -12.32
C ASP C 416 4.89 -43.60 -11.80
N TYR C 417 5.57 -44.39 -12.63
CA TYR C 417 5.95 -45.74 -12.25
C TYR C 417 7.45 -45.99 -12.17
N ASN C 418 8.28 -45.20 -12.85
CA ASN C 418 9.72 -45.44 -12.84
C ASN C 418 10.60 -44.23 -12.61
N TYR C 419 10.13 -43.01 -12.87
CA TYR C 419 10.97 -41.83 -12.64
C TYR C 419 10.11 -40.61 -12.41
N LYS C 420 10.36 -39.91 -11.29
CA LYS C 420 9.63 -38.70 -10.94
C LYS C 420 10.61 -37.62 -10.51
N LEU C 421 10.32 -36.38 -10.90
CA LEU C 421 11.10 -35.19 -10.54
C LEU C 421 10.41 -34.41 -9.43
N PRO C 422 11.17 -33.84 -8.50
CA PRO C 422 10.55 -33.01 -7.45
C PRO C 422 9.99 -31.71 -8.02
N ASP C 423 9.00 -31.18 -7.31
CA ASP C 423 8.33 -29.96 -7.78
C ASP C 423 9.23 -28.74 -7.66
N ASP C 424 10.24 -28.79 -6.80
CA ASP C 424 11.19 -27.69 -6.62
C ASP C 424 12.55 -28.03 -7.23
N PHE C 425 12.56 -28.72 -8.37
CA PHE C 425 13.80 -29.19 -8.96
C PHE C 425 14.66 -28.03 -9.45
N THR C 426 15.96 -28.14 -9.20
CA THR C 426 16.95 -27.16 -9.67
C THR C 426 17.98 -27.91 -10.48
N GLY C 427 18.05 -27.63 -11.77
CA GLY C 427 18.98 -28.32 -12.64
C GLY C 427 18.51 -28.24 -14.08
N CYS C 428 19.07 -29.13 -14.90
CA CYS C 428 18.79 -29.15 -16.33
C CYS C 428 18.52 -30.57 -16.79
N VAL C 429 17.67 -30.68 -17.82
CA VAL C 429 17.31 -31.96 -18.42
C VAL C 429 17.82 -31.97 -19.86
N ILE C 430 18.57 -33.01 -20.21
CA ILE C 430 19.21 -33.12 -21.52
C ILE C 430 18.77 -34.43 -22.16
N ALA C 431 18.36 -34.34 -23.43
CA ALA C 431 17.99 -35.52 -24.20
C ALA C 431 18.47 -35.37 -25.63
N TRP C 432 18.74 -36.51 -26.27
CA TRP C 432 19.15 -36.52 -27.67
C TRP C 432 18.82 -37.88 -28.26
N ASN C 433 18.51 -37.86 -29.56
CA ASN C 433 18.17 -39.10 -30.26
C ASN C 433 19.37 -40.05 -30.28
N SER C 434 19.11 -41.32 -29.98
CA SER C 434 20.17 -42.33 -29.92
C SER C 434 19.81 -43.54 -30.77
N ASN C 435 19.10 -43.34 -31.87
CA ASN C 435 18.77 -44.44 -32.78
C ASN C 435 20.00 -44.98 -33.50
N ASN C 436 21.14 -44.27 -33.44
CA ASN C 436 22.32 -44.72 -34.16
C ASN C 436 22.95 -45.94 -33.48
N LEU C 437 23.08 -45.92 -32.16
CA LEU C 437 23.76 -46.97 -31.44
C LEU C 437 22.92 -47.65 -30.36
N ASP C 438 21.61 -47.44 -30.35
CA ASP C 438 20.72 -48.13 -29.43
C ASP C 438 19.62 -48.92 -30.15
N SER C 439 19.75 -49.10 -31.45
CA SER C 439 18.78 -49.86 -32.24
C SER C 439 19.51 -50.97 -32.98
N LYS C 440 18.95 -52.17 -32.93
CA LYS C 440 19.54 -53.34 -33.55
C LYS C 440 18.61 -53.86 -34.66
N VAL C 441 19.22 -54.46 -35.68
CA VAL C 441 18.48 -54.81 -36.89
C VAL C 441 17.35 -55.79 -36.55
N GLY C 442 17.66 -56.81 -35.75
CA GLY C 442 16.62 -57.72 -35.30
C GLY C 442 15.73 -57.19 -34.21
N GLY C 443 16.13 -56.10 -33.55
CA GLY C 443 15.37 -55.54 -32.46
C GLY C 443 16.14 -55.53 -31.16
N ASN C 444 16.25 -54.37 -30.52
CA ASN C 444 16.96 -54.24 -29.25
C ASN C 444 15.94 -54.32 -28.12
N TYR C 445 15.94 -55.44 -27.39
CA TYR C 445 14.97 -55.69 -26.33
C TYR C 445 15.62 -55.71 -24.95
N ASN C 446 16.70 -54.97 -24.76
CA ASN C 446 17.41 -54.94 -23.49
C ASN C 446 17.08 -53.73 -22.64
N TYR C 447 16.10 -52.92 -23.03
CA TYR C 447 15.66 -51.77 -22.26
C TYR C 447 14.26 -52.03 -21.73
N LEU C 448 14.09 -51.92 -20.41
CA LEU C 448 12.86 -52.32 -19.75
C LEU C 448 12.25 -51.14 -19.01
N TYR C 449 10.92 -51.15 -18.89
CA TYR C 449 10.18 -50.14 -18.15
C TYR C 449 9.09 -50.81 -17.33
N ARG C 450 8.71 -50.17 -16.24
CA ARG C 450 7.64 -50.68 -15.40
C ARG C 450 6.29 -50.23 -15.94
N LEU C 451 5.33 -51.15 -15.98
CA LEU C 451 4.00 -50.86 -16.50
C LEU C 451 2.93 -50.81 -15.44
N PHE C 452 3.06 -51.58 -14.35
CA PHE C 452 2.04 -51.65 -13.32
C PHE C 452 2.67 -51.41 -11.96
N ARG C 453 2.01 -50.59 -11.15
CA ARG C 453 2.41 -50.37 -9.76
C ARG C 453 1.18 -50.01 -8.94
N LYS C 454 1.23 -50.34 -7.65
CA LYS C 454 0.09 -50.08 -6.77
C LYS C 454 -0.17 -48.59 -6.63
N SER C 455 0.89 -47.78 -6.57
CA SER C 455 0.74 -46.34 -6.40
C SER C 455 1.92 -45.64 -7.05
N ASN C 456 1.77 -44.35 -7.27
CA ASN C 456 2.85 -43.54 -7.84
C ASN C 456 3.98 -43.39 -6.83
N LEU C 457 5.20 -43.30 -7.34
CA LEU C 457 6.38 -43.23 -6.49
C LEU C 457 6.77 -41.77 -6.22
N LYS C 458 7.49 -41.58 -5.11
CA LYS C 458 7.93 -40.27 -4.69
C LYS C 458 9.06 -39.78 -5.58
N PRO C 459 9.35 -38.48 -5.58
CA PRO C 459 10.45 -37.96 -6.40
C PRO C 459 11.78 -38.62 -6.03
N PHE C 460 12.57 -38.93 -7.08
CA PHE C 460 13.89 -39.54 -6.94
C PHE C 460 13.84 -40.86 -6.19
N GLU C 461 12.74 -41.60 -6.33
CA GLU C 461 12.59 -42.92 -5.74
C GLU C 461 12.73 -43.97 -6.83
N ARG C 462 13.30 -45.12 -6.47
CA ARG C 462 13.55 -46.20 -7.41
C ARG C 462 12.87 -47.47 -6.94
N ASP C 463 12.23 -48.17 -7.87
CA ASP C 463 11.63 -49.48 -7.62
C ASP C 463 12.35 -50.53 -8.45
N ILE C 464 12.74 -51.63 -7.81
CA ILE C 464 13.57 -52.64 -8.44
C ILE C 464 12.82 -53.98 -8.41
N SER C 465 11.83 -54.08 -7.51
CA SER C 465 11.13 -55.34 -7.29
C SER C 465 10.45 -55.83 -8.56
N THR C 466 10.43 -57.16 -8.73
CA THR C 466 9.84 -57.79 -9.90
C THR C 466 8.73 -58.77 -9.52
N GLU C 467 8.00 -58.47 -8.44
CA GLU C 467 6.91 -59.33 -8.00
C GLU C 467 5.72 -59.23 -8.94
N ILE C 468 4.97 -60.33 -9.03
CA ILE C 468 3.80 -60.38 -9.91
C ILE C 468 2.76 -59.37 -9.43
N TYR C 469 2.17 -58.64 -10.37
CA TYR C 469 1.20 -57.60 -10.06
C TYR C 469 -0.20 -58.20 -10.09
N GLN C 470 -0.97 -57.94 -9.04
CA GLN C 470 -2.33 -58.44 -8.91
C GLN C 470 -3.28 -57.42 -9.54
N ALA C 471 -3.68 -57.68 -10.78
CA ALA C 471 -4.59 -56.80 -11.51
C ALA C 471 -6.03 -57.31 -11.49
N GLY C 472 -6.33 -58.29 -10.66
CA GLY C 472 -7.67 -58.83 -10.59
C GLY C 472 -8.12 -59.01 -9.16
N SER C 473 -9.38 -59.44 -9.00
CA SER C 473 -9.94 -59.63 -7.67
C SER C 473 -9.26 -60.79 -6.94
N THR C 474 -9.08 -61.92 -7.62
CA THR C 474 -8.52 -63.09 -6.96
C THR C 474 -7.01 -62.94 -6.80
N PRO C 475 -6.47 -63.24 -5.62
CA PRO C 475 -5.02 -63.23 -5.45
C PRO C 475 -4.35 -64.32 -6.30
N CYS C 476 -3.15 -64.00 -6.79
CA CYS C 476 -2.40 -64.91 -7.62
C CYS C 476 -1.13 -65.36 -6.89
N ASN C 477 -0.28 -66.08 -7.63
CA ASN C 477 0.95 -66.64 -7.07
C ASN C 477 2.09 -66.25 -8.03
N GLY C 478 3.23 -66.93 -7.88
CA GLY C 478 4.38 -66.59 -8.70
C GLY C 478 4.14 -66.76 -10.19
N VAL C 479 3.12 -67.54 -10.55
CA VAL C 479 2.76 -67.69 -11.95
C VAL C 479 1.88 -66.53 -12.39
N GLU C 480 1.96 -66.20 -13.68
CA GLU C 480 1.15 -65.11 -14.22
C GLU C 480 -0.31 -65.50 -14.34
N GLY C 481 -0.60 -66.54 -15.12
CA GLY C 481 -1.96 -67.04 -15.23
C GLY C 481 -2.91 -66.00 -15.80
N PHE C 482 -4.02 -65.78 -15.10
CA PHE C 482 -5.08 -64.91 -15.56
C PHE C 482 -5.21 -63.69 -14.65
N ASN C 483 -5.28 -62.51 -15.27
CA ASN C 483 -5.47 -61.24 -14.55
C ASN C 483 -4.31 -60.94 -13.59
N CYS C 484 -3.14 -61.49 -13.87
CA CYS C 484 -1.93 -61.18 -13.11
C CYS C 484 -0.74 -61.24 -14.07
N TYR C 485 0.06 -60.18 -14.07
CA TYR C 485 1.05 -59.97 -15.12
C TYR C 485 2.42 -59.70 -14.54
N PHE C 486 3.44 -59.96 -15.34
CA PHE C 486 4.80 -59.55 -15.02
C PHE C 486 4.89 -58.03 -15.12
N PRO C 487 5.34 -57.33 -14.08
CA PRO C 487 5.24 -55.86 -14.07
C PRO C 487 6.15 -55.17 -15.06
N LEU C 488 7.23 -55.81 -15.50
CA LEU C 488 8.23 -55.17 -16.35
C LEU C 488 8.04 -55.61 -17.80
N GLN C 489 8.01 -54.63 -18.71
CA GLN C 489 7.90 -54.89 -20.13
C GLN C 489 9.09 -54.27 -20.84
N SER C 490 9.48 -54.86 -21.96
CA SER C 490 10.67 -54.46 -22.69
C SER C 490 10.31 -53.56 -23.86
N TYR C 491 11.13 -52.53 -24.07
CA TYR C 491 10.99 -51.69 -25.26
C TYR C 491 11.35 -52.48 -26.51
N GLY C 492 10.69 -52.14 -27.61
CA GLY C 492 11.06 -52.69 -28.90
C GLY C 492 11.68 -51.63 -29.79
N PHE C 493 13.00 -51.71 -29.98
CA PHE C 493 13.74 -50.69 -30.72
C PHE C 493 14.27 -51.29 -32.02
N HIS C 494 13.76 -50.81 -33.14
CA HIS C 494 14.22 -51.20 -34.46
C HIS C 494 14.78 -49.98 -35.19
N PRO C 495 15.79 -50.16 -36.03
CA PRO C 495 16.37 -49.00 -36.74
C PRO C 495 15.40 -48.35 -37.70
N THR C 496 14.38 -49.07 -38.17
CA THR C 496 13.40 -48.53 -39.09
C THR C 496 12.17 -47.97 -38.40
N ASN C 497 12.16 -47.94 -37.07
CA ASN C 497 11.04 -47.36 -36.33
C ASN C 497 10.92 -45.87 -36.61
N GLY C 498 9.68 -45.39 -36.63
CA GLY C 498 9.45 -43.97 -36.77
C GLY C 498 9.80 -43.21 -35.51
N VAL C 499 9.96 -41.90 -35.67
CA VAL C 499 10.27 -41.05 -34.51
C VAL C 499 9.11 -41.12 -33.53
N GLY C 500 9.43 -41.38 -32.27
CA GLY C 500 8.46 -41.70 -31.25
C GLY C 500 8.60 -43.11 -30.72
N TYR C 501 9.07 -44.03 -31.56
CA TYR C 501 9.43 -45.38 -31.13
C TYR C 501 10.93 -45.59 -31.11
N GLN C 502 11.72 -44.54 -31.34
CA GLN C 502 13.18 -44.58 -31.35
C GLN C 502 13.73 -44.20 -29.98
N PRO C 503 14.84 -44.80 -29.56
CA PRO C 503 15.36 -44.54 -28.22
C PRO C 503 15.91 -43.12 -28.08
N TYR C 504 15.78 -42.59 -26.87
CA TYR C 504 16.33 -41.29 -26.51
C TYR C 504 17.11 -41.42 -25.21
N ARG C 505 18.35 -40.93 -25.21
CA ARG C 505 19.19 -40.96 -24.02
C ARG C 505 18.98 -39.66 -23.25
N VAL C 506 18.58 -39.79 -21.98
CA VAL C 506 18.17 -38.66 -21.17
C VAL C 506 19.15 -38.54 -20.01
N VAL C 507 19.75 -37.36 -19.86
CA VAL C 507 20.63 -37.03 -18.75
C VAL C 507 20.04 -35.83 -18.03
N VAL C 508 19.85 -35.95 -16.73
CA VAL C 508 19.33 -34.87 -15.90
C VAL C 508 20.33 -34.58 -14.80
N LEU C 509 20.71 -33.31 -14.67
CA LEU C 509 21.72 -32.87 -13.71
C LEU C 509 21.04 -32.07 -12.61
N SER C 510 21.36 -32.42 -11.36
CA SER C 510 20.83 -31.72 -10.20
C SER C 510 21.94 -30.90 -9.57
N PHE C 511 21.70 -29.61 -9.36
CA PHE C 511 22.70 -28.68 -8.86
C PHE C 511 22.46 -28.38 -7.38
N GLU C 512 23.54 -27.96 -6.72
CA GLU C 512 23.49 -27.66 -5.29
C GLU C 512 24.49 -26.53 -5.04
N LEU C 513 24.00 -25.31 -4.85
CA LEU C 513 24.88 -24.17 -4.65
C LEU C 513 25.59 -24.24 -3.29
N LEU C 514 24.83 -24.16 -2.20
CA LEU C 514 25.38 -24.20 -0.85
C LEU C 514 26.45 -23.13 -0.63
N ASN C 515 27.22 -23.25 0.44
CA ASN C 515 28.39 -22.41 0.66
C ASN C 515 29.65 -23.22 0.89
N ALA C 516 29.59 -24.54 0.74
CA ALA C 516 30.78 -25.37 0.81
C ALA C 516 31.69 -25.08 -0.38
N PRO C 517 32.95 -25.50 -0.31
CA PRO C 517 33.86 -25.26 -1.45
C PRO C 517 33.31 -25.86 -2.74
N ALA C 518 33.47 -25.12 -3.83
CA ALA C 518 32.94 -25.53 -5.12
C ALA C 518 33.76 -26.67 -5.70
N THR C 519 33.07 -27.61 -6.34
CA THR C 519 33.72 -28.74 -6.99
C THR C 519 33.60 -28.72 -8.50
N VAL C 520 32.52 -28.19 -9.05
CA VAL C 520 32.31 -28.08 -10.48
C VAL C 520 32.12 -26.61 -10.83
N CYS C 521 32.89 -26.12 -11.80
CA CYS C 521 32.90 -24.71 -12.14
C CYS C 521 32.82 -24.53 -13.66
N GLY C 522 32.48 -23.32 -14.07
CA GLY C 522 32.44 -22.97 -15.46
C GLY C 522 33.82 -22.66 -16.01
N PRO C 523 33.90 -22.52 -17.33
CA PRO C 523 35.20 -22.33 -17.97
C PRO C 523 35.69 -20.88 -17.97
N LYS C 524 35.09 -20.04 -17.13
CA LYS C 524 35.49 -18.65 -17.07
C LYS C 524 36.94 -18.51 -16.59
N LYS C 525 37.64 -17.52 -17.14
CA LYS C 525 39.02 -17.26 -16.78
C LYS C 525 39.08 -16.29 -15.61
N SER C 526 40.09 -16.48 -14.76
CA SER C 526 40.24 -15.69 -13.54
C SER C 526 41.22 -14.56 -13.76
N THR C 527 40.80 -13.35 -13.41
CA THR C 527 41.66 -12.18 -13.47
C THR C 527 42.36 -11.97 -12.13
N ASN C 528 43.31 -11.03 -12.11
CA ASN C 528 43.98 -10.70 -10.87
C ASN C 528 43.07 -9.89 -9.96
N LEU C 529 43.37 -9.91 -8.67
CA LEU C 529 42.52 -9.28 -7.67
C LEU C 529 43.01 -7.88 -7.35
N ILE C 530 42.08 -6.93 -7.28
CA ILE C 530 42.35 -5.57 -6.86
C ILE C 530 41.39 -5.21 -5.74
N LYS C 531 41.81 -4.26 -4.90
CA LYS C 531 41.04 -3.86 -3.74
C LYS C 531 41.15 -2.35 -3.57
N ASN C 532 40.49 -1.84 -2.53
CA ASN C 532 40.43 -0.40 -2.25
C ASN C 532 39.87 0.38 -3.44
N LYS C 533 38.85 -0.21 -4.08
CA LYS C 533 38.30 0.35 -5.30
C LYS C 533 36.93 -0.27 -5.53
N CYS C 534 35.94 0.55 -5.90
CA CYS C 534 34.60 0.05 -6.17
C CYS C 534 34.62 -0.68 -7.52
N VAL C 535 34.39 -1.98 -7.49
CA VAL C 535 34.50 -2.83 -8.67
C VAL C 535 33.33 -3.81 -8.70
N ASN C 536 33.25 -4.55 -9.80
CA ASN C 536 32.32 -5.68 -9.93
C ASN C 536 33.12 -6.96 -9.75
N PHE C 537 32.70 -7.81 -8.82
CA PHE C 537 33.42 -9.02 -8.50
C PHE C 537 32.57 -10.25 -8.75
N ASN C 538 33.23 -11.40 -8.85
CA ASN C 538 32.57 -12.68 -9.09
C ASN C 538 33.36 -13.75 -8.35
N PHE C 539 32.89 -14.13 -7.17
CA PHE C 539 33.56 -15.10 -6.31
C PHE C 539 32.77 -16.41 -6.33
N ASN C 540 33.27 -17.40 -7.05
CA ASN C 540 32.65 -18.72 -7.15
C ASN C 540 31.19 -18.62 -7.63
N GLY C 541 30.93 -17.70 -8.55
CA GLY C 541 29.60 -17.47 -9.06
C GLY C 541 28.77 -16.46 -8.32
N LEU C 542 29.27 -15.94 -7.20
CA LEU C 542 28.57 -14.93 -6.41
C LEU C 542 29.06 -13.56 -6.86
N THR C 543 28.15 -12.76 -7.41
CA THR C 543 28.49 -11.45 -7.96
C THR C 543 28.10 -10.34 -6.99
N GLY C 544 28.39 -9.12 -7.40
CA GLY C 544 28.07 -7.96 -6.58
C GLY C 544 28.87 -6.77 -7.01
N THR C 545 28.70 -5.68 -6.25
CA THR C 545 29.41 -4.44 -6.48
C THR C 545 29.75 -3.82 -5.14
N GLY C 546 31.00 -3.38 -4.98
CA GLY C 546 31.42 -2.77 -3.74
C GLY C 546 32.93 -2.60 -3.71
N VAL C 547 33.43 -2.32 -2.51
CA VAL C 547 34.85 -2.12 -2.26
C VAL C 547 35.36 -3.29 -1.44
N LEU C 548 36.44 -3.91 -1.89
CA LEU C 548 37.08 -5.01 -1.19
C LEU C 548 38.25 -4.49 -0.37
N THR C 549 38.37 -5.01 0.85
CA THR C 549 39.47 -4.67 1.75
C THR C 549 39.89 -5.93 2.50
N GLU C 550 40.93 -5.79 3.31
CA GLU C 550 41.35 -6.89 4.19
C GLU C 550 40.49 -6.90 5.44
N SER C 551 40.15 -8.10 5.91
CA SER C 551 39.24 -8.26 7.03
C SER C 551 39.92 -9.04 8.16
N ASN C 552 39.54 -8.71 9.39
CA ASN C 552 39.99 -9.42 10.56
C ASN C 552 39.02 -10.52 11.00
N LYS C 553 37.91 -10.68 10.29
CA LYS C 553 36.92 -11.68 10.65
C LYS C 553 37.46 -13.09 10.41
N LYS C 554 37.05 -14.02 11.27
CA LYS C 554 37.46 -15.41 11.18
C LYS C 554 36.28 -16.23 10.68
N PHE C 555 36.48 -16.96 9.58
CA PHE C 555 35.48 -17.84 9.02
C PHE C 555 35.72 -19.27 9.49
N LEU C 556 34.67 -20.09 9.39
CA LEU C 556 34.82 -21.50 9.62
C LEU C 556 35.68 -22.12 8.52
N PRO C 557 36.34 -23.23 8.79
CA PRO C 557 37.29 -23.79 7.80
C PRO C 557 36.64 -24.12 6.46
N PHE C 558 35.34 -24.42 6.44
CA PHE C 558 34.65 -24.76 5.21
C PHE C 558 33.72 -23.65 4.73
N GLN C 559 33.62 -22.54 5.45
CA GLN C 559 32.78 -21.43 5.05
C GLN C 559 33.39 -20.70 3.85
N GLN C 560 32.52 -20.04 3.07
CA GLN C 560 32.97 -19.24 1.95
C GLN C 560 32.42 -17.82 1.96
N PHE C 561 31.18 -17.62 2.38
CA PHE C 561 30.57 -16.30 2.44
C PHE C 561 30.26 -15.92 3.88
N GLY C 562 30.13 -14.62 4.11
CA GLY C 562 29.67 -14.12 5.38
C GLY C 562 28.47 -13.20 5.20
N ARG C 563 27.37 -13.51 5.87
CA ARG C 563 26.13 -12.76 5.69
C ARG C 563 25.92 -11.77 6.82
N ASP C 564 25.26 -10.66 6.50
CA ASP C 564 25.01 -9.58 7.44
C ASP C 564 23.58 -9.68 7.97
N ILE C 565 23.24 -8.78 8.90
CA ILE C 565 21.93 -8.82 9.54
C ILE C 565 20.82 -8.64 8.52
N ALA C 566 20.97 -7.68 7.61
CA ALA C 566 19.95 -7.44 6.59
C ALA C 566 20.23 -8.25 5.33
N ASP C 567 20.48 -9.55 5.50
CA ASP C 567 20.67 -10.51 4.41
C ASP C 567 21.62 -9.96 3.35
N THR C 568 22.74 -9.39 3.80
CA THR C 568 23.73 -8.81 2.92
C THR C 568 25.06 -9.56 3.08
N THR C 569 25.80 -9.67 1.98
CA THR C 569 27.11 -10.31 2.01
C THR C 569 28.11 -9.38 2.67
N ASP C 570 28.76 -9.86 3.73
CA ASP C 570 29.71 -9.06 4.51
C ASP C 570 31.15 -9.31 4.08
N ALA C 571 31.60 -10.56 4.18
CA ALA C 571 32.96 -10.93 3.83
C ALA C 571 32.94 -12.19 2.99
N VAL C 572 33.85 -12.27 2.02
CA VAL C 572 33.95 -13.40 1.12
C VAL C 572 35.40 -13.88 1.11
N ARG C 573 35.57 -15.21 1.13
CA ARG C 573 36.90 -15.81 1.11
C ARG C 573 37.37 -15.98 -0.33
N ASP C 574 38.58 -15.50 -0.61
CA ASP C 574 39.11 -15.61 -1.96
C ASP C 574 39.42 -17.07 -2.28
N PRO C 575 38.91 -17.60 -3.40
CA PRO C 575 39.12 -19.04 -3.67
C PRO C 575 40.58 -19.42 -3.89
N GLN C 576 41.41 -18.54 -4.44
CA GLN C 576 42.79 -18.89 -4.73
C GLN C 576 43.70 -18.71 -3.51
N THR C 577 43.78 -17.50 -2.99
CA THR C 577 44.48 -17.21 -1.74
C THR C 577 43.44 -17.17 -0.64
N LEU C 578 43.50 -18.14 0.27
CA LEU C 578 42.42 -18.32 1.24
C LEU C 578 42.45 -17.23 2.30
N GLU C 579 42.04 -16.02 1.92
CA GLU C 579 41.97 -14.89 2.84
C GLU C 579 40.56 -14.31 2.82
N ILE C 580 40.18 -13.70 3.94
CA ILE C 580 38.84 -13.14 4.09
C ILE C 580 38.86 -11.67 3.70
N LEU C 581 38.03 -11.32 2.72
CA LEU C 581 37.89 -9.95 2.25
C LEU C 581 36.49 -9.46 2.56
N ASP C 582 36.40 -8.33 3.26
CA ASP C 582 35.09 -7.76 3.59
C ASP C 582 34.62 -6.86 2.46
N ILE C 583 33.30 -6.83 2.26
CA ILE C 583 32.68 -6.09 1.17
C ILE C 583 31.95 -4.88 1.75
N THR C 584 32.24 -3.70 1.21
CA THR C 584 31.62 -2.46 1.64
C THR C 584 31.06 -1.75 0.40
N PRO C 585 29.84 -1.22 0.47
CA PRO C 585 29.31 -0.47 -0.66
C PRO C 585 30.16 0.78 -0.93
N CYS C 586 30.30 1.11 -2.21
CA CYS C 586 31.05 2.29 -2.60
C CYS C 586 30.19 3.55 -2.64
N SER C 587 28.92 3.44 -2.29
CA SER C 587 28.03 4.59 -2.21
C SER C 587 27.93 5.04 -0.77
N PHE C 588 28.25 6.31 -0.54
CA PHE C 588 28.24 6.91 0.80
C PHE C 588 26.97 7.73 0.97
N GLY C 589 26.15 7.35 1.94
CA GLY C 589 24.93 8.09 2.27
C GLY C 589 25.21 9.11 3.35
N GLY C 590 24.63 10.30 3.19
CA GLY C 590 24.83 11.37 4.14
C GLY C 590 25.54 12.58 3.55
N VAL C 591 25.32 12.81 2.25
CA VAL C 591 25.90 13.95 1.56
C VAL C 591 24.79 14.98 1.34
N SER C 592 24.97 16.16 1.91
CA SER C 592 24.01 17.26 1.79
C SER C 592 24.67 18.42 1.06
N VAL C 593 23.97 19.00 0.11
CA VAL C 593 24.47 20.10 -0.70
C VAL C 593 23.82 21.39 -0.21
N ILE C 594 24.64 22.32 0.28
CA ILE C 594 24.18 23.63 0.73
C ILE C 594 24.39 24.61 -0.40
N THR C 595 23.32 25.24 -0.85
CA THR C 595 23.40 26.18 -1.96
C THR C 595 22.46 27.35 -1.74
N PRO C 596 22.84 28.54 -2.18
CA PRO C 596 21.85 29.60 -2.36
C PRO C 596 21.00 29.31 -3.59
N GLY C 597 20.03 30.18 -3.89
CA GLY C 597 19.19 29.94 -5.05
C GLY C 597 20.00 29.94 -6.34
N THR C 598 19.47 29.25 -7.35
CA THR C 598 20.14 29.20 -8.64
C THR C 598 20.16 30.57 -9.32
N ASN C 599 19.24 31.45 -8.93
CA ASN C 599 19.26 32.82 -9.42
C ASN C 599 20.36 33.64 -8.78
N ALA C 600 20.85 33.23 -7.62
CA ALA C 600 21.87 33.98 -6.90
C ALA C 600 23.28 33.64 -7.40
N SER C 601 23.66 32.37 -7.31
CA SER C 601 24.99 31.94 -7.73
C SER C 601 24.96 30.43 -7.95
N ASN C 602 26.11 29.88 -8.33
CA ASN C 602 26.27 28.45 -8.55
C ASN C 602 27.22 27.80 -7.55
N GLN C 603 27.80 28.58 -6.64
CA GLN C 603 28.69 28.02 -5.63
C GLN C 603 27.89 27.18 -4.64
N VAL C 604 28.48 26.07 -4.21
CA VAL C 604 27.85 25.16 -3.25
C VAL C 604 28.87 24.79 -2.17
N ALA C 605 28.35 24.37 -1.02
CA ALA C 605 29.16 23.84 0.07
C ALA C 605 28.59 22.47 0.44
N VAL C 606 29.47 21.48 0.54
CA VAL C 606 29.07 20.09 0.73
C VAL C 606 29.30 19.70 2.19
N LEU C 607 28.32 19.00 2.77
CA LEU C 607 28.41 18.52 4.14
C LEU C 607 28.38 17.00 4.13
N TYR C 608 29.38 16.39 4.76
CA TYR C 608 29.49 14.93 4.88
C TYR C 608 29.13 14.54 6.31
N GLN C 609 28.08 13.75 6.46
CA GLN C 609 27.55 13.44 7.78
C GLN C 609 28.43 12.42 8.49
N ASP C 610 28.75 12.70 9.76
CA ASP C 610 29.45 11.76 10.63
C ASP C 610 30.78 11.31 10.04
N VAL C 611 31.54 12.27 9.51
CA VAL C 611 32.86 11.99 8.97
C VAL C 611 33.80 13.11 9.41
N ASN C 612 34.99 12.73 9.89
CA ASN C 612 36.03 13.70 10.17
C ASN C 612 36.83 13.96 8.89
N CYS C 613 37.29 15.20 8.73
CA CYS C 613 37.81 15.65 7.45
C CYS C 613 39.11 14.95 7.04
N THR C 614 39.73 14.20 7.96
CA THR C 614 40.95 13.47 7.62
C THR C 614 40.68 12.39 6.58
N GLU C 615 39.53 11.73 6.68
CA GLU C 615 39.23 10.55 5.86
C GLU C 615 38.00 10.83 4.98
N VAL C 616 37.89 12.07 4.51
CA VAL C 616 36.84 12.42 3.55
C VAL C 616 37.20 11.90 2.16
N PRO C 617 38.41 12.13 1.64
CA PRO C 617 38.73 11.57 0.31
C PRO C 617 38.67 10.05 0.28
N VAL C 618 39.01 9.38 1.38
CA VAL C 618 38.93 7.93 1.43
C VAL C 618 37.48 7.46 1.44
N ALA C 619 36.64 8.11 2.24
CA ALA C 619 35.26 7.68 2.39
C ALA C 619 34.47 7.82 1.09
N ILE C 620 34.65 8.94 0.38
CA ILE C 620 33.87 9.22 -0.82
C ILE C 620 34.60 8.75 -2.08
N HIS C 621 35.68 8.00 -1.93
CA HIS C 621 36.44 7.46 -3.06
C HIS C 621 36.81 8.55 -4.06
N ALA C 622 37.44 9.61 -3.56
CA ALA C 622 37.78 10.75 -4.39
C ALA C 622 38.77 10.40 -5.49
N ASP C 623 39.45 9.26 -5.39
CA ASP C 623 40.40 8.87 -6.44
C ASP C 623 39.68 8.62 -7.76
N GLN C 624 38.65 7.77 -7.74
CA GLN C 624 37.89 7.49 -8.96
C GLN C 624 36.66 8.40 -9.09
N LEU C 625 36.90 9.70 -8.99
CA LEU C 625 35.86 10.70 -9.17
C LEU C 625 36.31 11.67 -10.25
N THR C 626 35.33 12.32 -10.87
CA THR C 626 35.63 13.33 -11.87
C THR C 626 36.28 14.54 -11.21
N PRO C 627 36.96 15.38 -11.99
CA PRO C 627 37.39 16.68 -11.45
C PRO C 627 36.18 17.53 -11.07
N THR C 628 36.43 18.73 -10.54
CA THR C 628 35.43 19.64 -9.97
C THR C 628 34.49 18.92 -9.00
N TRP C 629 34.90 17.74 -8.51
CA TRP C 629 34.29 17.10 -7.36
C TRP C 629 35.40 16.71 -6.39
N ARG C 630 36.58 16.44 -6.96
CA ARG C 630 37.77 16.25 -6.14
C ARG C 630 38.18 17.56 -5.47
N VAL C 631 37.65 18.68 -5.93
CA VAL C 631 37.89 19.96 -5.26
C VAL C 631 37.20 19.99 -3.90
N TYR C 632 35.98 19.43 -3.83
CA TYR C 632 35.22 19.44 -2.59
C TYR C 632 35.63 18.34 -1.63
N SER C 633 36.59 17.48 -2.00
CA SER C 633 37.05 16.43 -1.10
C SER C 633 38.21 16.92 -0.24
N THR C 634 39.30 17.36 -0.89
CA THR C 634 40.47 17.88 -0.19
C THR C 634 40.60 19.36 -0.53
N GLY C 635 39.96 20.19 0.27
CA GLY C 635 39.93 21.63 0.06
C GLY C 635 40.74 22.39 1.09
N SER C 636 40.51 23.71 1.11
CA SER C 636 41.13 24.60 2.07
C SER C 636 40.17 25.18 3.09
N ASN C 637 38.93 25.51 2.68
CA ASN C 637 37.90 25.97 3.60
C ASN C 637 37.27 24.77 4.31
N VAL C 638 38.08 24.11 5.13
CA VAL C 638 37.69 22.86 5.78
C VAL C 638 37.32 23.18 7.23
N PHE C 639 36.08 22.90 7.59
CA PHE C 639 35.56 23.22 8.91
C PHE C 639 34.92 21.97 9.51
N GLN C 640 35.26 21.66 10.76
CA GLN C 640 34.76 20.48 11.44
C GLN C 640 33.69 20.87 12.46
N THR C 641 32.53 20.25 12.36
CA THR C 641 31.42 20.44 13.29
C THR C 641 31.05 19.09 13.91
N ARG C 642 30.09 19.14 14.84
CA ARG C 642 29.60 17.91 15.46
C ARG C 642 28.64 17.14 14.56
N ALA C 643 28.19 17.74 13.46
CA ALA C 643 27.24 17.14 12.53
C ALA C 643 27.92 16.70 11.24
N GLY C 644 29.11 16.13 11.34
CA GLY C 644 29.96 15.98 10.18
C GLY C 644 30.79 17.23 9.99
N CYS C 645 31.57 17.26 8.91
CA CYS C 645 32.42 18.42 8.66
C CYS C 645 32.19 18.96 7.27
N LEU C 646 32.15 20.30 7.18
CA LEU C 646 31.68 21.02 6.01
C LEU C 646 32.84 21.53 5.18
N ILE C 647 32.76 21.32 3.87
CA ILE C 647 33.79 21.73 2.93
C ILE C 647 33.18 22.68 1.90
N GLY C 648 33.85 23.81 1.68
CA GLY C 648 33.41 24.79 0.71
C GLY C 648 32.89 26.09 1.28
N ALA C 649 32.83 26.23 2.60
CA ALA C 649 32.34 27.43 3.24
C ALA C 649 33.41 27.99 4.17
N GLU C 650 33.57 29.30 4.16
CA GLU C 650 34.54 29.96 5.03
C GLU C 650 33.95 30.14 6.42
N HIS C 651 34.71 29.75 7.44
CA HIS C 651 34.26 29.87 8.82
C HIS C 651 34.56 31.27 9.35
N VAL C 652 33.56 31.85 10.03
CA VAL C 652 33.69 33.18 10.62
C VAL C 652 33.38 33.10 12.10
N ASN C 653 33.91 34.05 12.86
CA ASN C 653 33.73 34.11 14.31
C ASN C 653 32.62 35.06 14.74
N ASN C 654 31.91 35.67 13.79
CA ASN C 654 30.81 36.58 14.10
C ASN C 654 29.50 35.79 14.06
N SER C 655 28.69 35.94 15.09
CA SER C 655 27.44 35.21 15.22
C SER C 655 26.29 36.07 14.73
N TYR C 656 25.56 35.56 13.74
CA TYR C 656 24.38 36.22 13.19
C TYR C 656 23.15 35.38 13.48
N GLU C 657 22.01 35.83 12.94
CA GLU C 657 20.79 35.04 13.02
C GLU C 657 20.81 33.95 11.96
N CYS C 658 20.20 32.81 12.29
CA CYS C 658 20.28 31.64 11.42
C CYS C 658 19.58 31.89 10.10
N ASP C 659 20.23 31.54 9.00
CA ASP C 659 19.68 31.69 7.66
C ASP C 659 19.43 30.35 7.00
N ILE C 660 20.45 29.50 6.88
CA ILE C 660 20.32 28.15 6.38
C ILE C 660 20.77 27.19 7.47
N PRO C 661 19.84 26.54 8.16
CA PRO C 661 20.23 25.65 9.27
C PRO C 661 20.95 24.41 8.75
N ILE C 662 22.14 24.16 9.30
CA ILE C 662 22.94 22.99 8.95
C ILE C 662 22.80 21.89 9.99
N GLY C 663 22.92 22.24 11.26
CA GLY C 663 22.79 21.28 12.35
C GLY C 663 23.82 21.53 13.42
N ALA C 664 23.50 21.09 14.64
CA ALA C 664 24.38 21.19 15.80
C ALA C 664 24.78 22.65 16.07
N GLY C 665 23.83 23.57 15.90
CA GLY C 665 24.07 24.96 16.21
C GLY C 665 24.83 25.74 15.16
N ILE C 666 25.01 25.20 13.97
CA ILE C 666 25.75 25.86 12.90
C ILE C 666 24.79 26.20 11.77
N CYS C 667 24.85 27.45 11.30
CA CYS C 667 24.02 27.92 10.20
C CYS C 667 24.90 28.53 9.13
N ALA C 668 24.41 28.49 7.89
CA ALA C 668 25.12 29.01 6.74
C ALA C 668 24.35 30.16 6.11
N SER C 669 25.07 31.07 5.48
CA SER C 669 24.46 32.23 4.84
C SER C 669 25.30 32.65 3.65
N TYR C 670 24.66 33.34 2.71
CA TYR C 670 25.32 33.84 1.50
C TYR C 670 25.47 35.36 1.65
N GLN C 671 26.71 35.80 1.84
CA GLN C 671 27.00 37.21 2.07
C GLN C 671 28.23 37.61 1.28
N THR C 672 28.45 38.91 1.19
CA THR C 672 29.62 39.45 0.48
C THR C 672 30.91 39.16 1.24
N SER C 681 33.60 38.55 -4.71
CA SER C 681 32.82 39.39 -3.81
C SER C 681 32.01 38.54 -2.83
N GLN C 682 30.92 37.95 -3.34
CA GLN C 682 30.07 37.11 -2.51
C GLN C 682 30.71 35.75 -2.28
N SER C 683 30.43 35.17 -1.12
CA SER C 683 30.91 33.84 -0.78
C SER C 683 30.00 33.25 0.29
N ILE C 684 30.14 31.95 0.50
CA ILE C 684 29.34 31.22 1.48
C ILE C 684 30.09 31.17 2.80
N ILE C 685 29.46 31.63 3.87
CA ILE C 685 30.06 31.64 5.20
C ILE C 685 29.21 30.78 6.13
N ALA C 686 29.89 30.14 7.09
CA ALA C 686 29.24 29.34 8.11
C ALA C 686 29.62 29.88 9.48
N TYR C 687 28.65 29.90 10.39
CA TYR C 687 28.85 30.52 11.69
C TYR C 687 27.96 29.85 12.73
N THR C 688 28.24 30.11 13.99
CA THR C 688 27.38 29.67 15.08
C THR C 688 26.19 30.60 15.19
N MET C 689 25.00 30.03 15.26
CA MET C 689 23.78 30.83 15.35
C MET C 689 23.71 31.56 16.68
N SER C 690 23.04 32.71 16.68
CA SER C 690 22.91 33.54 17.86
C SER C 690 21.49 33.42 18.43
N LEU C 691 21.41 33.15 19.73
CA LEU C 691 20.09 33.01 20.35
C LEU C 691 19.42 34.37 20.55
N GLY C 692 20.20 35.40 20.83
CA GLY C 692 19.65 36.72 21.02
C GLY C 692 20.65 37.65 21.68
N ALA C 693 20.18 38.84 22.02
CA ALA C 693 21.03 39.84 22.64
C ALA C 693 21.19 39.56 24.13
N GLN C 694 22.43 39.59 24.60
CA GLN C 694 22.70 39.38 26.01
C GLN C 694 22.09 40.50 26.84
N ASN C 695 21.59 40.16 28.03
CA ASN C 695 20.94 41.12 28.89
C ASN C 695 21.10 40.69 30.34
N SER C 696 20.78 41.61 31.25
CA SER C 696 20.85 41.33 32.68
C SER C 696 19.82 42.21 33.39
N VAL C 697 19.45 41.79 34.60
CA VAL C 697 18.47 42.49 35.42
C VAL C 697 19.15 42.96 36.69
N ALA C 698 18.92 44.22 37.05
CA ALA C 698 19.52 44.81 38.24
C ALA C 698 18.64 44.50 39.45
N TYR C 699 18.71 43.26 39.90
CA TYR C 699 17.88 42.81 41.02
C TYR C 699 18.40 43.37 42.33
N SER C 700 17.47 43.77 43.20
CA SER C 700 17.78 44.21 44.55
C SER C 700 16.58 43.92 45.43
N ASN C 701 16.81 43.85 46.73
CA ASN C 701 15.73 43.49 47.66
C ASN C 701 14.96 44.70 48.18
N ASN C 702 15.27 45.91 47.69
CA ASN C 702 14.50 47.09 48.04
C ASN C 702 14.28 48.02 46.85
N SER C 703 14.46 47.52 45.62
CA SER C 703 14.36 48.33 44.42
C SER C 703 13.25 47.80 43.52
N ILE C 704 12.45 48.73 42.98
CA ILE C 704 11.37 48.40 42.06
C ILE C 704 11.44 49.35 40.87
N ALA C 705 10.83 48.92 39.76
CA ALA C 705 10.73 49.72 38.55
C ALA C 705 9.26 49.83 38.15
N ILE C 706 8.81 51.05 37.92
CA ILE C 706 7.43 51.33 37.57
C ILE C 706 7.40 52.03 36.21
N PRO C 707 6.70 51.50 35.21
CA PRO C 707 6.64 52.16 33.91
C PRO C 707 5.87 53.48 33.98
N THR C 708 6.28 54.42 33.15
CA THR C 708 5.71 55.76 33.11
C THR C 708 4.82 56.02 31.91
N ASN C 709 5.19 55.52 30.74
CA ASN C 709 4.43 55.70 29.51
C ASN C 709 3.97 54.33 29.01
N PHE C 710 3.35 54.32 27.83
CA PHE C 710 2.92 53.07 27.22
C PHE C 710 2.84 53.25 25.71
N THR C 711 2.82 52.12 25.01
CA THR C 711 2.67 52.08 23.56
C THR C 711 1.52 51.17 23.20
N ILE C 712 0.72 51.58 22.23
CA ILE C 712 -0.38 50.77 21.70
C ILE C 712 0.08 50.13 20.40
N SER C 713 0.19 48.81 20.40
CA SER C 713 0.72 48.07 19.25
C SER C 713 -0.36 47.17 18.68
N VAL C 714 -0.33 47.00 17.36
CA VAL C 714 -1.26 46.13 16.64
C VAL C 714 -0.43 45.07 15.92
N THR C 715 -0.72 43.80 16.20
CA THR C 715 -0.02 42.68 15.61
C THR C 715 -0.95 41.91 14.68
N THR C 716 -0.36 41.01 13.90
CA THR C 716 -1.08 40.22 12.91
C THR C 716 -0.87 38.74 13.18
N GLU C 717 -1.95 37.97 13.06
CA GLU C 717 -1.89 36.52 13.18
C GLU C 717 -2.69 35.89 12.05
N ILE C 718 -2.08 34.93 11.37
CA ILE C 718 -2.69 34.27 10.21
C ILE C 718 -2.83 32.79 10.53
N LEU C 719 -4.03 32.25 10.33
CA LEU C 719 -4.32 30.86 10.63
C LEU C 719 -5.06 30.24 9.45
N PRO C 720 -4.54 29.17 8.85
CA PRO C 720 -5.32 28.45 7.85
C PRO C 720 -6.59 27.86 8.44
N VAL C 721 -7.68 27.91 7.68
CA VAL C 721 -8.98 27.45 8.12
C VAL C 721 -9.47 26.26 7.31
N SER C 722 -9.28 26.28 5.99
CA SER C 722 -9.77 25.21 5.15
C SER C 722 -8.83 25.05 3.96
N MET C 723 -8.94 23.89 3.32
CA MET C 723 -8.18 23.57 2.12
C MET C 723 -9.14 23.20 0.99
N THR C 724 -8.58 23.02 -0.20
CA THR C 724 -9.40 22.73 -1.37
C THR C 724 -10.04 21.35 -1.24
N LYS C 725 -11.27 21.23 -1.72
CA LYS C 725 -12.01 19.98 -1.72
C LYS C 725 -11.92 19.35 -3.11
N THR C 726 -11.66 18.05 -3.15
CA THR C 726 -11.39 17.36 -4.41
C THR C 726 -12.20 16.08 -4.49
N SER C 727 -12.43 15.64 -5.73
CA SER C 727 -13.11 14.38 -6.00
C SER C 727 -12.34 13.62 -7.09
N VAL C 728 -12.37 12.30 -7.02
CA VAL C 728 -11.63 11.44 -7.92
C VAL C 728 -12.58 10.42 -8.52
N ASP C 729 -12.52 10.26 -9.84
CA ASP C 729 -13.30 9.22 -10.50
C ASP C 729 -12.57 7.88 -10.40
N CYS C 730 -13.26 6.89 -9.84
CA CYS C 730 -12.65 5.58 -9.60
C CYS C 730 -12.19 4.92 -10.89
N THR C 731 -13.06 4.92 -11.91
CA THR C 731 -12.79 4.16 -13.12
C THR C 731 -12.05 4.97 -14.19
N MET C 732 -12.40 6.25 -14.33
CA MET C 732 -11.80 7.04 -15.40
C MET C 732 -10.32 7.32 -15.17
N TYR C 733 -9.87 7.32 -13.91
CA TYR C 733 -8.45 7.52 -13.64
C TYR C 733 -7.63 6.28 -13.98
N ILE C 734 -8.14 5.10 -13.64
CA ILE C 734 -7.38 3.86 -13.78
C ILE C 734 -7.54 3.28 -15.17
N CYS C 735 -8.79 2.98 -15.55
CA CYS C 735 -9.06 2.28 -16.80
C CYS C 735 -9.86 3.16 -17.75
N GLY C 736 -9.44 4.41 -17.94
CA GLY C 736 -10.18 5.39 -18.70
C GLY C 736 -10.67 4.94 -20.07
N ASP C 737 -11.99 4.86 -20.21
CA ASP C 737 -12.64 4.55 -21.49
C ASP C 737 -12.15 3.24 -22.08
N SER C 738 -12.40 2.15 -21.35
CA SER C 738 -12.03 0.81 -21.82
C SER C 738 -12.92 -0.19 -21.10
N THR C 739 -13.77 -0.87 -21.85
CA THR C 739 -14.68 -1.85 -21.24
C THR C 739 -13.91 -3.04 -20.67
N GLU C 740 -12.85 -3.48 -21.36
CA GLU C 740 -12.05 -4.60 -20.86
C GLU C 740 -11.40 -4.26 -19.53
N CYS C 741 -10.78 -3.09 -19.43
CA CYS C 741 -10.11 -2.71 -18.19
C CYS C 741 -11.12 -2.47 -17.08
N SER C 742 -12.29 -1.93 -17.40
CA SER C 742 -13.34 -1.76 -16.39
C SER C 742 -13.82 -3.11 -15.88
N ASN C 743 -13.99 -4.07 -16.78
CA ASN C 743 -14.39 -5.42 -16.36
C ASN C 743 -13.33 -6.04 -15.45
N LEU C 744 -12.05 -5.86 -15.78
CA LEU C 744 -10.98 -6.36 -14.92
C LEU C 744 -10.97 -5.63 -13.58
N LEU C 745 -11.25 -4.33 -13.57
CA LEU C 745 -11.29 -3.56 -12.33
C LEU C 745 -12.45 -3.96 -11.43
N LEU C 746 -13.55 -4.44 -12.00
CA LEU C 746 -14.66 -4.94 -11.18
C LEU C 746 -14.26 -6.09 -10.26
N GLN C 747 -13.15 -6.76 -10.53
CA GLN C 747 -12.71 -7.89 -9.71
C GLN C 747 -11.85 -7.47 -8.53
N TYR C 748 -11.80 -6.17 -8.21
CA TYR C 748 -11.04 -5.70 -7.06
C TYR C 748 -11.92 -5.27 -5.89
N GLY C 749 -13.23 -5.48 -5.99
CA GLY C 749 -14.10 -5.18 -4.87
C GLY C 749 -14.30 -3.69 -4.64
N SER C 750 -14.53 -3.33 -3.39
CA SER C 750 -14.84 -1.96 -3.00
C SER C 750 -13.58 -1.23 -2.54
N PHE C 751 -12.59 -1.15 -3.44
CA PHE C 751 -11.37 -0.41 -3.13
C PHE C 751 -11.58 1.09 -3.20
N CYS C 752 -12.27 1.57 -4.24
CA CYS C 752 -12.39 3.00 -4.47
C CYS C 752 -13.60 3.64 -3.81
N THR C 753 -14.59 2.84 -3.39
CA THR C 753 -15.69 3.40 -2.60
C THR C 753 -15.17 3.98 -1.29
N GLN C 754 -14.18 3.33 -0.68
CA GLN C 754 -13.57 3.85 0.54
C GLN C 754 -12.87 5.17 0.27
N LEU C 755 -12.16 5.29 -0.86
CA LEU C 755 -11.51 6.54 -1.21
C LEU C 755 -12.52 7.65 -1.40
N ASN C 756 -13.63 7.36 -2.10
CA ASN C 756 -14.68 8.34 -2.28
C ASN C 756 -15.28 8.76 -0.94
N ARG C 757 -15.50 7.81 -0.04
CA ARG C 757 -16.04 8.12 1.27
C ARG C 757 -15.11 9.04 2.05
N ALA C 758 -13.81 8.74 2.04
CA ALA C 758 -12.85 9.57 2.76
C ALA C 758 -12.79 10.98 2.19
N LEU C 759 -12.77 11.10 0.86
CA LEU C 759 -12.73 12.43 0.25
C LEU C 759 -13.99 13.23 0.55
N THR C 760 -15.15 12.56 0.54
CA THR C 760 -16.40 13.22 0.89
C THR C 760 -16.37 13.72 2.33
N GLY C 761 -15.87 12.89 3.24
CA GLY C 761 -15.73 13.33 4.63
C GLY C 761 -14.81 14.52 4.77
N ILE C 762 -13.71 14.53 4.00
CA ILE C 762 -12.79 15.66 4.05
C ILE C 762 -13.48 16.94 3.58
N ALA C 763 -14.22 16.86 2.47
CA ALA C 763 -14.92 18.05 1.98
C ALA C 763 -15.95 18.55 2.98
N VAL C 764 -16.71 17.63 3.58
CA VAL C 764 -17.72 18.01 4.56
C VAL C 764 -17.06 18.69 5.76
N GLU C 765 -15.93 18.15 6.22
CA GLU C 765 -15.26 18.78 7.36
C GLU C 765 -14.63 20.12 6.99
N GLN C 766 -14.25 20.34 5.73
CA GLN C 766 -13.79 21.67 5.33
C GLN C 766 -14.93 22.68 5.44
N ASP C 767 -16.11 22.33 4.92
CA ASP C 767 -17.25 23.24 5.07
C ASP C 767 -17.59 23.46 6.55
N LYS C 768 -17.51 22.40 7.36
CA LYS C 768 -17.79 22.53 8.79
C LYS C 768 -16.78 23.45 9.47
N ASN C 769 -15.50 23.35 9.09
CA ASN C 769 -14.49 24.23 9.66
C ASN C 769 -14.80 25.68 9.35
N THR C 770 -15.14 25.97 8.09
CA THR C 770 -15.48 27.36 7.74
C THR C 770 -16.69 27.85 8.54
N GLN C 771 -17.72 27.01 8.66
CA GLN C 771 -18.92 27.42 9.40
C GLN C 771 -18.61 27.66 10.87
N GLU C 772 -17.82 26.78 11.50
CA GLU C 772 -17.49 26.97 12.91
C GLU C 772 -16.66 28.23 13.13
N VAL C 773 -15.73 28.52 12.22
CA VAL C 773 -14.88 29.69 12.41
C VAL C 773 -15.67 30.98 12.22
N PHE C 774 -16.50 31.06 11.17
CA PHE C 774 -17.04 32.36 10.77
C PHE C 774 -18.50 32.59 11.15
N ALA C 775 -19.25 31.56 11.53
CA ALA C 775 -20.68 31.70 11.81
C ALA C 775 -20.99 31.71 13.30
N GLN C 776 -20.15 32.35 14.11
CA GLN C 776 -20.39 32.39 15.55
C GLN C 776 -21.69 33.10 15.89
N VAL C 777 -21.97 34.23 15.23
CA VAL C 777 -23.17 35.01 15.48
C VAL C 777 -24.08 34.89 14.26
N LYS C 778 -25.38 34.71 14.52
CA LYS C 778 -26.37 34.56 13.46
C LYS C 778 -27.19 35.83 13.23
N GLN C 779 -26.78 36.94 13.84
CA GLN C 779 -27.45 38.22 13.67
C GLN C 779 -26.50 39.15 12.92
N ILE C 780 -26.95 39.65 11.78
CA ILE C 780 -26.08 40.40 10.86
C ILE C 780 -26.26 41.88 11.17
N TYR C 781 -25.41 42.39 12.07
CA TYR C 781 -25.39 43.81 12.38
C TYR C 781 -24.70 44.58 11.26
N LYS C 782 -25.27 45.71 10.89
CA LYS C 782 -24.73 46.53 9.81
C LYS C 782 -23.97 47.73 10.38
N THR C 783 -22.99 48.19 9.63
CA THR C 783 -22.11 49.25 10.10
C THR C 783 -22.90 50.55 10.29
N PRO C 784 -22.71 51.25 11.40
CA PRO C 784 -23.48 52.48 11.64
C PRO C 784 -23.09 53.57 10.67
N GLN C 785 -24.05 54.48 10.42
CA GLN C 785 -23.79 55.60 9.52
C GLN C 785 -22.79 56.59 10.11
N ILE C 786 -22.70 56.65 11.43
CA ILE C 786 -21.81 57.59 12.11
C ILE C 786 -20.43 56.95 12.26
N LYS C 787 -19.41 57.80 12.38
CA LYS C 787 -18.06 57.37 12.68
C LYS C 787 -17.48 58.14 13.87
N ASP C 788 -18.35 58.55 14.79
CA ASP C 788 -17.93 59.28 15.98
C ASP C 788 -17.56 58.28 17.06
N PHE C 789 -16.37 57.69 16.92
CA PHE C 789 -15.85 56.73 17.88
C PHE C 789 -14.77 57.34 18.78
N GLY C 790 -14.87 58.63 19.07
CA GLY C 790 -13.94 59.29 19.96
C GLY C 790 -12.52 59.37 19.43
N GLY C 791 -12.35 59.70 18.15
CA GLY C 791 -11.04 59.85 17.57
C GLY C 791 -10.45 58.60 16.96
N PHE C 792 -11.09 57.44 17.14
CA PHE C 792 -10.60 56.21 16.53
C PHE C 792 -11.08 56.10 15.09
N ASN C 793 -10.18 55.68 14.22
CA ASN C 793 -10.45 55.59 12.78
C ASN C 793 -10.48 54.12 12.38
N PHE C 794 -11.66 53.63 12.01
CA PHE C 794 -11.85 52.25 11.59
C PHE C 794 -12.09 52.11 10.09
N SER C 795 -11.86 53.18 9.32
CA SER C 795 -12.16 53.15 7.89
C SER C 795 -11.31 52.13 7.14
N GLN C 796 -10.12 51.82 7.63
CA GLN C 796 -9.25 50.87 6.94
C GLN C 796 -9.73 49.43 7.07
N ILE C 797 -10.55 49.13 8.09
CA ILE C 797 -11.02 47.77 8.29
C ILE C 797 -12.53 47.64 8.11
N LEU C 798 -13.28 48.73 8.17
CA LEU C 798 -14.71 48.68 7.90
C LEU C 798 -14.96 48.52 6.40
N PRO C 799 -16.09 47.92 6.02
CA PRO C 799 -16.32 47.62 4.60
C PRO C 799 -16.42 48.87 3.75
N ASP C 800 -15.97 48.75 2.51
CA ASP C 800 -16.01 49.84 1.54
C ASP C 800 -17.06 49.53 0.49
N PRO C 801 -18.17 50.27 0.43
CA PRO C 801 -19.22 49.95 -0.56
C PRO C 801 -18.80 50.18 -2.00
N SER C 802 -17.73 50.95 -2.24
CA SER C 802 -17.35 51.28 -3.61
C SER C 802 -16.95 50.04 -4.39
N LYS C 803 -16.21 49.13 -3.77
CA LYS C 803 -15.75 47.94 -4.46
C LYS C 803 -16.92 47.04 -4.84
N PRO C 804 -16.82 46.30 -5.95
CA PRO C 804 -17.88 45.35 -6.30
C PRO C 804 -18.11 44.29 -5.23
N SER C 805 -17.05 43.84 -4.57
CA SER C 805 -17.16 43.00 -3.39
C SER C 805 -16.96 43.88 -2.16
N LYS C 806 -17.92 43.81 -1.22
CA LYS C 806 -17.94 44.72 -0.08
C LYS C 806 -16.85 44.29 0.90
N ARG C 807 -15.61 44.67 0.57
CA ARG C 807 -14.45 44.33 1.37
C ARG C 807 -13.68 45.60 1.71
N SER C 808 -12.91 45.52 2.80
CA SER C 808 -12.14 46.67 3.26
C SER C 808 -10.78 46.72 2.58
N PHE C 809 -10.00 47.75 2.93
CA PHE C 809 -8.69 47.96 2.34
C PHE C 809 -7.74 46.81 2.67
N ILE C 810 -7.65 46.47 3.96
CA ILE C 810 -6.73 45.42 4.39
C ILE C 810 -7.15 44.07 3.82
N GLU C 811 -8.46 43.82 3.73
CA GLU C 811 -8.93 42.60 3.10
C GLU C 811 -8.54 42.55 1.63
N ASP C 812 -8.64 43.67 0.93
CA ASP C 812 -8.20 43.72 -0.46
C ASP C 812 -6.73 43.38 -0.58
N LEU C 813 -5.90 43.96 0.31
CA LEU C 813 -4.48 43.66 0.31
C LEU C 813 -4.24 42.16 0.52
N LEU C 814 -4.92 41.57 1.51
CA LEU C 814 -4.71 40.15 1.81
C LEU C 814 -5.14 39.26 0.66
N PHE C 815 -6.30 39.53 0.07
CA PHE C 815 -6.76 38.71 -1.06
C PHE C 815 -5.88 38.90 -2.29
N ASN C 816 -5.27 40.07 -2.46
CA ASN C 816 -4.36 40.25 -3.58
C ASN C 816 -2.95 39.71 -3.31
N LYS C 817 -2.62 39.40 -2.06
CA LYS C 817 -1.29 38.89 -1.75
C LYS C 817 -1.13 37.41 -2.03
N VAL C 818 -2.22 36.67 -2.25
CA VAL C 818 -2.15 35.23 -2.51
C VAL C 818 -2.19 35.00 -4.01
N THR C 819 -1.12 34.42 -4.55
CA THR C 819 -1.00 34.20 -5.99
C THR C 819 -1.44 32.78 -6.34
N LEU C 820 -2.76 32.59 -6.34
CA LEU C 820 -3.36 31.33 -6.72
C LEU C 820 -4.24 31.40 -7.95
N ALA C 821 -4.85 32.56 -8.23
CA ALA C 821 -5.71 32.80 -9.39
C ALA C 821 -6.89 31.85 -9.47
N ASP C 822 -7.15 31.07 -8.41
CA ASP C 822 -8.25 30.11 -8.36
C ASP C 822 -8.23 29.21 -9.59
N ALA C 823 -7.13 28.44 -9.70
CA ALA C 823 -6.92 27.61 -10.88
C ALA C 823 -7.98 26.53 -11.03
N GLY C 824 -8.60 26.12 -9.91
CA GLY C 824 -9.69 25.17 -10.00
C GLY C 824 -10.90 25.72 -10.75
N PHE C 825 -11.13 27.02 -10.64
CA PHE C 825 -12.23 27.68 -11.33
C PHE C 825 -11.83 27.94 -12.78
N ILE C 826 -12.61 28.76 -13.48
CA ILE C 826 -12.50 28.99 -14.92
C ILE C 826 -12.59 27.61 -15.56
N LYS C 827 -11.96 27.43 -16.72
CA LYS C 827 -11.89 26.14 -17.40
C LYS C 827 -13.28 25.50 -17.50
N GLN C 828 -14.25 26.26 -17.99
CA GLN C 828 -15.63 25.81 -17.98
C GLN C 828 -15.92 24.88 -19.16
N TYR C 829 -15.08 23.86 -19.33
CA TYR C 829 -15.23 22.83 -20.35
C TYR C 829 -15.33 23.42 -21.76
N GLY C 830 -15.07 24.71 -21.89
CA GLY C 830 -14.97 25.34 -23.20
C GLY C 830 -13.55 25.74 -23.47
N ASP C 831 -12.76 25.91 -22.40
CA ASP C 831 -11.35 26.22 -22.55
C ASP C 831 -10.56 24.99 -23.00
N CYS C 832 -10.95 23.80 -22.52
CA CYS C 832 -10.36 22.56 -23.00
C CYS C 832 -11.08 22.13 -24.29
N LEU C 833 -10.78 22.86 -25.36
CA LEU C 833 -11.37 22.61 -26.66
C LEU C 833 -10.28 22.84 -27.72
N GLY C 834 -10.71 22.94 -28.98
CA GLY C 834 -9.78 23.09 -30.08
C GLY C 834 -8.88 24.30 -29.99
N ASP C 835 -7.59 24.06 -29.75
CA ASP C 835 -6.61 25.13 -29.68
C ASP C 835 -5.26 24.60 -30.12
N ILE C 836 -4.38 25.52 -30.52
CA ILE C 836 -3.07 25.12 -31.04
C ILE C 836 -2.22 24.49 -29.95
N ALA C 837 -2.22 25.07 -28.76
CA ALA C 837 -1.38 24.58 -27.68
C ALA C 837 -1.92 23.27 -27.11
N ALA C 838 -1.05 22.56 -26.39
CA ALA C 838 -1.44 21.35 -25.70
C ALA C 838 -2.25 21.69 -24.45
N ARG C 839 -2.83 20.67 -23.82
CA ARG C 839 -3.65 20.90 -22.64
C ARG C 839 -2.81 21.48 -21.50
N ASP C 840 -3.44 22.35 -20.72
CA ASP C 840 -2.82 22.89 -19.54
C ASP C 840 -2.77 21.83 -18.44
N LEU C 841 -2.27 22.24 -17.27
CA LEU C 841 -2.22 21.32 -16.14
C LEU C 841 -3.59 21.08 -15.52
N ILE C 842 -4.60 21.85 -15.93
CA ILE C 842 -5.95 21.68 -15.39
C ILE C 842 -6.82 20.79 -16.28
N CYS C 843 -6.70 20.94 -17.60
CA CYS C 843 -7.42 20.05 -18.50
C CYS C 843 -6.95 18.61 -18.35
N ALA C 844 -5.67 18.41 -18.04
CA ALA C 844 -5.17 17.06 -17.80
C ALA C 844 -5.81 16.44 -16.58
N GLN C 845 -5.96 17.22 -15.49
CA GLN C 845 -6.66 16.72 -14.32
C GLN C 845 -8.12 16.44 -14.62
N LYS C 846 -8.77 17.35 -15.34
CA LYS C 846 -10.20 17.21 -15.62
C LYS C 846 -10.49 15.99 -16.48
N PHE C 847 -9.62 15.73 -17.47
CA PHE C 847 -9.85 14.64 -18.40
C PHE C 847 -9.47 13.28 -17.82
N ASN C 848 -8.80 13.24 -16.67
CA ASN C 848 -8.41 11.99 -16.03
C ASN C 848 -9.24 11.68 -14.80
N GLY C 849 -10.30 12.44 -14.54
CA GLY C 849 -11.22 12.12 -13.47
C GLY C 849 -11.02 12.87 -12.17
N LEU C 850 -10.12 13.85 -12.12
CA LEU C 850 -9.85 14.61 -10.92
C LEU C 850 -10.52 15.99 -11.02
N THR C 851 -11.32 16.32 -10.01
CA THR C 851 -12.10 17.55 -10.01
C THR C 851 -11.94 18.26 -8.67
N VAL C 852 -12.27 19.55 -8.67
CA VAL C 852 -12.21 20.39 -7.48
C VAL C 852 -13.61 20.92 -7.21
N LEU C 853 -14.09 20.73 -5.99
CA LEU C 853 -15.43 21.18 -5.61
C LEU C 853 -15.39 22.58 -5.02
N PRO C 854 -16.30 23.47 -5.40
CA PRO C 854 -16.26 24.83 -4.88
C PRO C 854 -16.71 24.87 -3.43
N PRO C 855 -16.21 25.83 -2.66
CA PRO C 855 -16.67 25.95 -1.26
C PRO C 855 -18.12 26.39 -1.17
N LEU C 856 -18.77 25.97 -0.08
CA LEU C 856 -20.18 26.30 0.11
C LEU C 856 -20.39 27.80 0.30
N LEU C 857 -19.51 28.44 1.05
CA LEU C 857 -19.62 29.87 1.34
C LEU C 857 -18.73 30.65 0.38
N THR C 858 -19.32 31.59 -0.34
CA THR C 858 -18.54 32.49 -1.18
C THR C 858 -17.81 33.50 -0.31
N ASP C 859 -16.80 34.16 -0.90
CA ASP C 859 -16.01 35.12 -0.14
C ASP C 859 -16.84 36.32 0.30
N GLU C 860 -17.90 36.65 -0.45
CA GLU C 860 -18.76 37.77 -0.07
C GLU C 860 -19.54 37.45 1.20
N MET C 861 -20.01 36.21 1.36
CA MET C 861 -20.71 35.83 2.57
C MET C 861 -19.76 35.87 3.78
N ILE C 862 -18.53 35.42 3.60
CA ILE C 862 -17.54 35.47 4.67
C ILE C 862 -17.24 36.91 5.04
N ALA C 863 -17.14 37.79 4.03
CA ALA C 863 -16.94 39.21 4.29
C ALA C 863 -18.12 39.81 5.04
N GLN C 864 -19.34 39.39 4.71
CA GLN C 864 -20.50 39.86 5.45
C GLN C 864 -20.46 39.43 6.91
N TYR C 865 -20.06 38.18 7.15
CA TYR C 865 -19.93 37.70 8.53
C TYR C 865 -18.89 38.51 9.30
N THR C 866 -17.73 38.75 8.69
CA THR C 866 -16.69 39.53 9.35
C THR C 866 -17.14 40.96 9.60
N SER C 867 -17.87 41.55 8.65
CA SER C 867 -18.37 42.90 8.82
C SER C 867 -19.37 42.98 9.97
N ALA C 868 -20.26 41.99 10.08
CA ALA C 868 -21.19 41.95 11.20
C ALA C 868 -20.46 41.84 12.51
N LEU C 869 -19.43 40.98 12.57
CA LEU C 869 -18.64 40.86 13.80
C LEU C 869 -17.97 42.18 14.16
N LEU C 870 -17.40 42.86 13.17
CA LEU C 870 -16.75 44.15 13.44
C LEU C 870 -17.74 45.18 13.94
N ALA C 871 -18.90 45.28 13.28
CA ALA C 871 -19.90 46.25 13.71
C ALA C 871 -20.37 45.97 15.13
N GLY C 872 -20.63 44.70 15.45
CA GLY C 872 -21.03 44.36 16.80
C GLY C 872 -19.97 44.69 17.83
N THR C 873 -18.72 44.35 17.54
CA THR C 873 -17.66 44.57 18.54
C THR C 873 -17.29 46.03 18.69
N ILE C 874 -17.58 46.88 17.69
CA ILE C 874 -17.30 48.31 17.83
C ILE C 874 -18.50 49.11 18.34
N THR C 875 -19.72 48.58 18.24
CA THR C 875 -20.89 49.30 18.73
C THR C 875 -21.48 48.75 20.02
N SER C 876 -21.06 47.57 20.48
CA SER C 876 -21.63 46.99 21.69
C SER C 876 -20.61 46.46 22.69
N GLY C 877 -19.37 46.19 22.28
CA GLY C 877 -18.41 45.57 23.16
C GLY C 877 -18.50 44.06 23.10
N TRP C 878 -18.43 43.40 24.26
CA TRP C 878 -18.54 41.96 24.33
C TRP C 878 -19.97 41.48 24.59
N THR C 879 -20.93 42.41 24.72
CA THR C 879 -22.28 42.02 25.11
C THR C 879 -23.00 41.24 24.01
N PHE C 880 -22.63 41.47 22.74
CA PHE C 880 -23.32 40.81 21.64
C PHE C 880 -22.95 39.34 21.52
N GLY C 881 -21.91 38.88 22.22
CA GLY C 881 -21.56 37.47 22.21
C GLY C 881 -22.30 36.66 23.23
N ALA C 882 -22.67 37.29 24.35
CA ALA C 882 -23.39 36.62 25.42
C ALA C 882 -24.90 36.75 25.31
N GLY C 883 -25.39 37.50 24.32
CA GLY C 883 -26.82 37.67 24.16
C GLY C 883 -27.16 38.83 23.24
N ALA C 884 -28.16 39.63 23.63
CA ALA C 884 -28.51 40.80 22.85
C ALA C 884 -27.39 41.84 22.91
N ALA C 885 -27.20 42.54 21.80
CA ALA C 885 -26.18 43.58 21.73
C ALA C 885 -26.66 44.82 22.46
N LEU C 886 -25.86 45.32 23.39
CA LEU C 886 -26.18 46.49 24.18
C LEU C 886 -25.24 47.63 23.80
N GLN C 887 -25.80 48.76 23.41
CA GLN C 887 -25.01 49.88 22.92
C GLN C 887 -24.20 50.51 24.06
N ILE C 888 -23.02 51.02 23.69
CA ILE C 888 -22.14 51.71 24.63
C ILE C 888 -21.18 52.60 23.85
N PRO C 889 -20.92 53.82 24.29
CA PRO C 889 -19.91 54.65 23.60
C PRO C 889 -18.54 54.00 23.65
N PHE C 890 -17.76 54.24 22.59
CA PHE C 890 -16.51 53.52 22.41
C PHE C 890 -15.50 53.83 23.51
N ALA C 891 -15.42 55.10 23.94
CA ALA C 891 -14.47 55.46 24.98
C ALA C 891 -14.76 54.72 26.28
N MET C 892 -16.04 54.54 26.60
CA MET C 892 -16.40 53.77 27.79
C MET C 892 -15.99 52.30 27.65
N GLN C 893 -16.14 51.74 26.45
CA GLN C 893 -15.68 50.38 26.22
C GLN C 893 -14.16 50.26 26.41
N MET C 894 -13.42 51.24 25.90
CA MET C 894 -11.97 51.23 26.09
C MET C 894 -11.60 51.37 27.55
N ALA C 895 -12.36 52.19 28.30
CA ALA C 895 -12.14 52.28 29.74
C ALA C 895 -12.41 50.95 30.44
N TYR C 896 -13.44 50.23 29.99
CA TYR C 896 -13.73 48.91 30.54
C TYR C 896 -12.57 47.95 30.28
N ARG C 897 -12.02 47.97 29.06
CA ARG C 897 -10.85 47.12 28.78
C ARG C 897 -9.64 47.53 29.62
N PHE C 898 -9.42 48.83 29.79
CA PHE C 898 -8.31 49.30 30.62
C PHE C 898 -8.46 48.81 32.06
N ASN C 899 -9.68 48.88 32.60
CA ASN C 899 -9.93 48.29 33.91
C ASN C 899 -9.68 46.79 33.91
N GLY C 900 -9.99 46.12 32.79
CA GLY C 900 -9.70 44.70 32.67
C GLY C 900 -8.24 44.36 32.72
N ILE C 901 -7.38 45.21 32.13
CA ILE C 901 -5.93 44.95 32.14
C ILE C 901 -5.24 45.49 33.39
N GLY C 902 -5.98 46.11 34.29
CA GLY C 902 -5.42 46.56 35.56
C GLY C 902 -5.00 48.01 35.63
N VAL C 903 -5.37 48.83 34.65
CA VAL C 903 -5.05 50.25 34.64
C VAL C 903 -6.35 51.03 34.83
N THR C 904 -6.35 51.95 35.79
CA THR C 904 -7.56 52.70 36.09
C THR C 904 -8.01 53.51 34.87
N GLN C 905 -9.33 53.60 34.68
CA GLN C 905 -9.90 54.18 33.48
C GLN C 905 -9.60 55.67 33.33
N ASN C 906 -9.25 56.35 34.43
CA ASN C 906 -8.86 57.75 34.33
C ASN C 906 -7.61 57.93 33.47
N VAL C 907 -6.75 56.91 33.40
CA VAL C 907 -5.58 56.98 32.52
C VAL C 907 -6.02 57.08 31.07
N LEU C 908 -7.01 56.26 30.68
CA LEU C 908 -7.55 56.37 29.34
C LEU C 908 -8.25 57.70 29.12
N TYR C 909 -9.08 58.13 30.08
CA TYR C 909 -9.86 59.35 29.90
C TYR C 909 -8.96 60.57 29.75
N GLU C 910 -7.89 60.64 30.54
CA GLU C 910 -7.03 61.83 30.50
C GLU C 910 -6.19 61.87 29.24
N ASN C 911 -5.86 60.72 28.65
CA ASN C 911 -4.98 60.63 27.48
C ASN C 911 -5.70 59.99 26.30
N GLN C 912 -6.94 60.41 26.05
CA GLN C 912 -7.72 59.80 24.97
C GLN C 912 -7.15 60.12 23.60
N LYS C 913 -6.76 61.37 23.36
CA LYS C 913 -6.28 61.78 22.05
C LYS C 913 -4.99 61.07 21.68
N LEU C 914 -4.06 60.97 22.62
CA LEU C 914 -2.79 60.30 22.34
C LEU C 914 -3.00 58.83 22.02
N ILE C 915 -3.87 58.16 22.77
CA ILE C 915 -4.14 56.75 22.52
C ILE C 915 -4.81 56.57 21.16
N ALA C 916 -5.74 57.45 20.80
CA ALA C 916 -6.38 57.36 19.49
C ALA C 916 -5.35 57.55 18.37
N ASN C 917 -4.45 58.52 18.54
CA ASN C 917 -3.41 58.73 17.53
C ASN C 917 -2.48 57.53 17.42
N GLN C 918 -2.12 56.94 18.56
CA GLN C 918 -1.28 55.74 18.53
C GLN C 918 -1.96 54.59 17.82
N PHE C 919 -3.26 54.40 18.08
CA PHE C 919 -4.01 53.35 17.39
C PHE C 919 -4.04 53.59 15.89
N ASN C 920 -4.29 54.83 15.47
CA ASN C 920 -4.32 55.16 14.05
C ASN C 920 -2.96 54.91 13.41
N SER C 921 -1.89 55.33 14.07
CA SER C 921 -0.55 55.11 13.55
C SER C 921 -0.22 53.63 13.44
N ALA C 922 -0.64 52.84 14.44
CA ALA C 922 -0.40 51.40 14.39
C ALA C 922 -1.14 50.76 13.21
N ILE C 923 -2.40 51.18 12.98
CA ILE C 923 -3.15 50.64 11.85
C ILE C 923 -2.47 51.02 10.54
N GLY C 924 -2.01 52.28 10.43
CA GLY C 924 -1.31 52.71 9.23
C GLY C 924 -0.03 51.92 9.00
N LYS C 925 0.73 51.66 10.07
CA LYS C 925 1.94 50.86 9.94
C LYS C 925 1.64 49.44 9.51
N ILE C 926 0.57 48.85 10.04
CA ILE C 926 0.16 47.51 9.62
C ILE C 926 -0.18 47.50 8.14
N GLN C 927 -0.93 48.52 7.68
CA GLN C 927 -1.28 48.61 6.28
C GLN C 927 -0.05 48.75 5.39
N ASP C 928 0.90 49.59 5.80
CA ASP C 928 2.12 49.77 5.02
C ASP C 928 2.95 48.49 4.97
N SER C 929 3.06 47.78 6.10
CA SER C 929 3.80 46.53 6.12
C SER C 929 3.15 45.50 5.21
N LEU C 930 1.82 45.42 5.22
CA LEU C 930 1.14 44.52 4.31
C LEU C 930 1.38 44.90 2.86
N SER C 931 1.31 46.19 2.54
CA SER C 931 1.46 46.62 1.16
C SER C 931 2.91 46.56 0.68
N SER C 932 3.87 46.40 1.59
CA SER C 932 5.28 46.33 1.19
C SER C 932 5.74 44.89 1.00
N THR C 933 5.66 44.08 2.06
CA THR C 933 6.16 42.71 2.01
C THR C 933 5.11 41.76 1.45
N ALA C 934 5.54 40.53 1.19
CA ALA C 934 4.65 39.48 0.67
C ALA C 934 4.83 38.14 1.35
N SER C 935 5.80 37.98 2.24
CA SER C 935 6.08 36.69 2.88
C SER C 935 5.31 36.50 4.18
N ALA C 936 4.47 37.45 4.57
CA ALA C 936 3.69 37.30 5.79
C ALA C 936 2.58 36.27 5.65
N LEU C 937 2.18 35.94 4.42
CA LEU C 937 1.10 34.98 4.15
C LEU C 937 1.65 33.65 3.68
N GLY C 938 2.76 33.20 4.27
CA GLY C 938 3.39 31.96 3.83
C GLY C 938 2.54 30.73 4.06
N LYS C 939 1.70 30.73 5.10
CA LYS C 939 0.96 29.53 5.47
C LYS C 939 -0.13 29.21 4.44
N LEU C 940 -0.92 30.21 4.05
CA LEU C 940 -1.99 29.97 3.09
C LEU C 940 -1.44 29.58 1.73
N GLN C 941 -0.41 30.29 1.26
CA GLN C 941 0.24 29.94 0.01
C GLN C 941 0.85 28.56 0.09
N ASP C 942 1.41 28.19 1.25
CA ASP C 942 1.97 26.86 1.42
C ASP C 942 0.90 25.78 1.29
N VAL C 943 -0.26 26.00 1.90
CA VAL C 943 -1.35 25.03 1.80
C VAL C 943 -1.79 24.87 0.34
N VAL C 944 -1.99 26.01 -0.35
CA VAL C 944 -2.43 25.96 -1.74
C VAL C 944 -1.41 25.25 -2.61
N ASN C 945 -0.12 25.57 -2.43
CA ASN C 945 0.94 24.96 -3.21
C ASN C 945 1.03 23.46 -2.95
N GLN C 946 0.89 23.05 -1.68
CA GLN C 946 0.95 21.63 -1.36
C GLN C 946 -0.19 20.87 -2.02
N ASN C 947 -1.41 21.40 -1.97
CA ASN C 947 -2.53 20.73 -2.60
C ASN C 947 -2.35 20.65 -4.12
N ALA C 948 -1.93 21.76 -4.74
CA ALA C 948 -1.73 21.75 -6.18
C ALA C 948 -0.62 20.78 -6.59
N GLN C 949 0.47 20.74 -5.82
CA GLN C 949 1.55 19.82 -6.12
C GLN C 949 1.11 18.37 -5.98
N ALA C 950 0.29 18.08 -4.96
CA ALA C 950 -0.22 16.72 -4.81
C ALA C 950 -1.06 16.32 -6.01
N LEU C 951 -1.95 17.19 -6.46
CA LEU C 951 -2.77 16.86 -7.62
C LEU C 951 -1.91 16.69 -8.88
N ASN C 952 -0.93 17.58 -9.08
CA ASN C 952 -0.08 17.48 -10.26
C ASN C 952 0.74 16.20 -10.26
N THR C 953 1.26 15.81 -9.10
CA THR C 953 2.00 14.56 -8.99
C THR C 953 1.09 13.36 -9.27
N LEU C 954 -0.15 13.41 -8.77
CA LEU C 954 -1.09 12.33 -9.07
C LEU C 954 -1.34 12.21 -10.56
N VAL C 955 -1.45 13.33 -11.26
CA VAL C 955 -1.62 13.27 -12.71
C VAL C 955 -0.36 12.72 -13.39
N LYS C 956 0.81 13.22 -13.01
CA LYS C 956 2.04 12.83 -13.68
C LYS C 956 2.43 11.39 -13.39
N GLN C 957 1.86 10.77 -12.35
CA GLN C 957 2.13 9.37 -12.08
C GLN C 957 1.52 8.42 -13.09
N LEU C 958 0.66 8.91 -13.98
CA LEU C 958 -0.01 8.04 -14.94
C LEU C 958 0.92 7.50 -16.02
N SER C 959 2.12 8.05 -16.15
CA SER C 959 3.06 7.62 -17.18
C SER C 959 4.02 6.55 -16.70
N SER C 960 3.87 6.07 -15.47
CA SER C 960 4.75 5.03 -14.95
C SER C 960 4.36 3.67 -15.52
N ASN C 961 5.37 2.87 -15.85
CA ASN C 961 5.11 1.54 -16.42
C ASN C 961 4.64 0.56 -15.36
N PHE C 962 5.15 0.68 -14.13
CA PHE C 962 4.84 -0.26 -13.04
C PHE C 962 5.22 -1.69 -13.41
N GLY C 963 6.22 -1.85 -14.27
CA GLY C 963 6.68 -3.16 -14.68
C GLY C 963 6.03 -3.73 -15.91
N ALA C 964 5.05 -3.05 -16.49
CA ALA C 964 4.40 -3.53 -17.70
C ALA C 964 5.22 -3.15 -18.94
N ILE C 965 4.79 -3.66 -20.09
CA ILE C 965 5.48 -3.35 -21.33
C ILE C 965 5.37 -1.86 -21.65
N SER C 966 4.18 -1.28 -21.45
CA SER C 966 3.97 0.14 -21.72
C SER C 966 3.03 0.71 -20.68
N SER C 967 3.21 2.00 -20.40
CA SER C 967 2.30 2.71 -19.51
C SER C 967 0.99 3.08 -20.18
N VAL C 968 0.95 3.12 -21.51
CA VAL C 968 -0.27 3.44 -22.23
C VAL C 968 -1.14 2.21 -22.29
N LEU C 969 -2.38 2.33 -21.80
CA LEU C 969 -3.31 1.20 -21.83
C LEU C 969 -3.69 0.82 -23.25
N ASN C 970 -3.74 1.80 -24.15
CA ASN C 970 -4.22 1.55 -25.50
C ASN C 970 -3.30 0.59 -26.26
N ASP C 971 -1.99 0.79 -26.17
CA ASP C 971 -1.06 -0.08 -26.87
C ASP C 971 -0.60 -1.26 -26.01
N ILE C 972 -1.58 -1.91 -25.39
CA ILE C 972 -1.40 -3.22 -24.77
C ILE C 972 -2.50 -4.10 -25.34
N LEU C 973 -3.72 -3.58 -25.35
CA LEU C 973 -4.84 -4.25 -25.99
C LEU C 973 -4.72 -4.23 -27.51
N SER C 974 -3.90 -3.33 -28.05
CA SER C 974 -3.65 -3.30 -29.49
C SER C 974 -2.69 -4.40 -29.92
N ARG C 975 -1.75 -4.78 -29.05
CA ARG C 975 -0.68 -5.70 -29.41
C ARG C 975 -0.80 -7.07 -28.78
N LEU C 976 -1.50 -7.20 -27.65
CA LEU C 976 -1.56 -8.45 -26.91
C LEU C 976 -2.99 -8.98 -26.87
N ASP C 977 -3.12 -10.29 -27.07
CA ASP C 977 -4.41 -10.96 -26.96
C ASP C 977 -4.86 -10.98 -25.50
N PRO C 978 -6.18 -11.02 -25.27
CA PRO C 978 -6.72 -10.63 -23.95
C PRO C 978 -6.18 -11.45 -22.79
N PRO C 979 -6.20 -12.79 -22.85
CA PRO C 979 -5.66 -13.54 -21.69
C PRO C 979 -4.19 -13.27 -21.42
N GLU C 980 -3.42 -12.90 -22.45
CA GLU C 980 -2.02 -12.51 -22.22
C GLU C 980 -1.93 -11.05 -21.79
N ALA C 981 -2.87 -10.21 -22.22
CA ALA C 981 -2.86 -8.81 -21.82
C ALA C 981 -3.33 -8.60 -20.40
N GLU C 982 -4.00 -9.60 -19.81
CA GLU C 982 -4.52 -9.45 -18.45
C GLU C 982 -3.41 -9.20 -17.44
N VAL C 983 -2.23 -9.80 -17.64
CA VAL C 983 -1.13 -9.61 -16.70
C VAL C 983 -0.68 -8.15 -16.69
N GLN C 984 -0.47 -7.57 -17.88
CA GLN C 984 -0.06 -6.17 -17.96
C GLN C 984 -1.14 -5.26 -17.40
N ILE C 985 -2.40 -5.53 -17.72
CA ILE C 985 -3.49 -4.71 -17.22
C ILE C 985 -3.53 -4.77 -15.70
N ASP C 986 -3.30 -5.96 -15.13
CA ASP C 986 -3.33 -6.11 -13.68
C ASP C 986 -2.20 -5.35 -13.01
N ARG C 987 -0.99 -5.40 -13.60
CA ARG C 987 0.11 -4.63 -13.05
C ARG C 987 -0.19 -3.13 -13.06
N LEU C 988 -0.74 -2.63 -14.18
CA LEU C 988 -1.07 -1.22 -14.27
C LEU C 988 -2.16 -0.85 -13.26
N ILE C 989 -3.16 -1.72 -13.10
CA ILE C 989 -4.24 -1.46 -12.16
C ILE C 989 -3.69 -1.37 -10.74
N THR C 990 -2.80 -2.30 -10.38
CA THR C 990 -2.23 -2.29 -9.04
C THR C 990 -1.45 -1.01 -8.77
N GLY C 991 -0.61 -0.60 -9.73
CA GLY C 991 0.15 0.63 -9.54
C GLY C 991 -0.73 1.87 -9.42
N ARG C 992 -1.70 2.01 -10.33
CA ARG C 992 -2.55 3.19 -10.33
C ARG C 992 -3.52 3.19 -9.16
N LEU C 993 -3.81 2.04 -8.58
CA LEU C 993 -4.62 1.95 -7.37
C LEU C 993 -3.82 2.25 -6.11
N GLN C 994 -2.52 1.92 -6.10
CA GLN C 994 -1.65 2.35 -5.01
C GLN C 994 -1.43 3.85 -4.98
N SER C 995 -1.33 4.47 -6.16
CA SER C 995 -1.14 5.92 -6.21
C SER C 995 -2.30 6.66 -5.54
N LEU C 996 -3.54 6.24 -5.83
CA LEU C 996 -4.70 6.88 -5.25
C LEU C 996 -4.74 6.71 -3.73
N GLN C 997 -4.36 5.52 -3.24
CA GLN C 997 -4.34 5.29 -1.80
C GLN C 997 -3.34 6.20 -1.11
N THR C 998 -2.14 6.36 -1.70
CA THR C 998 -1.16 7.27 -1.12
C THR C 998 -1.69 8.70 -1.10
N TYR C 999 -2.31 9.14 -2.20
CA TYR C 999 -2.87 10.48 -2.25
C TYR C 999 -3.94 10.68 -1.17
N VAL C 1000 -4.81 9.68 -0.98
CA VAL C 1000 -5.90 9.82 -0.02
C VAL C 1000 -5.37 9.84 1.41
N THR C 1001 -4.36 9.02 1.71
CA THR C 1001 -3.78 9.04 3.05
C THR C 1001 -3.14 10.39 3.37
N GLN C 1002 -2.37 10.93 2.42
CA GLN C 1002 -1.77 12.24 2.63
C GLN C 1002 -2.84 13.31 2.81
N GLN C 1003 -3.92 13.23 2.02
CA GLN C 1003 -5.01 14.18 2.14
C GLN C 1003 -5.66 14.10 3.52
N LEU C 1004 -5.85 12.89 4.04
CA LEU C 1004 -6.45 12.75 5.37
C LEU C 1004 -5.58 13.36 6.44
N ILE C 1005 -4.26 13.14 6.37
CA ILE C 1005 -3.37 13.74 7.38
C ILE C 1005 -3.40 15.26 7.28
N ARG C 1006 -3.34 15.81 6.07
CA ARG C 1006 -3.40 17.26 5.91
C ARG C 1006 -4.73 17.81 6.42
N ALA C 1007 -5.83 17.09 6.18
CA ALA C 1007 -7.13 17.51 6.67
C ALA C 1007 -7.18 17.55 8.19
N ALA C 1008 -6.56 16.56 8.84
CA ALA C 1008 -6.49 16.58 10.30
C ALA C 1008 -5.73 17.81 10.80
N GLU C 1009 -4.60 18.13 10.16
CA GLU C 1009 -3.85 19.32 10.56
C GLU C 1009 -4.69 20.59 10.38
N ILE C 1010 -5.39 20.69 9.24
CA ILE C 1010 -6.20 21.87 8.97
C ILE C 1010 -7.36 21.97 9.96
N ARG C 1011 -7.92 20.82 10.36
CA ARG C 1011 -8.99 20.83 11.36
C ARG C 1011 -8.48 21.34 12.70
N ALA C 1012 -7.27 20.93 13.10
CA ALA C 1012 -6.69 21.46 14.33
C ALA C 1012 -6.50 22.97 14.24
N SER C 1013 -6.00 23.45 13.10
CA SER C 1013 -5.80 24.87 12.92
C SER C 1013 -7.13 25.63 12.97
N ALA C 1014 -8.18 25.07 12.37
CA ALA C 1014 -9.49 25.71 12.39
C ALA C 1014 -10.07 25.76 13.79
N ASN C 1015 -9.87 24.71 14.58
CA ASN C 1015 -10.32 24.73 15.97
C ASN C 1015 -9.60 25.82 16.76
N LEU C 1016 -8.29 25.95 16.54
CA LEU C 1016 -7.56 27.03 17.21
C LEU C 1016 -8.08 28.39 16.78
N ALA C 1017 -8.37 28.55 15.48
CA ALA C 1017 -8.89 29.82 14.99
C ALA C 1017 -10.25 30.14 15.60
N ALA C 1018 -11.12 29.14 15.75
CA ALA C 1018 -12.42 29.37 16.37
C ALA C 1018 -12.28 29.77 17.82
N THR C 1019 -11.38 29.11 18.56
CA THR C 1019 -11.15 29.50 19.96
C THR C 1019 -10.61 30.92 20.03
N LYS C 1020 -9.67 31.27 19.15
CA LYS C 1020 -9.13 32.63 19.15
C LYS C 1020 -10.20 33.66 18.85
N MET C 1021 -11.06 33.38 17.87
CA MET C 1021 -12.16 34.30 17.59
C MET C 1021 -13.04 34.48 18.81
N SER C 1022 -13.49 33.38 19.40
CA SER C 1022 -14.43 33.46 20.53
C SER C 1022 -13.82 34.19 21.72
N GLU C 1023 -12.52 34.03 21.96
CA GLU C 1023 -11.92 34.60 23.17
C GLU C 1023 -11.36 36.01 22.97
N CYS C 1024 -10.64 36.25 21.87
CA CYS C 1024 -10.05 37.57 21.66
C CYS C 1024 -11.05 38.55 21.07
N VAL C 1025 -11.93 38.08 20.18
CA VAL C 1025 -12.83 38.99 19.47
C VAL C 1025 -14.13 39.21 20.24
N LEU C 1026 -14.73 38.14 20.74
CA LEU C 1026 -15.99 38.24 21.46
C LEU C 1026 -15.82 38.59 22.93
N GLY C 1027 -14.59 38.77 23.39
CA GLY C 1027 -14.34 39.18 24.75
C GLY C 1027 -12.92 39.67 24.92
N GLN C 1028 -12.50 39.78 26.17
CA GLN C 1028 -11.13 40.17 26.51
C GLN C 1028 -10.47 39.01 27.23
N SER C 1029 -9.30 38.61 26.75
CA SER C 1029 -8.64 37.40 27.22
C SER C 1029 -7.50 37.76 28.16
N LYS C 1030 -7.45 37.06 29.30
CA LYS C 1030 -6.36 37.21 30.26
C LYS C 1030 -5.26 36.17 30.09
N ARG C 1031 -5.40 35.26 29.11
CA ARG C 1031 -4.34 34.30 28.84
C ARG C 1031 -3.15 35.00 28.20
N VAL C 1032 -1.95 34.64 28.66
CA VAL C 1032 -0.73 35.30 28.20
C VAL C 1032 -0.33 34.76 26.84
N ASP C 1033 0.04 35.67 25.93
CA ASP C 1033 0.55 35.32 24.60
C ASP C 1033 -0.47 34.54 23.78
N PHE C 1034 -1.76 34.72 24.07
CA PHE C 1034 -2.83 34.09 23.30
C PHE C 1034 -3.46 35.03 22.29
N CYS C 1035 -3.65 36.30 22.65
CA CYS C 1035 -4.21 37.31 21.77
C CYS C 1035 -3.23 38.46 21.58
N GLY C 1036 -1.97 38.13 21.36
CA GLY C 1036 -0.94 39.13 21.11
C GLY C 1036 -0.03 39.31 22.32
N LYS C 1037 1.19 39.75 22.04
CA LYS C 1037 2.17 39.96 23.09
C LYS C 1037 1.88 41.24 23.85
N GLY C 1038 1.79 41.14 25.18
CA GLY C 1038 1.47 42.28 26.01
C GLY C 1038 0.19 42.06 26.79
N TYR C 1039 -0.53 43.13 27.11
CA TYR C 1039 -1.81 43.05 27.80
C TYR C 1039 -2.91 43.25 26.77
N HIS C 1040 -3.72 42.22 26.56
CA HIS C 1040 -4.69 42.23 25.47
C HIS C 1040 -5.77 43.29 25.72
N LEU C 1041 -6.12 44.01 24.65
CA LEU C 1041 -7.21 44.97 24.68
C LEU C 1041 -8.37 44.53 23.79
N MET C 1042 -8.12 44.31 22.51
CA MET C 1042 -9.16 43.87 21.58
C MET C 1042 -8.52 43.23 20.37
N SER C 1043 -9.34 42.56 19.57
CA SER C 1043 -8.90 41.96 18.32
C SER C 1043 -9.95 42.20 17.26
N PHE C 1044 -9.52 42.25 16.00
CA PHE C 1044 -10.40 42.48 14.86
C PHE C 1044 -10.18 41.36 13.85
N PRO C 1045 -11.24 40.68 13.40
CA PRO C 1045 -11.06 39.63 12.39
C PRO C 1045 -11.11 40.17 10.97
N GLN C 1046 -10.29 39.57 10.11
CA GLN C 1046 -10.27 39.89 8.69
C GLN C 1046 -10.26 38.59 7.89
N SER C 1047 -11.03 38.56 6.82
CA SER C 1047 -11.12 37.37 5.98
C SER C 1047 -9.94 37.30 5.02
N ALA C 1048 -9.44 36.10 4.81
CA ALA C 1048 -8.33 35.83 3.92
C ALA C 1048 -8.67 34.62 3.07
N PRO C 1049 -7.97 34.40 1.95
CA PRO C 1049 -8.24 33.19 1.15
C PRO C 1049 -7.93 31.91 1.93
N HIS C 1050 -8.97 31.15 2.26
CA HIS C 1050 -8.85 29.89 2.98
C HIS C 1050 -8.20 30.10 4.35
N GLY C 1051 -8.45 31.25 4.97
CA GLY C 1051 -7.85 31.53 6.25
C GLY C 1051 -8.49 32.74 6.90
N VAL C 1052 -7.96 33.11 8.06
CA VAL C 1052 -8.42 34.25 8.81
C VAL C 1052 -7.21 35.05 9.28
N VAL C 1053 -7.42 36.35 9.48
CA VAL C 1053 -6.36 37.26 9.94
C VAL C 1053 -6.89 38.02 11.14
N PHE C 1054 -6.11 38.06 12.21
CA PHE C 1054 -6.50 38.71 13.45
C PHE C 1054 -5.61 39.93 13.69
N LEU C 1055 -6.22 41.06 14.03
CA LEU C 1055 -5.52 42.29 14.34
C LEU C 1055 -5.62 42.49 15.85
N HIS C 1056 -4.67 41.93 16.58
CA HIS C 1056 -4.66 42.03 18.04
C HIS C 1056 -4.17 43.42 18.44
N VAL C 1057 -4.83 44.00 19.44
CA VAL C 1057 -4.44 45.30 19.99
C VAL C 1057 -4.06 45.09 21.44
N THR C 1058 -2.86 45.52 21.81
CA THR C 1058 -2.30 45.23 23.13
C THR C 1058 -1.74 46.51 23.75
N TYR C 1059 -1.47 46.42 25.05
CA TYR C 1059 -0.94 47.52 25.84
C TYR C 1059 0.47 47.13 26.29
N VAL C 1060 1.44 48.00 26.01
CA VAL C 1060 2.84 47.71 26.33
C VAL C 1060 3.45 48.87 27.10
N PRO C 1061 4.04 48.64 28.27
CA PRO C 1061 4.74 49.71 28.98
C PRO C 1061 5.95 50.20 28.18
N ALA C 1062 6.27 51.48 28.34
CA ALA C 1062 7.26 52.13 27.48
C ALA C 1062 8.52 52.54 28.23
N GLN C 1063 8.42 53.35 29.28
CA GLN C 1063 9.59 53.86 29.98
C GLN C 1063 9.46 53.61 31.47
N GLU C 1064 10.44 52.91 32.03
CA GLU C 1064 10.44 52.56 33.45
C GLU C 1064 11.35 53.49 34.23
N LYS C 1065 11.06 53.63 35.52
CA LYS C 1065 11.87 54.42 36.42
C LYS C 1065 12.03 53.67 37.72
N ASN C 1066 13.28 53.50 38.15
CA ASN C 1066 13.55 52.76 39.38
C ASN C 1066 13.14 53.56 40.61
N PHE C 1067 12.81 52.85 41.68
CA PHE C 1067 12.34 53.48 42.91
C PHE C 1067 12.76 52.62 44.09
N THR C 1068 12.41 53.10 45.28
CA THR C 1068 12.62 52.36 46.53
C THR C 1068 11.27 51.98 47.09
N THR C 1069 11.11 50.70 47.45
CA THR C 1069 9.83 50.16 47.88
C THR C 1069 9.99 49.44 49.21
N ALA C 1070 8.90 49.40 49.97
CA ALA C 1070 8.84 48.70 51.24
C ALA C 1070 7.59 47.85 51.29
N PRO C 1071 7.69 46.62 51.80
CA PRO C 1071 6.51 45.76 51.89
C PRO C 1071 5.41 46.33 52.76
N ALA C 1072 5.75 47.06 53.83
CA ALA C 1072 4.76 47.59 54.74
C ALA C 1072 5.28 48.88 55.34
N ILE C 1073 4.36 49.67 55.89
CA ILE C 1073 4.67 50.93 56.55
C ILE C 1073 4.26 50.81 58.01
N CYS C 1074 5.20 51.08 58.91
CA CYS C 1074 4.92 51.00 60.33
C CYS C 1074 4.23 52.27 60.83
N HIS C 1075 3.52 52.12 61.94
CA HIS C 1075 2.82 53.23 62.57
C HIS C 1075 2.78 52.94 64.07
N ASP C 1076 1.88 53.61 64.79
CA ASP C 1076 1.79 53.46 66.24
C ASP C 1076 1.20 52.08 66.55
N GLY C 1077 2.07 51.08 66.55
CA GLY C 1077 1.68 49.72 66.87
C GLY C 1077 0.75 49.06 65.88
N LYS C 1078 1.01 49.22 64.58
CA LYS C 1078 0.22 48.56 63.55
C LYS C 1078 0.98 48.60 62.24
N ALA C 1079 0.72 47.58 61.41
CA ALA C 1079 1.34 47.45 60.10
C ALA C 1079 0.34 47.78 59.01
N HIS C 1080 0.83 48.38 57.93
CA HIS C 1080 -0.03 48.90 56.86
C HIS C 1080 0.35 48.27 55.54
N PHE C 1081 -0.66 47.79 54.81
CA PHE C 1081 -0.48 47.23 53.48
C PHE C 1081 -1.50 47.85 52.53
N PRO C 1082 -1.09 48.16 51.30
CA PRO C 1082 -2.03 48.79 50.37
C PRO C 1082 -3.07 47.82 49.86
N ARG C 1083 -4.29 48.33 49.65
CA ARG C 1083 -5.35 47.51 49.08
C ARG C 1083 -4.98 47.07 47.66
N GLU C 1084 -4.62 48.03 46.81
CA GLU C 1084 -4.28 47.74 45.42
C GLU C 1084 -3.20 48.73 44.99
N GLY C 1085 -1.98 48.23 44.84
CA GLY C 1085 -0.85 49.04 44.44
C GLY C 1085 0.39 48.63 45.19
N VAL C 1086 1.43 49.46 45.07
CA VAL C 1086 2.70 49.22 45.73
C VAL C 1086 3.18 50.52 46.35
N PHE C 1087 4.04 50.38 47.37
CA PHE C 1087 4.60 51.53 48.07
C PHE C 1087 5.87 51.99 47.36
N VAL C 1088 5.97 53.30 47.13
CA VAL C 1088 7.11 53.88 46.42
C VAL C 1088 7.48 55.18 47.11
N SER C 1089 8.78 55.41 47.27
CA SER C 1089 9.31 56.58 47.95
C SER C 1089 10.12 57.43 46.98
N ASN C 1090 9.86 58.72 46.96
CA ASN C 1090 10.65 59.67 46.16
C ASN C 1090 11.82 60.23 46.95
N GLY C 1091 12.57 59.34 47.60
CA GLY C 1091 13.77 59.74 48.31
C GLY C 1091 13.51 60.42 49.64
N THR C 1092 12.40 61.15 49.74
CA THR C 1092 12.08 61.91 50.94
C THR C 1092 10.71 61.58 51.51
N HIS C 1093 9.71 61.39 50.66
CA HIS C 1093 8.36 61.08 51.08
C HIS C 1093 8.00 59.65 50.64
N TRP C 1094 6.87 59.16 51.14
CA TRP C 1094 6.40 57.83 50.82
C TRP C 1094 5.00 57.93 50.21
N PHE C 1095 4.82 57.29 49.06
CA PHE C 1095 3.56 57.32 48.33
C PHE C 1095 3.11 55.90 48.03
N VAL C 1096 1.84 55.77 47.66
CA VAL C 1096 1.30 54.52 47.13
C VAL C 1096 0.91 54.78 45.68
N THR C 1097 1.19 53.80 44.82
CA THR C 1097 0.93 53.94 43.39
C THR C 1097 0.43 52.63 42.83
N GLN C 1098 -0.31 52.72 41.72
CA GLN C 1098 -0.77 51.52 41.03
C GLN C 1098 0.41 50.84 40.34
N ARG C 1099 0.13 49.70 39.69
CA ARG C 1099 1.20 48.81 39.27
C ARG C 1099 1.78 49.21 37.92
N ASN C 1100 0.96 49.23 36.88
CA ASN C 1100 1.43 49.35 35.51
C ASN C 1100 1.47 50.80 35.02
N PHE C 1101 1.30 51.76 35.92
CA PHE C 1101 1.36 53.17 35.56
C PHE C 1101 1.78 53.95 36.79
N TYR C 1102 2.78 54.82 36.64
CA TYR C 1102 3.30 55.59 37.77
C TYR C 1102 2.33 56.72 38.08
N GLU C 1103 1.62 56.61 39.21
CA GLU C 1103 0.72 57.64 39.68
C GLU C 1103 0.75 57.66 41.20
N PRO C 1104 1.73 58.36 41.78
CA PRO C 1104 1.85 58.36 43.25
C PRO C 1104 0.66 59.04 43.92
N GLN C 1105 0.31 58.53 45.09
CA GLN C 1105 -0.76 59.09 45.90
C GLN C 1105 -0.31 59.19 47.35
N ILE C 1106 -0.88 60.14 48.08
CA ILE C 1106 -0.54 60.33 49.48
C ILE C 1106 -1.18 59.22 50.30
N ILE C 1107 -0.40 58.62 51.20
CA ILE C 1107 -0.86 57.47 51.97
C ILE C 1107 -1.90 57.91 52.97
N THR C 1108 -3.13 57.43 52.81
CA THR C 1108 -4.23 57.69 53.73
C THR C 1108 -4.82 56.38 54.22
N THR C 1109 -5.89 56.48 55.00
CA THR C 1109 -6.54 55.28 55.54
C THR C 1109 -7.24 54.48 54.43
N ASP C 1110 -7.71 55.15 53.38
CA ASP C 1110 -8.39 54.44 52.31
C ASP C 1110 -7.42 53.60 51.48
N ASN C 1111 -6.16 54.01 51.41
CA ASN C 1111 -5.19 53.26 50.62
C ASN C 1111 -4.75 51.98 51.30
N THR C 1112 -4.49 52.04 52.61
CA THR C 1112 -3.87 50.94 53.34
C THR C 1112 -4.83 50.36 54.37
N PHE C 1113 -4.63 49.08 54.68
CA PHE C 1113 -5.39 48.39 55.72
C PHE C 1113 -4.43 47.86 56.79
N VAL C 1114 -4.89 47.89 58.03
CA VAL C 1114 -4.06 47.56 59.19
C VAL C 1114 -4.17 46.07 59.48
N SER C 1115 -3.03 45.41 59.64
CA SER C 1115 -3.00 43.99 59.99
C SER C 1115 -1.75 43.72 60.81
N GLY C 1116 -1.92 43.24 62.04
CA GLY C 1116 -0.80 42.84 62.85
C GLY C 1116 -0.02 44.01 63.43
N ASN C 1117 1.24 43.73 63.77
CA ASN C 1117 2.14 44.70 64.38
C ASN C 1117 3.40 44.82 63.51
N CYS C 1118 4.30 45.71 63.93
CA CYS C 1118 5.45 46.06 63.10
C CYS C 1118 6.63 45.11 63.25
N ASP C 1119 6.57 44.17 64.21
CA ASP C 1119 7.74 43.32 64.44
C ASP C 1119 7.74 42.09 63.54
N VAL C 1120 6.57 41.56 63.19
CA VAL C 1120 6.52 40.33 62.41
C VAL C 1120 7.00 40.56 60.97
N VAL C 1121 6.56 41.66 60.36
CA VAL C 1121 6.85 41.90 58.95
C VAL C 1121 8.32 42.27 58.79
N ILE C 1122 8.95 41.76 57.73
CA ILE C 1122 10.35 42.00 57.44
C ILE C 1122 10.47 43.09 56.38
N GLY C 1123 11.31 44.08 56.63
CA GLY C 1123 11.45 45.21 55.73
C GLY C 1123 10.48 46.34 55.96
N ILE C 1124 9.68 46.28 57.02
CA ILE C 1124 8.70 47.33 57.28
C ILE C 1124 9.42 48.60 57.71
N VAL C 1125 9.11 49.70 57.03
CA VAL C 1125 9.78 50.97 57.28
C VAL C 1125 8.85 51.90 58.04
N ASN C 1126 9.40 53.00 58.53
CA ASN C 1126 8.68 53.95 59.36
C ASN C 1126 8.29 55.17 58.53
N ASN C 1127 7.01 55.55 58.60
CA ASN C 1127 6.53 56.75 57.96
C ASN C 1127 5.20 57.12 58.59
N THR C 1128 4.77 58.36 58.34
CA THR C 1128 3.50 58.85 58.84
C THR C 1128 2.39 58.54 57.84
N VAL C 1129 1.19 58.32 58.37
CA VAL C 1129 0.01 57.99 57.57
C VAL C 1129 -1.07 58.99 57.95
N TYR C 1130 -1.18 60.07 57.20
CA TYR C 1130 -2.23 61.06 57.44
C TYR C 1130 -3.59 60.45 57.10
N ASP C 1131 -4.60 60.83 57.86
CA ASP C 1131 -5.95 60.32 57.64
C ASP C 1131 -6.66 61.11 56.53
#